data_9C7E
#
_entry.id   9C7E
#
_cell.length_a   1.00
_cell.length_b   1.00
_cell.length_c   1.00
_cell.angle_alpha   90.00
_cell.angle_beta   90.00
_cell.angle_gamma   90.00
#
_symmetry.space_group_name_H-M   'P 1'
#
loop_
_entity.id
_entity.type
_entity.pdbx_description
1 polymer 'Glutamate receptor ionotropic, NMDA 1,Green fluorescent protein chimera'
2 polymer 'Glutamate receptor ionotropic, NMDA 2A,Green fluorescent protein chimera'
3 non-polymer 4-cyclohexyl-N-[(8R)-2-cyclopropyl-7-hydroxy-5-methyl[1,2,4]triazolo[1,5-a]pyrimidin-6-yl]benzene-1-sulfonamide
4 non-polymer 'CHOLESTEROL HEMISUCCINATE'
5 non-polymer DODECANE
#
loop_
_entity_poly.entity_id
_entity_poly.type
_entity_poly.pdbx_seq_one_letter_code
_entity_poly.pdbx_strand_id
1 'polypeptide(L)'
;MSTMHLLTFALLFSCSFARAACDPKIVNIGAVLSTRKHEQMFREAVNQANKRHGSWKIQLNATSVTHKPNAIQMALSVCE
DLISSQVYAILVSHPPTPNDHFTPTPVSYTAGFYRIPVLGLTTRMSIYSDKSIHLSFLRTVPPYSHQSSVWFEMMRVYNW
NHIILLVSDDHEGRAAQKRLETLLEERESKAEKVLQFDPGTKNVTALLMEARELEARVIILSASEDDAATVYRAAAMLNM
TGSGYVWLVGEREISGNALRYAPDGIIGLQLINGKNESAHISDAVGVVAQAVHELLEKENITDPPRGCVGNTNIWKTGPL
FKRVLMSSKYADGVTGRVEFNEDGDRKFANYSIMNLQNRKLVQVGIYNGTHVIPNDRKIIWPGGETEKPRGYQMSTRLKI
VTIHQEPFVYVKPTMSDGTCKEEFTVNGDPVKKVICTGPNDTSPGSPRHTVPQCCYGFCIDLLIKLARTMNFTYEVHLVA
DGKFGTQERVNNSNKKEWNGMMGELLSGQADMIVAPLTINNERAQYIEFSKPFKYQGLTILVKKEIPRSTLDSFMQPFQS
TLWLLVGLSVHVVAVMLYLLDRFSPFGRFKVNSEEEEEDALTLSSAMWFSWGVLLNSGIGEGAPRSFSARILGMVWAGFA
MIIVASYTANLAAFLVLDRPEERITGINDPRLRNPSDKFIYATVKQSSVDIYFRRQVELSTMYRHMEKHNYESAAEAIQA
VRDNKLHAFIWDSAVLEFEASQKCDLVTTGELFFRSGFGIGMRKDSPWKQNVSLSILKSHENGFMEDLDKTWVRYQECDS
RSNAPATLTFENMAGVFMLVAGGIVAGIFLIFIEIAYKRHKDARRKQLVPRGSAAAAVSKGEELFTGVVPILVELDGDVN
GHKFSVSGEGEGDATYGKLTLKFICTTGKLPVPWPTLVTTLTYGVQCFSRYPDHMKQHDFFKSAMPEGYVQERTIFFKDD
GNYKTRAEVKFEGDTLVNRIELKGIDFKEDGNILGHKLEYNYNSHNVYIMADKQKNGIKVNFKIRHNIEDGSVQLADHYQ
QNTPIGDGPVLLPDNHYLSTQSKLSKDPNEKRDHMVLLEFVTAAGITLGMDELYKSGLRSHHHHHHHH
;
A,C
2 'polypeptide(L)'
;MGRLGYWTLLVLPALLVWRDPAQNAAAEKGPPALNIAVLLGHSHDVTERELRNLWGPEQATGLPLDVNVVALLMNRTDPK
SLITHVCDLMSGARIHGLVFGDDTDQEAVAQMLDFISSQTFIPILGIHGGASMIMADKDPTSTFFQFGASIQQQATVMLK
IMQDYDWHVFSLVTTIFPGYRDFISFIKTTVDNSFVGWDMQNVITLDTSFEDAKTQVQLKKIHSSVILLYCSKDEAVLIL
SEARSLGLTGYDFFWIVPSLVSGNTELIPKEFPSGLISVSYDDWDYSLEARVRDGLGILTTAASSMLEKFSYIPEAKASC
YGQAEKPETPLHTLHQFMVNVTWDGKDLSFTEEGYQVHPRLVVIVLNKDREWEKVGKWENQTLSLRHAVWPRYKSFSDCE
PDDNHLSIVTLEEAPFVIVEDIDPLTETCVRNTVPCRKFVKINNSTNEGMNVKKCCKGFCIDILKKLSRTVKFTYDLYLV
TNGKHGKKVNNVWNGMIGEVVYQRAVMAVGSLTINEERSEVVDFSVPFVETGISVMVSRSNGTVSPSAFLEPFSASVWVM
MFVMLLIVSAIAVFVFEYFSPVGYNRNLAKGKAPHGPSFTIGKAIWLLWGLVFNNSVPVQNPKGTTSKIMVSVWAFFAVI
FLASYTANLAAFIQEEFVDQVTGLSDKKFQRPHDYSPPFRFGTVPNGSTERNIRNNYPYMHQYMTRFNQRGVEDALVSLK
TGKLDAFIYDAAVLNYKAGRDEGCKLVTIGSGYIFATTGYGIALQKGSPWKRQIDLALLQFVGDGEMEELETLWLTGICH
NEKNEVMSSQLDIDNMAGVFYMLAAAMALSLITFIWEHLFYWKLRFCFTGVCSDRPGLLFSISRGLVPRGSAAAAVSKGE
ELFTGVVPILVELDGDVNGHKFSVSGEGEGDATYGKLTLKFICTTGKLPVPWPTLVTTLTYGVQCFSRYPDHMKQHDFFK
SAMPEGYVQERTIFFKDDGNYKTRAEVKFEGDTLVNRIELKGIDFKEDGNILGHKLEYNYNSHNVYIMADKQKNGIKVNF
KIRHNIEDGSVQLADHYQQNTPIGDGPVLLPDNHYLSTQSKLSKDPNEKRDHMVLLEFVTAAGITLGMDELYKSGLRSWS
HPQFEK
;
B,D
#
# COMPACT_ATOMS: atom_id res chain seq x y z
N LYS A 25 -30.36 -17.19 -64.62
CA LYS A 25 -29.78 -18.53 -64.61
C LYS A 25 -28.35 -18.51 -65.12
N ILE A 26 -28.13 -17.79 -66.21
CA ILE A 26 -26.80 -17.65 -66.79
C ILE A 26 -25.98 -16.68 -65.97
N VAL A 27 -24.78 -17.09 -65.58
CA VAL A 27 -23.87 -16.28 -64.78
C VAL A 27 -22.73 -15.83 -65.69
N ASN A 28 -22.60 -14.51 -65.88
CA ASN A 28 -21.54 -13.96 -66.71
C ASN A 28 -20.27 -13.78 -65.89
N ILE A 29 -19.13 -14.10 -66.50
CA ILE A 29 -17.83 -13.88 -65.90
C ILE A 29 -16.94 -13.18 -66.91
N GLY A 30 -16.33 -12.08 -66.48
CA GLY A 30 -15.45 -11.30 -67.32
C GLY A 30 -13.99 -11.61 -67.08
N ALA A 31 -13.19 -11.46 -68.13
CA ALA A 31 -11.77 -11.81 -68.09
C ALA A 31 -10.96 -10.71 -68.74
N VAL A 32 -10.19 -9.99 -67.92
CA VAL A 32 -9.21 -9.03 -68.40
C VAL A 32 -7.93 -9.81 -68.70
N LEU A 33 -7.70 -10.10 -69.97
CA LEU A 33 -6.56 -10.93 -70.32
C LEU A 33 -5.61 -10.17 -71.24
N SER A 34 -4.50 -10.84 -71.58
CA SER A 34 -3.38 -10.22 -72.28
C SER A 34 -3.45 -10.43 -73.79
N THR A 35 -3.81 -11.63 -74.25
CA THR A 35 -3.81 -11.97 -75.65
C THR A 35 -5.10 -12.70 -76.00
N ARG A 36 -5.46 -12.63 -77.29
CA ARG A 36 -6.67 -13.30 -77.78
C ARG A 36 -6.61 -14.81 -77.52
N LYS A 37 -5.44 -15.41 -77.74
CA LYS A 37 -5.26 -16.84 -77.54
C LYS A 37 -5.48 -17.21 -76.08
N HIS A 38 -5.05 -16.34 -75.17
CA HIS A 38 -5.26 -16.60 -73.75
C HIS A 38 -6.73 -16.43 -73.38
N GLU A 39 -7.43 -15.49 -74.02
CA GLU A 39 -8.88 -15.42 -73.85
C GLU A 39 -9.55 -16.69 -74.36
N GLN A 40 -9.00 -17.29 -75.43
CA GLN A 40 -9.55 -18.54 -75.94
C GLN A 40 -9.41 -19.65 -74.91
N MET A 41 -8.24 -19.74 -74.26
CA MET A 41 -8.12 -20.78 -73.23
C MET A 41 -9.01 -20.46 -72.04
N PHE A 42 -9.23 -19.17 -71.74
CA PHE A 42 -10.19 -18.82 -70.70
C PHE A 42 -11.57 -19.36 -71.02
N ARG A 43 -12.00 -19.20 -72.27
CA ARG A 43 -13.31 -19.71 -72.68
C ARG A 43 -13.37 -21.23 -72.56
N GLU A 44 -12.31 -21.93 -72.99
CA GLU A 44 -12.33 -23.38 -72.88
C GLU A 44 -12.33 -23.83 -71.42
N ALA A 45 -11.60 -23.12 -70.56
CA ALA A 45 -11.61 -23.45 -69.14
C ALA A 45 -12.99 -23.21 -68.52
N VAL A 46 -13.67 -22.14 -68.94
CA VAL A 46 -15.03 -21.89 -68.48
C VAL A 46 -15.95 -23.03 -68.91
N ASN A 47 -15.81 -23.48 -70.16
CA ASN A 47 -16.62 -24.59 -70.63
C ASN A 47 -16.34 -25.85 -69.82
N GLN A 48 -15.07 -26.12 -69.53
CA GLN A 48 -14.71 -27.31 -68.75
C GLN A 48 -15.30 -27.23 -67.34
N ALA A 49 -15.21 -26.06 -66.71
CA ALA A 49 -15.81 -25.90 -65.38
C ALA A 49 -17.33 -26.01 -65.42
N ASN A 50 -17.94 -25.57 -66.53
CA ASN A 50 -19.38 -25.73 -66.68
C ASN A 50 -19.77 -27.19 -66.81
N LYS A 51 -18.95 -27.99 -67.49
CA LYS A 51 -19.27 -29.40 -67.67
C LYS A 51 -19.29 -30.15 -66.34
N ARG A 52 -18.37 -29.82 -65.44
CA ARG A 52 -18.25 -30.52 -64.17
C ARG A 52 -18.98 -29.76 -63.06
N HIS A 53 -19.91 -30.44 -62.40
CA HIS A 53 -20.63 -29.90 -61.26
C HIS A 53 -21.34 -28.58 -61.61
N GLY A 54 -22.30 -28.69 -62.54
CA GLY A 54 -23.05 -27.55 -63.00
C GLY A 54 -24.27 -27.17 -62.19
N SER A 55 -24.52 -27.86 -61.08
CA SER A 55 -25.66 -27.61 -60.20
C SER A 55 -27.00 -27.80 -60.91
N TRP A 56 -26.98 -28.50 -62.04
CA TRP A 56 -28.15 -29.01 -62.76
C TRP A 56 -28.94 -27.93 -63.48
N LYS A 57 -28.65 -26.66 -63.23
CA LYS A 57 -29.36 -25.60 -63.95
C LYS A 57 -28.44 -24.52 -64.51
N ILE A 58 -27.40 -24.15 -63.77
CA ILE A 58 -26.60 -22.97 -64.09
C ILE A 58 -25.65 -23.28 -65.23
N GLN A 59 -25.67 -22.45 -66.27
CA GLN A 59 -24.73 -22.54 -67.39
C GLN A 59 -23.96 -21.23 -67.45
N LEU A 60 -22.70 -21.27 -67.03
CA LEU A 60 -21.87 -20.07 -66.99
C LEU A 60 -21.54 -19.59 -68.39
N ASN A 61 -21.36 -18.29 -68.52
CA ASN A 61 -20.89 -17.64 -69.75
C ASN A 61 -19.47 -17.13 -69.54
N ALA A 62 -18.95 -16.44 -70.56
CA ALA A 62 -17.59 -15.93 -70.49
C ALA A 62 -17.43 -14.79 -71.48
N THR A 63 -17.05 -13.62 -70.99
CA THR A 63 -16.70 -12.48 -71.83
C THR A 63 -15.26 -12.07 -71.51
N SER A 64 -14.52 -11.64 -72.51
CA SER A 64 -13.11 -11.34 -72.33
C SER A 64 -12.74 -10.05 -73.05
N VAL A 65 -11.79 -9.32 -72.46
CA VAL A 65 -11.28 -8.07 -73.01
C VAL A 65 -9.77 -8.05 -72.88
N THR A 66 -9.09 -7.62 -73.94
CA THR A 66 -7.65 -7.46 -73.93
C THR A 66 -7.26 -6.19 -73.18
N HIS A 67 -6.11 -6.24 -72.50
CA HIS A 67 -5.60 -5.07 -71.80
C HIS A 67 -5.39 -3.91 -72.76
N LYS A 68 -5.64 -2.70 -72.27
CA LYS A 68 -5.41 -1.50 -73.06
C LYS A 68 -4.21 -0.72 -72.53
N PRO A 69 -3.49 -0.02 -73.41
CA PRO A 69 -2.27 0.67 -72.97
C PRO A 69 -2.49 1.72 -71.89
N ASN A 70 -3.61 2.42 -71.92
CA ASN A 70 -3.87 3.49 -70.97
C ASN A 70 -4.86 3.03 -69.91
N ALA A 71 -4.68 3.55 -68.68
CA ALA A 71 -5.56 3.17 -67.59
C ALA A 71 -6.99 3.65 -67.81
N ILE A 72 -7.15 4.85 -68.38
CA ILE A 72 -8.50 5.40 -68.59
C ILE A 72 -9.24 4.62 -69.67
N GLN A 73 -8.56 4.30 -70.76
CA GLN A 73 -9.15 3.40 -71.75
C GLN A 73 -9.60 2.10 -71.11
N MET A 74 -8.81 1.57 -70.17
CA MET A 74 -9.24 0.32 -69.56
C MET A 74 -10.42 0.53 -68.61
N ALA A 75 -10.46 1.64 -67.89
CA ALA A 75 -11.61 1.90 -67.02
C ALA A 75 -12.88 1.99 -67.84
N LEU A 76 -12.83 2.71 -68.96
CA LEU A 76 -14.01 2.78 -69.83
C LEU A 76 -14.33 1.43 -70.45
N SER A 77 -13.32 0.65 -70.83
CA SER A 77 -13.57 -0.66 -71.43
C SER A 77 -14.23 -1.60 -70.44
N VAL A 78 -13.77 -1.62 -69.19
CA VAL A 78 -14.38 -2.50 -68.20
C VAL A 78 -15.76 -2.00 -67.83
N CYS A 79 -15.98 -0.69 -67.83
CA CYS A 79 -17.33 -0.18 -67.60
C CYS A 79 -18.28 -0.60 -68.72
N GLU A 80 -17.82 -0.53 -69.96
CA GLU A 80 -18.71 -0.73 -71.11
C GLU A 80 -18.88 -2.19 -71.48
N ASP A 81 -17.81 -2.99 -71.39
CA ASP A 81 -17.83 -4.35 -71.94
C ASP A 81 -18.20 -5.40 -70.90
N LEU A 82 -17.46 -5.48 -69.79
CA LEU A 82 -17.75 -6.50 -68.78
C LEU A 82 -18.79 -6.03 -67.77
N ILE A 83 -18.68 -4.79 -67.28
CA ILE A 83 -19.62 -4.29 -66.28
C ILE A 83 -21.04 -4.29 -66.84
N SER A 84 -21.21 -3.83 -68.08
CA SER A 84 -22.52 -3.85 -68.71
C SER A 84 -22.99 -5.25 -69.05
N SER A 85 -22.11 -6.26 -68.95
CA SER A 85 -22.45 -7.64 -69.28
C SER A 85 -22.86 -8.45 -68.06
N GLN A 86 -23.10 -7.81 -66.93
CA GLN A 86 -23.57 -8.48 -65.71
C GLN A 86 -22.56 -9.51 -65.21
N VAL A 87 -21.31 -9.08 -65.07
CA VAL A 87 -20.25 -9.98 -64.62
C VAL A 87 -20.30 -10.12 -63.11
N TYR A 88 -20.19 -11.36 -62.62
CA TYR A 88 -20.14 -11.61 -61.20
C TYR A 88 -18.74 -11.43 -60.63
N ALA A 89 -17.72 -11.92 -61.34
CA ALA A 89 -16.33 -11.71 -60.98
C ALA A 89 -15.53 -11.45 -62.24
N ILE A 90 -14.43 -10.70 -62.08
CA ILE A 90 -13.59 -10.29 -63.20
C ILE A 90 -12.21 -10.87 -63.00
N LEU A 91 -11.71 -11.55 -64.04
CA LEU A 91 -10.37 -12.13 -64.05
C LEU A 91 -9.43 -11.13 -64.73
N VAL A 92 -8.34 -10.77 -64.06
CA VAL A 92 -7.40 -9.79 -64.57
C VAL A 92 -5.99 -10.37 -64.55
N SER A 93 -5.19 -10.01 -65.55
CA SER A 93 -3.84 -10.53 -65.67
C SER A 93 -2.94 -9.45 -66.25
N HIS A 94 -1.63 -9.65 -66.10
CA HIS A 94 -0.67 -8.68 -66.61
C HIS A 94 -0.62 -8.73 -68.14
N PRO A 95 -0.38 -7.60 -68.79
CA PRO A 95 -0.26 -7.59 -70.26
C PRO A 95 1.04 -8.25 -70.69
N PRO A 96 1.14 -8.66 -71.96
CA PRO A 96 2.38 -9.30 -72.43
C PRO A 96 3.59 -8.39 -72.36
N THR A 97 3.39 -7.08 -72.37
CA THR A 97 4.50 -6.15 -72.25
C THR A 97 5.16 -6.31 -70.89
N PRO A 98 6.50 -6.31 -70.82
CA PRO A 98 7.17 -6.58 -69.53
C PRO A 98 6.86 -5.57 -68.45
N ASN A 99 6.36 -4.38 -68.78
CA ASN A 99 6.02 -3.40 -67.76
C ASN A 99 4.91 -3.94 -66.86
N ASP A 100 5.07 -3.77 -65.55
CA ASP A 100 4.16 -4.34 -64.57
C ASP A 100 3.85 -3.33 -63.47
N HIS A 101 3.63 -2.07 -63.86
CA HIS A 101 3.40 -1.01 -62.89
C HIS A 101 1.91 -0.91 -62.55
N PHE A 102 1.45 -1.91 -61.79
CA PHE A 102 0.09 -1.96 -61.26
C PHE A 102 -0.96 -1.87 -62.37
N THR A 103 -0.83 -2.75 -63.36
CA THR A 103 -1.83 -2.82 -64.42
C THR A 103 -3.23 -3.20 -63.94
N PRO A 104 -3.43 -4.17 -63.04
CA PRO A 104 -4.80 -4.55 -62.68
C PRO A 104 -5.51 -3.59 -61.74
N THR A 105 -4.88 -2.48 -61.37
CA THR A 105 -5.51 -1.53 -60.45
C THR A 105 -6.83 -0.96 -60.97
N PRO A 106 -6.92 -0.44 -62.21
CA PRO A 106 -8.22 0.06 -62.68
C PRO A 106 -9.31 -0.99 -62.69
N VAL A 107 -8.97 -2.26 -62.94
CA VAL A 107 -9.98 -3.31 -62.88
C VAL A 107 -10.50 -3.47 -61.47
N SER A 108 -9.59 -3.56 -60.49
CA SER A 108 -9.99 -3.75 -59.10
C SER A 108 -10.75 -2.56 -58.56
N TYR A 109 -10.59 -1.39 -59.18
CA TYR A 109 -11.24 -0.19 -58.67
C TYR A 109 -12.45 0.23 -59.50
N THR A 110 -12.68 -0.37 -60.65
CA THR A 110 -13.97 -0.23 -61.31
C THR A 110 -14.93 -1.31 -60.85
N ALA A 111 -14.45 -2.55 -60.72
CA ALA A 111 -15.28 -3.60 -60.15
C ALA A 111 -15.33 -3.55 -58.63
N GLY A 112 -14.46 -2.76 -57.99
CA GLY A 112 -14.54 -2.59 -56.56
C GLY A 112 -15.56 -1.56 -56.11
N PHE A 113 -16.04 -0.72 -57.04
CA PHE A 113 -17.07 0.25 -56.70
C PHE A 113 -18.36 -0.45 -56.28
N TYR A 114 -18.72 -1.53 -56.97
CA TYR A 114 -19.93 -2.30 -56.68
C TYR A 114 -19.63 -3.56 -55.89
N ARG A 115 -18.45 -3.67 -55.29
CA ARG A 115 -18.04 -4.85 -54.54
C ARG A 115 -18.04 -6.11 -55.40
N ILE A 116 -17.88 -5.95 -56.71
CA ILE A 116 -17.75 -7.08 -57.62
C ILE A 116 -16.35 -7.65 -57.42
N PRO A 117 -16.21 -8.91 -57.03
CA PRO A 117 -14.87 -9.47 -56.80
C PRO A 117 -14.05 -9.47 -58.08
N VAL A 118 -12.74 -9.22 -57.92
CA VAL A 118 -11.79 -9.22 -59.01
C VAL A 118 -10.79 -10.35 -58.78
N LEU A 119 -10.46 -11.07 -59.85
CA LEU A 119 -9.55 -12.20 -59.78
C LEU A 119 -8.22 -11.83 -60.44
N GLY A 120 -7.19 -11.68 -59.63
CA GLY A 120 -5.84 -11.43 -60.13
C GLY A 120 -5.15 -12.75 -60.47
N LEU A 121 -4.41 -12.73 -61.58
CA LEU A 121 -3.81 -13.94 -62.11
C LEU A 121 -2.29 -13.94 -62.07
N THR A 122 -1.64 -12.81 -62.32
CA THR A 122 -0.18 -12.72 -62.28
C THR A 122 0.26 -11.45 -61.57
N THR A 123 -0.48 -11.04 -60.56
CA THR A 123 -0.22 -9.80 -59.83
C THR A 123 0.35 -10.15 -58.45
N ARG A 124 1.64 -9.87 -58.26
CA ARG A 124 2.33 -10.23 -57.03
C ARG A 124 2.70 -9.03 -56.16
N MET A 125 2.14 -7.85 -56.46
CA MET A 125 2.39 -6.70 -55.60
C MET A 125 1.64 -6.84 -54.29
N SER A 126 2.26 -6.40 -53.20
CA SER A 126 1.67 -6.55 -51.88
C SER A 126 0.67 -5.46 -51.54
N ILE A 127 0.59 -4.39 -52.35
CA ILE A 127 -0.38 -3.33 -52.09
C ILE A 127 -1.79 -3.88 -52.13
N TYR A 128 -2.06 -4.84 -53.02
CA TYR A 128 -3.38 -5.44 -53.12
C TYR A 128 -3.75 -6.25 -51.89
N SER A 129 -2.77 -6.57 -51.03
CA SER A 129 -3.08 -7.33 -49.83
C SER A 129 -3.88 -6.53 -48.82
N ASP A 130 -3.77 -5.19 -48.87
CA ASP A 130 -4.51 -4.35 -47.95
C ASP A 130 -5.96 -4.22 -48.42
N LYS A 131 -6.90 -4.65 -47.57
CA LYS A 131 -8.31 -4.65 -47.94
C LYS A 131 -9.01 -3.32 -47.71
N SER A 132 -8.38 -2.39 -46.98
CA SER A 132 -8.97 -1.08 -46.79
C SER A 132 -9.00 -0.30 -48.09
N ILE A 133 -8.05 -0.57 -48.98
CA ILE A 133 -7.97 0.12 -50.27
C ILE A 133 -8.52 -0.75 -51.39
N HIS A 134 -8.14 -2.02 -51.43
CA HIS A 134 -8.67 -2.98 -52.40
C HIS A 134 -9.77 -3.77 -51.70
N LEU A 135 -11.03 -3.38 -51.94
CA LEU A 135 -12.15 -3.94 -51.21
C LEU A 135 -12.50 -5.36 -51.67
N SER A 136 -12.42 -5.61 -52.97
CA SER A 136 -12.90 -6.86 -53.56
C SER A 136 -11.90 -7.43 -54.54
N PHE A 137 -10.63 -7.52 -54.13
CA PHE A 137 -9.57 -8.08 -54.96
C PHE A 137 -9.05 -9.35 -54.32
N LEU A 138 -9.10 -10.45 -55.06
CA LEU A 138 -8.54 -11.74 -54.64
C LEU A 138 -7.65 -12.23 -55.76
N ARG A 139 -6.44 -12.66 -55.40
CA ARG A 139 -5.47 -13.11 -56.39
C ARG A 139 -5.10 -14.56 -56.13
N THR A 140 -4.77 -15.26 -57.21
CA THR A 140 -4.34 -16.65 -57.11
C THR A 140 -2.87 -16.79 -56.74
N VAL A 141 -2.06 -15.77 -57.03
CA VAL A 141 -0.62 -15.80 -56.75
C VAL A 141 -0.37 -15.01 -55.47
N PRO A 142 0.29 -15.59 -54.47
CA PRO A 142 0.66 -14.80 -53.29
C PRO A 142 1.64 -13.71 -53.67
N PRO A 143 1.58 -12.56 -52.99
CA PRO A 143 2.48 -11.46 -53.33
C PRO A 143 3.90 -11.67 -52.84
N TYR A 144 4.79 -10.72 -53.14
CA TYR A 144 6.19 -10.86 -52.77
C TYR A 144 6.38 -10.80 -51.26
N SER A 145 5.53 -10.06 -50.55
CA SER A 145 5.75 -9.85 -49.12
C SER A 145 5.66 -11.14 -48.31
N HIS A 146 5.05 -12.19 -48.86
CA HIS A 146 5.01 -13.47 -48.16
C HIS A 146 6.33 -14.20 -48.19
N GLN A 147 7.23 -13.83 -49.12
CA GLN A 147 8.54 -14.46 -49.17
C GLN A 147 9.28 -14.34 -47.85
N SER A 148 9.00 -13.29 -47.08
CA SER A 148 9.64 -13.12 -45.79
C SER A 148 9.43 -14.34 -44.90
N SER A 149 8.24 -14.93 -44.96
CA SER A 149 7.98 -16.15 -44.20
C SER A 149 9.05 -17.20 -44.47
N VAL A 150 9.37 -17.40 -45.75
CA VAL A 150 10.38 -18.38 -46.13
C VAL A 150 11.68 -18.08 -45.41
N TRP A 151 12.08 -16.81 -45.40
CA TRP A 151 13.33 -16.43 -44.74
C TRP A 151 13.30 -16.81 -43.28
N PHE A 152 12.17 -16.57 -42.61
CA PHE A 152 12.06 -16.94 -41.20
C PHE A 152 12.26 -18.44 -41.04
N GLU A 153 11.69 -19.23 -41.95
CA GLU A 153 11.91 -20.68 -41.91
C GLU A 153 13.39 -20.99 -42.06
N MET A 154 14.07 -20.31 -42.99
CA MET A 154 15.51 -20.46 -43.07
C MET A 154 16.16 -19.96 -41.78
N MET A 155 15.65 -18.86 -41.24
CA MET A 155 16.10 -18.38 -39.94
C MET A 155 15.93 -19.43 -38.85
N ARG A 156 14.99 -20.35 -39.03
CA ARG A 156 14.79 -21.46 -38.11
C ARG A 156 15.61 -22.69 -38.47
N VAL A 157 16.02 -22.84 -39.72
CA VAL A 157 16.70 -24.07 -40.15
C VAL A 157 18.19 -23.99 -39.92
N TYR A 158 18.84 -22.92 -40.40
CA TYR A 158 20.28 -22.80 -40.32
C TYR A 158 20.77 -22.10 -39.06
N ASN A 159 19.85 -21.76 -38.13
CA ASN A 159 20.18 -21.14 -36.86
C ASN A 159 20.97 -19.85 -37.05
N TRP A 160 20.31 -18.89 -37.71
CA TRP A 160 20.82 -17.53 -37.87
C TRP A 160 20.00 -16.62 -36.98
N ASN A 161 20.66 -15.97 -36.01
CA ASN A 161 19.96 -15.14 -35.05
C ASN A 161 20.12 -13.64 -35.29
N HIS A 162 21.12 -13.23 -36.08
CA HIS A 162 21.37 -11.82 -36.36
C HIS A 162 21.32 -11.59 -37.86
N ILE A 163 20.41 -10.71 -38.28
CA ILE A 163 20.15 -10.45 -39.69
C ILE A 163 20.15 -8.95 -39.93
N ILE A 164 20.34 -8.57 -41.19
CA ILE A 164 20.27 -7.19 -41.63
C ILE A 164 19.26 -7.10 -42.77
N LEU A 165 18.28 -6.21 -42.64
CA LEU A 165 17.28 -6.02 -43.66
C LEU A 165 17.69 -4.86 -44.57
N LEU A 166 17.58 -5.07 -45.87
CA LEU A 166 17.85 -4.04 -46.88
C LEU A 166 16.58 -3.90 -47.71
N VAL A 167 15.69 -3.01 -47.30
CA VAL A 167 14.37 -2.91 -47.90
C VAL A 167 14.22 -1.58 -48.61
N SER A 168 13.30 -1.54 -49.57
CA SER A 168 12.96 -0.32 -50.29
C SER A 168 12.06 0.55 -49.43
N ASP A 169 11.90 1.80 -49.85
CA ASP A 169 11.07 2.76 -49.13
C ASP A 169 9.63 2.77 -49.62
N ASP A 170 9.29 1.95 -50.61
CA ASP A 170 7.95 1.91 -51.15
C ASP A 170 7.06 1.05 -50.25
N HIS A 171 5.84 0.74 -50.72
CA HIS A 171 4.92 -0.04 -49.90
C HIS A 171 5.37 -1.50 -49.79
N GLU A 172 5.96 -2.05 -50.85
CA GLU A 172 6.35 -3.46 -50.85
C GLU A 172 7.41 -3.73 -49.80
N GLY A 173 8.47 -2.91 -49.78
CA GLY A 173 9.53 -3.11 -48.80
C GLY A 173 9.04 -2.92 -47.38
N ARG A 174 8.20 -1.91 -47.15
CA ARG A 174 7.66 -1.69 -45.82
C ARG A 174 6.78 -2.86 -45.38
N ALA A 175 5.98 -3.40 -46.30
CA ALA A 175 5.14 -4.55 -45.97
C ALA A 175 5.99 -5.77 -45.64
N ALA A 176 7.04 -6.02 -46.43
CA ALA A 176 7.92 -7.14 -46.15
C ALA A 176 8.61 -6.99 -44.80
N GLN A 177 9.09 -5.78 -44.49
CA GLN A 177 9.72 -5.53 -43.20
C GLN A 177 8.73 -5.73 -42.06
N LYS A 178 7.50 -5.24 -42.22
CA LYS A 178 6.50 -5.40 -41.18
C LYS A 178 6.17 -6.87 -40.94
N ARG A 179 6.01 -7.63 -42.03
CA ARG A 179 5.72 -9.06 -41.87
C ARG A 179 6.88 -9.79 -41.19
N LEU A 180 8.11 -9.48 -41.59
CA LEU A 180 9.25 -10.14 -40.97
C LEU A 180 9.39 -9.77 -39.50
N GLU A 181 9.14 -8.50 -39.16
CA GLU A 181 9.21 -8.08 -37.77
C GLU A 181 8.12 -8.74 -36.95
N THR A 182 6.91 -8.88 -37.51
CA THR A 182 5.84 -9.59 -36.83
C THR A 182 6.22 -11.04 -36.57
N LEU A 183 6.82 -11.70 -37.57
CA LEU A 183 7.26 -13.07 -37.39
C LEU A 183 8.34 -13.17 -36.32
N LEU A 184 9.29 -12.21 -36.33
CA LEU A 184 10.40 -12.26 -35.38
C LEU A 184 9.96 -11.96 -33.96
N GLU A 185 8.90 -11.16 -33.79
CA GLU A 185 8.45 -10.83 -32.44
C GLU A 185 7.97 -12.05 -31.68
N GLU A 186 7.50 -13.09 -32.40
CA GLU A 186 7.10 -14.32 -31.74
C GLU A 186 8.29 -15.01 -31.08
N ARG A 187 9.48 -14.86 -31.65
CA ARG A 187 10.69 -15.47 -31.11
C ARG A 187 11.39 -14.59 -30.07
N GLU A 188 10.85 -13.40 -29.80
CA GLU A 188 11.50 -12.41 -28.94
C GLU A 188 12.90 -12.10 -29.49
N SER A 189 12.91 -11.55 -30.70
CA SER A 189 14.14 -11.18 -31.38
C SER A 189 13.81 -10.13 -32.43
N LYS A 190 14.82 -9.41 -32.87
CA LYS A 190 14.65 -8.36 -33.87
C LYS A 190 15.90 -8.25 -34.73
N ALA A 191 15.72 -7.78 -35.95
CA ALA A 191 16.85 -7.53 -36.84
C ALA A 191 17.71 -6.41 -36.27
N GLU A 192 19.02 -6.54 -36.43
CA GLU A 192 19.93 -5.52 -35.91
C GLU A 192 19.70 -4.17 -36.58
N LYS A 193 19.57 -4.17 -37.90
CA LYS A 193 19.34 -2.93 -38.63
C LYS A 193 18.42 -3.20 -39.82
N VAL A 194 17.51 -2.27 -40.05
CA VAL A 194 16.58 -2.31 -41.19
C VAL A 194 16.85 -1.06 -42.00
N LEU A 195 17.72 -1.18 -43.01
CA LEU A 195 18.10 -0.05 -43.84
C LEU A 195 17.09 0.10 -44.97
N GLN A 196 16.43 1.26 -45.01
CA GLN A 196 15.46 1.57 -46.06
C GLN A 196 16.10 2.50 -47.07
N PHE A 197 16.06 2.11 -48.34
CA PHE A 197 16.58 2.93 -49.42
C PHE A 197 15.48 3.23 -50.42
N ASP A 198 15.45 4.47 -50.91
CA ASP A 198 14.41 4.86 -51.85
C ASP A 198 14.57 4.09 -53.16
N PRO A 199 13.47 3.78 -53.83
CA PRO A 199 13.56 3.09 -55.12
C PRO A 199 14.32 3.92 -56.14
N GLY A 200 15.12 3.23 -56.96
CA GLY A 200 15.83 3.88 -58.05
C GLY A 200 17.06 4.68 -57.66
N THR A 201 17.51 4.60 -56.41
CA THR A 201 18.72 5.31 -56.01
C THR A 201 19.93 4.69 -56.67
N LYS A 202 20.72 5.52 -57.35
CA LYS A 202 21.90 5.02 -58.05
C LYS A 202 23.05 4.74 -57.09
N ASN A 203 23.22 5.57 -56.06
CA ASN A 203 24.28 5.42 -55.09
C ASN A 203 23.69 4.92 -53.77
N VAL A 204 24.10 3.73 -53.36
CA VAL A 204 23.59 3.11 -52.14
C VAL A 204 24.79 2.68 -51.29
N THR A 205 25.98 3.14 -51.68
CA THR A 205 27.20 2.73 -50.99
C THR A 205 27.21 3.17 -49.54
N ALA A 206 26.51 4.26 -49.20
CA ALA A 206 26.49 4.73 -47.82
C ALA A 206 25.81 3.72 -46.91
N LEU A 207 24.64 3.21 -47.34
CA LEU A 207 23.92 2.25 -46.52
C LEU A 207 24.70 0.95 -46.35
N LEU A 208 25.32 0.47 -47.43
CA LEU A 208 26.10 -0.76 -47.32
C LEU A 208 27.34 -0.55 -46.46
N MET A 209 27.98 0.62 -46.55
CA MET A 209 29.10 0.92 -45.67
C MET A 209 28.65 0.94 -44.21
N GLU A 210 27.46 1.48 -43.94
CA GLU A 210 26.91 1.44 -42.60
C GLU A 210 26.67 0.00 -42.15
N ALA A 211 26.16 -0.83 -43.05
CA ALA A 211 25.88 -2.23 -42.72
C ALA A 211 27.16 -3.02 -42.46
N ARG A 212 28.27 -2.65 -43.12
CA ARG A 212 29.51 -3.39 -42.93
C ARG A 212 30.05 -3.26 -41.51
N GLU A 213 29.83 -2.11 -40.87
CA GLU A 213 30.30 -1.90 -39.50
C GLU A 213 29.52 -2.73 -38.48
N LEU A 214 28.42 -3.36 -38.88
CA LEU A 214 27.63 -4.17 -37.97
C LEU A 214 28.28 -5.55 -37.81
N GLU A 215 27.62 -6.40 -37.03
CA GLU A 215 28.10 -7.76 -36.77
C GLU A 215 27.40 -8.80 -37.62
N ALA A 216 26.10 -8.66 -37.85
CA ALA A 216 25.34 -9.66 -38.59
C ALA A 216 25.85 -9.78 -40.02
N ARG A 217 25.98 -11.02 -40.49
CA ARG A 217 26.37 -11.29 -41.87
C ARG A 217 25.22 -11.82 -42.70
N VAL A 218 24.03 -11.99 -42.12
CA VAL A 218 22.86 -12.45 -42.85
C VAL A 218 22.20 -11.21 -43.45
N ILE A 219 22.45 -10.96 -44.72
CA ILE A 219 21.92 -9.80 -45.42
C ILE A 219 20.70 -10.23 -46.20
N ILE A 220 19.55 -9.62 -45.92
CA ILE A 220 18.29 -9.93 -46.55
C ILE A 220 17.88 -8.72 -47.39
N LEU A 221 17.63 -8.95 -48.68
CA LEU A 221 17.31 -7.88 -49.61
C LEU A 221 15.88 -8.03 -50.11
N SER A 222 15.17 -6.91 -50.17
CA SER A 222 13.79 -6.86 -50.68
C SER A 222 13.68 -5.61 -51.54
N ALA A 223 13.87 -5.77 -52.85
CA ALA A 223 13.88 -4.63 -53.76
C ALA A 223 13.56 -5.11 -55.17
N SER A 224 13.27 -4.14 -56.04
CA SER A 224 13.00 -4.43 -57.44
C SER A 224 14.27 -4.86 -58.16
N GLU A 225 14.12 -5.24 -59.43
CA GLU A 225 15.23 -5.77 -60.20
C GLU A 225 16.36 -4.76 -60.33
N ASP A 226 16.02 -3.51 -60.68
CA ASP A 226 17.05 -2.48 -60.82
C ASP A 226 17.71 -2.17 -59.49
N ASP A 227 16.92 -2.02 -58.43
CA ASP A 227 17.48 -1.77 -57.11
C ASP A 227 18.29 -2.96 -56.61
N ALA A 228 17.84 -4.18 -56.90
CA ALA A 228 18.61 -5.36 -56.54
C ALA A 228 19.96 -5.38 -57.26
N ALA A 229 19.97 -5.04 -58.55
CA ALA A 229 21.23 -4.97 -59.28
C ALA A 229 22.15 -3.91 -58.70
N THR A 230 21.59 -2.74 -58.35
CA THR A 230 22.42 -1.69 -57.76
C THR A 230 23.02 -2.14 -56.43
N VAL A 231 22.20 -2.78 -55.58
CA VAL A 231 22.70 -3.27 -54.30
C VAL A 231 23.77 -4.33 -54.51
N TYR A 232 23.56 -5.22 -55.48
CA TYR A 232 24.54 -6.26 -55.75
C TYR A 232 25.87 -5.67 -56.21
N ARG A 233 25.82 -4.68 -57.10
CA ARG A 233 27.07 -4.07 -57.56
C ARG A 233 27.76 -3.31 -56.43
N ALA A 234 26.99 -2.63 -55.58
CA ALA A 234 27.59 -1.91 -54.46
C ALA A 234 28.22 -2.88 -53.46
N ALA A 235 27.59 -4.04 -53.25
CA ALA A 235 28.16 -5.04 -52.37
C ALA A 235 29.44 -5.63 -52.97
N ALA A 236 29.43 -5.87 -54.29
CA ALA A 236 30.63 -6.40 -54.93
C ALA A 236 31.79 -5.42 -54.84
N MET A 237 31.52 -4.12 -55.01
CA MET A 237 32.57 -3.13 -54.82
C MET A 237 33.11 -3.13 -53.39
N LEU A 238 32.24 -3.39 -52.41
CA LEU A 238 32.63 -3.37 -51.00
C LEU A 238 33.11 -4.72 -50.49
N ASN A 239 33.37 -5.68 -51.39
CA ASN A 239 33.84 -7.01 -51.02
C ASN A 239 32.87 -7.69 -50.06
N MET A 240 31.58 -7.44 -50.22
CA MET A 240 30.55 -8.03 -49.38
C MET A 240 30.10 -9.41 -49.85
N THR A 241 30.51 -9.83 -51.05
CA THR A 241 30.05 -11.09 -51.62
C THR A 241 30.98 -12.25 -51.33
N GLY A 242 32.03 -12.04 -50.54
CA GLY A 242 33.01 -13.08 -50.27
C GLY A 242 32.55 -14.04 -49.19
N SER A 243 33.51 -14.79 -48.66
CA SER A 243 33.22 -15.79 -47.66
C SER A 243 32.73 -15.14 -46.37
N GLY A 244 31.93 -15.88 -45.62
CA GLY A 244 31.37 -15.40 -44.37
C GLY A 244 30.09 -14.62 -44.50
N TYR A 245 29.63 -14.36 -45.71
CA TYR A 245 28.39 -13.62 -45.97
C TYR A 245 27.36 -14.56 -46.59
N VAL A 246 26.11 -14.40 -46.16
CA VAL A 246 24.99 -15.15 -46.72
C VAL A 246 23.89 -14.17 -47.10
N TRP A 247 23.32 -14.35 -48.29
CA TRP A 247 22.30 -13.46 -48.82
C TRP A 247 21.01 -14.23 -49.01
N LEU A 248 19.91 -13.66 -48.51
CA LEU A 248 18.57 -14.17 -48.75
C LEU A 248 17.78 -13.11 -49.47
N VAL A 249 17.17 -13.46 -50.60
CA VAL A 249 16.47 -12.52 -51.46
C VAL A 249 15.16 -13.14 -51.92
N GLY A 250 14.41 -12.38 -52.71
CA GLY A 250 13.15 -12.83 -53.26
C GLY A 250 13.20 -13.08 -54.75
N GLU A 251 12.01 -13.20 -55.34
CA GLU A 251 11.93 -13.53 -56.77
C GLU A 251 12.42 -12.37 -57.63
N ARG A 252 12.10 -11.14 -57.25
CA ARG A 252 12.47 -9.98 -58.07
C ARG A 252 13.98 -9.74 -58.10
N GLU A 253 14.72 -10.26 -57.12
CA GLU A 253 16.15 -9.99 -57.02
C GLU A 253 17.01 -11.02 -57.74
N ILE A 254 16.42 -12.09 -58.27
CA ILE A 254 17.16 -13.11 -59.00
C ILE A 254 16.63 -13.28 -60.43
N SER A 255 15.80 -12.36 -60.89
CA SER A 255 15.23 -12.44 -62.23
C SER A 255 15.55 -11.16 -62.99
N GLY A 256 15.89 -11.31 -64.27
CA GLY A 256 16.20 -10.17 -65.10
C GLY A 256 17.58 -9.60 -64.86
N ASN A 257 17.70 -8.27 -64.92
CA ASN A 257 18.99 -7.62 -64.76
C ASN A 257 19.63 -7.95 -63.41
N ALA A 258 18.82 -8.13 -62.37
CA ALA A 258 19.35 -8.45 -61.05
C ALA A 258 20.07 -9.80 -61.06
N LEU A 259 19.70 -10.70 -61.98
CA LEU A 259 20.42 -11.96 -62.09
C LEU A 259 21.79 -11.78 -62.74
N ARG A 260 21.94 -10.75 -63.58
CA ARG A 260 23.21 -10.52 -64.25
C ARG A 260 24.32 -10.18 -63.26
N TYR A 261 24.00 -9.35 -62.26
CA TYR A 261 24.98 -8.91 -61.28
C TYR A 261 24.84 -9.60 -59.94
N ALA A 262 24.05 -10.67 -59.86
CA ALA A 262 23.85 -11.35 -58.60
C ALA A 262 25.14 -12.04 -58.16
N PRO A 263 25.55 -11.88 -56.90
CA PRO A 263 26.75 -12.59 -56.43
C PRO A 263 26.51 -14.09 -56.37
N ASP A 264 27.58 -14.85 -56.62
CA ASP A 264 27.50 -16.30 -56.55
C ASP A 264 27.23 -16.74 -55.11
N GLY A 265 26.35 -17.72 -54.95
CA GLY A 265 25.99 -18.22 -53.64
C GLY A 265 24.75 -17.60 -53.04
N ILE A 266 24.06 -16.72 -53.77
CA ILE A 266 22.86 -16.08 -53.24
C ILE A 266 21.72 -17.09 -53.17
N ILE A 267 20.84 -16.90 -52.20
CA ILE A 267 19.71 -17.80 -52.00
C ILE A 267 18.43 -17.10 -52.43
N GLY A 268 18.03 -17.30 -53.68
CA GLY A 268 16.84 -16.68 -54.20
C GLY A 268 15.61 -17.55 -54.02
N LEU A 269 14.47 -17.01 -54.48
CA LEU A 269 13.20 -17.72 -54.45
C LEU A 269 12.51 -17.57 -55.79
N GLN A 270 11.74 -18.60 -56.16
CA GLN A 270 10.97 -18.58 -57.40
C GLN A 270 9.63 -19.26 -57.16
N LEU A 271 8.60 -18.77 -57.85
CA LEU A 271 7.28 -19.37 -57.78
C LEU A 271 7.15 -20.43 -58.88
N ILE A 272 6.55 -21.57 -58.53
CA ILE A 272 6.48 -22.69 -59.45
C ILE A 272 5.61 -22.35 -60.66
N ASN A 273 4.53 -21.59 -60.44
CA ASN A 273 3.61 -21.25 -61.52
C ASN A 273 3.33 -19.76 -61.54
N GLY A 274 4.28 -18.95 -61.08
CA GLY A 274 4.07 -17.51 -61.03
C GLY A 274 3.85 -16.87 -62.39
N LYS A 275 4.55 -17.37 -63.41
CA LYS A 275 4.41 -16.86 -64.76
C LYS A 275 3.56 -17.75 -65.64
N ASN A 276 2.94 -18.79 -65.09
CA ASN A 276 2.10 -19.70 -65.87
C ASN A 276 0.69 -19.14 -65.87
N GLU A 277 0.39 -18.30 -66.87
CA GLU A 277 -0.94 -17.72 -66.98
C GLU A 277 -2.02 -18.77 -67.21
N SER A 278 -1.68 -19.83 -67.94
CA SER A 278 -2.69 -20.82 -68.30
C SER A 278 -3.21 -21.57 -67.08
N ALA A 279 -2.30 -22.08 -66.24
CA ALA A 279 -2.72 -22.80 -65.05
C ALA A 279 -3.49 -21.89 -64.09
N HIS A 280 -3.04 -20.64 -63.96
CA HIS A 280 -3.74 -19.70 -63.10
C HIS A 280 -5.14 -19.42 -63.61
N ILE A 281 -5.30 -19.25 -64.92
CA ILE A 281 -6.62 -19.04 -65.51
C ILE A 281 -7.52 -20.22 -65.20
N SER A 282 -6.99 -21.44 -65.40
CA SER A 282 -7.80 -22.63 -65.18
C SER A 282 -8.25 -22.75 -63.73
N ASP A 283 -7.30 -22.60 -62.79
CA ASP A 283 -7.67 -22.78 -61.39
C ASP A 283 -8.59 -21.66 -60.90
N ALA A 284 -8.36 -20.43 -61.37
CA ALA A 284 -9.23 -19.33 -60.99
C ALA A 284 -10.64 -19.53 -61.52
N VAL A 285 -10.76 -20.02 -62.76
CA VAL A 285 -12.08 -20.31 -63.32
C VAL A 285 -12.78 -21.39 -62.50
N GLY A 286 -12.05 -22.45 -62.13
CA GLY A 286 -12.64 -23.48 -61.30
C GLY A 286 -13.12 -22.94 -59.97
N VAL A 287 -12.30 -22.14 -59.30
CA VAL A 287 -12.66 -21.60 -58.00
C VAL A 287 -13.86 -20.67 -58.11
N VAL A 288 -13.88 -19.81 -59.12
CA VAL A 288 -14.99 -18.87 -59.25
C VAL A 288 -16.28 -19.59 -59.63
N ALA A 289 -16.19 -20.66 -60.43
CA ALA A 289 -17.39 -21.43 -60.75
C ALA A 289 -17.94 -22.12 -59.51
N GLN A 290 -17.07 -22.72 -58.70
CA GLN A 290 -17.52 -23.34 -57.46
C GLN A 290 -18.14 -22.30 -56.53
N ALA A 291 -17.53 -21.12 -56.45
CA ALA A 291 -18.06 -20.06 -55.60
C ALA A 291 -19.42 -19.57 -56.09
N VAL A 292 -19.59 -19.45 -57.41
CA VAL A 292 -20.86 -19.03 -57.97
C VAL A 292 -21.94 -20.05 -57.64
N HIS A 293 -21.63 -21.33 -57.81
CA HIS A 293 -22.61 -22.36 -57.48
C HIS A 293 -22.95 -22.35 -55.99
N GLU A 294 -21.95 -22.16 -55.14
CA GLU A 294 -22.19 -22.10 -53.70
C GLU A 294 -23.07 -20.90 -53.35
N LEU A 295 -22.82 -19.76 -53.98
CA LEU A 295 -23.64 -18.57 -53.75
C LEU A 295 -25.08 -18.80 -54.20
N LEU A 296 -25.26 -19.36 -55.39
CA LEU A 296 -26.61 -19.60 -55.89
C LEU A 296 -27.32 -20.69 -55.10
N GLU A 297 -26.58 -21.50 -54.33
CA GLU A 297 -27.23 -22.41 -53.40
C GLU A 297 -27.97 -21.65 -52.30
N LYS A 298 -27.42 -20.52 -51.88
CA LYS A 298 -27.99 -19.74 -50.78
C LYS A 298 -29.25 -19.00 -51.26
N GLU A 299 -29.77 -18.12 -50.41
CA GLU A 299 -30.96 -17.36 -50.70
C GLU A 299 -30.62 -15.88 -50.92
N ASN A 300 -31.64 -15.10 -51.25
CA ASN A 300 -31.62 -13.65 -51.46
C ASN A 300 -30.33 -13.18 -52.17
N ILE A 301 -30.12 -13.71 -53.37
CA ILE A 301 -29.07 -13.23 -54.27
C ILE A 301 -29.67 -12.18 -55.21
N THR A 302 -28.95 -11.08 -55.39
CA THR A 302 -29.34 -10.04 -56.33
C THR A 302 -28.63 -10.26 -57.66
N ASP A 303 -29.15 -9.65 -58.72
CA ASP A 303 -28.55 -9.77 -60.04
C ASP A 303 -27.51 -8.66 -60.25
N PRO A 304 -26.50 -8.91 -61.09
CA PRO A 304 -25.44 -7.90 -61.32
C PRO A 304 -25.96 -6.69 -62.07
N PRO A 305 -25.38 -5.52 -61.83
CA PRO A 305 -25.88 -4.29 -62.46
C PRO A 305 -25.49 -4.22 -63.93
N ARG A 306 -26.20 -3.35 -64.65
CA ARG A 306 -25.90 -3.05 -66.04
C ARG A 306 -25.24 -1.68 -66.15
N GLY A 307 -23.99 -1.66 -66.60
CA GLY A 307 -23.32 -0.41 -66.91
C GLY A 307 -22.84 0.37 -65.71
N CYS A 308 -21.71 1.05 -65.87
CA CYS A 308 -21.25 1.96 -64.82
C CYS A 308 -22.21 3.14 -64.67
N VAL A 309 -22.72 3.65 -65.78
CA VAL A 309 -23.60 4.81 -65.76
C VAL A 309 -25.02 4.36 -65.44
N GLY A 310 -25.68 5.09 -64.54
CA GLY A 310 -27.06 4.84 -64.19
C GLY A 310 -27.27 3.96 -62.97
N ASN A 311 -26.23 3.35 -62.43
CA ASN A 311 -26.34 2.53 -61.23
C ASN A 311 -25.21 2.92 -60.28
N THR A 312 -25.58 3.35 -59.07
CA THR A 312 -24.61 3.81 -58.09
C THR A 312 -24.60 2.98 -56.80
N ASN A 313 -25.67 2.27 -56.50
CA ASN A 313 -25.71 1.45 -55.30
C ASN A 313 -24.78 0.25 -55.42
N ILE A 314 -24.24 -0.18 -54.29
CA ILE A 314 -23.37 -1.35 -54.31
C ILE A 314 -24.20 -2.62 -54.46
N TRP A 315 -23.51 -3.71 -54.77
CA TRP A 315 -24.12 -5.02 -54.93
C TRP A 315 -24.23 -5.71 -53.57
N LYS A 316 -25.47 -5.96 -53.16
CA LYS A 316 -25.78 -6.20 -51.75
C LYS A 316 -25.09 -7.47 -51.25
N THR A 317 -25.18 -8.55 -52.01
CA THR A 317 -24.51 -9.79 -51.67
C THR A 317 -23.11 -9.87 -52.26
N GLY A 318 -22.53 -8.72 -52.61
CA GLY A 318 -21.15 -8.65 -53.03
C GLY A 318 -20.22 -9.10 -51.91
N PRO A 319 -20.36 -8.52 -50.72
CA PRO A 319 -19.57 -9.00 -49.58
C PRO A 319 -19.75 -10.48 -49.29
N LEU A 320 -20.98 -11.00 -49.41
CA LEU A 320 -21.18 -12.43 -49.19
C LEU A 320 -20.53 -13.26 -50.30
N PHE A 321 -20.56 -12.76 -51.53
CA PHE A 321 -19.87 -13.45 -52.62
C PHE A 321 -18.36 -13.49 -52.37
N LYS A 322 -17.78 -12.38 -51.93
CA LYS A 322 -16.35 -12.38 -51.62
C LYS A 322 -16.04 -13.31 -50.45
N ARG A 323 -16.91 -13.34 -49.45
CA ARG A 323 -16.70 -14.24 -48.31
C ARG A 323 -16.80 -15.70 -48.72
N VAL A 324 -17.75 -16.05 -49.60
CA VAL A 324 -17.84 -17.42 -50.06
C VAL A 324 -16.67 -17.78 -50.96
N LEU A 325 -16.13 -16.80 -51.69
CA LEU A 325 -14.89 -17.03 -52.43
C LEU A 325 -13.74 -17.32 -51.47
N MET A 326 -13.66 -16.56 -50.38
CA MET A 326 -12.57 -16.73 -49.42
C MET A 326 -12.71 -18.00 -48.58
N SER A 327 -13.84 -18.68 -48.66
CA SER A 327 -14.06 -19.91 -47.89
C SER A 327 -14.17 -21.15 -48.77
N SER A 328 -13.73 -21.07 -50.02
CA SER A 328 -13.80 -22.20 -50.95
C SER A 328 -12.42 -22.81 -51.14
N LYS A 329 -12.34 -24.14 -50.99
CA LYS A 329 -11.10 -24.87 -51.16
C LYS A 329 -11.19 -25.69 -52.44
N TYR A 330 -10.33 -25.37 -53.40
CA TYR A 330 -10.27 -26.09 -54.68
C TYR A 330 -9.38 -27.31 -54.48
N ALA A 331 -10.01 -28.48 -54.40
CA ALA A 331 -9.28 -29.68 -54.00
C ALA A 331 -8.19 -30.04 -55.00
N ASP A 332 -8.57 -30.36 -56.23
CA ASP A 332 -7.64 -30.77 -57.28
C ASP A 332 -7.31 -29.56 -58.15
N GLY A 333 -6.16 -28.95 -57.90
CA GLY A 333 -5.76 -27.77 -58.63
C GLY A 333 -4.50 -28.02 -59.45
N VAL A 334 -4.44 -27.38 -60.62
CA VAL A 334 -3.25 -27.50 -61.47
C VAL A 334 -2.04 -26.87 -60.79
N THR A 335 -2.25 -25.78 -60.05
CA THR A 335 -1.17 -25.13 -59.30
C THR A 335 -1.08 -25.62 -57.87
N GLY A 336 -1.88 -26.61 -57.50
CA GLY A 336 -1.90 -27.13 -56.15
C GLY A 336 -3.21 -26.80 -55.46
N ARG A 337 -3.26 -27.15 -54.17
CA ARG A 337 -4.45 -26.87 -53.38
C ARG A 337 -4.65 -25.36 -53.25
N VAL A 338 -5.80 -24.88 -53.73
CA VAL A 338 -6.10 -23.46 -53.75
C VAL A 338 -6.89 -23.11 -52.49
N GLU A 339 -6.35 -22.18 -51.71
CA GLU A 339 -6.99 -21.69 -50.49
C GLU A 339 -6.98 -20.17 -50.52
N PHE A 340 -7.55 -19.57 -49.47
CA PHE A 340 -7.57 -18.11 -49.36
C PHE A 340 -7.45 -17.72 -47.90
N ASN A 341 -6.64 -16.70 -47.64
CA ASN A 341 -6.49 -16.15 -46.30
C ASN A 341 -7.28 -14.87 -46.16
N GLU A 342 -7.32 -14.36 -44.92
CA GLU A 342 -8.08 -13.14 -44.64
C GLU A 342 -7.55 -11.94 -45.39
N ASP A 343 -6.29 -11.97 -45.82
CA ASP A 343 -5.75 -10.86 -46.60
C ASP A 343 -6.12 -10.95 -48.08
N GLY A 344 -6.64 -12.10 -48.53
CA GLY A 344 -7.13 -12.24 -49.88
C GLY A 344 -6.22 -12.95 -50.87
N ASP A 345 -5.13 -13.55 -50.42
CA ASP A 345 -4.19 -14.22 -51.30
C ASP A 345 -4.41 -15.73 -51.26
N ARG A 346 -3.52 -16.48 -51.93
CA ARG A 346 -3.67 -17.94 -51.94
C ARG A 346 -3.23 -18.57 -50.62
N LYS A 347 -2.23 -17.99 -49.96
CA LYS A 347 -1.74 -18.39 -48.65
C LYS A 347 -0.94 -19.69 -48.70
N PHE A 348 -0.98 -20.39 -49.84
CA PHE A 348 -0.32 -21.69 -49.97
C PHE A 348 0.30 -21.76 -51.38
N ALA A 349 1.59 -21.47 -51.47
CA ALA A 349 2.31 -21.49 -52.73
C ALA A 349 3.62 -22.25 -52.55
N ASN A 350 4.10 -22.82 -53.64
CA ASN A 350 5.35 -23.57 -53.66
C ASN A 350 6.48 -22.64 -54.12
N TYR A 351 7.37 -22.31 -53.20
CA TYR A 351 8.53 -21.46 -53.48
C TYR A 351 9.75 -22.36 -53.68
N SER A 352 10.39 -22.22 -54.83
CA SER A 352 11.57 -23.03 -55.15
C SER A 352 12.83 -22.26 -54.80
N ILE A 353 13.67 -22.84 -53.95
CA ILE A 353 14.89 -22.18 -53.50
C ILE A 353 15.97 -22.37 -54.55
N MET A 354 16.33 -21.28 -55.23
CA MET A 354 17.38 -21.28 -56.24
C MET A 354 18.64 -20.66 -55.67
N ASN A 355 19.75 -21.40 -55.73
CA ASN A 355 21.06 -20.89 -55.38
C ASN A 355 21.84 -20.63 -56.66
N LEU A 356 22.59 -19.53 -56.69
CA LEU A 356 23.34 -19.13 -57.87
C LEU A 356 24.72 -19.78 -57.80
N GLN A 357 24.86 -20.94 -58.46
CA GLN A 357 26.12 -21.64 -58.55
C GLN A 357 26.65 -21.52 -59.97
N ASN A 358 27.88 -21.05 -60.11
CA ASN A 358 28.55 -20.91 -61.40
C ASN A 358 27.66 -20.08 -62.34
N ARG A 359 27.18 -18.94 -61.81
CA ARG A 359 26.33 -18.01 -62.55
C ARG A 359 25.09 -18.71 -63.13
N LYS A 360 24.61 -19.74 -62.45
CA LYS A 360 23.46 -20.50 -62.90
C LYS A 360 22.56 -20.81 -61.72
N LEU A 361 21.26 -20.60 -61.89
CA LEU A 361 20.31 -20.85 -60.80
C LEU A 361 19.99 -22.33 -60.74
N VAL A 362 20.39 -23.00 -59.66
CA VAL A 362 20.11 -24.41 -59.45
C VAL A 362 19.29 -24.57 -58.19
N GLN A 363 18.31 -25.46 -58.23
CA GLN A 363 17.42 -25.64 -57.09
C GLN A 363 18.13 -26.42 -55.99
N VAL A 364 18.18 -25.84 -54.79
CA VAL A 364 18.77 -26.51 -53.64
C VAL A 364 17.72 -26.81 -52.57
N GLY A 365 16.47 -26.90 -52.98
CA GLY A 365 15.37 -27.12 -52.07
C GLY A 365 14.12 -26.44 -52.58
N ILE A 366 13.00 -26.78 -51.94
CA ILE A 366 11.70 -26.21 -52.30
C ILE A 366 10.91 -25.92 -51.04
N TYR A 367 10.18 -24.81 -51.03
CA TYR A 367 9.36 -24.40 -49.91
C TYR A 367 7.90 -24.65 -50.27
N ASN A 368 7.26 -25.58 -49.57
CA ASN A 368 5.85 -25.86 -49.79
C ASN A 368 5.00 -24.82 -49.08
N GLY A 369 3.70 -25.09 -48.94
CA GLY A 369 2.82 -24.12 -48.33
C GLY A 369 3.21 -23.74 -46.91
N THR A 370 3.84 -24.66 -46.16
CA THR A 370 4.16 -24.38 -44.77
C THR A 370 5.57 -24.78 -44.34
N HIS A 371 6.37 -25.43 -45.18
CA HIS A 371 7.68 -25.88 -44.75
C HIS A 371 8.65 -25.86 -45.93
N VAL A 372 9.94 -25.88 -45.60
CA VAL A 372 11.02 -25.91 -46.58
C VAL A 372 11.73 -27.24 -46.48
N ILE A 373 11.95 -27.88 -47.63
CA ILE A 373 12.64 -29.17 -47.68
C ILE A 373 13.82 -29.08 -48.63
N PRO A 374 15.02 -29.45 -48.19
CA PRO A 374 16.18 -29.45 -49.09
C PRO A 374 16.23 -30.74 -49.92
N ASN A 375 17.16 -30.77 -50.86
CA ASN A 375 17.34 -31.93 -51.72
C ASN A 375 18.79 -32.37 -51.77
N ASP A 376 19.12 -33.28 -52.68
CA ASP A 376 20.47 -33.83 -52.76
C ASP A 376 21.50 -32.79 -53.19
N ARG A 377 21.07 -31.68 -53.79
CA ARG A 377 22.01 -30.66 -54.21
C ARG A 377 22.68 -30.01 -53.01
N LYS A 378 23.94 -29.62 -53.20
CA LYS A 378 24.74 -29.01 -52.16
C LYS A 378 24.75 -27.50 -52.34
N ILE A 379 24.48 -26.77 -51.27
CA ILE A 379 24.44 -25.31 -51.32
C ILE A 379 25.87 -24.79 -51.29
N ILE A 380 26.22 -23.97 -52.28
CA ILE A 380 27.51 -23.31 -52.33
C ILE A 380 27.28 -21.89 -51.83
N TRP A 381 27.76 -21.61 -50.61
CA TRP A 381 27.60 -20.29 -50.02
C TRP A 381 28.53 -19.29 -50.70
N PRO A 382 28.25 -18.00 -50.57
CA PRO A 382 29.11 -17.00 -51.23
C PRO A 382 30.55 -17.12 -50.77
N GLY A 383 31.47 -16.93 -51.71
CA GLY A 383 32.87 -17.19 -51.48
C GLY A 383 33.33 -18.58 -51.88
N GLY A 384 32.41 -19.47 -52.23
CA GLY A 384 32.75 -20.80 -52.70
C GLY A 384 32.82 -21.86 -51.63
N GLU A 385 32.76 -21.49 -50.35
CA GLU A 385 32.85 -22.49 -49.30
C GLU A 385 31.56 -23.32 -49.22
N THR A 386 31.73 -24.60 -48.89
CA THR A 386 30.60 -25.51 -48.78
C THR A 386 29.97 -25.49 -47.39
N GLU A 387 30.80 -25.33 -46.35
CA GLU A 387 30.28 -25.32 -44.98
C GLU A 387 29.39 -24.10 -44.76
N LYS A 388 28.36 -24.30 -43.95
CA LYS A 388 27.40 -23.22 -43.68
C LYS A 388 28.08 -22.13 -42.84
N PRO A 389 28.11 -20.89 -43.31
CA PRO A 389 28.75 -19.84 -42.53
C PRO A 389 27.93 -19.48 -41.30
N ARG A 390 28.62 -18.97 -40.29
CA ARG A 390 27.94 -18.55 -39.07
C ARG A 390 27.10 -17.30 -39.33
N GLY A 391 26.13 -17.07 -38.45
CA GLY A 391 25.24 -15.94 -38.62
C GLY A 391 25.95 -14.61 -38.58
N TYR A 392 26.92 -14.45 -37.68
CA TYR A 392 27.62 -13.19 -37.52
C TYR A 392 29.06 -13.46 -37.14
N GLN A 393 29.87 -12.42 -37.20
CA GLN A 393 31.24 -12.44 -36.71
C GLN A 393 31.36 -11.47 -35.56
N MET A 394 31.77 -11.97 -34.39
CA MET A 394 31.89 -11.12 -33.21
C MET A 394 32.98 -10.08 -33.41
N SER A 395 32.75 -8.88 -32.86
CA SER A 395 33.68 -7.78 -32.97
C SER A 395 34.52 -7.70 -31.69
N THR A 396 35.83 -7.79 -31.84
CA THR A 396 36.75 -7.70 -30.72
C THR A 396 37.21 -6.27 -30.45
N ARG A 397 36.76 -5.31 -31.25
CA ARG A 397 37.07 -3.89 -31.03
C ARG A 397 35.80 -3.21 -30.54
N LEU A 398 35.86 -2.62 -29.36
CA LEU A 398 34.70 -2.04 -28.70
C LEU A 398 34.84 -0.52 -28.62
N LYS A 399 33.74 0.18 -28.88
CA LYS A 399 33.68 1.62 -28.76
C LYS A 399 33.33 1.97 -27.33
N ILE A 400 34.31 2.48 -26.58
CA ILE A 400 34.17 2.75 -25.16
C ILE A 400 33.84 4.22 -24.95
N VAL A 401 32.83 4.50 -24.13
CA VAL A 401 32.39 5.86 -23.86
C VAL A 401 32.55 6.13 -22.36
N THR A 402 33.14 7.27 -22.03
CA THR A 402 33.41 7.65 -20.65
C THR A 402 33.09 9.14 -20.47
N ILE A 403 33.02 9.56 -19.21
CA ILE A 403 32.78 10.96 -18.87
C ILE A 403 33.84 11.39 -17.86
N HIS A 404 34.01 12.71 -17.75
CA HIS A 404 35.01 13.29 -16.85
C HIS A 404 34.44 13.31 -15.43
N GLN A 405 34.70 12.24 -14.69
CA GLN A 405 34.42 12.17 -13.26
C GLN A 405 35.75 12.12 -12.53
N GLU A 406 35.97 13.06 -11.62
CA GLU A 406 37.32 13.24 -11.07
C GLU A 406 37.86 12.02 -10.36
N PRO A 407 37.17 11.41 -9.38
CA PRO A 407 37.76 10.26 -8.70
C PRO A 407 37.89 9.02 -9.57
N PHE A 408 37.09 8.91 -10.63
CA PHE A 408 37.04 7.71 -11.45
C PHE A 408 37.75 7.86 -12.79
N VAL A 409 37.43 8.90 -13.56
CA VAL A 409 38.03 9.10 -14.89
C VAL A 409 38.61 10.50 -14.92
N TYR A 410 39.89 10.63 -14.55
CA TYR A 410 40.62 11.85 -14.84
C TYR A 410 40.86 11.95 -16.34
N VAL A 411 40.68 13.16 -16.89
CA VAL A 411 40.99 13.44 -18.28
C VAL A 411 41.91 14.65 -18.34
N LYS A 412 43.01 14.52 -19.07
CA LYS A 412 44.01 15.57 -19.13
C LYS A 412 44.42 15.81 -20.57
N PRO A 413 44.83 17.04 -20.90
CA PRO A 413 45.39 17.30 -22.23
C PRO A 413 46.70 16.56 -22.43
N THR A 414 46.93 16.12 -23.66
CA THR A 414 48.16 15.44 -24.00
C THR A 414 49.22 16.44 -24.42
N MET A 415 50.47 15.96 -24.51
CA MET A 415 51.56 16.82 -24.97
C MET A 415 51.47 17.02 -26.48
N SER A 416 52.45 17.75 -27.01
CA SER A 416 52.50 18.00 -28.44
C SER A 416 52.72 16.71 -29.23
N ASP A 417 53.58 15.82 -28.72
CA ASP A 417 53.90 14.59 -29.43
C ASP A 417 52.70 13.64 -29.51
N GLY A 418 51.72 13.80 -28.62
CA GLY A 418 50.51 12.99 -28.66
C GLY A 418 50.32 12.05 -27.50
N THR A 419 51.36 11.82 -26.69
CA THR A 419 51.26 10.95 -25.52
C THR A 419 51.62 11.74 -24.27
N CYS A 420 50.76 11.70 -23.26
CA CYS A 420 51.01 12.46 -22.05
C CYS A 420 52.02 11.74 -21.16
N LYS A 421 52.45 12.44 -20.11
CA LYS A 421 53.56 11.97 -19.30
C LYS A 421 53.21 10.70 -18.53
N GLU A 422 54.23 9.88 -18.33
CA GLU A 422 54.11 8.76 -17.40
C GLU A 422 54.09 9.29 -15.97
N GLU A 423 53.16 8.79 -15.17
CA GLU A 423 53.03 9.21 -13.77
C GLU A 423 53.13 8.00 -12.87
N PHE A 424 53.55 8.25 -11.62
CA PHE A 424 53.75 7.20 -10.64
C PHE A 424 53.01 7.57 -9.36
N THR A 425 52.39 6.57 -8.74
CA THR A 425 51.65 6.77 -7.50
C THR A 425 52.63 6.86 -6.34
N VAL A 426 52.10 6.86 -5.10
CA VAL A 426 52.97 6.90 -3.93
C VAL A 426 53.82 5.63 -3.85
N ASN A 427 53.26 4.49 -4.25
CA ASN A 427 54.04 3.27 -4.34
C ASN A 427 55.15 3.38 -5.38
N GLY A 428 54.86 4.01 -6.51
CA GLY A 428 55.83 4.11 -7.60
C GLY A 428 55.46 3.33 -8.84
N ASP A 429 54.31 2.66 -8.85
CA ASP A 429 53.87 1.95 -10.04
C ASP A 429 53.39 2.94 -11.10
N PRO A 430 53.62 2.64 -12.38
CA PRO A 430 53.16 3.55 -13.44
C PRO A 430 51.64 3.63 -13.46
N VAL A 431 51.13 4.81 -13.81
CA VAL A 431 49.71 5.04 -13.93
C VAL A 431 49.30 4.75 -15.38
N LYS A 432 48.46 3.74 -15.55
CA LYS A 432 48.05 3.34 -16.89
C LYS A 432 47.07 4.36 -17.47
N LYS A 433 47.37 4.85 -18.68
CA LYS A 433 46.57 5.87 -19.33
C LYS A 433 46.21 5.41 -20.74
N VAL A 434 45.09 5.92 -21.24
CA VAL A 434 44.61 5.58 -22.57
C VAL A 434 44.34 6.87 -23.33
N ILE A 435 44.32 6.77 -24.65
CA ILE A 435 44.09 7.92 -25.52
C ILE A 435 42.60 8.01 -25.79
N CYS A 436 41.95 9.00 -25.18
CA CYS A 436 40.51 9.20 -25.30
C CYS A 436 40.25 10.45 -26.13
N THR A 437 39.42 10.32 -27.16
CA THR A 437 39.09 11.42 -28.06
C THR A 437 37.80 12.07 -27.57
N GLY A 438 37.92 13.30 -27.04
CA GLY A 438 36.78 13.96 -26.45
C GLY A 438 36.63 15.39 -26.90
N PRO A 439 35.47 15.99 -26.62
CA PRO A 439 35.27 17.40 -26.99
C PRO A 439 36.25 18.30 -26.26
N ASN A 440 36.68 19.36 -26.94
CA ASN A 440 37.67 20.27 -26.38
C ASN A 440 37.02 21.33 -25.49
N ASP A 441 36.05 22.06 -26.04
CA ASP A 441 35.36 23.11 -25.30
C ASP A 441 34.01 22.58 -24.83
N THR A 442 33.82 22.51 -23.51
CA THR A 442 32.57 22.03 -22.95
C THR A 442 31.54 23.14 -22.77
N SER A 443 31.92 24.40 -22.99
CA SER A 443 30.97 25.49 -22.85
C SER A 443 29.92 25.42 -23.96
N PRO A 444 28.65 25.65 -23.65
CA PRO A 444 27.62 25.63 -24.68
C PRO A 444 27.82 26.76 -25.69
N GLY A 445 27.37 26.50 -26.91
CA GLY A 445 27.55 27.47 -27.99
C GLY A 445 28.97 27.69 -28.40
N SER A 446 29.79 26.63 -28.40
CA SER A 446 31.19 26.69 -28.78
C SER A 446 31.50 25.58 -29.75
N PRO A 447 32.47 25.78 -30.66
CA PRO A 447 32.84 24.71 -31.58
C PRO A 447 33.50 23.54 -30.86
N ARG A 448 32.80 22.41 -30.81
CA ARG A 448 33.27 21.21 -30.12
C ARG A 448 33.91 20.28 -31.15
N HIS A 449 35.24 20.29 -31.19
CA HIS A 449 36.00 19.41 -32.07
C HIS A 449 36.65 18.31 -31.23
N THR A 450 36.56 17.07 -31.70
CA THR A 450 37.05 15.93 -30.95
C THR A 450 38.57 15.93 -30.94
N VAL A 451 39.16 16.38 -29.85
CA VAL A 451 40.60 16.41 -29.69
C VAL A 451 41.01 15.15 -28.91
N PRO A 452 42.12 14.50 -29.27
CA PRO A 452 42.61 13.36 -28.49
C PRO A 452 43.38 13.80 -27.26
N GLN A 453 42.76 13.64 -26.09
CA GLN A 453 43.39 13.83 -24.79
C GLN A 453 43.65 12.47 -24.19
N CYS A 454 44.14 12.43 -22.95
CA CYS A 454 44.42 11.14 -22.33
C CYS A 454 43.67 10.99 -21.02
N CYS A 455 43.10 9.80 -20.83
CA CYS A 455 42.24 9.48 -19.70
C CYS A 455 42.91 8.42 -18.83
N TYR A 456 42.66 8.51 -17.53
CA TYR A 456 43.23 7.57 -16.57
C TYR A 456 42.47 7.67 -15.26
N GLY A 457 42.32 6.54 -14.58
CA GLY A 457 41.70 6.56 -13.28
C GLY A 457 41.11 5.20 -12.95
N PHE A 458 40.14 5.22 -12.03
CA PHE A 458 39.51 3.99 -11.55
C PHE A 458 38.87 3.22 -12.70
N CYS A 459 38.00 3.88 -13.47
CA CYS A 459 37.27 3.20 -14.53
C CYS A 459 38.19 2.79 -15.67
N ILE A 460 39.21 3.59 -15.97
CA ILE A 460 40.16 3.20 -17.01
C ILE A 460 40.96 1.98 -16.57
N ASP A 461 41.36 1.94 -15.30
CA ASP A 461 42.05 0.76 -14.79
C ASP A 461 41.17 -0.48 -14.85
N LEU A 462 39.89 -0.32 -14.48
CA LEU A 462 38.95 -1.45 -14.58
C LEU A 462 38.77 -1.90 -16.02
N LEU A 463 38.70 -0.94 -16.95
CA LEU A 463 38.56 -1.29 -18.37
C LEU A 463 39.79 -2.03 -18.87
N ILE A 464 40.98 -1.61 -18.46
CA ILE A 464 42.20 -2.30 -18.84
C ILE A 464 42.21 -3.71 -18.28
N LYS A 465 41.77 -3.87 -17.03
CA LYS A 465 41.66 -5.20 -16.45
C LYS A 465 40.69 -6.08 -17.24
N LEU A 466 39.55 -5.51 -17.64
CA LEU A 466 38.58 -6.27 -18.43
C LEU A 466 39.17 -6.69 -19.76
N ALA A 467 39.86 -5.76 -20.45
CA ALA A 467 40.48 -6.08 -21.73
C ALA A 467 41.62 -7.08 -21.57
N ARG A 468 42.20 -7.17 -20.38
CA ARG A 468 43.23 -8.17 -20.14
C ARG A 468 42.62 -9.55 -19.91
N THR A 469 41.66 -9.65 -18.98
CA THR A 469 41.05 -10.94 -18.69
C THR A 469 40.25 -11.47 -19.87
N MET A 470 39.44 -10.61 -20.50
CA MET A 470 38.69 -10.97 -21.69
C MET A 470 39.41 -10.38 -22.91
N ASN A 471 39.77 -11.25 -23.85
CA ASN A 471 40.61 -10.83 -24.96
C ASN A 471 39.84 -9.98 -25.96
N PHE A 472 39.84 -8.66 -25.75
CA PHE A 472 39.23 -7.75 -26.70
C PHE A 472 40.00 -6.42 -26.68
N THR A 473 39.87 -5.69 -27.77
CA THR A 473 40.54 -4.40 -27.95
C THR A 473 39.53 -3.29 -27.79
N TYR A 474 39.99 -2.16 -27.25
CA TYR A 474 39.11 -1.04 -26.91
C TYR A 474 39.71 0.26 -27.42
N GLU A 475 38.84 1.24 -27.62
CA GLU A 475 39.26 2.62 -27.87
C GLU A 475 38.29 3.54 -27.15
N VAL A 476 38.82 4.35 -26.23
CA VAL A 476 37.98 5.18 -25.38
C VAL A 476 37.70 6.51 -26.06
N HIS A 477 36.48 7.01 -25.90
CA HIS A 477 36.11 8.32 -26.40
C HIS A 477 35.05 8.91 -25.48
N LEU A 478 35.21 10.18 -25.14
CA LEU A 478 34.31 10.82 -24.20
C LEU A 478 32.93 11.02 -24.81
N VAL A 479 31.96 11.33 -23.95
CA VAL A 479 30.60 11.59 -24.41
C VAL A 479 30.59 12.87 -25.23
N ALA A 480 29.62 12.96 -26.15
CA ALA A 480 29.48 14.17 -26.95
C ALA A 480 29.19 15.38 -26.08
N ASP A 481 28.34 15.22 -25.09
CA ASP A 481 28.04 16.25 -24.10
C ASP A 481 28.46 15.77 -22.72
N GLY A 482 28.13 16.55 -21.70
CA GLY A 482 28.54 16.22 -20.34
C GLY A 482 27.46 15.54 -19.52
N LYS A 483 26.46 14.96 -20.19
CA LYS A 483 25.31 14.39 -19.51
C LYS A 483 25.48 12.88 -19.36
N PHE A 484 25.03 12.36 -18.22
CA PHE A 484 25.10 10.92 -17.97
C PHE A 484 24.04 10.17 -18.78
N GLY A 485 22.83 10.71 -18.85
CA GLY A 485 21.76 10.06 -19.59
C GLY A 485 20.42 10.12 -18.90
N THR A 486 19.40 10.60 -19.61
CA THR A 486 18.07 10.75 -19.04
C THR A 486 17.06 10.80 -20.18
N GLN A 487 15.91 10.15 -19.98
CA GLN A 487 14.84 10.19 -20.97
C GLN A 487 14.30 11.60 -21.10
N GLU A 488 14.43 12.18 -22.29
CA GLU A 488 13.95 13.51 -22.58
C GLU A 488 13.05 13.50 -23.80
N ARG A 489 12.08 14.41 -23.81
CA ARG A 489 11.13 14.50 -24.91
C ARG A 489 11.65 15.52 -25.91
N VAL A 490 12.08 15.03 -27.09
CA VAL A 490 12.61 15.92 -28.11
C VAL A 490 11.49 16.80 -28.64
N ASN A 491 11.87 17.98 -29.16
CA ASN A 491 10.88 18.98 -29.56
C ASN A 491 9.97 18.47 -30.67
N ASN A 492 10.54 17.82 -31.68
CA ASN A 492 9.75 17.39 -32.83
C ASN A 492 9.09 16.05 -32.55
N SER A 493 7.78 15.96 -32.82
CA SER A 493 6.99 14.74 -32.73
C SER A 493 6.86 14.22 -31.30
N ASN A 494 7.44 14.94 -30.34
CA ASN A 494 7.40 14.57 -28.92
C ASN A 494 7.86 13.13 -28.73
N LYS A 495 9.11 12.87 -29.10
CA LYS A 495 9.67 11.53 -29.08
C LYS A 495 10.58 11.36 -27.88
N LYS A 496 10.45 10.23 -27.19
CA LYS A 496 11.37 9.88 -26.12
C LYS A 496 12.76 9.64 -26.70
N GLU A 497 13.78 10.16 -26.03
CA GLU A 497 15.14 10.01 -26.51
C GLU A 497 16.08 9.98 -25.32
N TRP A 498 17.18 9.24 -25.49
CA TRP A 498 18.24 9.19 -24.50
C TRP A 498 19.37 10.13 -24.89
N ASN A 499 19.93 10.82 -23.91
CA ASN A 499 21.03 11.74 -24.12
C ASN A 499 22.29 11.20 -23.45
N GLY A 500 23.41 11.84 -23.76
CA GLY A 500 24.66 11.48 -23.11
C GLY A 500 25.07 10.05 -23.40
N MET A 501 25.41 9.31 -22.33
CA MET A 501 25.90 7.95 -22.49
C MET A 501 24.85 7.03 -23.08
N MET A 502 23.61 7.14 -22.63
CA MET A 502 22.56 6.26 -23.15
C MET A 502 22.29 6.53 -24.61
N GLY A 503 22.27 7.80 -25.01
CA GLY A 503 22.13 8.12 -26.43
C GLY A 503 23.31 7.64 -27.24
N GLU A 504 24.51 7.70 -26.67
CA GLU A 504 25.70 7.24 -27.37
C GLU A 504 25.70 5.72 -27.55
N LEU A 505 25.23 4.99 -26.54
CA LEU A 505 25.29 3.53 -26.53
C LEU A 505 24.13 2.89 -27.29
N LEU A 506 22.91 3.36 -27.06
CA LEU A 506 21.74 2.75 -27.69
C LEU A 506 21.68 3.04 -29.19
N SER A 507 22.34 4.09 -29.66
CA SER A 507 22.38 4.42 -31.08
C SER A 507 23.48 3.68 -31.82
N GLY A 508 24.28 2.86 -31.13
CA GLY A 508 25.34 2.12 -31.76
C GLY A 508 26.68 2.82 -31.83
N GLN A 509 26.75 4.08 -31.41
CA GLN A 509 28.02 4.81 -31.45
C GLN A 509 29.02 4.21 -30.45
N ALA A 510 28.53 3.67 -29.34
CA ALA A 510 29.39 3.06 -28.33
C ALA A 510 28.88 1.67 -28.01
N ASP A 511 29.80 0.80 -27.61
CA ASP A 511 29.46 -0.58 -27.28
C ASP A 511 29.48 -0.89 -25.79
N MET A 512 30.10 -0.04 -24.98
CA MET A 512 30.21 -0.31 -23.55
C MET A 512 30.42 1.01 -22.83
N ILE A 513 29.95 1.09 -21.58
CA ILE A 513 30.03 2.29 -20.77
C ILE A 513 30.79 1.93 -19.50
N VAL A 514 32.08 2.24 -19.45
CA VAL A 514 32.87 2.04 -18.24
C VAL A 514 32.98 3.41 -17.57
N ALA A 515 32.05 3.68 -16.67
CA ALA A 515 31.96 4.98 -16.02
C ALA A 515 31.02 4.86 -14.83
N PRO A 516 31.00 5.86 -13.95
CA PRO A 516 30.07 5.80 -12.82
C PRO A 516 28.62 5.93 -13.26
N LEU A 517 28.09 4.87 -13.86
CA LEU A 517 26.71 4.84 -14.35
C LEU A 517 25.84 4.13 -13.31
N THR A 518 24.97 4.88 -12.65
CA THR A 518 24.11 4.31 -11.62
C THR A 518 23.08 3.37 -12.25
N ILE A 519 22.70 2.34 -11.50
CA ILE A 519 21.74 1.35 -11.94
C ILE A 519 20.37 1.74 -11.42
N ASN A 520 19.39 1.85 -12.32
CA ASN A 520 18.03 2.18 -11.97
C ASN A 520 17.10 1.70 -13.08
N ASN A 521 15.80 1.81 -12.85
CA ASN A 521 14.81 1.24 -13.77
C ASN A 521 14.89 1.86 -15.15
N GLU A 522 14.89 3.20 -15.23
CA GLU A 522 14.84 3.86 -16.52
C GLU A 522 16.02 3.46 -17.39
N ARG A 523 17.21 3.33 -16.79
CA ARG A 523 18.36 2.89 -17.55
C ARG A 523 18.33 1.39 -17.81
N ALA A 524 17.86 0.60 -16.85
CA ALA A 524 17.88 -0.85 -17.00
C ALA A 524 16.81 -1.37 -17.95
N GLN A 525 15.77 -0.58 -18.24
CA GLN A 525 14.73 -1.03 -19.16
C GLN A 525 15.27 -1.15 -20.58
N TYR A 526 16.23 -0.32 -20.96
CA TYR A 526 16.77 -0.29 -22.31
C TYR A 526 18.13 -0.94 -22.45
N ILE A 527 19.07 -0.62 -21.56
CA ILE A 527 20.38 -1.25 -21.54
C ILE A 527 20.44 -2.18 -20.34
N GLU A 528 21.48 -3.01 -20.29
CA GLU A 528 21.64 -3.97 -19.21
C GLU A 528 22.97 -3.73 -18.51
N PHE A 529 22.92 -3.68 -17.18
CA PHE A 529 24.10 -3.41 -16.37
C PHE A 529 24.71 -4.70 -15.85
N SER A 530 26.03 -4.71 -15.73
CA SER A 530 26.72 -5.81 -15.07
C SER A 530 26.51 -5.70 -13.57
N LYS A 531 27.09 -6.64 -12.83
CA LYS A 531 27.07 -6.53 -11.37
C LYS A 531 27.84 -5.28 -10.96
N PRO A 532 27.40 -4.57 -9.93
CA PRO A 532 28.06 -3.31 -9.56
C PRO A 532 29.53 -3.52 -9.20
N PHE A 533 30.38 -2.65 -9.72
CA PHE A 533 31.79 -2.65 -9.35
C PHE A 533 32.10 -1.66 -8.25
N LYS A 534 31.10 -0.91 -7.77
CA LYS A 534 31.29 0.04 -6.68
C LYS A 534 29.93 0.36 -6.10
N TYR A 535 29.72 0.05 -4.82
CA TYR A 535 28.45 0.31 -4.15
C TYR A 535 28.53 1.65 -3.44
N GLN A 536 27.52 2.49 -3.65
CA GLN A 536 27.55 3.87 -3.19
C GLN A 536 26.11 4.36 -3.05
N GLY A 537 25.95 5.63 -2.69
CA GLY A 537 24.63 6.20 -2.49
C GLY A 537 24.66 7.68 -2.71
N LEU A 538 23.49 8.31 -2.62
CA LEU A 538 23.38 9.74 -2.78
C LEU A 538 23.68 10.44 -1.47
N THR A 539 24.37 11.58 -1.55
CA THR A 539 24.73 12.35 -0.38
C THR A 539 24.88 13.81 -0.78
N ILE A 540 25.09 14.66 0.22
CA ILE A 540 25.09 16.11 0.05
C ILE A 540 26.44 16.66 0.45
N LEU A 541 27.03 17.46 -0.43
CA LEU A 541 28.29 18.14 -0.18
C LEU A 541 28.01 19.61 0.07
N VAL A 542 28.58 20.15 1.15
CA VAL A 542 28.36 21.53 1.56
C VAL A 542 29.71 22.14 1.95
N LYS A 543 29.67 23.44 2.22
CA LYS A 543 30.86 24.16 2.64
C LYS A 543 31.26 23.74 4.05
N LYS A 544 32.58 23.63 4.27
CA LYS A 544 33.08 23.25 5.58
C LYS A 544 32.70 24.29 6.64
N GLU A 545 32.76 25.57 6.28
CA GLU A 545 32.43 26.68 7.18
C GLU A 545 33.33 26.64 8.41
N ILE A 546 34.61 26.91 8.15
CA ILE A 546 35.57 27.04 9.25
C ILE A 546 35.12 28.18 10.17
N PRO A 547 35.27 28.06 11.48
CA PRO A 547 34.70 29.08 12.36
C PRO A 547 35.48 30.39 12.41
N ARG A 548 34.74 31.49 12.50
CA ARG A 548 35.32 32.82 12.46
C ARG A 548 35.55 33.30 13.90
N SER A 549 36.79 33.65 14.20
CA SER A 549 37.19 34.09 15.53
C SER A 549 37.65 35.53 15.46
N THR A 550 37.13 36.36 16.35
CA THR A 550 37.44 37.79 16.40
C THR A 550 38.34 38.08 17.60
N LEU A 551 38.89 39.29 17.60
CA LEU A 551 39.77 39.71 18.68
C LEU A 551 39.03 39.83 20.00
N ASP A 552 37.79 40.32 19.96
CA ASP A 552 36.99 40.50 21.16
C ASP A 552 36.30 39.22 21.64
N SER A 553 36.71 38.06 21.09
CA SER A 553 36.04 36.81 21.45
C SER A 553 36.09 36.54 22.94
N PHE A 554 37.14 36.98 23.62
CA PHE A 554 37.23 36.74 25.06
C PHE A 554 36.26 37.62 25.84
N MET A 555 35.94 38.80 25.34
CA MET A 555 35.01 39.69 26.02
C MET A 555 33.57 39.52 25.53
N GLN A 556 33.32 38.57 24.65
CA GLN A 556 31.97 38.33 24.17
C GLN A 556 30.98 37.90 25.25
N PRO A 557 31.31 37.00 26.19
CA PRO A 557 30.27 36.50 27.11
C PRO A 557 29.54 37.57 27.89
N PHE A 558 30.21 38.68 28.20
CA PHE A 558 29.57 39.81 28.86
C PHE A 558 29.37 40.93 27.85
N GLN A 559 28.17 41.51 27.84
CA GLN A 559 27.93 42.64 26.96
C GLN A 559 28.68 43.87 27.46
N SER A 560 28.82 44.87 26.58
CA SER A 560 29.58 46.06 26.92
C SER A 560 28.99 46.75 28.14
N THR A 561 27.67 46.77 28.25
CA THR A 561 27.04 47.39 29.42
C THR A 561 27.41 46.64 30.70
N LEU A 562 27.47 45.31 30.64
CA LEU A 562 27.86 44.54 31.82
C LEU A 562 29.32 44.77 32.18
N TRP A 563 30.19 44.87 31.17
CA TRP A 563 31.59 45.17 31.43
C TRP A 563 31.74 46.54 32.10
N LEU A 564 31.04 47.54 31.59
CA LEU A 564 31.09 48.86 32.20
C LEU A 564 30.54 48.82 33.62
N LEU A 565 29.45 48.08 33.84
CA LEU A 565 28.85 48.01 35.17
C LEU A 565 29.80 47.38 36.17
N VAL A 566 30.45 46.28 35.79
CA VAL A 566 31.35 45.62 36.73
C VAL A 566 32.59 46.47 36.96
N GLY A 567 33.10 47.14 35.91
CA GLY A 567 34.23 48.02 36.08
C GLY A 567 33.94 49.18 37.02
N LEU A 568 32.74 49.76 36.90
CA LEU A 568 32.33 50.81 37.83
C LEU A 568 32.15 50.26 39.24
N SER A 569 31.59 49.05 39.36
CA SER A 569 31.32 48.47 40.67
C SER A 569 32.60 48.19 41.43
N VAL A 570 33.65 47.75 40.72
CA VAL A 570 34.93 47.49 41.40
C VAL A 570 35.42 48.75 42.11
N HIS A 571 35.44 49.87 41.38
CA HIS A 571 35.93 51.11 41.96
C HIS A 571 35.00 51.63 43.04
N VAL A 572 33.68 51.48 42.86
CA VAL A 572 32.74 51.92 43.89
C VAL A 572 33.00 51.16 45.18
N VAL A 573 33.15 49.84 45.09
CA VAL A 573 33.41 49.04 46.28
C VAL A 573 34.73 49.43 46.91
N ALA A 574 35.76 49.65 46.09
CA ALA A 574 37.06 50.00 46.65
C ALA A 574 37.01 51.33 47.41
N VAL A 575 36.48 52.38 46.77
CA VAL A 575 36.47 53.69 47.42
C VAL A 575 35.54 53.71 48.63
N MET A 576 34.42 52.97 48.58
CA MET A 576 33.57 52.99 49.76
C MET A 576 34.15 52.13 50.88
N LEU A 577 34.90 51.09 50.54
CA LEU A 577 35.68 50.36 51.55
C LEU A 577 36.66 51.29 52.24
N TYR A 578 37.37 52.10 51.45
CA TYR A 578 38.24 53.12 52.04
C TYR A 578 37.45 54.09 52.92
N LEU A 579 36.28 54.52 52.46
CA LEU A 579 35.49 55.47 53.23
C LEU A 579 35.09 54.89 54.59
N LEU A 580 34.67 53.63 54.61
CA LEU A 580 34.29 53.03 55.88
C LEU A 580 35.47 52.60 56.73
N ASP A 581 36.66 52.45 56.13
CA ASP A 581 37.81 52.06 56.95
C ASP A 581 38.50 53.26 57.55
N ARG A 582 38.69 54.33 56.77
CA ARG A 582 39.30 55.56 57.31
C ARG A 582 38.41 56.19 58.37
N PHE A 583 37.10 56.21 58.14
CA PHE A 583 36.15 56.83 59.06
C PHE A 583 35.69 55.87 60.16
N SER A 584 36.45 54.81 60.42
CA SER A 584 36.06 53.85 61.43
C SER A 584 36.14 54.47 62.82
N PRO A 585 35.31 54.02 63.76
CA PRO A 585 35.37 54.57 65.13
C PRO A 585 36.72 54.37 65.79
N PHE A 586 37.41 53.27 65.52
CA PHE A 586 38.72 53.02 66.11
C PHE A 586 39.83 53.57 65.21
N LEU A 601 44.93 50.88 55.34
CA LEU A 601 44.36 50.57 54.04
C LEU A 601 44.25 51.84 53.20
N THR A 602 45.33 52.18 52.51
CA THR A 602 45.34 53.38 51.68
C THR A 602 44.52 53.16 50.41
N LEU A 603 44.34 54.22 49.63
CA LEU A 603 43.51 54.15 48.44
C LEU A 603 44.06 53.14 47.43
N SER A 604 45.38 53.16 47.25
CA SER A 604 46.00 52.13 46.42
C SER A 604 45.77 50.75 47.01
N SER A 605 45.86 50.62 48.34
CA SER A 605 45.65 49.33 48.97
C SER A 605 44.22 48.83 48.76
N ALA A 606 43.23 49.71 48.94
CA ALA A 606 41.84 49.29 48.74
C ALA A 606 41.56 48.94 47.28
N MET A 607 42.07 49.76 46.36
CA MET A 607 41.88 49.46 44.94
C MET A 607 42.54 48.14 44.57
N TRP A 608 43.73 47.88 45.10
CA TRP A 608 44.42 46.63 44.81
C TRP A 608 43.68 45.44 45.42
N PHE A 609 43.14 45.60 46.62
CA PHE A 609 42.36 44.52 47.22
C PHE A 609 41.14 44.19 46.36
N SER A 610 40.41 45.22 45.91
CA SER A 610 39.25 44.97 45.07
C SER A 610 39.64 44.30 43.76
N TRP A 611 40.69 44.79 43.11
CA TRP A 611 41.09 44.24 41.82
C TRP A 611 41.60 42.82 41.95
N GLY A 612 42.41 42.53 42.97
CA GLY A 612 42.92 41.19 43.17
C GLY A 612 41.89 40.21 43.68
N VAL A 613 40.85 40.70 44.33
CA VAL A 613 39.72 39.82 44.66
C VAL A 613 38.92 39.50 43.41
N LEU A 614 38.71 40.49 42.54
CA LEU A 614 37.95 40.26 41.32
C LEU A 614 38.63 39.18 40.47
N LEU A 615 39.84 39.45 40.02
CA LEU A 615 40.65 38.47 39.31
C LEU A 615 41.74 37.96 40.25
N ASN A 616 41.79 36.64 40.43
CA ASN A 616 42.61 36.05 41.48
C ASN A 616 44.08 36.28 41.16
N SER A 617 44.70 37.22 41.87
CA SER A 617 46.11 37.53 41.63
C SER A 617 46.94 37.70 42.89
N GLY A 618 46.35 38.02 44.04
CA GLY A 618 47.13 38.22 45.25
C GLY A 618 47.82 39.56 45.36
N ILE A 619 47.45 40.53 44.52
CA ILE A 619 48.07 41.85 44.59
C ILE A 619 47.68 42.61 45.84
N GLY A 620 46.71 42.13 46.60
CA GLY A 620 46.32 42.78 47.83
C GLY A 620 46.89 42.11 49.07
N GLU A 621 47.90 42.71 49.68
CA GLU A 621 48.43 42.24 50.95
C GLU A 621 47.64 42.77 52.13
N GLY A 622 46.74 43.71 51.93
CA GLY A 622 46.00 44.35 53.02
C GLY A 622 44.54 44.00 52.98
N ALA A 623 44.00 43.64 54.13
CA ALA A 623 42.59 43.31 54.29
C ALA A 623 41.91 44.38 55.16
N PRO A 624 40.60 44.58 54.99
CA PRO A 624 39.90 45.55 55.83
C PRO A 624 39.96 45.18 57.30
N ARG A 625 40.06 46.20 58.16
CA ARG A 625 40.10 45.99 59.59
C ARG A 625 38.80 46.38 60.29
N SER A 626 38.02 47.28 59.72
CA SER A 626 36.74 47.65 60.30
C SER A 626 35.67 46.64 59.91
N PHE A 627 34.73 46.41 60.83
CA PHE A 627 33.76 45.32 60.68
C PHE A 627 32.90 45.52 59.44
N SER A 628 32.39 46.74 59.24
CA SER A 628 31.57 47.01 58.06
C SER A 628 32.39 46.81 56.78
N ALA A 629 33.64 47.27 56.79
CA ALA A 629 34.50 47.07 55.64
C ALA A 629 34.78 45.60 55.40
N ARG A 630 34.98 44.82 56.47
CA ARG A 630 35.19 43.39 56.29
C ARG A 630 33.98 42.72 55.66
N ILE A 631 32.78 43.04 56.15
CA ILE A 631 31.57 42.44 55.62
C ILE A 631 31.40 42.80 54.15
N LEU A 632 31.53 44.09 53.83
CA LEU A 632 31.38 44.51 52.44
C LEU A 632 32.41 43.85 51.54
N GLY A 633 33.67 43.86 51.97
CA GLY A 633 34.72 43.30 51.14
C GLY A 633 34.53 41.82 50.90
N MET A 634 34.04 41.09 51.90
CA MET A 634 33.90 39.66 51.70
C MET A 634 32.68 39.32 50.85
N VAL A 635 31.57 40.03 51.02
CA VAL A 635 30.48 39.75 50.10
C VAL A 635 30.88 40.18 48.69
N TRP A 636 31.72 41.21 48.58
CA TRP A 636 32.28 41.58 47.28
C TRP A 636 33.16 40.47 46.73
N ALA A 637 33.87 39.75 47.60
CA ALA A 637 34.64 38.59 47.16
C ALA A 637 33.72 37.52 46.60
N GLY A 638 32.60 37.27 47.29
CA GLY A 638 31.62 36.34 46.75
C GLY A 638 31.06 36.79 45.41
N PHE A 639 30.78 38.10 45.29
CA PHE A 639 30.28 38.64 44.03
C PHE A 639 31.29 38.46 42.91
N ALA A 640 32.57 38.72 43.20
CA ALA A 640 33.61 38.55 42.21
C ALA A 640 33.74 37.10 41.79
N MET A 641 33.64 36.17 42.75
CA MET A 641 33.63 34.76 42.41
C MET A 641 32.46 34.42 41.50
N ILE A 642 31.28 34.97 41.79
CA ILE A 642 30.11 34.69 40.97
C ILE A 642 30.32 35.21 39.55
N ILE A 643 30.85 36.42 39.43
CA ILE A 643 31.11 37.01 38.12
C ILE A 643 32.10 36.15 37.34
N VAL A 644 33.18 35.74 38.00
CA VAL A 644 34.20 34.95 37.33
C VAL A 644 33.63 33.61 36.87
N ALA A 645 32.85 32.96 37.73
CA ALA A 645 32.26 31.68 37.35
C ALA A 645 31.28 31.83 36.19
N SER A 646 30.45 32.87 36.22
CA SER A 646 29.50 33.08 35.14
C SER A 646 30.21 33.38 33.83
N TYR A 647 31.30 34.15 33.88
CA TYR A 647 32.05 34.47 32.66
C TYR A 647 32.78 33.23 32.14
N THR A 648 33.27 32.39 33.05
CA THR A 648 34.01 31.19 32.67
C THR A 648 33.09 30.12 32.09
N ALA A 649 31.85 30.06 32.57
CA ALA A 649 30.96 28.95 32.22
C ALA A 649 30.81 28.78 30.72
N ASN A 650 30.66 29.89 29.99
CA ASN A 650 30.46 29.82 28.54
C ASN A 650 31.58 30.51 27.76
N LEU A 651 32.76 30.67 28.38
CA LEU A 651 33.86 31.33 27.68
C LEU A 651 34.34 30.51 26.48
N ALA A 652 34.43 29.19 26.64
CA ALA A 652 34.95 28.35 25.56
C ALA A 652 34.06 28.41 24.33
N ALA A 653 32.74 28.42 24.53
CA ALA A 653 31.81 28.50 23.41
C ALA A 653 31.99 29.79 22.63
N PHE A 654 32.17 30.91 23.33
CA PHE A 654 32.37 32.19 22.66
C PHE A 654 33.75 32.34 22.06
N LEU A 655 34.74 31.60 22.57
CA LEU A 655 36.07 31.65 21.97
C LEU A 655 36.06 31.09 20.56
N VAL A 656 35.37 29.96 20.34
CA VAL A 656 35.26 29.33 19.05
C VAL A 656 33.78 29.33 18.67
N LEU A 657 33.38 30.26 17.81
CA LEU A 657 31.97 30.44 17.46
C LEU A 657 31.58 29.39 16.42
N ASP A 658 31.28 28.19 16.91
CA ASP A 658 30.75 27.14 16.05
C ASP A 658 29.24 27.27 15.95
N ARG A 659 28.71 27.06 14.75
CA ARG A 659 27.30 27.28 14.48
C ARG A 659 26.69 26.04 13.83
N PRO A 660 25.39 25.82 14.01
CA PRO A 660 24.74 24.66 13.39
C PRO A 660 24.28 24.90 11.96
N GLU A 661 24.62 26.04 11.35
CA GLU A 661 24.30 26.26 9.94
C GLU A 661 24.98 25.21 9.06
N GLU A 662 26.25 24.94 9.33
CA GLU A 662 26.95 23.84 8.69
C GLU A 662 26.50 22.52 9.32
N ARG A 663 26.89 21.42 8.69
CA ARG A 663 26.51 20.08 9.11
C ARG A 663 24.98 19.92 9.07
N ILE A 664 24.43 20.13 7.87
CA ILE A 664 23.04 19.82 7.62
C ILE A 664 22.83 18.34 7.85
N THR A 665 21.69 17.98 8.44
CA THR A 665 21.40 16.57 8.65
C THR A 665 21.35 15.83 7.32
N GLY A 666 20.68 16.40 6.32
CA GLY A 666 20.56 15.77 5.02
C GLY A 666 19.24 16.12 4.35
N ILE A 667 18.72 15.20 3.53
CA ILE A 667 17.43 15.44 2.90
C ILE A 667 16.31 15.45 3.93
N ASN A 668 16.48 14.72 5.04
CA ASN A 668 15.48 14.70 6.09
C ASN A 668 15.36 16.03 6.81
N ASP A 669 16.30 16.94 6.61
CA ASP A 669 16.21 18.27 7.20
C ASP A 669 14.98 18.98 6.65
N PRO A 670 14.11 19.53 7.51
CA PRO A 670 13.01 20.36 7.01
C PRO A 670 13.48 21.58 6.23
N ARG A 671 14.73 22.01 6.41
CA ARG A 671 15.29 23.00 5.51
C ARG A 671 15.34 22.47 4.08
N LEU A 672 15.70 21.20 3.92
CA LEU A 672 15.65 20.57 2.61
C LEU A 672 14.22 20.25 2.18
N ARG A 673 13.34 19.95 3.14
CA ARG A 673 11.94 19.67 2.81
C ARG A 673 11.29 20.88 2.15
N ASN A 674 11.45 22.06 2.75
CA ASN A 674 10.84 23.28 2.26
C ASN A 674 11.90 24.20 1.68
N PRO A 675 12.01 24.32 0.37
CA PRO A 675 13.03 25.19 -0.22
C PRO A 675 12.76 26.66 0.06
N SER A 676 13.83 27.44 0.12
CA SER A 676 13.76 28.88 0.30
C SER A 676 14.70 29.56 -0.68
N ASP A 677 14.43 30.84 -0.94
CA ASP A 677 15.28 31.59 -1.86
C ASP A 677 16.69 31.74 -1.32
N LYS A 678 16.83 31.93 -0.01
CA LYS A 678 18.15 32.13 0.58
C LYS A 678 18.98 30.86 0.54
N PHE A 679 18.34 29.69 0.68
CA PHE A 679 19.04 28.41 0.72
C PHE A 679 18.86 27.72 -0.62
N ILE A 680 19.92 27.72 -1.44
CA ILE A 680 19.88 27.18 -2.79
C ILE A 680 20.75 25.92 -2.83
N TYR A 681 20.14 24.81 -3.23
CA TYR A 681 20.83 23.54 -3.38
C TYR A 681 20.45 22.91 -4.71
N ALA A 682 21.39 22.16 -5.29
CA ALA A 682 21.21 21.69 -6.65
C ALA A 682 21.91 20.35 -6.83
N THR A 683 21.96 19.90 -8.08
CA THR A 683 22.60 18.66 -8.47
C THR A 683 23.00 18.77 -9.94
N VAL A 684 23.37 17.66 -10.56
CA VAL A 684 23.78 17.64 -11.95
C VAL A 684 22.56 17.40 -12.83
N LYS A 685 22.39 18.25 -13.84
CA LYS A 685 21.25 18.13 -14.74
C LYS A 685 21.37 16.87 -15.59
N GLN A 686 20.24 16.19 -15.79
CA GLN A 686 20.16 14.99 -16.61
C GLN A 686 21.12 13.91 -16.12
N SER A 687 20.87 13.45 -14.89
CA SER A 687 21.68 12.41 -14.26
C SER A 687 20.77 11.50 -13.46
N SER A 688 21.37 10.49 -12.82
CA SER A 688 20.59 9.50 -12.10
C SER A 688 19.86 10.10 -10.91
N VAL A 689 20.52 11.00 -10.17
CA VAL A 689 19.88 11.62 -9.02
C VAL A 689 18.72 12.50 -9.45
N ASP A 690 18.85 13.17 -10.62
CA ASP A 690 17.75 13.95 -11.15
C ASP A 690 16.54 13.04 -11.44
N ILE A 691 16.78 11.88 -12.02
CA ILE A 691 15.71 10.93 -12.28
C ILE A 691 15.08 10.46 -10.97
N TYR A 692 15.92 10.19 -9.97
CA TYR A 692 15.43 9.71 -8.69
C TYR A 692 14.53 10.75 -8.03
N PHE A 693 14.91 12.03 -8.10
CA PHE A 693 14.06 13.07 -7.54
C PHE A 693 12.80 13.30 -8.36
N ARG A 694 12.90 13.16 -9.69
CA ARG A 694 11.72 13.31 -10.54
C ARG A 694 10.69 12.24 -10.24
N ARG A 695 11.12 10.98 -10.12
CA ARG A 695 10.20 9.87 -9.99
C ARG A 695 9.70 9.66 -8.57
N GLN A 696 10.43 10.12 -7.56
CA GLN A 696 10.00 9.94 -6.18
C GLN A 696 8.66 10.61 -5.94
N VAL A 697 7.81 9.95 -5.15
CA VAL A 697 6.42 10.38 -5.01
C VAL A 697 6.32 11.70 -4.25
N GLU A 698 7.16 11.90 -3.23
CA GLU A 698 6.91 12.96 -2.26
C GLU A 698 7.90 14.12 -2.35
N LEU A 699 9.10 13.91 -2.91
CA LEU A 699 10.09 14.98 -2.98
C LEU A 699 9.92 15.87 -4.20
N SER A 700 8.72 15.91 -4.79
CA SER A 700 8.50 16.74 -5.97
C SER A 700 8.57 18.23 -5.63
N THR A 701 8.17 18.60 -4.41
CA THR A 701 8.16 20.01 -4.02
C THR A 701 9.54 20.62 -4.10
N MET A 702 10.57 19.88 -3.69
CA MET A 702 11.94 20.36 -3.81
C MET A 702 12.56 20.01 -5.15
N TYR A 703 12.03 19.02 -5.86
CA TYR A 703 12.46 18.80 -7.23
C TYR A 703 12.15 20.02 -8.10
N ARG A 704 10.99 20.64 -7.87
CA ARG A 704 10.65 21.85 -8.60
C ARG A 704 11.67 22.95 -8.33
N HIS A 705 12.10 23.08 -7.06
CA HIS A 705 13.13 24.07 -6.73
C HIS A 705 14.45 23.74 -7.40
N MET A 706 14.84 22.46 -7.40
CA MET A 706 16.13 22.07 -7.96
C MET A 706 16.16 22.14 -9.48
N GLU A 707 15.00 22.05 -10.14
CA GLU A 707 14.99 22.02 -11.60
C GLU A 707 15.53 23.31 -12.21
N LYS A 708 15.42 24.42 -11.51
CA LYS A 708 15.86 25.71 -12.02
C LYS A 708 17.29 26.06 -11.61
N HIS A 709 17.97 25.20 -10.87
CA HIS A 709 19.34 25.46 -10.44
C HIS A 709 20.30 24.33 -10.81
N ASN A 710 19.86 23.36 -11.60
CA ASN A 710 20.70 22.21 -11.93
C ASN A 710 21.92 22.65 -12.73
N TYR A 711 23.05 22.00 -12.48
CA TYR A 711 24.31 22.33 -13.13
C TYR A 711 24.61 21.35 -14.26
N GLU A 712 25.47 21.80 -15.18
CA GLU A 712 25.77 21.00 -16.36
C GLU A 712 26.67 19.81 -16.02
N SER A 713 27.62 19.99 -15.11
CA SER A 713 28.55 18.93 -14.76
C SER A 713 28.82 18.95 -13.27
N ALA A 714 29.31 17.82 -12.76
CA ALA A 714 29.58 17.70 -11.33
C ALA A 714 30.71 18.63 -10.89
N ALA A 715 31.72 18.80 -11.74
CA ALA A 715 32.84 19.68 -11.39
C ALA A 715 32.37 21.12 -11.22
N GLU A 716 31.49 21.58 -12.10
CA GLU A 716 30.96 22.93 -11.99
C GLU A 716 30.19 23.12 -10.68
N ALA A 717 29.37 22.13 -10.33
CA ALA A 717 28.60 22.22 -9.08
C ALA A 717 29.53 22.22 -7.87
N ILE A 718 30.58 21.40 -7.90
CA ILE A 718 31.53 21.36 -6.79
C ILE A 718 32.24 22.71 -6.67
N GLN A 719 32.64 23.29 -7.80
CA GLN A 719 33.28 24.60 -7.76
C GLN A 719 32.32 25.67 -7.23
N ALA A 720 31.05 25.60 -7.64
CA ALA A 720 30.07 26.57 -7.16
C ALA A 720 29.86 26.43 -5.65
N VAL A 721 29.87 25.20 -5.14
CA VAL A 721 29.79 24.99 -3.70
C VAL A 721 31.03 25.54 -3.02
N ARG A 722 32.20 25.41 -3.66
CA ARG A 722 33.45 25.81 -3.04
C ARG A 722 33.51 27.32 -2.80
N ASP A 723 33.01 28.12 -3.74
CA ASP A 723 32.99 29.56 -3.59
C ASP A 723 31.63 30.09 -3.15
N ASN A 724 30.80 29.23 -2.54
CA ASN A 724 29.56 29.59 -1.87
C ASN A 724 28.48 30.12 -2.82
N LYS A 725 28.58 29.81 -4.12
CA LYS A 725 27.44 30.09 -4.99
C LYS A 725 26.33 29.08 -4.79
N LEU A 726 26.68 27.85 -4.44
CA LEU A 726 25.72 26.78 -4.17
C LEU A 726 25.86 26.33 -2.72
N HIS A 727 24.74 26.30 -2.00
CA HIS A 727 24.79 25.91 -0.59
C HIS A 727 24.98 24.41 -0.42
N ALA A 728 24.34 23.60 -1.27
CA ALA A 728 24.42 22.16 -1.15
C ALA A 728 24.36 21.52 -2.53
N PHE A 729 25.13 20.44 -2.70
CA PHE A 729 25.20 19.72 -3.97
C PHE A 729 24.91 18.25 -3.70
N ILE A 730 23.89 17.70 -4.37
CA ILE A 730 23.48 16.32 -4.17
C ILE A 730 24.11 15.47 -5.27
N TRP A 731 24.87 14.45 -4.88
CA TRP A 731 25.63 13.66 -5.85
C TRP A 731 26.02 12.32 -5.22
N ASP A 732 26.72 11.50 -5.99
CA ASP A 732 27.08 10.17 -5.57
C ASP A 732 28.00 10.20 -4.36
N SER A 733 27.93 9.15 -3.53
CA SER A 733 28.73 9.10 -2.32
C SER A 733 30.22 9.05 -2.63
N ALA A 734 30.61 8.27 -3.64
CA ALA A 734 32.02 8.10 -3.94
C ALA A 734 32.68 9.42 -4.34
N VAL A 735 32.09 10.12 -5.31
CA VAL A 735 32.68 11.36 -5.82
C VAL A 735 32.69 12.42 -4.73
N LEU A 736 31.56 12.58 -4.02
CA LEU A 736 31.48 13.62 -3.00
C LEU A 736 32.43 13.34 -1.84
N GLU A 737 32.54 12.08 -1.42
CA GLU A 737 33.46 11.74 -0.34
C GLU A 737 34.91 11.94 -0.77
N PHE A 738 35.24 11.60 -2.01
CA PHE A 738 36.59 11.84 -2.51
C PHE A 738 36.91 13.33 -2.53
N GLU A 739 35.95 14.16 -2.99
CA GLU A 739 36.17 15.59 -3.01
C GLU A 739 36.31 16.15 -1.59
N ALA A 740 35.50 15.65 -0.66
CA ALA A 740 35.60 16.11 0.72
C ALA A 740 36.95 15.74 1.32
N SER A 741 37.46 14.55 1.02
CA SER A 741 38.79 14.18 1.50
C SER A 741 39.87 15.06 0.86
N GLN A 742 39.75 15.33 -0.45
CA GLN A 742 40.77 16.13 -1.12
C GLN A 742 40.67 17.60 -0.74
N LYS A 743 39.47 18.15 -0.71
CA LYS A 743 39.26 19.58 -0.46
C LYS A 743 38.94 19.79 1.01
N CYS A 744 39.75 20.63 1.67
CA CYS A 744 39.56 20.87 3.09
C CYS A 744 38.31 21.69 3.37
N ASP A 745 37.87 22.49 2.41
CA ASP A 745 36.75 23.41 2.60
C ASP A 745 35.40 22.81 2.22
N LEU A 746 35.34 21.53 1.86
CA LEU A 746 34.10 20.87 1.51
C LEU A 746 33.90 19.65 2.40
N VAL A 747 32.65 19.39 2.79
CA VAL A 747 32.34 18.27 3.67
C VAL A 747 31.00 17.66 3.30
N THR A 748 30.86 16.36 3.52
CA THR A 748 29.62 15.66 3.26
C THR A 748 28.66 15.80 4.44
N THR A 749 27.46 15.24 4.28
CA THR A 749 26.40 15.41 5.28
C THR A 749 25.96 14.11 5.95
N GLY A 750 26.06 12.97 5.28
CA GLY A 750 25.70 11.71 5.89
C GLY A 750 24.33 11.19 5.51
N GLU A 751 23.97 10.07 6.15
CA GLU A 751 22.77 9.28 5.90
C GLU A 751 22.58 9.05 4.38
N LEU A 752 23.51 8.28 3.83
CA LEU A 752 23.45 7.89 2.44
C LEU A 752 22.07 7.35 2.10
N PHE A 753 21.48 7.87 1.02
CA PHE A 753 20.16 7.45 0.57
C PHE A 753 20.23 7.07 -0.90
N PHE A 754 19.22 6.31 -1.34
CA PHE A 754 19.20 5.73 -2.69
C PHE A 754 20.47 4.90 -2.93
N ARG A 755 20.65 3.90 -2.07
CA ARG A 755 21.82 3.04 -2.17
C ARG A 755 21.75 2.21 -3.45
N SER A 756 22.78 2.32 -4.27
CA SER A 756 22.84 1.63 -5.55
C SER A 756 24.31 1.35 -5.85
N GLY A 757 24.61 1.03 -7.11
CA GLY A 757 25.97 0.76 -7.49
C GLY A 757 26.24 1.20 -8.92
N PHE A 758 27.52 1.44 -9.20
CA PHE A 758 27.95 1.76 -10.54
C PHE A 758 28.08 0.49 -11.36
N GLY A 759 27.48 0.48 -12.55
CA GLY A 759 27.51 -0.70 -13.40
C GLY A 759 28.07 -0.37 -14.77
N ILE A 760 28.71 -1.37 -15.36
CA ILE A 760 29.27 -1.25 -16.71
C ILE A 760 28.15 -1.62 -17.66
N GLY A 761 27.41 -0.61 -18.12
CA GLY A 761 26.24 -0.87 -18.94
C GLY A 761 26.62 -1.27 -20.35
N MET A 762 25.86 -2.21 -20.91
CA MET A 762 26.00 -2.63 -22.30
C MET A 762 24.61 -2.72 -22.92
N ARG A 763 24.58 -3.01 -24.21
CA ARG A 763 23.31 -3.16 -24.90
C ARG A 763 22.58 -4.41 -24.42
N LYS A 764 21.26 -4.43 -24.65
CA LYS A 764 20.44 -5.52 -24.13
C LYS A 764 20.84 -6.86 -24.74
N ASP A 765 21.14 -6.88 -26.04
CA ASP A 765 21.58 -8.08 -26.73
C ASP A 765 23.08 -7.95 -26.99
N SER A 766 23.87 -8.40 -26.02
CA SER A 766 25.32 -8.31 -26.09
C SER A 766 25.93 -9.67 -25.75
N PRO A 767 27.11 -9.98 -26.28
CA PRO A 767 27.78 -11.23 -25.92
C PRO A 767 28.68 -11.14 -24.69
N TRP A 768 28.99 -9.94 -24.22
CA TRP A 768 29.91 -9.77 -23.11
C TRP A 768 29.22 -9.66 -21.75
N LYS A 769 27.89 -9.74 -21.71
CA LYS A 769 27.17 -9.49 -20.46
C LYS A 769 27.62 -10.44 -19.35
N GLN A 770 27.54 -11.74 -19.62
CA GLN A 770 27.89 -12.72 -18.60
C GLN A 770 29.37 -12.66 -18.26
N ASN A 771 30.23 -12.54 -19.26
CA ASN A 771 31.67 -12.51 -19.00
C ASN A 771 32.07 -11.26 -18.24
N VAL A 772 31.51 -10.10 -18.60
CA VAL A 772 31.85 -8.87 -17.87
C VAL A 772 31.35 -8.95 -16.44
N SER A 773 30.13 -9.46 -16.23
CA SER A 773 29.61 -9.58 -14.88
C SER A 773 30.46 -10.54 -14.05
N LEU A 774 30.87 -11.67 -14.64
CA LEU A 774 31.70 -12.62 -13.92
C LEU A 774 33.07 -12.03 -13.59
N SER A 775 33.64 -11.26 -14.52
CA SER A 775 34.93 -10.64 -14.26
C SER A 775 34.83 -9.60 -13.15
N ILE A 776 33.74 -8.82 -13.15
CA ILE A 776 33.53 -7.85 -12.07
C ILE A 776 33.41 -8.57 -10.74
N LEU A 777 32.64 -9.66 -10.70
CA LEU A 777 32.49 -10.42 -9.45
C LEU A 777 33.83 -11.00 -9.00
N LYS A 778 34.59 -11.57 -9.92
CA LYS A 778 35.88 -12.15 -9.55
C LYS A 778 36.84 -11.09 -9.04
N SER A 779 36.86 -9.92 -9.67
CA SER A 779 37.68 -8.83 -9.18
C SER A 779 37.22 -8.36 -7.80
N HIS A 780 35.91 -8.45 -7.54
CA HIS A 780 35.42 -8.13 -6.20
C HIS A 780 35.92 -9.14 -5.17
N GLU A 781 35.88 -10.43 -5.51
CA GLU A 781 36.22 -11.46 -4.52
C GLU A 781 37.67 -11.33 -4.06
N ASN A 782 38.61 -11.27 -5.00
CA ASN A 782 40.01 -11.11 -4.63
C ASN A 782 40.27 -9.63 -4.35
N GLY A 783 41.54 -9.28 -4.13
CA GLY A 783 41.86 -7.91 -3.76
C GLY A 783 42.19 -7.02 -4.94
N PHE A 784 41.25 -6.87 -5.88
CA PHE A 784 41.45 -5.94 -6.99
C PHE A 784 40.65 -4.65 -6.82
N MET A 785 39.36 -4.76 -6.50
CA MET A 785 38.58 -3.56 -6.21
C MET A 785 39.13 -2.84 -4.99
N GLU A 786 39.61 -3.59 -4.00
CA GLU A 786 40.27 -2.97 -2.85
C GLU A 786 41.51 -2.20 -3.29
N ASP A 787 42.30 -2.79 -4.19
CA ASP A 787 43.49 -2.10 -4.69
C ASP A 787 43.13 -0.84 -5.43
N LEU A 788 42.08 -0.91 -6.27
CA LEU A 788 41.65 0.28 -7.01
C LEU A 788 41.16 1.37 -6.06
N ASP A 789 40.40 0.99 -5.03
CA ASP A 789 39.95 1.97 -4.04
C ASP A 789 41.14 2.59 -3.31
N LYS A 790 42.12 1.78 -2.93
CA LYS A 790 43.29 2.31 -2.24
C LYS A 790 44.07 3.28 -3.11
N THR A 791 44.26 2.94 -4.39
CA THR A 791 45.09 3.75 -5.26
C THR A 791 44.37 4.93 -5.90
N TRP A 792 43.04 4.98 -5.83
CA TRP A 792 42.33 6.04 -6.54
C TRP A 792 41.37 6.81 -5.65
N VAL A 793 40.76 6.13 -4.66
CA VAL A 793 39.71 6.73 -3.85
C VAL A 793 40.14 6.88 -2.39
N ARG A 794 40.89 5.92 -1.85
CA ARG A 794 41.16 5.84 -0.43
C ARG A 794 42.49 6.46 -0.04
N TYR A 795 42.91 7.54 -0.71
CA TYR A 795 44.02 8.34 -0.24
C TYR A 795 43.50 9.67 0.26
N GLN A 796 44.08 10.18 1.34
CA GLN A 796 43.56 11.34 2.04
C GLN A 796 44.64 12.41 2.16
N GLU A 797 44.20 13.66 2.07
CA GLU A 797 45.07 14.82 2.26
C GLU A 797 44.73 15.60 3.52
N CYS A 798 43.46 16.00 3.67
CA CYS A 798 43.01 16.69 4.88
C CYS A 798 41.62 16.17 5.22
N ASP A 799 41.43 15.73 6.47
CA ASP A 799 40.16 15.20 6.93
C ASP A 799 39.52 16.09 7.98
N SER A 800 40.20 16.34 9.10
CA SER A 800 39.72 17.22 10.16
C SER A 800 38.30 16.85 10.60
N ARG A 801 38.02 15.54 10.64
CA ARG A 801 36.71 15.04 10.99
C ARG A 801 36.82 14.21 12.26
N SER A 802 36.30 14.75 13.37
CA SER A 802 36.32 14.04 14.64
C SER A 802 35.23 14.62 15.54
N ASN A 803 34.67 13.76 16.39
CA ASN A 803 33.65 14.18 17.33
C ASN A 803 34.22 14.88 18.55
N ALA A 804 35.53 14.86 18.73
CA ALA A 804 36.15 15.50 19.88
C ALA A 804 36.02 17.02 19.77
N PRO A 805 36.00 17.73 20.91
CA PRO A 805 35.93 19.19 20.85
C PRO A 805 37.16 19.78 20.17
N ALA A 806 36.96 20.93 19.53
CA ALA A 806 38.02 21.55 18.75
C ALA A 806 39.18 21.97 19.65
N THR A 807 40.39 21.83 19.13
CA THR A 807 41.59 22.22 19.84
C THR A 807 41.90 23.69 19.56
N LEU A 808 42.17 24.45 20.61
CA LEU A 808 42.46 25.87 20.46
C LEU A 808 43.76 26.06 19.66
N THR A 809 43.73 27.02 18.74
CA THR A 809 44.87 27.33 17.89
C THR A 809 45.04 28.85 17.92
N PHE A 810 45.98 29.38 17.12
CA PHE A 810 46.27 30.80 17.14
C PHE A 810 45.05 31.64 16.76
N GLU A 811 44.34 31.23 15.71
CA GLU A 811 43.22 32.03 15.21
C GLU A 811 42.08 32.06 16.22
N ASN A 812 41.75 30.92 16.82
CA ASN A 812 40.60 30.88 17.73
C ASN A 812 40.83 31.75 18.95
N MET A 813 42.05 31.74 19.50
CA MET A 813 42.38 32.60 20.64
C MET A 813 43.66 33.36 20.32
N ALA A 814 43.48 34.61 19.88
CA ALA A 814 44.55 35.59 19.76
C ALA A 814 44.19 36.93 20.37
N GLY A 815 42.92 37.18 20.65
CA GLY A 815 42.53 38.39 21.34
C GLY A 815 43.15 38.49 22.73
N VAL A 816 43.31 37.35 23.41
CA VAL A 816 43.95 37.36 24.72
C VAL A 816 45.44 37.69 24.59
N PHE A 817 46.09 37.17 23.54
CA PHE A 817 47.49 37.51 23.31
C PHE A 817 47.65 39.00 23.02
N MET A 818 46.77 39.55 22.19
CA MET A 818 46.83 40.98 21.91
C MET A 818 46.44 41.80 23.14
N LEU A 819 45.62 41.25 24.02
CA LEU A 819 45.31 41.92 25.28
C LEU A 819 46.54 41.99 26.17
N VAL A 820 47.32 40.90 26.22
CA VAL A 820 48.56 40.93 26.99
C VAL A 820 49.54 41.92 26.37
N ALA A 821 49.62 41.96 25.04
CA ALA A 821 50.48 42.94 24.38
C ALA A 821 50.02 44.36 24.68
N GLY A 822 48.71 44.60 24.70
CA GLY A 822 48.19 45.90 25.06
C GLY A 822 48.49 46.26 26.51
N GLY A 823 48.46 45.27 27.40
CA GLY A 823 48.90 45.52 28.76
C GLY A 823 50.36 45.92 28.81
N ILE A 824 51.20 45.27 28.02
CA ILE A 824 52.62 45.65 27.92
C ILE A 824 52.74 47.10 27.48
N VAL A 825 52.06 47.45 26.39
CA VAL A 825 52.21 48.79 25.82
C VAL A 825 51.60 49.84 26.74
N ALA A 826 50.57 49.49 27.51
CA ALA A 826 49.98 50.43 28.45
C ALA A 826 50.89 50.64 29.66
N GLY A 827 51.48 49.56 30.17
CA GLY A 827 52.42 49.70 31.27
C GLY A 827 53.67 50.48 30.88
N ILE A 828 54.10 50.35 29.62
CA ILE A 828 55.25 51.10 29.15
C ILE A 828 55.03 52.61 29.27
N PHE A 829 53.79 53.08 29.14
CA PHE A 829 53.49 54.49 29.37
C PHE A 829 53.12 54.78 30.82
N LEU A 830 52.50 53.83 31.51
CA LEU A 830 52.10 54.05 32.89
C LEU A 830 53.31 54.18 33.81
N ILE A 831 54.42 53.53 33.48
CA ILE A 831 55.62 53.68 34.28
C ILE A 831 56.13 55.13 34.22
N PHE A 832 56.14 55.71 33.02
CA PHE A 832 56.52 57.11 32.88
C PHE A 832 55.52 58.03 33.57
N ILE A 833 54.23 57.69 33.48
CA ILE A 833 53.21 58.50 34.15
C ILE A 833 53.43 58.49 35.66
N GLU A 834 53.72 57.32 36.22
CA GLU A 834 53.95 57.22 37.66
C GLU A 834 55.24 57.93 38.07
N ILE A 835 56.26 57.87 37.22
CA ILE A 835 57.49 58.61 37.50
C ILE A 835 57.21 60.12 37.53
N ALA A 836 56.43 60.60 36.55
CA ALA A 836 56.07 62.02 36.53
C ALA A 836 55.25 62.40 37.76
N TYR A 837 54.34 61.53 38.18
CA TYR A 837 53.55 61.80 39.38
C TYR A 837 54.46 61.86 40.61
N LYS A 838 55.42 60.94 40.71
CA LYS A 838 56.37 60.96 41.82
C LYS A 838 57.25 62.20 41.79
N ARG A 839 57.48 62.75 40.59
CA ARG A 839 58.26 63.99 40.49
C ARG A 839 57.57 65.14 41.21
N HIS A 840 56.25 65.23 41.09
CA HIS A 840 55.48 66.26 41.77
C HIS A 840 55.49 66.05 43.27
N PRO B 32 -1.33 35.35 -65.84
CA PRO B 32 -1.77 33.95 -65.87
C PRO B 32 -3.07 33.73 -65.10
N ALA B 33 -3.99 32.98 -65.71
CA ALA B 33 -5.28 32.68 -65.11
C ALA B 33 -5.29 31.22 -64.67
N LEU B 34 -5.70 30.99 -63.42
CA LEU B 34 -5.74 29.65 -62.85
C LEU B 34 -7.17 29.11 -62.91
N ASN B 35 -7.35 28.00 -63.61
CA ASN B 35 -8.66 27.37 -63.76
C ASN B 35 -8.79 26.26 -62.72
N ILE B 36 -9.81 26.37 -61.87
CA ILE B 36 -10.07 25.40 -60.82
C ILE B 36 -11.51 24.92 -60.97
N ALA B 37 -11.69 23.60 -60.94
CA ALA B 37 -13.01 22.99 -61.09
C ALA B 37 -13.55 22.55 -59.74
N VAL B 38 -14.85 22.71 -59.57
CA VAL B 38 -15.57 22.27 -58.37
C VAL B 38 -16.69 21.34 -58.81
N LEU B 39 -16.75 20.16 -58.19
CA LEU B 39 -17.76 19.15 -58.54
C LEU B 39 -18.47 18.69 -57.27
N LEU B 40 -19.78 18.89 -57.23
CA LEU B 40 -20.60 18.51 -56.08
C LEU B 40 -21.78 17.67 -56.56
N GLY B 41 -22.49 17.09 -55.59
CA GLY B 41 -23.67 16.31 -55.90
C GLY B 41 -24.95 17.15 -55.85
N HIS B 42 -26.02 16.56 -56.40
CA HIS B 42 -27.31 17.23 -56.41
C HIS B 42 -28.00 17.21 -55.06
N SER B 43 -27.58 16.35 -54.14
CA SER B 43 -28.17 16.34 -52.81
C SER B 43 -27.88 17.64 -52.07
N HIS B 44 -26.84 18.36 -52.47
CA HIS B 44 -26.51 19.65 -51.88
C HIS B 44 -27.22 20.77 -52.63
N ASP B 45 -27.83 21.69 -51.88
CA ASP B 45 -28.62 22.76 -52.49
C ASP B 45 -27.78 23.87 -53.09
N VAL B 46 -26.46 23.85 -52.88
CA VAL B 46 -25.60 24.92 -53.40
C VAL B 46 -25.55 24.84 -54.92
N THR B 47 -25.86 25.95 -55.57
CA THR B 47 -25.88 26.01 -57.03
C THR B 47 -24.51 26.42 -57.57
N GLU B 48 -24.34 26.25 -58.88
CA GLU B 48 -23.08 26.56 -59.52
C GLU B 48 -22.76 28.06 -59.40
N ARG B 49 -23.77 28.91 -59.54
CA ARG B 49 -23.55 30.35 -59.43
C ARG B 49 -23.04 30.73 -58.05
N GLU B 50 -23.56 30.08 -57.01
CA GLU B 50 -23.06 30.34 -55.66
C GLU B 50 -21.60 29.93 -55.53
N LEU B 51 -21.22 28.79 -56.13
CA LEU B 51 -19.82 28.37 -56.10
C LEU B 51 -18.93 29.37 -56.81
N ARG B 52 -19.38 29.88 -57.96
CA ARG B 52 -18.60 30.88 -58.68
C ARG B 52 -18.47 32.16 -57.86
N ASN B 53 -19.55 32.59 -57.21
CA ASN B 53 -19.53 33.80 -56.40
C ASN B 53 -18.72 33.63 -55.12
N LEU B 54 -18.50 32.39 -54.68
CA LEU B 54 -17.71 32.16 -53.47
C LEU B 54 -16.32 32.74 -53.60
N TRP B 55 -15.72 32.64 -54.79
CA TRP B 55 -14.39 33.22 -55.02
C TRP B 55 -14.50 34.64 -55.55
N GLY B 56 -15.24 35.46 -54.81
CA GLY B 56 -15.33 36.87 -55.10
C GLY B 56 -15.11 37.81 -53.92
N PRO B 57 -14.16 37.51 -53.02
CA PRO B 57 -13.95 38.41 -51.89
C PRO B 57 -13.31 39.73 -52.30
N GLU B 58 -12.49 39.72 -53.36
CA GLU B 58 -11.90 40.91 -53.94
C GLU B 58 -11.03 41.67 -52.92
N GLN B 59 -10.00 40.99 -52.43
CA GLN B 59 -8.96 41.61 -51.63
C GLN B 59 -7.58 41.21 -52.12
N ALA B 60 -7.44 41.00 -53.44
CA ALA B 60 -6.22 40.53 -54.06
C ALA B 60 -5.78 39.20 -53.46
N THR B 61 -6.66 38.20 -53.60
CA THR B 61 -6.35 36.87 -53.09
C THR B 61 -5.13 36.27 -53.79
N GLY B 62 -5.07 36.41 -55.12
CA GLY B 62 -3.92 35.97 -55.86
C GLY B 62 -3.09 37.14 -56.37
N LEU B 63 -1.93 37.35 -55.75
CA LEU B 63 -1.08 38.46 -56.16
C LEU B 63 -0.59 38.32 -57.60
N PRO B 64 -0.02 37.19 -58.04
CA PRO B 64 0.43 37.08 -59.43
C PRO B 64 -0.55 36.39 -60.38
N LEU B 65 -1.77 36.09 -59.94
CA LEU B 65 -2.68 35.31 -60.76
C LEU B 65 -4.12 35.61 -60.36
N ASP B 66 -5.04 35.25 -61.25
CA ASP B 66 -6.48 35.36 -61.01
C ASP B 66 -7.11 34.00 -61.27
N VAL B 67 -8.13 33.68 -60.47
CA VAL B 67 -8.80 32.38 -60.53
C VAL B 67 -10.19 32.57 -61.12
N ASN B 68 -10.47 31.87 -62.21
CA ASN B 68 -11.80 31.84 -62.81
C ASN B 68 -12.41 30.48 -62.52
N VAL B 69 -13.22 30.42 -61.45
CA VAL B 69 -13.74 29.14 -60.97
C VAL B 69 -14.80 28.62 -61.92
N VAL B 70 -14.69 27.34 -62.28
CA VAL B 70 -15.67 26.65 -63.10
C VAL B 70 -16.35 25.60 -62.22
N ALA B 71 -17.68 25.53 -62.29
CA ALA B 71 -18.46 24.63 -61.47
C ALA B 71 -19.26 23.67 -62.35
N LEU B 72 -19.59 22.51 -61.79
CA LEU B 72 -20.35 21.50 -62.50
C LEU B 72 -20.85 20.48 -61.47
N LEU B 73 -22.01 19.90 -61.74
CA LEU B 73 -22.61 18.90 -60.87
C LEU B 73 -22.85 17.60 -61.64
N MET B 74 -23.08 16.53 -60.89
CA MET B 74 -23.45 15.25 -61.48
C MET B 74 -24.63 14.67 -60.73
N ASN B 75 -25.41 13.83 -61.41
CA ASN B 75 -26.54 13.17 -60.76
C ASN B 75 -26.07 12.23 -59.66
N ARG B 76 -25.15 11.33 -59.98
CA ARG B 76 -24.63 10.37 -59.03
C ARG B 76 -23.16 10.11 -59.33
N THR B 77 -22.48 9.50 -58.36
CA THR B 77 -21.06 9.19 -58.49
C THR B 77 -20.88 7.76 -58.99
N ASP B 78 -20.19 7.61 -60.12
CA ASP B 78 -19.90 6.30 -60.70
C ASP B 78 -18.67 6.45 -61.57
N PRO B 79 -17.90 5.36 -61.78
CA PRO B 79 -16.60 5.49 -62.45
C PRO B 79 -16.63 6.16 -63.82
N LYS B 80 -17.42 5.62 -64.75
CA LYS B 80 -17.38 6.11 -66.12
C LYS B 80 -17.81 7.57 -66.20
N SER B 81 -18.94 7.90 -65.57
CA SER B 81 -19.41 9.28 -65.60
C SER B 81 -18.45 10.23 -64.90
N LEU B 82 -17.84 9.79 -63.79
CA LEU B 82 -16.87 10.62 -63.10
C LEU B 82 -15.67 10.92 -63.98
N ILE B 83 -15.15 9.89 -64.67
CA ILE B 83 -14.01 10.08 -65.57
C ILE B 83 -14.37 11.06 -66.68
N THR B 84 -15.54 10.83 -67.31
CA THR B 84 -15.96 11.69 -68.40
C THR B 84 -16.13 13.13 -67.94
N HIS B 85 -16.75 13.33 -66.77
CA HIS B 85 -16.92 14.68 -66.24
C HIS B 85 -15.57 15.34 -65.98
N VAL B 86 -14.66 14.62 -65.32
CA VAL B 86 -13.38 15.23 -64.93
C VAL B 86 -12.59 15.66 -66.16
N CYS B 87 -12.40 14.77 -67.12
CA CYS B 87 -11.57 15.23 -68.24
C CYS B 87 -12.36 15.91 -69.34
N ASP B 88 -13.70 15.97 -69.26
CA ASP B 88 -14.43 16.92 -70.07
C ASP B 88 -14.26 18.32 -69.54
N LEU B 89 -14.25 18.48 -68.21
CA LEU B 89 -13.88 19.75 -67.62
C LEU B 89 -12.45 20.11 -67.97
N MET B 90 -11.56 19.11 -68.00
CA MET B 90 -10.19 19.36 -68.45
C MET B 90 -10.16 19.82 -69.90
N SER B 91 -10.93 19.17 -70.78
CA SER B 91 -10.91 19.53 -72.20
C SER B 91 -11.49 20.92 -72.43
N GLY B 92 -12.57 21.26 -71.75
CA GLY B 92 -13.21 22.54 -71.97
C GLY B 92 -12.53 23.70 -71.28
N ALA B 93 -12.30 23.58 -69.96
CA ALA B 93 -11.90 24.71 -69.14
C ALA B 93 -10.41 24.77 -68.83
N ARG B 94 -9.60 23.80 -69.29
CA ARG B 94 -8.16 23.80 -69.02
C ARG B 94 -7.89 23.91 -67.52
N ILE B 95 -8.62 23.11 -66.74
CA ILE B 95 -8.52 23.19 -65.28
C ILE B 95 -7.16 22.71 -64.82
N HIS B 96 -6.63 23.35 -63.78
CA HIS B 96 -5.39 22.94 -63.14
C HIS B 96 -5.62 22.40 -61.73
N GLY B 97 -6.86 22.17 -61.34
CA GLY B 97 -7.17 21.64 -60.02
C GLY B 97 -8.57 21.11 -59.97
N LEU B 98 -8.89 20.45 -58.85
CA LEU B 98 -10.22 19.89 -58.65
C LEU B 98 -10.55 19.94 -57.17
N VAL B 99 -11.79 20.31 -56.85
CA VAL B 99 -12.25 20.44 -55.48
C VAL B 99 -13.46 19.54 -55.29
N PHE B 100 -13.45 18.39 -55.96
CA PHE B 100 -14.54 17.41 -55.93
C PHE B 100 -15.11 17.23 -54.53
N GLY B 101 -16.45 17.23 -54.45
CA GLY B 101 -17.14 16.97 -53.21
C GLY B 101 -18.29 16.00 -53.41
N ASP B 102 -18.25 14.86 -52.72
CA ASP B 102 -19.25 13.82 -52.87
C ASP B 102 -20.32 13.95 -51.79
N ASP B 103 -21.50 13.40 -52.08
CA ASP B 103 -22.62 13.43 -51.15
C ASP B 103 -22.84 12.11 -50.44
N THR B 104 -22.65 10.99 -51.11
CA THR B 104 -22.93 9.68 -50.53
C THR B 104 -21.78 9.22 -49.64
N ASP B 105 -21.99 8.10 -48.96
CA ASP B 105 -21.03 7.49 -48.06
C ASP B 105 -20.24 6.36 -48.70
N GLN B 106 -20.12 6.35 -50.01
CA GLN B 106 -19.39 5.30 -50.72
C GLN B 106 -17.90 5.53 -50.58
N GLU B 107 -17.22 4.60 -49.91
CA GLU B 107 -15.78 4.72 -49.67
C GLU B 107 -14.93 4.39 -50.88
N ALA B 108 -15.53 3.93 -51.98
CA ALA B 108 -14.78 3.61 -53.19
C ALA B 108 -14.59 4.81 -54.10
N VAL B 109 -15.24 5.94 -53.81
CA VAL B 109 -15.06 7.13 -54.62
C VAL B 109 -13.70 7.77 -54.37
N ALA B 110 -13.21 7.69 -53.12
CA ALA B 110 -11.92 8.30 -52.79
C ALA B 110 -10.80 7.69 -53.62
N GLN B 111 -10.77 6.36 -53.73
CA GLN B 111 -9.77 5.70 -54.55
C GLN B 111 -9.89 6.13 -56.00
N MET B 112 -11.11 6.15 -56.53
CA MET B 112 -11.33 6.46 -57.93
C MET B 112 -10.81 7.86 -58.25
N LEU B 113 -11.09 8.81 -57.35
CA LEU B 113 -10.56 10.17 -57.49
C LEU B 113 -9.04 10.17 -57.44
N ASP B 114 -8.46 9.41 -56.52
CA ASP B 114 -7.01 9.41 -56.36
C ASP B 114 -6.32 8.95 -57.63
N PHE B 115 -6.89 7.95 -58.29
CA PHE B 115 -6.29 7.46 -59.53
C PHE B 115 -6.65 8.28 -60.75
N ILE B 116 -7.76 9.04 -60.75
CA ILE B 116 -7.87 10.09 -61.75
C ILE B 116 -6.74 11.09 -61.58
N SER B 117 -6.42 11.46 -60.34
CA SER B 117 -5.29 12.34 -60.11
C SER B 117 -3.98 11.70 -60.57
N SER B 118 -3.84 10.40 -60.37
CA SER B 118 -2.63 9.69 -60.77
C SER B 118 -2.45 9.71 -62.30
N GLN B 119 -3.51 9.39 -63.04
CA GLN B 119 -3.43 9.29 -64.49
C GLN B 119 -3.76 10.60 -65.22
N THR B 120 -3.98 11.69 -64.49
CA THR B 120 -4.18 12.99 -65.12
C THR B 120 -3.34 14.10 -64.54
N PHE B 121 -2.68 13.89 -63.40
CA PHE B 121 -1.78 14.86 -62.78
C PHE B 121 -2.48 16.15 -62.40
N ILE B 122 -3.78 16.10 -62.15
CA ILE B 122 -4.54 17.26 -61.67
C ILE B 122 -4.67 17.14 -60.15
N PRO B 123 -4.33 18.18 -59.39
CA PRO B 123 -4.46 18.08 -57.93
C PRO B 123 -5.92 18.01 -57.51
N ILE B 124 -6.36 16.84 -57.07
CA ILE B 124 -7.74 16.59 -56.69
C ILE B 124 -7.86 16.69 -55.18
N LEU B 125 -8.93 17.34 -54.72
CA LEU B 125 -9.21 17.49 -53.30
C LEU B 125 -10.53 16.84 -52.99
N GLY B 126 -10.51 15.82 -52.13
CA GLY B 126 -11.72 15.21 -51.63
C GLY B 126 -12.32 16.05 -50.53
N ILE B 127 -13.52 16.60 -50.78
CA ILE B 127 -14.10 17.61 -49.90
C ILE B 127 -15.10 16.97 -48.95
N HIS B 128 -16.09 16.27 -49.49
CA HIS B 128 -17.21 15.79 -48.69
C HIS B 128 -17.59 14.40 -49.13
N GLY B 129 -18.30 13.70 -48.25
CA GLY B 129 -18.83 12.39 -48.60
C GLY B 129 -17.74 11.33 -48.65
N GLY B 130 -17.93 10.37 -49.56
CA GLY B 130 -17.00 9.25 -49.65
C GLY B 130 -15.59 9.68 -50.01
N ALA B 131 -15.46 10.74 -50.82
CA ALA B 131 -14.13 11.24 -51.16
C ALA B 131 -13.40 11.80 -49.94
N SER B 132 -14.11 12.12 -48.87
CA SER B 132 -13.50 12.70 -47.69
C SER B 132 -12.98 11.65 -46.71
N MET B 133 -13.30 10.38 -46.91
CA MET B 133 -12.80 9.33 -46.01
C MET B 133 -11.34 9.03 -46.31
N ILE B 134 -10.52 8.96 -45.26
CA ILE B 134 -9.08 8.85 -45.43
C ILE B 134 -8.71 7.44 -45.89
N MET B 135 -7.95 7.37 -46.97
CA MET B 135 -7.40 6.13 -47.48
C MET B 135 -5.98 5.95 -46.96
N ALA B 136 -5.60 4.70 -46.68
CA ALA B 136 -4.34 4.43 -46.01
C ALA B 136 -3.15 4.86 -46.85
N ASP B 137 -2.94 4.22 -48.00
CA ASP B 137 -1.79 4.48 -48.85
C ASP B 137 -2.26 4.98 -50.22
N LYS B 138 -1.73 6.12 -50.63
CA LYS B 138 -2.00 6.68 -51.96
C LYS B 138 -0.85 6.35 -52.90
N ASP B 139 -1.10 6.53 -54.19
CA ASP B 139 -0.05 6.37 -55.17
C ASP B 139 0.98 7.48 -55.01
N PRO B 140 2.28 7.15 -55.04
CA PRO B 140 3.30 8.20 -54.87
C PRO B 140 3.27 9.26 -55.95
N THR B 141 2.86 8.90 -57.17
CA THR B 141 2.82 9.84 -58.29
C THR B 141 1.49 10.57 -58.41
N SER B 142 0.56 10.34 -57.49
CA SER B 142 -0.77 10.94 -57.56
C SER B 142 -0.85 12.13 -56.60
N THR B 143 -1.28 13.27 -57.12
CA THR B 143 -1.45 14.48 -56.32
C THR B 143 -2.91 14.56 -55.90
N PHE B 144 -3.27 13.76 -54.91
CA PHE B 144 -4.62 13.70 -54.40
C PHE B 144 -4.59 13.91 -52.89
N PHE B 145 -5.41 14.84 -52.41
CA PHE B 145 -5.43 15.18 -51.00
C PHE B 145 -6.87 15.23 -50.51
N GLN B 146 -7.08 14.86 -49.25
CA GLN B 146 -8.41 14.69 -48.70
C GLN B 146 -8.63 15.59 -47.50
N PHE B 147 -9.87 16.05 -47.35
CA PHE B 147 -10.29 16.81 -46.17
C PHE B 147 -10.80 15.81 -45.13
N GLY B 148 -9.86 15.17 -44.45
CA GLY B 148 -10.21 14.17 -43.46
C GLY B 148 -9.06 13.95 -42.50
N ALA B 149 -9.30 13.10 -41.52
CA ALA B 149 -8.33 12.79 -40.48
C ALA B 149 -8.01 11.30 -40.52
N SER B 150 -6.73 10.96 -40.57
CA SER B 150 -6.32 9.57 -40.57
C SER B 150 -6.55 8.95 -39.20
N ILE B 151 -6.43 7.62 -39.16
CA ILE B 151 -6.64 6.91 -37.90
C ILE B 151 -5.62 7.33 -36.84
N GLN B 152 -4.44 7.77 -37.28
CA GLN B 152 -3.44 8.27 -36.33
C GLN B 152 -3.93 9.52 -35.62
N GLN B 153 -4.53 10.45 -36.37
CA GLN B 153 -5.03 11.68 -35.76
C GLN B 153 -6.20 11.40 -34.83
N GLN B 154 -7.10 10.48 -35.22
CA GLN B 154 -8.21 10.12 -34.35
C GLN B 154 -7.72 9.46 -33.07
N ALA B 155 -6.70 8.59 -33.18
CA ALA B 155 -6.13 7.98 -31.98
C ALA B 155 -5.47 9.04 -31.10
N THR B 156 -4.80 10.02 -31.70
CA THR B 156 -4.21 11.10 -30.92
C THR B 156 -5.28 11.88 -30.16
N VAL B 157 -6.40 12.19 -30.83
CA VAL B 157 -7.47 12.92 -30.16
C VAL B 157 -8.07 12.08 -29.04
N MET B 158 -8.22 10.78 -29.27
CA MET B 158 -8.76 9.91 -28.22
C MET B 158 -7.86 9.87 -27.01
N LEU B 159 -6.54 9.77 -27.23
CA LEU B 159 -5.61 9.78 -26.11
C LEU B 159 -5.59 11.13 -25.40
N LYS B 160 -5.78 12.23 -26.14
CA LYS B 160 -5.89 13.52 -25.49
C LYS B 160 -7.14 13.59 -24.61
N ILE B 161 -8.25 13.01 -25.10
CA ILE B 161 -9.46 12.92 -24.27
C ILE B 161 -9.17 12.17 -22.98
N MET B 162 -8.52 11.00 -23.10
CA MET B 162 -8.24 10.20 -21.92
C MET B 162 -7.32 10.96 -20.96
N GLN B 163 -6.31 11.65 -21.49
CA GLN B 163 -5.41 12.42 -20.65
C GLN B 163 -6.17 13.53 -19.92
N ASP B 164 -7.12 14.17 -20.60
CA ASP B 164 -7.92 15.20 -19.93
C ASP B 164 -8.81 14.60 -18.85
N TYR B 165 -9.32 13.38 -19.07
CA TYR B 165 -10.22 12.75 -18.11
C TYR B 165 -9.57 11.68 -17.26
N ASP B 166 -8.26 11.47 -17.42
CA ASP B 166 -7.50 10.53 -16.59
C ASP B 166 -8.09 9.12 -16.64
N TRP B 167 -8.50 8.69 -17.83
CA TRP B 167 -9.00 7.33 -18.03
C TRP B 167 -7.87 6.43 -18.55
N HIS B 168 -6.81 6.34 -17.73
CA HIS B 168 -5.58 5.70 -18.18
C HIS B 168 -5.78 4.22 -18.48
N VAL B 169 -6.53 3.52 -17.63
CA VAL B 169 -6.75 2.09 -17.85
C VAL B 169 -7.67 1.90 -19.05
N PHE B 170 -7.26 1.04 -19.98
CA PHE B 170 -8.09 0.82 -21.16
C PHE B 170 -7.78 -0.55 -21.76
N SER B 171 -8.83 -1.18 -22.28
CA SER B 171 -8.72 -2.44 -23.01
C SER B 171 -9.08 -2.19 -24.46
N LEU B 172 -8.16 -2.49 -25.36
CA LEU B 172 -8.25 -2.07 -26.76
C LEU B 172 -8.73 -3.23 -27.62
N VAL B 173 -10.02 -3.24 -27.93
CA VAL B 173 -10.66 -4.30 -28.71
C VAL B 173 -10.55 -3.96 -30.19
N THR B 174 -10.19 -4.95 -31.01
CA THR B 174 -10.03 -4.74 -32.45
C THR B 174 -10.73 -5.89 -33.17
N THR B 175 -10.46 -5.98 -34.48
CA THR B 175 -10.97 -7.05 -35.33
C THR B 175 -9.96 -7.25 -36.47
N ILE B 176 -10.31 -8.07 -37.44
CA ILE B 176 -9.52 -8.26 -38.64
C ILE B 176 -9.94 -7.21 -39.67
N PHE B 177 -10.75 -6.24 -39.24
CA PHE B 177 -11.14 -5.16 -40.13
C PHE B 177 -9.91 -4.41 -40.62
N PRO B 178 -9.84 -4.08 -41.91
CA PRO B 178 -8.61 -3.52 -42.46
C PRO B 178 -8.20 -2.23 -41.75
N GLY B 179 -6.90 -2.05 -41.60
CA GLY B 179 -6.36 -0.92 -40.87
C GLY B 179 -6.22 -1.15 -39.38
N TYR B 180 -6.65 -2.32 -38.87
CA TYR B 180 -6.52 -2.58 -37.44
C TYR B 180 -5.06 -2.65 -37.03
N ARG B 181 -4.21 -3.23 -37.88
CA ARG B 181 -2.79 -3.33 -37.56
C ARG B 181 -2.16 -1.96 -37.40
N ASP B 182 -2.50 -1.01 -38.28
CA ASP B 182 -1.96 0.34 -38.16
C ASP B 182 -2.43 1.02 -36.88
N PHE B 183 -3.71 0.85 -36.53
CA PHE B 183 -4.23 1.43 -35.29
C PHE B 183 -3.51 0.86 -34.08
N ILE B 184 -3.34 -0.46 -34.03
CA ILE B 184 -2.67 -1.09 -32.90
C ILE B 184 -1.21 -0.64 -32.84
N SER B 185 -0.53 -0.60 -33.99
CA SER B 185 0.87 -0.18 -34.00
C SER B 185 1.03 1.24 -33.52
N PHE B 186 0.18 2.15 -34.00
CA PHE B 186 0.28 3.54 -33.57
C PHE B 186 -0.03 3.69 -32.09
N ILE B 187 -1.05 3.00 -31.59
CA ILE B 187 -1.41 3.14 -30.19
C ILE B 187 -0.31 2.58 -29.30
N LYS B 188 0.29 1.45 -29.70
CA LYS B 188 1.39 0.89 -28.93
C LYS B 188 2.62 1.80 -28.96
N THR B 189 2.92 2.37 -30.13
CA THR B 189 4.06 3.28 -30.24
C THR B 189 3.86 4.50 -29.36
N THR B 190 2.66 5.09 -29.39
CA THR B 190 2.38 6.25 -28.57
C THR B 190 2.45 5.90 -27.08
N VAL B 191 1.91 4.73 -26.70
CA VAL B 191 1.95 4.31 -25.31
C VAL B 191 3.38 4.13 -24.84
N ASP B 192 4.21 3.48 -25.66
CA ASP B 192 5.62 3.30 -25.30
C ASP B 192 6.32 4.64 -25.18
N ASN B 193 6.03 5.57 -26.08
CA ASN B 193 6.59 6.92 -25.99
C ASN B 193 5.86 7.78 -24.96
N SER B 194 4.71 7.33 -24.46
CA SER B 194 3.93 8.15 -23.55
C SER B 194 4.57 8.21 -22.17
N PHE B 195 4.45 9.38 -21.54
CA PHE B 195 4.84 9.58 -20.16
C PHE B 195 3.78 9.14 -19.17
N VAL B 196 2.60 8.74 -19.65
CA VAL B 196 1.50 8.34 -18.78
C VAL B 196 1.56 6.83 -18.59
N GLY B 197 0.90 6.34 -17.53
CA GLY B 197 0.88 4.94 -17.20
C GLY B 197 0.47 4.02 -18.34
N TRP B 198 -0.78 4.12 -18.77
CA TRP B 198 -1.30 3.40 -19.94
C TRP B 198 -1.13 1.89 -19.78
N ASP B 199 -1.78 1.33 -18.76
CA ASP B 199 -1.75 -0.10 -18.58
C ASP B 199 -2.67 -0.79 -19.59
N MET B 200 -2.17 -0.98 -20.80
CA MET B 200 -2.93 -1.64 -21.86
C MET B 200 -3.15 -3.09 -21.45
N GLN B 201 -4.37 -3.40 -21.04
CA GLN B 201 -4.65 -4.72 -20.46
C GLN B 201 -4.62 -5.81 -21.52
N ASN B 202 -5.28 -5.59 -22.66
CA ASN B 202 -5.47 -6.67 -23.62
C ASN B 202 -5.89 -6.11 -24.97
N VAL B 203 -5.71 -6.93 -26.00
CA VAL B 203 -6.11 -6.61 -27.36
C VAL B 203 -6.88 -7.82 -27.88
N ILE B 204 -8.21 -7.74 -27.84
CA ILE B 204 -9.05 -8.82 -28.37
C ILE B 204 -9.25 -8.59 -29.86
N THR B 205 -8.89 -9.59 -30.66
CA THR B 205 -9.11 -9.56 -32.10
C THR B 205 -10.17 -10.61 -32.41
N LEU B 206 -11.42 -10.17 -32.57
CA LEU B 206 -12.53 -11.06 -32.89
C LEU B 206 -12.41 -11.44 -34.37
N ASP B 207 -11.63 -12.49 -34.63
CA ASP B 207 -11.34 -12.88 -36.01
C ASP B 207 -12.61 -13.09 -36.81
N THR B 208 -13.53 -13.88 -36.28
CA THR B 208 -14.83 -14.14 -36.90
C THR B 208 -15.73 -14.77 -35.85
N SER B 209 -16.96 -15.09 -36.26
CA SER B 209 -17.93 -15.76 -35.40
C SER B 209 -18.18 -14.96 -34.12
N PHE B 210 -18.65 -13.73 -34.31
CA PHE B 210 -18.85 -12.82 -33.18
C PHE B 210 -19.87 -13.37 -32.20
N GLU B 211 -20.97 -13.95 -32.72
CA GLU B 211 -22.02 -14.54 -31.90
C GLU B 211 -21.82 -16.04 -31.69
N ASP B 212 -20.57 -16.50 -31.74
CA ASP B 212 -20.28 -17.93 -31.58
C ASP B 212 -19.16 -18.16 -30.57
N ALA B 213 -18.67 -19.39 -30.51
CA ALA B 213 -17.75 -19.79 -29.46
C ALA B 213 -16.36 -19.19 -29.67
N LYS B 214 -15.58 -19.18 -28.58
CA LYS B 214 -14.17 -18.81 -28.53
C LYS B 214 -13.97 -17.30 -28.67
N THR B 215 -15.05 -16.57 -28.98
CA THR B 215 -15.01 -15.12 -28.88
C THR B 215 -15.62 -14.64 -27.57
N GLN B 216 -16.58 -15.39 -27.03
CA GLN B 216 -17.10 -15.10 -25.70
C GLN B 216 -15.99 -15.22 -24.65
N VAL B 217 -15.22 -16.30 -24.72
CA VAL B 217 -14.12 -16.50 -23.78
C VAL B 217 -13.09 -15.40 -23.92
N GLN B 218 -12.85 -14.95 -25.16
CA GLN B 218 -11.97 -13.80 -25.36
C GLN B 218 -12.52 -12.56 -24.68
N LEU B 219 -13.84 -12.34 -24.79
CA LEU B 219 -14.44 -11.15 -24.21
C LEU B 219 -14.47 -11.21 -22.69
N LYS B 220 -14.47 -12.41 -22.10
CA LYS B 220 -14.53 -12.51 -20.64
C LYS B 220 -13.28 -11.96 -19.97
N LYS B 221 -12.14 -11.98 -20.66
CA LYS B 221 -10.91 -11.45 -20.09
C LYS B 221 -10.91 -9.94 -19.98
N ILE B 222 -11.93 -9.26 -20.51
CA ILE B 222 -12.03 -7.82 -20.38
C ILE B 222 -12.30 -7.46 -18.92
N HIS B 223 -11.55 -6.49 -18.41
CA HIS B 223 -11.78 -5.91 -17.10
C HIS B 223 -12.43 -4.54 -17.25
N SER B 224 -13.08 -4.09 -16.18
CA SER B 224 -13.76 -2.80 -16.19
C SER B 224 -12.78 -1.68 -16.52
N SER B 225 -12.93 -1.07 -17.69
CA SER B 225 -11.96 -0.13 -18.20
C SER B 225 -12.50 0.51 -19.47
N VAL B 226 -11.75 1.49 -19.98
CA VAL B 226 -12.09 2.11 -21.25
C VAL B 226 -11.87 1.11 -22.39
N ILE B 227 -12.79 1.06 -23.33
CA ILE B 227 -12.74 0.12 -24.44
C ILE B 227 -12.58 0.90 -25.74
N LEU B 228 -11.46 0.67 -26.42
CA LEU B 228 -11.17 1.35 -27.68
C LEU B 228 -11.59 0.47 -28.86
N LEU B 229 -12.90 0.29 -28.96
CA LEU B 229 -13.47 -0.54 -30.02
C LEU B 229 -13.09 0.00 -31.40
N TYR B 230 -12.69 -0.90 -32.29
CA TYR B 230 -12.28 -0.52 -33.65
C TYR B 230 -12.88 -1.53 -34.63
N CYS B 231 -13.94 -1.13 -35.33
CA CYS B 231 -14.59 -1.99 -36.31
C CYS B 231 -15.62 -1.18 -37.08
N SER B 232 -16.28 -1.84 -38.02
CA SER B 232 -17.34 -1.22 -38.78
C SER B 232 -18.57 -1.01 -37.90
N LYS B 233 -19.54 -0.25 -38.43
CA LYS B 233 -20.69 0.13 -37.63
C LYS B 233 -21.57 -1.08 -37.28
N ASP B 234 -21.95 -1.87 -38.27
CA ASP B 234 -22.82 -3.01 -38.02
C ASP B 234 -22.12 -4.09 -37.20
N GLU B 235 -20.86 -4.36 -37.50
CA GLU B 235 -20.10 -5.31 -36.70
C GLU B 235 -19.98 -4.81 -35.26
N ALA B 236 -19.77 -3.51 -35.09
CA ALA B 236 -19.75 -2.94 -33.74
C ALA B 236 -21.10 -3.08 -33.05
N VAL B 237 -22.19 -3.03 -33.83
CA VAL B 237 -23.51 -3.29 -33.26
C VAL B 237 -23.56 -4.71 -32.71
N LEU B 238 -23.04 -5.67 -33.47
CA LEU B 238 -23.00 -7.05 -33.00
C LEU B 238 -22.17 -7.18 -31.74
N ILE B 239 -20.98 -6.58 -31.72
CA ILE B 239 -20.11 -6.68 -30.56
C ILE B 239 -20.73 -5.98 -29.35
N LEU B 240 -21.44 -4.87 -29.57
CA LEU B 240 -22.09 -4.19 -28.47
C LEU B 240 -23.27 -4.97 -27.92
N SER B 241 -24.03 -5.64 -28.79
CA SER B 241 -25.08 -6.53 -28.31
C SER B 241 -24.49 -7.65 -27.46
N GLU B 242 -23.39 -8.25 -27.92
CA GLU B 242 -22.72 -9.27 -27.12
C GLU B 242 -22.23 -8.70 -25.80
N ALA B 243 -21.64 -7.49 -25.83
CA ALA B 243 -21.11 -6.88 -24.62
C ALA B 243 -22.21 -6.60 -23.60
N ARG B 244 -23.36 -6.11 -24.08
CA ARG B 244 -24.48 -5.89 -23.18
C ARG B 244 -24.99 -7.22 -22.62
N SER B 245 -24.97 -8.28 -23.44
CA SER B 245 -25.32 -9.59 -22.93
C SER B 245 -24.33 -10.05 -21.86
N LEU B 246 -23.08 -9.61 -21.94
CA LEU B 246 -22.07 -9.92 -20.95
C LEU B 246 -21.94 -8.86 -19.88
N GLY B 247 -22.80 -7.85 -19.88
CA GLY B 247 -22.75 -6.79 -18.89
C GLY B 247 -21.48 -5.96 -18.98
N LEU B 248 -21.12 -5.55 -20.20
CA LEU B 248 -19.94 -4.71 -20.43
C LEU B 248 -20.28 -3.24 -20.61
N THR B 249 -21.52 -2.85 -20.32
CA THR B 249 -21.94 -1.46 -20.45
C THR B 249 -22.51 -0.99 -19.12
N GLY B 250 -22.07 0.18 -18.67
CA GLY B 250 -22.55 0.70 -17.41
C GLY B 250 -21.92 2.04 -17.09
N TYR B 251 -22.19 2.51 -15.86
CA TYR B 251 -21.63 3.77 -15.41
C TYR B 251 -20.12 3.70 -15.28
N ASP B 252 -19.58 2.53 -14.94
CA ASP B 252 -18.15 2.34 -14.78
C ASP B 252 -17.48 1.80 -16.04
N PHE B 253 -18.24 1.59 -17.12
CA PHE B 253 -17.70 1.14 -18.40
C PHE B 253 -17.73 2.32 -19.36
N PHE B 254 -16.57 2.68 -19.89
CA PHE B 254 -16.42 3.79 -20.82
C PHE B 254 -15.98 3.27 -22.17
N TRP B 255 -16.57 3.81 -23.24
CA TRP B 255 -16.22 3.40 -24.59
C TRP B 255 -15.86 4.64 -25.39
N ILE B 256 -14.61 4.69 -25.85
CA ILE B 256 -14.14 5.71 -26.77
C ILE B 256 -13.85 5.04 -28.10
N VAL B 257 -14.33 5.63 -29.19
CA VAL B 257 -14.25 4.98 -30.50
C VAL B 257 -13.90 6.00 -31.56
N PRO B 258 -13.28 5.55 -32.64
CA PRO B 258 -12.96 6.46 -33.75
C PRO B 258 -14.19 6.72 -34.62
N SER B 259 -13.97 7.48 -35.70
CA SER B 259 -15.06 7.82 -36.61
C SER B 259 -15.50 6.65 -37.48
N LEU B 260 -14.77 5.54 -37.45
CA LEU B 260 -15.14 4.39 -38.27
C LEU B 260 -16.48 3.83 -37.86
N VAL B 261 -16.74 3.75 -36.56
CA VAL B 261 -17.98 3.16 -36.06
C VAL B 261 -19.11 4.19 -35.93
N SER B 262 -18.79 5.43 -35.57
CA SER B 262 -19.83 6.45 -35.49
C SER B 262 -20.52 6.63 -36.83
N GLY B 263 -19.75 6.71 -37.90
CA GLY B 263 -20.31 6.66 -39.25
C GLY B 263 -21.34 7.75 -39.48
N ASN B 264 -22.50 7.33 -40.00
CA ASN B 264 -23.59 8.27 -40.23
C ASN B 264 -24.21 8.67 -38.90
N THR B 265 -24.10 9.95 -38.55
CA THR B 265 -24.67 10.43 -37.30
C THR B 265 -26.20 10.36 -37.31
N GLU B 266 -26.81 10.50 -38.49
CA GLU B 266 -28.27 10.56 -38.58
C GLU B 266 -28.91 9.28 -38.05
N LEU B 267 -28.35 8.12 -38.39
CA LEU B 267 -28.89 6.85 -37.94
C LEU B 267 -28.01 6.30 -36.82
N ILE B 268 -28.64 5.95 -35.71
CA ILE B 268 -27.92 5.50 -34.52
C ILE B 268 -28.48 4.14 -34.09
N PRO B 269 -27.65 3.12 -33.95
CA PRO B 269 -28.15 1.81 -33.51
C PRO B 269 -28.65 1.86 -32.07
N LYS B 270 -29.61 0.99 -31.78
CA LYS B 270 -30.14 0.90 -30.42
C LYS B 270 -29.15 0.25 -29.45
N GLU B 271 -28.10 -0.38 -29.95
CA GLU B 271 -27.12 -1.03 -29.08
C GLU B 271 -26.05 -0.07 -28.59
N PHE B 272 -25.97 1.13 -29.15
CA PHE B 272 -24.95 2.08 -28.73
C PHE B 272 -25.29 2.63 -27.36
N PRO B 273 -24.44 2.44 -26.35
CA PRO B 273 -24.73 3.01 -25.03
C PRO B 273 -24.59 4.52 -25.05
N SER B 274 -25.39 5.18 -24.21
CA SER B 274 -25.22 6.61 -24.02
C SER B 274 -23.88 6.88 -23.35
N GLY B 275 -23.27 8.00 -23.71
CA GLY B 275 -21.92 8.28 -23.27
C GLY B 275 -20.83 7.66 -24.12
N LEU B 276 -21.17 7.09 -25.26
CA LEU B 276 -20.19 6.50 -26.17
C LEU B 276 -19.43 7.62 -26.86
N ILE B 277 -18.24 7.93 -26.36
CA ILE B 277 -17.44 9.03 -26.90
C ILE B 277 -16.84 8.62 -28.23
N SER B 278 -16.93 9.52 -29.21
CA SER B 278 -16.37 9.28 -30.52
C SER B 278 -15.74 10.57 -31.03
N VAL B 279 -14.85 10.43 -32.01
CA VAL B 279 -14.23 11.57 -32.67
C VAL B 279 -14.51 11.47 -34.16
N SER B 280 -14.79 12.60 -34.79
CA SER B 280 -15.14 12.56 -36.21
C SER B 280 -14.93 13.92 -36.83
N TYR B 281 -14.85 13.95 -38.15
CA TYR B 281 -14.78 15.21 -38.88
C TYR B 281 -16.10 15.96 -38.74
N ASP B 282 -16.02 17.26 -38.48
CA ASP B 282 -17.22 18.02 -38.18
C ASP B 282 -18.04 18.28 -39.43
N ASP B 283 -19.32 17.93 -39.38
CA ASP B 283 -20.27 18.24 -40.43
C ASP B 283 -21.33 19.22 -39.98
N TRP B 284 -21.21 19.74 -38.76
CA TRP B 284 -22.16 20.72 -38.23
C TRP B 284 -21.69 22.15 -38.48
N ASP B 285 -20.50 22.49 -37.96
CA ASP B 285 -19.98 23.84 -38.09
C ASP B 285 -19.20 24.05 -39.38
N TYR B 286 -18.56 23.01 -39.90
CA TYR B 286 -17.74 23.13 -41.11
C TYR B 286 -18.65 22.91 -42.31
N SER B 287 -19.32 23.98 -42.71
CA SER B 287 -20.27 23.91 -43.80
C SER B 287 -19.56 23.67 -45.13
N LEU B 288 -20.30 23.10 -46.09
CA LEU B 288 -19.71 22.76 -47.38
C LEU B 288 -19.25 24.00 -48.14
N GLU B 289 -19.90 25.13 -47.93
CA GLU B 289 -19.43 26.37 -48.53
C GLU B 289 -18.02 26.70 -48.03
N ALA B 290 -17.80 26.55 -46.72
CA ALA B 290 -16.46 26.74 -46.18
C ALA B 290 -15.49 25.69 -46.71
N ARG B 291 -15.98 24.47 -46.94
CA ARG B 291 -15.12 23.42 -47.51
C ARG B 291 -14.62 23.82 -48.89
N VAL B 292 -15.53 24.26 -49.76
CA VAL B 292 -15.14 24.64 -51.12
C VAL B 292 -14.26 25.87 -51.09
N ARG B 293 -14.59 26.84 -50.23
CA ARG B 293 -13.74 28.03 -50.11
C ARG B 293 -12.34 27.67 -49.66
N ASP B 294 -12.21 26.73 -48.71
CA ASP B 294 -10.91 26.31 -48.24
C ASP B 294 -10.14 25.57 -49.32
N GLY B 295 -10.81 24.72 -50.09
CA GLY B 295 -10.14 24.05 -51.20
C GLY B 295 -9.63 25.03 -52.23
N LEU B 296 -10.48 26.02 -52.58
CA LEU B 296 -10.07 27.06 -53.53
C LEU B 296 -8.88 27.84 -52.99
N GLY B 297 -8.91 28.18 -51.70
CA GLY B 297 -7.79 28.91 -51.10
C GLY B 297 -6.52 28.11 -51.10
N ILE B 298 -6.61 26.81 -50.80
CA ILE B 298 -5.42 25.95 -50.81
C ILE B 298 -4.82 25.91 -52.21
N LEU B 299 -5.66 25.67 -53.22
CA LEU B 299 -5.14 25.58 -54.58
C LEU B 299 -4.55 26.91 -55.04
N THR B 300 -5.22 28.02 -54.74
CA THR B 300 -4.72 29.33 -55.14
C THR B 300 -3.40 29.66 -54.44
N THR B 301 -3.30 29.37 -53.14
CA THR B 301 -2.06 29.64 -52.42
C THR B 301 -0.92 28.78 -52.95
N ALA B 302 -1.19 27.51 -53.24
CA ALA B 302 -0.16 26.66 -53.80
C ALA B 302 0.30 27.16 -55.17
N ALA B 303 -0.65 27.59 -56.01
CA ALA B 303 -0.28 28.13 -57.32
C ALA B 303 0.52 29.42 -57.18
N SER B 304 0.15 30.27 -56.23
CA SER B 304 0.90 31.50 -56.01
C SER B 304 2.32 31.21 -55.53
N SER B 305 2.46 30.22 -54.63
CA SER B 305 3.80 29.83 -54.18
C SER B 305 4.61 29.26 -55.35
N MET B 306 3.96 28.50 -56.24
CA MET B 306 4.64 28.01 -57.42
C MET B 306 5.13 29.16 -58.29
N LEU B 307 4.27 30.16 -58.52
CA LEU B 307 4.66 31.31 -59.34
C LEU B 307 5.81 32.07 -58.69
N GLU B 308 5.78 32.23 -57.38
CA GLU B 308 6.87 32.90 -56.68
C GLU B 308 8.17 32.11 -56.79
N LYS B 309 8.09 30.78 -56.71
CA LYS B 309 9.28 29.94 -56.76
C LYS B 309 9.65 29.55 -58.19
N PHE B 310 8.73 28.90 -58.90
CA PHE B 310 8.99 28.43 -60.24
C PHE B 310 8.62 29.51 -61.26
N SER B 311 8.62 29.15 -62.54
CA SER B 311 8.45 30.14 -63.61
C SER B 311 6.98 30.44 -63.86
N TYR B 312 6.19 29.44 -64.23
CA TYR B 312 4.84 29.66 -64.71
C TYR B 312 3.98 28.44 -64.42
N ILE B 313 2.67 28.62 -64.56
CA ILE B 313 1.69 27.56 -64.36
C ILE B 313 1.82 26.54 -65.48
N PRO B 314 2.05 25.27 -65.17
CA PRO B 314 2.14 24.26 -66.24
C PRO B 314 0.78 24.06 -66.90
N GLU B 315 0.80 23.86 -68.21
CA GLU B 315 -0.43 23.61 -68.94
C GLU B 315 -1.01 22.25 -68.55
N ALA B 316 -2.33 22.18 -68.47
CA ALA B 316 -3.00 20.94 -68.11
C ALA B 316 -2.80 19.88 -69.18
N LYS B 317 -3.02 18.63 -68.79
CA LYS B 317 -2.91 17.53 -69.73
C LYS B 317 -3.94 17.66 -70.84
N ALA B 318 -3.61 17.10 -72.02
CA ALA B 318 -4.48 17.24 -73.17
C ALA B 318 -5.86 16.65 -72.90
N SER B 319 -5.90 15.41 -72.43
CA SER B 319 -7.16 14.73 -72.13
C SER B 319 -6.85 13.43 -71.40
N CYS B 320 -7.91 12.70 -71.06
CA CYS B 320 -7.75 11.34 -70.53
C CYS B 320 -7.07 10.43 -71.53
N TYR B 321 -7.20 10.72 -72.82
CA TYR B 321 -7.03 9.75 -73.88
C TYR B 321 -5.83 10.12 -74.76
N GLY B 322 -5.61 9.32 -75.79
CA GLY B 322 -4.59 9.57 -76.79
C GLY B 322 -3.34 8.73 -76.66
N GLN B 323 -3.07 8.18 -75.47
CA GLN B 323 -1.88 7.38 -75.22
C GLN B 323 -0.62 8.14 -75.65
N ALA B 324 -0.37 9.25 -74.96
CA ALA B 324 0.75 10.11 -75.30
C ALA B 324 2.07 9.38 -75.12
N GLU B 325 2.93 9.47 -76.14
CA GLU B 325 4.24 8.82 -76.12
C GLU B 325 5.24 9.76 -75.45
N LYS B 326 5.16 9.81 -74.13
CA LYS B 326 5.99 10.66 -73.29
C LYS B 326 5.94 10.12 -71.87
N PRO B 327 7.06 10.12 -71.13
CA PRO B 327 7.03 9.52 -69.78
C PRO B 327 6.39 10.43 -68.74
N GLU B 328 5.30 11.11 -69.13
CA GLU B 328 4.32 11.74 -68.25
C GLU B 328 4.90 12.36 -66.99
N THR B 329 5.94 13.18 -67.13
CA THR B 329 6.60 13.79 -65.97
C THR B 329 6.60 15.31 -66.10
N PRO B 330 5.68 16.01 -65.45
CA PRO B 330 5.73 17.48 -65.45
C PRO B 330 6.99 17.98 -64.77
N LEU B 331 7.53 19.08 -65.29
CA LEU B 331 8.75 19.64 -64.72
C LEU B 331 8.53 20.14 -63.29
N HIS B 332 7.42 20.83 -63.06
CA HIS B 332 7.09 21.34 -61.74
C HIS B 332 5.61 21.07 -61.47
N THR B 333 5.30 20.70 -60.22
CA THR B 333 3.95 20.34 -59.82
C THR B 333 3.62 21.00 -58.49
N LEU B 334 2.40 20.75 -58.01
CA LEU B 334 1.91 21.28 -56.75
C LEU B 334 2.09 20.32 -55.59
N HIS B 335 2.74 19.17 -55.82
CA HIS B 335 2.80 18.13 -54.81
C HIS B 335 3.60 18.57 -53.58
N GLN B 336 4.81 19.08 -53.79
CA GLN B 336 5.67 19.42 -52.68
C GLN B 336 5.45 20.85 -52.16
N PHE B 337 4.62 21.65 -52.82
CA PHE B 337 4.27 22.97 -52.32
C PHE B 337 2.99 23.00 -51.50
N MET B 338 2.29 21.87 -51.37
CA MET B 338 1.12 21.79 -50.51
C MET B 338 1.48 21.52 -49.06
N VAL B 339 2.73 21.17 -48.77
CA VAL B 339 3.14 20.98 -47.38
C VAL B 339 3.18 22.30 -46.63
N ASN B 340 3.32 23.42 -47.33
CA ASN B 340 3.34 24.75 -46.72
C ASN B 340 2.29 25.59 -47.43
N VAL B 341 1.04 25.51 -46.97
CA VAL B 341 -0.06 26.30 -47.48
C VAL B 341 -0.74 26.97 -46.29
N THR B 342 -0.85 28.30 -46.33
CA THR B 342 -1.44 29.06 -45.24
C THR B 342 -2.53 29.97 -45.80
N TRP B 343 -3.69 29.95 -45.16
CA TRP B 343 -4.82 30.79 -45.55
C TRP B 343 -4.87 32.01 -44.63
N ASP B 344 -5.95 32.78 -44.73
CA ASP B 344 -6.03 34.05 -44.02
C ASP B 344 -5.96 33.86 -42.51
N GLY B 345 -6.70 32.89 -41.99
CA GLY B 345 -6.79 32.75 -40.55
C GLY B 345 -6.40 31.39 -39.99
N LYS B 346 -6.31 30.39 -40.86
CA LYS B 346 -6.01 29.03 -40.43
C LYS B 346 -4.97 28.41 -41.34
N ASP B 347 -4.26 27.41 -40.80
CA ASP B 347 -3.23 26.70 -41.54
C ASP B 347 -3.84 25.43 -42.13
N LEU B 348 -3.76 25.30 -43.46
CA LEU B 348 -4.35 24.17 -44.17
C LEU B 348 -3.28 23.35 -44.87
N SER B 349 -2.12 23.19 -44.24
CA SER B 349 -1.04 22.41 -44.82
C SER B 349 -1.42 20.94 -44.87
N PHE B 350 -0.71 20.19 -45.71
CA PHE B 350 -0.89 18.76 -45.84
C PHE B 350 0.41 18.03 -45.54
N THR B 351 0.29 16.81 -45.03
CA THR B 351 1.46 15.99 -44.76
C THR B 351 1.90 15.27 -46.03
N GLU B 352 3.01 14.55 -45.95
CA GLU B 352 3.52 13.82 -47.11
C GLU B 352 2.54 12.74 -47.55
N GLU B 353 1.93 12.04 -46.58
CA GLU B 353 1.01 10.96 -46.92
C GLU B 353 -0.31 11.48 -47.49
N GLY B 354 -0.62 12.75 -47.31
CA GLY B 354 -1.84 13.33 -47.81
C GLY B 354 -2.92 13.64 -46.78
N TYR B 355 -2.57 13.79 -45.52
CA TYR B 355 -3.52 14.15 -44.48
C TYR B 355 -3.32 15.60 -44.08
N GLN B 356 -4.42 16.24 -43.66
CA GLN B 356 -4.34 17.60 -43.15
C GLN B 356 -3.50 17.62 -41.88
N VAL B 357 -2.57 18.58 -41.79
CA VAL B 357 -1.78 18.72 -40.58
C VAL B 357 -2.64 19.24 -39.44
N HIS B 358 -3.66 20.04 -39.75
CA HIS B 358 -4.58 20.60 -38.76
C HIS B 358 -6.00 20.27 -39.17
N PRO B 359 -6.43 19.02 -39.00
CA PRO B 359 -7.80 18.65 -39.39
C PRO B 359 -8.81 19.22 -38.41
N ARG B 360 -10.05 19.35 -38.92
CA ARG B 360 -11.16 19.88 -38.12
C ARG B 360 -11.91 18.71 -37.51
N LEU B 361 -11.38 18.20 -36.41
CA LEU B 361 -11.97 17.08 -35.70
C LEU B 361 -12.79 17.58 -34.52
N VAL B 362 -13.90 16.91 -34.26
CA VAL B 362 -14.77 17.22 -33.13
C VAL B 362 -15.04 15.94 -32.37
N VAL B 363 -15.07 16.05 -31.05
CA VAL B 363 -15.38 14.95 -30.15
C VAL B 363 -16.85 15.04 -29.80
N ILE B 364 -17.61 14.03 -30.20
CA ILE B 364 -19.05 13.98 -30.02
C ILE B 364 -19.38 12.83 -29.07
N VAL B 365 -20.52 12.95 -28.39
CA VAL B 365 -20.96 11.93 -27.45
C VAL B 365 -22.44 11.64 -27.71
N LEU B 366 -22.85 10.43 -27.35
CA LEU B 366 -24.26 10.03 -27.46
C LEU B 366 -24.94 10.34 -26.13
N ASN B 367 -25.76 11.39 -26.11
CA ASN B 367 -26.37 11.86 -24.87
C ASN B 367 -27.55 10.97 -24.50
N LYS B 368 -28.30 11.39 -23.49
CA LYS B 368 -29.46 10.63 -23.02
C LYS B 368 -30.61 10.66 -24.01
N ASP B 369 -30.60 11.56 -24.98
CA ASP B 369 -31.65 11.64 -26.00
C ASP B 369 -31.35 10.80 -27.23
N ARG B 370 -30.28 10.01 -27.19
CA ARG B 370 -29.88 9.14 -28.31
C ARG B 370 -29.61 9.96 -29.57
N GLU B 371 -28.84 11.03 -29.41
CA GLU B 371 -28.38 11.84 -30.53
C GLU B 371 -26.94 12.23 -30.29
N TRP B 372 -26.14 12.24 -31.35
CA TRP B 372 -24.72 12.56 -31.24
C TRP B 372 -24.57 14.04 -30.98
N GLU B 373 -24.30 14.41 -29.74
CA GLU B 373 -24.13 15.80 -29.34
C GLU B 373 -22.64 16.13 -29.31
N LYS B 374 -22.25 17.14 -30.09
CA LYS B 374 -20.85 17.54 -30.13
C LYS B 374 -20.44 18.13 -28.79
N VAL B 375 -19.27 17.71 -28.29
CA VAL B 375 -18.76 18.13 -26.99
C VAL B 375 -17.52 19.00 -27.13
N GLY B 376 -16.47 18.47 -27.76
CA GLY B 376 -15.20 19.14 -27.83
C GLY B 376 -14.75 19.33 -29.28
N LYS B 377 -13.69 20.12 -29.44
CA LYS B 377 -13.10 20.38 -30.75
C LYS B 377 -11.59 20.25 -30.67
N TRP B 378 -10.98 20.07 -31.84
CA TRP B 378 -9.54 19.87 -31.98
C TRP B 378 -8.99 21.01 -32.85
N GLU B 379 -8.39 22.01 -32.21
CA GLU B 379 -7.86 23.17 -32.91
C GLU B 379 -6.37 23.32 -32.58
N ASN B 380 -5.56 23.49 -33.62
CA ASN B 380 -4.11 23.67 -33.55
C ASN B 380 -3.46 22.78 -32.47
N GLN B 381 -3.68 21.47 -32.64
CA GLN B 381 -3.05 20.43 -31.82
C GLN B 381 -3.47 20.52 -30.35
N THR B 382 -4.55 21.21 -30.05
CA THR B 382 -5.09 21.31 -28.70
C THR B 382 -6.56 20.91 -28.72
N LEU B 383 -6.96 20.11 -27.75
CA LEU B 383 -8.33 19.65 -27.61
C LEU B 383 -9.04 20.50 -26.56
N SER B 384 -10.09 21.19 -26.97
CA SER B 384 -10.90 22.00 -26.07
C SER B 384 -12.21 21.27 -25.81
N LEU B 385 -12.46 20.93 -24.55
CA LEU B 385 -13.62 20.17 -24.14
C LEU B 385 -14.63 21.09 -23.44
N ARG B 386 -15.91 20.95 -23.81
CA ARG B 386 -16.95 21.73 -23.16
C ARG B 386 -17.09 21.35 -21.69
N HIS B 387 -17.07 20.07 -21.39
CA HIS B 387 -17.26 19.58 -20.02
C HIS B 387 -15.90 19.44 -19.35
N ALA B 388 -15.65 20.30 -18.35
CA ALA B 388 -14.41 20.18 -17.58
C ALA B 388 -14.36 18.85 -16.84
N VAL B 389 -15.47 18.45 -16.24
CA VAL B 389 -15.63 17.13 -15.63
C VAL B 389 -16.65 16.35 -16.45
N TRP B 390 -16.37 15.08 -16.68
CA TRP B 390 -17.22 14.28 -17.55
C TRP B 390 -18.56 14.02 -16.87
N PRO B 391 -19.68 14.46 -17.44
CA PRO B 391 -20.98 14.15 -16.84
C PRO B 391 -21.34 12.69 -17.08
N ARG B 392 -21.60 11.98 -15.98
CA ARG B 392 -21.94 10.57 -16.09
C ARG B 392 -23.21 10.39 -16.90
N TYR B 393 -23.18 9.46 -17.85
CA TYR B 393 -24.29 9.22 -18.77
C TYR B 393 -24.89 7.85 -18.49
N LYS B 394 -26.21 7.82 -18.32
CA LYS B 394 -26.91 6.56 -18.11
C LYS B 394 -26.83 5.73 -19.38
N SER B 395 -26.12 4.59 -19.31
CA SER B 395 -25.87 3.79 -20.51
C SER B 395 -27.17 3.27 -21.11
N PHE B 396 -28.08 2.78 -20.28
CA PHE B 396 -29.34 2.23 -20.76
C PHE B 396 -30.43 2.53 -19.74
N SER B 397 -31.66 2.10 -20.07
CA SER B 397 -32.78 2.32 -19.17
C SER B 397 -32.68 1.46 -17.90
N ASP B 398 -32.15 0.25 -18.03
CA ASP B 398 -32.07 -0.69 -16.90
C ASP B 398 -30.78 -0.54 -16.11
N CYS B 399 -29.94 0.43 -16.44
CA CYS B 399 -28.68 0.63 -15.72
C CYS B 399 -28.94 1.07 -14.29
N GLU B 400 -28.02 0.71 -13.40
CA GLU B 400 -28.16 1.04 -12.00
C GLU B 400 -28.02 2.54 -11.79
N PRO B 401 -28.67 3.09 -10.76
CA PRO B 401 -28.57 4.53 -10.50
C PRO B 401 -27.17 4.93 -10.07
N ASP B 402 -26.86 6.21 -10.26
CA ASP B 402 -25.54 6.77 -9.95
C ASP B 402 -25.48 7.08 -8.46
N ASP B 403 -24.84 6.21 -7.69
CA ASP B 403 -24.70 6.41 -6.25
C ASP B 403 -23.24 6.50 -5.81
N ASN B 404 -22.36 5.63 -6.32
CA ASN B 404 -20.97 5.64 -5.89
C ASN B 404 -20.28 6.94 -6.27
N HIS B 405 -20.77 7.62 -7.30
CA HIS B 405 -20.26 8.93 -7.66
C HIS B 405 -20.81 10.00 -6.72
N LEU B 406 -19.92 10.78 -6.11
CA LEU B 406 -20.31 11.84 -5.18
C LEU B 406 -19.55 13.12 -5.46
N SER B 407 -20.22 14.25 -5.26
CA SER B 407 -19.58 15.55 -5.31
C SER B 407 -19.07 15.91 -3.93
N ILE B 408 -17.79 16.29 -3.83
CA ILE B 408 -17.13 16.53 -2.56
C ILE B 408 -16.59 17.96 -2.56
N VAL B 409 -17.05 18.76 -1.61
CA VAL B 409 -16.55 20.12 -1.45
C VAL B 409 -15.27 20.08 -0.64
N THR B 410 -14.29 20.89 -1.04
CA THR B 410 -13.00 20.91 -0.35
C THR B 410 -12.34 22.25 -0.60
N LEU B 411 -12.12 23.03 0.46
CA LEU B 411 -11.52 24.35 0.37
C LEU B 411 -10.10 24.31 0.89
N GLU B 412 -9.18 24.98 0.18
CA GLU B 412 -7.76 24.79 0.41
C GLU B 412 -7.31 25.46 1.71
N GLU B 413 -6.79 24.65 2.63
CA GLU B 413 -6.18 25.12 3.86
C GLU B 413 -4.77 24.54 3.96
N ALA B 414 -3.81 25.39 4.32
CA ALA B 414 -2.38 25.19 4.13
C ALA B 414 -1.88 23.77 4.41
N PRO B 415 -2.07 23.20 5.61
CA PRO B 415 -1.41 21.92 5.91
C PRO B 415 -2.22 20.69 5.56
N PHE B 416 -3.54 20.86 5.40
CA PHE B 416 -4.46 19.73 5.27
C PHE B 416 -4.77 19.41 3.82
N VAL B 417 -5.19 20.42 3.06
CA VAL B 417 -5.50 20.28 1.64
C VAL B 417 -4.80 21.40 0.87
N ILE B 418 -4.07 21.02 -0.17
CA ILE B 418 -3.26 21.93 -0.96
C ILE B 418 -3.67 21.83 -2.42
N VAL B 419 -3.88 22.98 -3.05
CA VAL B 419 -4.28 23.06 -4.45
C VAL B 419 -3.07 23.55 -5.25
N GLU B 420 -2.66 22.75 -6.24
CA GLU B 420 -1.53 23.08 -7.08
C GLU B 420 -1.95 23.02 -8.54
N ASP B 421 -1.08 23.53 -9.41
CA ASP B 421 -1.37 23.59 -10.83
C ASP B 421 -1.04 22.25 -11.50
N ILE B 422 -1.27 22.19 -12.81
CA ILE B 422 -1.06 20.94 -13.54
C ILE B 422 0.43 20.72 -13.76
N ASP B 423 0.82 19.44 -13.81
CA ASP B 423 2.21 19.08 -14.00
C ASP B 423 2.69 19.49 -15.39
N PRO B 424 3.71 20.33 -15.50
CA PRO B 424 4.24 20.66 -16.84
C PRO B 424 4.79 19.46 -17.58
N LEU B 425 5.35 18.47 -16.87
CA LEU B 425 5.97 17.33 -17.54
C LEU B 425 4.92 16.36 -18.06
N THR B 426 3.85 16.14 -17.31
CA THR B 426 2.86 15.13 -17.65
C THR B 426 1.52 15.72 -18.12
N GLU B 427 1.28 17.00 -17.88
CA GLU B 427 0.03 17.66 -18.27
C GLU B 427 -1.17 16.96 -17.65
N THR B 428 -1.01 16.48 -16.42
CA THR B 428 -2.09 15.89 -15.64
C THR B 428 -1.71 15.99 -14.17
N CYS B 429 -2.52 15.39 -13.30
CA CYS B 429 -2.23 15.42 -11.88
C CYS B 429 -1.06 14.49 -11.56
N VAL B 430 -0.13 14.98 -10.74
CA VAL B 430 1.06 14.24 -10.37
C VAL B 430 0.66 13.05 -9.50
N ARG B 431 1.61 12.14 -9.28
CA ARG B 431 1.38 10.99 -8.41
C ARG B 431 0.99 11.46 -7.01
N ASN B 432 0.16 10.65 -6.34
CA ASN B 432 -0.43 10.86 -5.02
C ASN B 432 -1.34 12.09 -4.96
N THR B 433 -1.73 12.65 -6.11
CA THR B 433 -2.55 13.83 -6.18
C THR B 433 -3.77 13.55 -7.04
N VAL B 434 -4.91 14.12 -6.68
CA VAL B 434 -6.15 13.81 -7.39
C VAL B 434 -6.67 15.04 -8.12
N PRO B 435 -7.39 14.89 -9.23
CA PRO B 435 -7.96 16.05 -9.91
C PRO B 435 -8.99 16.75 -9.04
N CYS B 436 -9.08 18.07 -9.19
CA CYS B 436 -10.02 18.86 -8.40
C CYS B 436 -10.23 20.19 -9.10
N ARG B 437 -11.48 20.59 -9.27
CA ARG B 437 -11.85 21.71 -10.13
C ARG B 437 -12.29 22.90 -9.29
N LYS B 438 -11.74 24.07 -9.60
CA LYS B 438 -12.08 25.31 -8.92
C LYS B 438 -12.77 26.25 -9.90
N PHE B 439 -13.89 26.83 -9.47
CA PHE B 439 -14.65 27.78 -10.28
C PHE B 439 -14.07 29.17 -10.05
N VAL B 440 -13.21 29.61 -10.97
CA VAL B 440 -12.52 30.89 -10.85
C VAL B 440 -13.11 31.87 -11.86
N LYS B 441 -13.43 33.08 -11.39
CA LYS B 441 -13.96 34.11 -12.28
C LYS B 441 -12.86 34.65 -13.19
N ILE B 442 -13.25 35.00 -14.41
CA ILE B 442 -12.32 35.62 -15.34
C ILE B 442 -11.87 36.98 -14.81
N ASN B 443 -12.82 37.78 -14.31
CA ASN B 443 -12.51 39.08 -13.74
C ASN B 443 -13.70 39.50 -12.87
N ASN B 444 -13.48 40.56 -12.09
CA ASN B 444 -14.54 41.09 -11.24
C ASN B 444 -15.68 41.70 -12.05
N SER B 445 -15.42 42.13 -13.28
CA SER B 445 -16.47 42.72 -14.10
C SER B 445 -17.56 41.71 -14.43
N THR B 446 -17.18 40.48 -14.76
CA THR B 446 -18.15 39.46 -15.10
C THR B 446 -18.61 38.71 -13.86
N ASN B 447 -19.82 38.15 -13.95
CA ASN B 447 -20.42 37.40 -12.85
C ASN B 447 -20.31 35.89 -13.04
N GLU B 448 -19.58 35.44 -14.05
CA GLU B 448 -19.41 34.02 -14.33
C GLU B 448 -17.93 33.70 -14.47
N GLY B 449 -17.62 32.41 -14.40
CA GLY B 449 -16.23 31.98 -14.46
C GLY B 449 -16.02 30.66 -15.17
N MET B 450 -14.87 30.04 -14.93
CA MET B 450 -14.49 28.80 -15.59
C MET B 450 -14.03 27.80 -14.52
N ASN B 451 -14.30 26.52 -14.79
CA ASN B 451 -13.91 25.43 -13.89
C ASN B 451 -12.51 24.96 -14.28
N VAL B 452 -11.51 25.57 -13.67
CA VAL B 452 -10.12 25.19 -13.92
C VAL B 452 -9.80 23.92 -13.16
N LYS B 453 -9.27 22.92 -13.86
CA LYS B 453 -8.94 21.62 -13.27
C LYS B 453 -7.53 21.70 -12.70
N LYS B 454 -7.43 21.97 -11.41
CA LYS B 454 -6.17 21.93 -10.69
C LYS B 454 -6.01 20.56 -10.04
N CYS B 455 -4.93 20.40 -9.28
CA CYS B 455 -4.63 19.12 -8.64
C CYS B 455 -4.62 19.33 -7.14
N CYS B 456 -5.47 18.57 -6.44
CA CYS B 456 -5.61 18.67 -5.00
C CYS B 456 -4.86 17.50 -4.35
N LYS B 457 -3.97 17.82 -3.41
CA LYS B 457 -3.27 16.82 -2.63
C LYS B 457 -2.99 17.38 -1.25
N GLY B 458 -2.95 16.50 -0.26
CA GLY B 458 -2.64 16.93 1.09
C GLY B 458 -3.08 15.89 2.09
N PHE B 459 -3.11 16.33 3.35
CA PHE B 459 -3.51 15.47 4.45
C PHE B 459 -4.96 15.02 4.27
N CYS B 460 -5.88 15.97 4.06
CA CYS B 460 -7.27 15.62 3.84
C CYS B 460 -7.44 14.83 2.54
N ILE B 461 -6.64 15.13 1.52
CA ILE B 461 -6.71 14.36 0.28
C ILE B 461 -6.20 12.95 0.48
N ASP B 462 -5.15 12.77 1.28
CA ASP B 462 -4.68 11.42 1.54
C ASP B 462 -5.74 10.64 2.30
N ILE B 463 -6.41 11.30 3.26
CA ILE B 463 -7.53 10.68 3.96
C ILE B 463 -8.63 10.29 2.98
N LEU B 464 -8.95 11.19 2.04
CA LEU B 464 -10.02 10.95 1.09
C LEU B 464 -9.66 9.79 0.16
N LYS B 465 -8.40 9.72 -0.28
CA LYS B 465 -7.96 8.63 -1.16
C LYS B 465 -8.02 7.29 -0.45
N LYS B 466 -7.55 7.25 0.80
CA LYS B 466 -7.64 6.01 1.57
C LYS B 466 -9.09 5.62 1.81
N LEU B 467 -9.95 6.61 2.06
CA LEU B 467 -11.38 6.36 2.19
C LEU B 467 -11.95 5.78 0.91
N SER B 468 -11.54 6.32 -0.24
CA SER B 468 -12.04 5.83 -1.52
C SER B 468 -11.61 4.39 -1.76
N ARG B 469 -10.36 4.07 -1.41
CA ARG B 469 -9.91 2.69 -1.58
C ARG B 469 -10.65 1.74 -0.65
N THR B 470 -10.86 2.15 0.60
CA THR B 470 -11.47 1.24 1.59
C THR B 470 -12.97 1.08 1.38
N VAL B 471 -13.68 2.18 1.08
CA VAL B 471 -15.12 2.13 0.92
C VAL B 471 -15.54 1.82 -0.52
N LYS B 472 -14.62 1.93 -1.48
CA LYS B 472 -14.88 1.63 -2.89
C LYS B 472 -15.96 2.54 -3.46
N PHE B 473 -15.64 3.83 -3.49
CA PHE B 473 -16.50 4.84 -4.09
C PHE B 473 -15.68 5.75 -5.01
N THR B 474 -16.38 6.64 -5.71
CA THR B 474 -15.79 7.56 -6.66
C THR B 474 -16.08 8.99 -6.22
N TYR B 475 -15.15 9.90 -6.53
CA TYR B 475 -15.16 11.23 -5.96
C TYR B 475 -14.97 12.29 -7.04
N ASP B 476 -15.55 13.46 -6.80
CA ASP B 476 -15.36 14.63 -7.67
C ASP B 476 -15.17 15.85 -6.77
N LEU B 477 -13.92 16.13 -6.43
CA LEU B 477 -13.59 17.28 -5.60
C LEU B 477 -13.82 18.58 -6.36
N TYR B 478 -14.23 19.60 -5.62
CA TYR B 478 -14.35 20.93 -6.20
C TYR B 478 -14.32 21.98 -5.09
N LEU B 479 -13.48 23.00 -5.26
CA LEU B 479 -13.35 24.04 -4.27
C LEU B 479 -14.62 24.88 -4.19
N VAL B 480 -14.85 25.46 -3.01
CA VAL B 480 -16.03 26.27 -2.75
C VAL B 480 -15.63 27.74 -2.71
N THR B 481 -16.36 28.57 -3.47
CA THR B 481 -16.16 30.01 -3.46
C THR B 481 -17.33 30.76 -2.88
N ASN B 482 -18.38 30.06 -2.40
CA ASN B 482 -19.55 30.73 -1.88
C ASN B 482 -19.23 31.45 -0.56
N GLY B 483 -18.58 30.76 0.37
CA GLY B 483 -18.29 31.32 1.67
C GLY B 483 -16.88 31.01 2.12
N LYS B 484 -16.44 31.75 3.13
CA LYS B 484 -15.08 31.63 3.63
C LYS B 484 -14.82 30.24 4.20
N HIS B 485 -15.54 29.85 5.25
CA HIS B 485 -15.37 28.51 5.81
C HIS B 485 -16.66 27.82 6.19
N GLY B 486 -17.76 28.54 6.35
CA GLY B 486 -19.02 27.99 6.78
C GLY B 486 -19.63 28.84 7.86
N LYS B 487 -20.84 29.34 7.62
CA LYS B 487 -21.46 30.31 8.53
C LYS B 487 -22.92 30.47 8.15
N LYS B 488 -23.74 30.73 9.16
CA LYS B 488 -25.18 30.97 8.98
C LYS B 488 -25.42 32.47 9.08
N VAL B 489 -25.56 33.12 7.93
CA VAL B 489 -25.88 34.54 7.86
C VAL B 489 -27.28 34.68 7.26
N ASN B 490 -28.13 35.45 7.93
CA ASN B 490 -29.53 35.62 7.53
C ASN B 490 -30.22 34.27 7.38
N ASN B 491 -29.93 33.36 8.32
CA ASN B 491 -30.49 32.00 8.33
C ASN B 491 -30.16 31.24 7.06
N VAL B 492 -29.04 31.58 6.43
CA VAL B 492 -28.56 30.91 5.22
C VAL B 492 -27.14 30.45 5.47
N TRP B 493 -26.88 29.17 5.25
CA TRP B 493 -25.56 28.59 5.44
C TRP B 493 -24.75 28.74 4.16
N ASN B 494 -23.50 29.20 4.29
CA ASN B 494 -22.60 29.35 3.16
C ASN B 494 -21.40 28.45 3.34
N GLY B 495 -20.45 28.56 2.42
CA GLY B 495 -19.21 27.81 2.55
C GLY B 495 -19.40 26.30 2.41
N MET B 496 -18.51 25.57 3.08
CA MET B 496 -18.50 24.12 3.00
C MET B 496 -19.79 23.52 3.56
N ILE B 497 -20.19 23.98 4.76
CA ILE B 497 -21.44 23.54 5.35
C ILE B 497 -22.61 23.95 4.49
N GLY B 498 -22.59 25.17 3.96
CA GLY B 498 -23.68 25.63 3.11
C GLY B 498 -23.85 24.76 1.87
N GLU B 499 -22.73 24.35 1.26
CA GLU B 499 -22.81 23.46 0.11
C GLU B 499 -23.34 22.09 0.51
N VAL B 500 -22.96 21.60 1.69
CA VAL B 500 -23.43 20.26 2.08
C VAL B 500 -24.92 20.28 2.40
N VAL B 501 -25.40 21.29 3.14
CA VAL B 501 -26.78 21.28 3.60
C VAL B 501 -27.75 21.42 2.44
N TYR B 502 -27.38 22.20 1.42
CA TYR B 502 -28.25 22.43 0.26
C TYR B 502 -28.08 21.37 -0.81
N GLN B 503 -27.62 20.17 -0.46
CA GLN B 503 -27.52 19.01 -1.33
C GLN B 503 -26.61 19.23 -2.53
N ARG B 504 -25.80 20.30 -2.53
CA ARG B 504 -24.91 20.55 -3.64
C ARG B 504 -23.70 19.62 -3.63
N ALA B 505 -23.43 18.95 -2.51
CA ALA B 505 -22.34 18.00 -2.41
C ALA B 505 -22.62 17.07 -1.24
N VAL B 506 -22.31 15.78 -1.42
CA VAL B 506 -22.56 14.80 -0.38
C VAL B 506 -21.59 14.99 0.77
N MET B 507 -20.33 15.27 0.48
CA MET B 507 -19.27 15.30 1.48
C MET B 507 -18.65 16.68 1.55
N ALA B 508 -17.99 16.93 2.68
CA ALA B 508 -17.20 18.15 2.88
C ALA B 508 -15.90 17.74 3.58
N VAL B 509 -14.89 17.41 2.78
CA VAL B 509 -13.59 17.01 3.30
C VAL B 509 -12.70 18.24 3.36
N GLY B 510 -12.11 18.49 4.53
CA GLY B 510 -11.22 19.64 4.67
C GLY B 510 -10.95 19.92 6.13
N SER B 511 -10.49 21.14 6.39
CA SER B 511 -10.22 21.60 7.76
C SER B 511 -11.49 22.09 8.43
N LEU B 512 -12.51 21.24 8.47
CA LEU B 512 -13.83 21.62 8.94
C LEU B 512 -13.98 21.20 10.41
N THR B 513 -14.23 22.18 11.27
CA THR B 513 -14.31 21.94 12.71
C THR B 513 -15.69 21.45 13.10
N ILE B 514 -15.75 20.39 13.90
CA ILE B 514 -17.02 19.92 14.43
C ILE B 514 -17.53 20.92 15.47
N ASN B 515 -18.76 21.38 15.27
CA ASN B 515 -19.36 22.41 16.11
C ASN B 515 -20.72 21.92 16.59
N GLU B 516 -21.42 22.79 17.33
CA GLU B 516 -22.75 22.46 17.80
C GLU B 516 -23.80 22.75 16.74
N GLU B 517 -23.81 23.98 16.21
CA GLU B 517 -24.80 24.33 15.19
C GLU B 517 -24.55 23.56 13.90
N ARG B 518 -23.29 23.39 13.51
CA ARG B 518 -22.99 22.63 12.30
C ARG B 518 -23.45 21.18 12.43
N SER B 519 -23.22 20.56 13.60
CA SER B 519 -23.69 19.21 13.81
C SER B 519 -25.21 19.16 13.90
N GLU B 520 -25.85 20.25 14.31
CA GLU B 520 -27.30 20.32 14.26
C GLU B 520 -27.81 20.37 12.83
N VAL B 521 -27.06 21.01 11.95
CA VAL B 521 -27.49 21.19 10.56
C VAL B 521 -27.06 20.03 9.68
N VAL B 522 -25.80 19.62 9.77
CA VAL B 522 -25.27 18.51 8.97
C VAL B 522 -24.79 17.42 9.92
N ASP B 523 -24.53 16.25 9.36
CA ASP B 523 -24.03 15.11 10.12
C ASP B 523 -22.54 14.96 9.89
N PHE B 524 -21.77 14.97 10.97
CA PHE B 524 -20.33 14.84 10.91
C PHE B 524 -19.90 13.40 11.10
N SER B 525 -18.65 13.12 10.74
CA SER B 525 -18.01 11.84 10.98
C SER B 525 -17.24 11.91 12.29
N VAL B 526 -16.63 10.79 12.66
CA VAL B 526 -15.77 10.80 13.84
C VAL B 526 -14.57 11.69 13.58
N PRO B 527 -14.13 12.51 14.54
CA PRO B 527 -12.97 13.36 14.30
C PRO B 527 -11.72 12.53 14.04
N PHE B 528 -10.94 12.97 13.05
CA PHE B 528 -9.67 12.31 12.75
C PHE B 528 -8.45 13.08 13.24
N VAL B 529 -8.59 14.39 13.52
CA VAL B 529 -7.54 15.14 14.21
C VAL B 529 -8.19 16.04 15.23
N GLU B 530 -7.45 16.30 16.31
CA GLU B 530 -7.95 17.12 17.41
C GLU B 530 -7.56 18.58 17.19
N THR B 531 -8.54 19.46 17.30
CA THR B 531 -8.33 20.89 17.16
C THR B 531 -9.07 21.62 18.26
N GLY B 532 -9.10 22.94 18.16
CA GLY B 532 -9.75 23.78 19.14
C GLY B 532 -9.21 25.18 19.03
N ILE B 533 -9.87 26.09 19.73
CA ILE B 533 -9.43 27.48 19.71
C ILE B 533 -8.23 27.64 20.64
N SER B 534 -7.18 28.28 20.14
CA SER B 534 -5.92 28.38 20.84
C SER B 534 -5.26 29.70 20.47
N VAL B 535 -4.34 30.13 21.33
CA VAL B 535 -3.70 31.44 21.23
C VAL B 535 -2.24 31.25 20.82
N MET B 536 -1.84 31.94 19.75
CA MET B 536 -0.45 31.98 19.32
C MET B 536 0.08 33.39 19.49
N VAL B 537 1.23 33.52 20.16
CA VAL B 537 1.84 34.81 20.41
C VAL B 537 3.30 34.77 20.01
N SER B 538 3.85 35.95 19.75
CA SER B 538 5.28 36.07 19.50
C SER B 538 6.06 35.75 20.77
N ARG B 539 7.12 34.95 20.63
CA ARG B 539 7.91 34.58 21.80
C ARG B 539 8.52 35.82 22.43
N SER B 540 8.25 36.01 23.72
CA SER B 540 8.70 37.20 24.41
C SER B 540 10.22 37.21 24.54
N ASN B 541 10.77 38.40 24.79
CA ASN B 541 12.19 38.51 25.07
C ASN B 541 12.57 37.72 26.32
N GLY B 542 11.65 37.57 27.26
CA GLY B 542 11.86 36.73 28.42
C GLY B 542 12.57 37.45 29.56
N THR B 543 12.81 36.71 30.63
CA THR B 543 13.48 37.23 31.81
C THR B 543 14.14 36.10 32.56
N VAL B 544 15.09 36.46 33.42
CA VAL B 544 15.79 35.52 34.29
C VAL B 544 15.53 35.92 35.73
N SER B 545 15.07 34.97 36.54
CA SER B 545 14.79 35.25 37.93
C SER B 545 16.08 35.59 38.68
N PRO B 546 16.04 36.51 39.63
CA PRO B 546 17.26 36.84 40.39
C PRO B 546 17.80 35.67 41.20
N SER B 547 16.99 34.66 41.48
CA SER B 547 17.43 33.50 42.25
C SER B 547 18.12 32.45 41.40
N ALA B 548 18.31 32.70 40.10
CA ALA B 548 18.87 31.68 39.21
C ALA B 548 20.26 31.27 39.65
N PHE B 549 21.04 32.20 40.19
CA PHE B 549 22.39 31.86 40.64
C PHE B 549 22.40 31.12 41.97
N LEU B 550 21.28 31.07 42.68
CA LEU B 550 21.19 30.34 43.94
C LEU B 550 20.59 28.94 43.78
N GLU B 551 20.27 28.55 42.55
CA GLU B 551 19.67 27.26 42.23
C GLU B 551 20.59 26.04 42.38
N PRO B 552 21.92 26.15 42.21
CA PRO B 552 22.75 24.94 42.30
C PRO B 552 22.60 24.18 43.61
N PHE B 553 22.29 24.86 44.71
CA PHE B 553 22.03 24.21 45.98
C PHE B 553 20.68 24.64 46.53
N SER B 554 20.01 23.72 47.21
CA SER B 554 18.76 24.07 47.89
C SER B 554 19.04 24.96 49.09
N ALA B 555 17.98 25.60 49.58
CA ALA B 555 18.14 26.56 50.66
C ALA B 555 18.73 25.90 51.91
N SER B 556 18.27 24.70 52.23
CA SER B 556 18.77 23.99 53.41
C SER B 556 20.25 23.65 53.28
N VAL B 557 20.68 23.28 52.08
CA VAL B 557 22.09 22.97 51.86
C VAL B 557 22.94 24.23 52.05
N TRP B 558 22.50 25.36 51.49
CA TRP B 558 23.18 26.63 51.72
C TRP B 558 23.26 26.94 53.20
N VAL B 559 22.14 26.73 53.91
CA VAL B 559 22.09 27.03 55.33
C VAL B 559 23.12 26.22 56.10
N MET B 560 23.15 24.91 55.89
CA MET B 560 24.14 24.09 56.60
C MET B 560 25.56 24.52 56.23
N MET B 561 25.80 24.72 54.94
CA MET B 561 27.17 24.96 54.47
C MET B 561 27.71 26.27 55.01
N PHE B 562 26.87 27.29 55.15
CA PHE B 562 27.42 28.60 55.42
C PHE B 562 27.09 29.15 56.81
N VAL B 563 26.06 28.66 57.49
CA VAL B 563 25.76 29.14 58.84
C VAL B 563 25.84 28.03 59.89
N MET B 564 25.72 26.76 59.51
CA MET B 564 25.78 25.67 60.46
C MET B 564 27.15 24.99 60.48
N LEU B 565 27.60 24.48 59.32
CA LEU B 565 28.87 23.78 59.28
C LEU B 565 30.05 24.73 59.37
N LEU B 566 29.94 25.91 58.74
CA LEU B 566 31.06 26.84 58.74
C LEU B 566 31.34 27.38 60.14
N ILE B 567 30.29 27.68 60.90
CA ILE B 567 30.49 28.19 62.26
C ILE B 567 31.14 27.13 63.14
N VAL B 568 30.68 25.88 63.03
CA VAL B 568 31.28 24.80 63.80
C VAL B 568 32.75 24.61 63.41
N SER B 569 33.04 24.67 62.11
CA SER B 569 34.42 24.54 61.66
C SER B 569 35.28 25.68 62.19
N ALA B 570 34.74 26.90 62.23
CA ALA B 570 35.49 28.02 62.79
C ALA B 570 35.75 27.84 64.27
N ILE B 571 34.75 27.36 65.01
CA ILE B 571 34.95 27.07 66.43
C ILE B 571 36.06 26.05 66.60
N ALA B 572 36.04 24.98 65.80
CA ALA B 572 37.05 23.94 65.91
C ALA B 572 38.43 24.47 65.56
N VAL B 573 38.52 25.30 64.51
CA VAL B 573 39.82 25.85 64.11
C VAL B 573 40.39 26.72 65.23
N PHE B 574 39.57 27.60 65.80
CA PHE B 574 40.06 28.47 66.87
C PHE B 574 40.45 27.66 68.10
N VAL B 575 39.66 26.66 68.46
CA VAL B 575 39.98 25.83 69.63
C VAL B 575 41.28 25.08 69.40
N PHE B 576 41.46 24.52 68.19
CA PHE B 576 42.68 23.78 67.89
C PHE B 576 43.89 24.70 67.92
N GLU B 577 43.76 25.92 67.40
CA GLU B 577 44.86 26.87 67.42
C GLU B 577 45.21 27.29 68.84
N TYR B 578 44.20 27.51 69.68
CA TYR B 578 44.47 28.00 71.02
C TYR B 578 45.05 26.90 71.91
N PHE B 579 44.70 25.65 71.64
CA PHE B 579 45.30 24.51 72.34
C PHE B 579 46.76 24.30 71.92
N PHE B 599 44.75 35.48 66.80
CA PHE B 599 43.90 34.63 65.98
C PHE B 599 42.51 34.51 66.61
N THR B 600 41.72 35.58 66.51
CA THR B 600 40.39 35.60 67.09
C THR B 600 39.42 34.76 66.26
N ILE B 601 38.20 34.62 66.77
CA ILE B 601 37.19 33.85 66.07
C ILE B 601 36.78 34.54 64.77
N GLY B 602 36.77 35.88 64.76
CA GLY B 602 36.44 36.59 63.53
C GLY B 602 37.43 36.31 62.43
N LYS B 603 38.73 36.27 62.77
CA LYS B 603 39.73 35.96 61.76
C LYS B 603 39.63 34.52 61.28
N ALA B 604 39.27 33.58 62.17
CA ALA B 604 39.07 32.21 61.74
C ALA B 604 37.89 32.10 60.78
N ILE B 605 36.78 32.78 61.08
CA ILE B 605 35.64 32.79 60.17
C ILE B 605 36.03 33.41 58.84
N TRP B 606 36.78 34.52 58.88
CA TRP B 606 37.21 35.17 57.65
C TRP B 606 38.08 34.25 56.81
N LEU B 607 39.02 33.54 57.45
CA LEU B 607 39.89 32.62 56.72
C LEU B 607 39.09 31.49 56.09
N LEU B 608 38.20 30.88 56.87
CA LEU B 608 37.46 29.74 56.35
C LEU B 608 36.54 30.16 55.21
N TRP B 609 35.88 31.31 55.36
CA TRP B 609 35.05 31.85 54.30
C TRP B 609 35.88 32.13 53.05
N GLY B 610 37.08 32.70 53.23
CA GLY B 610 37.92 32.98 52.07
C GLY B 610 38.35 31.72 51.36
N LEU B 611 38.58 30.65 52.13
CA LEU B 611 38.89 29.37 51.51
C LEU B 611 37.69 28.79 50.79
N VAL B 612 36.47 29.14 51.22
CA VAL B 612 35.27 28.60 50.58
C VAL B 612 35.28 28.92 49.09
N PHE B 613 35.53 30.18 48.73
CA PHE B 613 35.75 30.57 47.34
C PHE B 613 37.09 31.29 47.28
N ASN B 614 38.15 30.54 46.95
CA ASN B 614 39.51 31.06 47.03
C ASN B 614 39.72 32.10 45.94
N ASN B 615 39.68 33.37 46.33
CA ASN B 615 40.02 34.48 45.45
C ASN B 615 41.30 35.16 45.88
N SER B 616 42.17 34.45 46.60
CA SER B 616 43.41 34.99 47.13
C SER B 616 43.14 36.20 48.03
N VAL B 617 42.06 36.15 48.79
CA VAL B 617 41.78 37.21 49.75
C VAL B 617 42.81 37.16 50.87
N PRO B 618 43.22 38.29 51.44
CA PRO B 618 44.22 38.26 52.52
C PRO B 618 43.67 37.56 53.76
N VAL B 619 44.38 36.52 54.19
CA VAL B 619 43.99 35.74 55.36
C VAL B 619 45.23 35.49 56.21
N GLN B 620 45.00 35.19 57.49
CA GLN B 620 46.06 34.85 58.43
C GLN B 620 45.90 33.39 58.82
N ASN B 621 46.81 32.55 58.32
CA ASN B 621 46.71 31.12 58.56
C ASN B 621 47.03 30.80 60.01
N PRO B 622 46.36 29.80 60.59
CA PRO B 622 46.68 29.40 61.96
C PRO B 622 48.06 28.76 62.05
N LYS B 623 48.65 28.87 63.23
CA LYS B 623 50.00 28.34 63.46
C LYS B 623 50.00 26.88 63.86
N GLY B 624 48.96 26.41 64.55
CA GLY B 624 48.96 25.04 65.03
C GLY B 624 48.87 24.04 63.89
N THR B 625 49.46 22.86 64.11
CA THR B 625 49.45 21.82 63.09
C THR B 625 48.04 21.25 62.91
N THR B 626 47.35 20.97 64.01
CA THR B 626 45.99 20.42 63.92
C THR B 626 45.03 21.42 63.28
N SER B 627 45.19 22.71 63.61
CA SER B 627 44.41 23.74 62.95
C SER B 627 44.70 23.76 61.46
N LYS B 628 45.95 23.54 61.08
CA LYS B 628 46.30 23.48 59.66
C LYS B 628 45.65 22.27 58.98
N ILE B 629 45.60 21.13 59.68
CA ILE B 629 44.93 19.95 59.11
C ILE B 629 43.44 20.21 58.92
N MET B 630 42.81 20.85 59.91
CA MET B 630 41.39 21.19 59.78
C MET B 630 41.18 22.17 58.63
N VAL B 631 42.07 23.15 58.49
CA VAL B 631 41.99 24.08 57.37
C VAL B 631 42.12 23.33 56.05
N SER B 632 43.00 22.33 56.00
CA SER B 632 43.19 21.56 54.77
C SER B 632 41.92 20.79 54.40
N VAL B 633 41.32 20.12 55.39
CA VAL B 633 40.11 19.35 55.07
C VAL B 633 38.97 20.29 54.69
N TRP B 634 38.89 21.47 55.31
CA TRP B 634 37.89 22.44 54.90
C TRP B 634 38.15 22.94 53.50
N ALA B 635 39.42 23.11 53.13
CA ALA B 635 39.72 23.55 51.77
C ALA B 635 39.36 22.47 50.75
N PHE B 636 39.52 21.20 51.11
CA PHE B 636 39.00 20.14 50.25
C PHE B 636 37.49 20.22 50.13
N PHE B 637 36.80 20.48 51.24
CA PHE B 637 35.35 20.69 51.17
C PHE B 637 35.01 21.87 50.27
N ALA B 638 35.81 22.93 50.33
CA ALA B 638 35.56 24.11 49.50
C ALA B 638 35.79 23.81 48.03
N VAL B 639 36.79 22.98 47.72
CA VAL B 639 36.98 22.53 46.35
C VAL B 639 35.76 21.76 45.88
N ILE B 640 35.23 20.89 46.73
CA ILE B 640 34.01 20.15 46.40
C ILE B 640 32.87 21.12 46.12
N PHE B 641 32.71 22.11 47.00
CA PHE B 641 31.60 23.06 46.87
C PHE B 641 31.72 23.87 45.59
N LEU B 642 32.93 24.39 45.31
CA LEU B 642 33.12 25.18 44.10
C LEU B 642 32.89 24.35 42.85
N ALA B 643 33.40 23.12 42.82
CA ALA B 643 33.19 22.25 41.68
C ALA B 643 31.71 22.00 41.45
N SER B 644 30.99 21.61 42.50
CA SER B 644 29.58 21.29 42.36
C SER B 644 28.75 22.51 42.00
N TYR B 645 29.12 23.69 42.49
CA TYR B 645 28.34 24.88 42.19
C TYR B 645 28.60 25.38 40.77
N THR B 646 29.87 25.40 40.34
CA THR B 646 30.21 25.89 39.02
C THR B 646 29.87 24.91 37.91
N ALA B 647 29.71 23.62 38.24
CA ALA B 647 29.48 22.62 37.21
C ALA B 647 28.21 22.91 36.42
N ASN B 648 27.14 23.29 37.10
CA ASN B 648 25.84 23.53 36.45
C ASN B 648 25.41 24.99 36.51
N LEU B 649 26.33 25.91 36.77
CA LEU B 649 25.96 27.32 36.82
C LEU B 649 25.52 27.83 35.46
N ALA B 650 26.10 27.32 34.39
CA ALA B 650 25.74 27.78 33.05
C ALA B 650 24.28 27.48 32.73
N ALA B 651 23.81 26.29 33.09
CA ALA B 651 22.43 25.92 32.79
C ALA B 651 21.44 26.69 33.66
N PHE B 652 21.76 26.88 34.94
CA PHE B 652 20.85 27.60 35.83
C PHE B 652 20.74 29.07 35.45
N ILE B 653 21.86 29.69 35.07
CA ILE B 653 21.83 31.06 34.55
C ILE B 653 21.61 30.92 33.05
N GLN B 654 20.36 30.77 32.66
CA GLN B 654 19.99 30.65 31.26
C GLN B 654 18.67 31.37 31.05
N GLU B 655 18.42 31.76 29.80
CA GLU B 655 17.26 32.58 29.50
C GLU B 655 15.99 31.75 29.61
N GLU B 656 15.00 32.29 30.32
CA GLU B 656 13.72 31.63 30.54
C GLU B 656 12.62 32.42 29.86
N PHE B 657 11.82 31.73 29.05
CA PHE B 657 10.75 32.35 28.27
C PHE B 657 9.43 32.15 29.02
N VAL B 658 8.77 33.24 29.39
CA VAL B 658 7.50 33.20 30.10
C VAL B 658 6.40 33.65 29.16
N ASP B 659 5.31 32.90 29.11
CA ASP B 659 4.19 33.23 28.24
C ASP B 659 3.52 34.52 28.71
N GLN B 660 3.10 35.34 27.75
CA GLN B 660 2.47 36.61 28.08
C GLN B 660 1.15 36.41 28.81
N VAL B 661 0.35 35.43 28.36
CA VAL B 661 -0.98 35.20 28.90
C VAL B 661 -1.11 33.74 29.30
N THR B 662 -1.73 33.50 30.46
CA THR B 662 -1.94 32.13 30.92
C THR B 662 -2.95 31.40 30.05
N GLY B 663 -4.03 32.07 29.68
CA GLY B 663 -5.05 31.42 28.87
C GLY B 663 -6.09 32.42 28.43
N LEU B 664 -7.18 31.89 27.88
CA LEU B 664 -8.28 32.74 27.43
C LEU B 664 -9.00 33.41 28.60
N SER B 665 -8.89 32.84 29.79
CA SER B 665 -9.50 33.41 30.98
C SER B 665 -8.61 34.44 31.66
N ASP B 666 -7.46 34.75 31.08
CA ASP B 666 -6.57 35.75 31.64
C ASP B 666 -7.22 37.13 31.60
N LYS B 667 -6.85 37.97 32.57
CA LYS B 667 -7.43 39.31 32.66
C LYS B 667 -7.08 40.16 31.45
N LYS B 668 -5.99 39.85 30.75
CA LYS B 668 -5.66 40.60 29.53
C LYS B 668 -6.73 40.41 28.47
N PHE B 669 -7.21 39.17 28.29
CA PHE B 669 -8.24 38.93 27.28
C PHE B 669 -9.60 39.44 27.74
N GLN B 670 -9.94 39.20 29.01
CA GLN B 670 -11.28 39.54 29.49
C GLN B 670 -11.49 41.05 29.56
N ARG B 671 -10.55 41.77 30.16
CA ARG B 671 -10.65 43.22 30.33
C ARG B 671 -9.35 43.86 29.85
N PRO B 672 -9.17 43.96 28.53
CA PRO B 672 -7.92 44.52 28.01
C PRO B 672 -7.77 46.02 28.23
N HIS B 673 -8.83 46.71 28.62
CA HIS B 673 -8.76 48.17 28.73
C HIS B 673 -7.87 48.62 29.88
N ASP B 674 -7.75 47.80 30.93
CA ASP B 674 -6.94 48.20 32.08
C ASP B 674 -5.46 47.92 31.87
N TYR B 675 -4.92 48.38 30.75
CA TYR B 675 -3.51 48.24 30.44
C TYR B 675 -3.07 49.45 29.63
N SER B 676 -1.87 49.95 29.92
CA SER B 676 -1.34 51.08 29.15
C SER B 676 -1.18 50.72 27.67
N PRO B 677 -0.55 49.61 27.29
CA PRO B 677 -0.66 49.14 25.92
C PRO B 677 -1.85 48.22 25.77
N PRO B 678 -2.84 48.60 24.95
CA PRO B 678 -3.98 47.70 24.73
C PRO B 678 -3.53 46.40 24.08
N PHE B 679 -4.11 45.29 24.54
CA PHE B 679 -3.73 43.99 24.01
C PHE B 679 -4.32 43.80 22.62
N ARG B 680 -3.48 43.38 21.68
CA ARG B 680 -3.86 43.28 20.27
C ARG B 680 -4.08 41.81 19.93
N PHE B 681 -5.36 41.41 19.88
CA PHE B 681 -5.72 40.03 19.57
C PHE B 681 -6.98 40.00 18.72
N GLY B 682 -7.06 38.98 17.86
CA GLY B 682 -8.23 38.82 17.01
C GLY B 682 -8.07 37.58 16.16
N THR B 683 -9.16 37.25 15.46
CA THR B 683 -9.21 36.08 14.59
C THR B 683 -9.81 36.47 13.24
N VAL B 684 -9.73 35.54 12.29
CA VAL B 684 -10.34 35.74 10.97
C VAL B 684 -11.84 35.60 11.12
N PRO B 685 -12.64 36.27 10.30
CA PRO B 685 -14.10 36.20 10.43
C PRO B 685 -14.63 34.93 9.78
N ASN B 686 -15.95 34.75 9.90
CA ASN B 686 -16.66 33.65 9.24
C ASN B 686 -16.07 32.29 9.59
N GLY B 687 -15.81 32.08 10.89
CA GLY B 687 -15.20 30.86 11.34
C GLY B 687 -15.86 30.34 12.60
N SER B 688 -15.49 29.11 12.97
CA SER B 688 -16.01 28.51 14.19
C SER B 688 -15.46 29.19 15.44
N THR B 689 -14.20 29.62 15.39
CA THR B 689 -13.60 30.28 16.55
C THR B 689 -14.32 31.57 16.88
N GLU B 690 -14.67 32.36 15.87
CA GLU B 690 -15.42 33.59 16.11
C GLU B 690 -16.78 33.30 16.74
N ARG B 691 -17.47 32.27 16.25
CA ARG B 691 -18.76 31.90 16.81
C ARG B 691 -18.61 31.48 18.28
N ASN B 692 -17.58 30.68 18.58
CA ASN B 692 -17.37 30.23 19.94
C ASN B 692 -17.08 31.39 20.88
N ILE B 693 -16.21 32.31 20.44
CA ILE B 693 -15.85 33.44 21.30
C ILE B 693 -17.04 34.38 21.48
N ARG B 694 -17.84 34.56 20.42
CA ARG B 694 -19.03 35.39 20.55
C ARG B 694 -20.03 34.77 21.51
N ASN B 695 -20.21 33.46 21.46
CA ASN B 695 -21.14 32.79 22.36
C ASN B 695 -20.66 32.87 23.81
N ASN B 696 -19.36 32.65 24.02
CA ASN B 696 -18.86 32.60 25.39
C ASN B 696 -18.64 33.98 25.98
N TYR B 697 -17.85 34.81 25.31
CA TYR B 697 -17.48 36.13 25.83
C TYR B 697 -17.98 37.22 24.90
N PRO B 698 -19.10 37.88 25.22
CA PRO B 698 -19.61 38.95 24.35
C PRO B 698 -18.75 40.20 24.38
N TYR B 699 -18.36 40.65 25.57
CA TYR B 699 -17.55 41.86 25.68
C TYR B 699 -16.19 41.67 25.02
N MET B 700 -15.56 40.52 25.28
CA MET B 700 -14.27 40.24 24.64
C MET B 700 -14.41 40.19 23.13
N HIS B 701 -15.51 39.61 22.63
CA HIS B 701 -15.74 39.59 21.19
C HIS B 701 -15.93 41.00 20.64
N GLN B 702 -16.65 41.86 21.35
CA GLN B 702 -16.88 43.21 20.86
C GLN B 702 -15.59 44.01 20.83
N TYR B 703 -14.69 43.77 21.80
CA TYR B 703 -13.38 44.42 21.74
C TYR B 703 -12.52 43.83 20.63
N MET B 704 -12.60 42.51 20.43
CA MET B 704 -11.69 41.81 19.54
C MET B 704 -12.06 41.95 18.07
N THR B 705 -13.33 42.20 17.75
CA THR B 705 -13.71 42.40 16.35
C THR B 705 -13.11 43.66 15.76
N ARG B 706 -12.64 44.59 16.60
CA ARG B 706 -11.94 45.76 16.09
C ARG B 706 -10.61 45.38 15.45
N PHE B 707 -9.89 44.44 16.06
CA PHE B 707 -8.62 43.96 15.53
C PHE B 707 -8.80 42.74 14.62
N ASN B 708 -9.97 42.61 13.99
CA ASN B 708 -10.26 41.47 13.15
C ASN B 708 -9.26 41.38 12.00
N GLN B 709 -8.73 40.18 11.78
CA GLN B 709 -7.74 39.96 10.74
C GLN B 709 -8.42 39.60 9.43
N ARG B 710 -7.61 39.35 8.40
CA ARG B 710 -8.09 38.96 7.08
C ARG B 710 -7.86 37.49 6.79
N GLY B 711 -6.73 36.93 7.22
CA GLY B 711 -6.44 35.54 6.99
C GLY B 711 -5.34 35.07 7.92
N VAL B 712 -4.92 33.82 7.71
CA VAL B 712 -3.85 33.24 8.52
C VAL B 712 -2.55 34.00 8.28
N GLU B 713 -2.21 34.24 7.00
CA GLU B 713 -0.95 34.91 6.69
C GLU B 713 -0.94 36.36 7.16
N ASP B 714 -2.07 37.05 7.04
CA ASP B 714 -2.14 38.42 7.54
C ASP B 714 -1.92 38.45 9.05
N ALA B 715 -2.55 37.53 9.77
CA ALA B 715 -2.35 37.48 11.23
C ALA B 715 -0.90 37.16 11.57
N LEU B 716 -0.28 36.24 10.84
CA LEU B 716 1.11 35.87 11.12
C LEU B 716 2.04 37.05 10.88
N VAL B 717 1.86 37.77 9.77
CA VAL B 717 2.75 38.90 9.49
C VAL B 717 2.48 40.03 10.47
N SER B 718 1.24 40.21 10.90
CA SER B 718 0.96 41.22 11.94
C SER B 718 1.63 40.85 13.24
N LEU B 719 1.63 39.57 13.60
CA LEU B 719 2.35 39.13 14.79
C LEU B 719 3.85 39.38 14.67
N LYS B 720 4.42 39.05 13.50
CA LYS B 720 5.86 39.23 13.32
C LYS B 720 6.26 40.69 13.38
N THR B 721 5.50 41.56 12.71
CA THR B 721 5.83 42.98 12.72
C THR B 721 5.57 43.62 14.08
N GLY B 722 4.52 43.19 14.76
CA GLY B 722 4.14 43.76 16.05
C GLY B 722 2.80 44.45 16.05
N LYS B 723 2.09 44.52 14.92
CA LYS B 723 0.76 45.11 14.90
C LYS B 723 -0.26 44.26 15.63
N LEU B 724 0.02 42.96 15.82
CA LEU B 724 -0.84 42.05 16.55
C LEU B 724 -0.04 41.31 17.60
N ASP B 725 -0.60 41.17 18.79
CA ASP B 725 0.08 40.50 19.90
C ASP B 725 -0.33 39.04 20.04
N ALA B 726 -1.62 38.72 19.91
CA ALA B 726 -2.11 37.37 20.03
C ALA B 726 -3.02 37.04 18.87
N PHE B 727 -3.00 35.77 18.45
CA PHE B 727 -3.84 35.30 17.35
C PHE B 727 -4.60 34.07 17.85
N ILE B 728 -5.92 34.16 17.91
CA ILE B 728 -6.76 33.08 18.38
C ILE B 728 -7.32 32.35 17.17
N TYR B 729 -6.94 31.09 17.00
CA TYR B 729 -7.33 30.36 15.81
C TYR B 729 -7.36 28.86 16.12
N ASP B 730 -7.63 28.06 15.09
CA ASP B 730 -7.71 26.63 15.26
C ASP B 730 -6.38 26.08 15.76
N ALA B 731 -6.46 25.09 16.66
CA ALA B 731 -5.25 24.55 17.28
C ALA B 731 -4.36 23.85 16.27
N ALA B 732 -4.94 23.07 15.37
CA ALA B 732 -4.13 22.32 14.41
C ALA B 732 -3.40 23.25 13.46
N VAL B 733 -4.10 24.26 12.93
CA VAL B 733 -3.48 25.20 12.00
C VAL B 733 -2.39 26.00 12.70
N LEU B 734 -2.67 26.47 13.92
CA LEU B 734 -1.66 27.23 14.66
C LEU B 734 -0.45 26.37 14.99
N ASN B 735 -0.67 25.10 15.34
CA ASN B 735 0.45 24.20 15.59
C ASN B 735 1.29 24.01 14.33
N TYR B 736 0.63 23.84 13.19
CA TYR B 736 1.36 23.70 11.93
C TYR B 736 2.16 24.96 11.61
N LYS B 737 1.55 26.14 11.83
CA LYS B 737 2.26 27.39 11.57
C LYS B 737 3.46 27.55 12.50
N ALA B 738 3.30 27.20 13.77
CA ALA B 738 4.42 27.27 14.70
C ALA B 738 5.53 26.31 14.29
N GLY B 739 5.16 25.11 13.82
CA GLY B 739 6.18 24.20 13.33
C GLY B 739 6.90 24.72 12.10
N ARG B 740 6.14 25.30 11.15
CA ARG B 740 6.74 25.78 9.92
C ARG B 740 7.54 27.06 10.14
N ASP B 741 7.23 27.81 11.20
CA ASP B 741 7.87 29.10 11.42
C ASP B 741 9.36 28.95 11.66
N GLU B 742 10.15 29.82 11.02
CA GLU B 742 11.59 29.84 11.21
C GLU B 742 11.94 30.80 12.34
N GLY B 743 12.95 30.44 13.12
CA GLY B 743 13.35 31.22 14.26
C GLY B 743 12.53 30.96 15.50
N CYS B 744 11.46 30.18 15.41
CA CYS B 744 10.65 29.80 16.55
C CYS B 744 10.14 31.04 17.28
N LYS B 745 9.87 32.10 16.52
CA LYS B 745 9.43 33.36 17.13
C LYS B 745 7.97 33.32 17.56
N LEU B 746 7.13 32.55 16.87
CA LEU B 746 5.71 32.44 17.18
C LEU B 746 5.45 31.09 17.83
N VAL B 747 4.90 31.10 19.03
CA VAL B 747 4.58 29.87 19.76
C VAL B 747 3.18 29.96 20.33
N THR B 748 2.56 28.81 20.50
CA THR B 748 1.24 28.75 21.12
C THR B 748 1.38 28.79 22.64
N ILE B 749 0.50 29.54 23.30
CA ILE B 749 0.60 29.69 24.74
C ILE B 749 0.21 28.38 25.42
N GLY B 750 0.72 28.21 26.65
CA GLY B 750 0.42 27.02 27.42
C GLY B 750 1.11 25.77 26.94
N SER B 751 2.07 25.88 26.03
CA SER B 751 2.77 24.73 25.47
C SER B 751 1.78 23.74 24.86
N GLY B 752 0.93 24.24 23.97
CA GLY B 752 -0.08 23.42 23.34
C GLY B 752 -1.35 23.32 24.17
N TYR B 753 -1.95 24.46 24.48
CA TYR B 753 -3.16 24.54 25.27
C TYR B 753 -4.35 24.74 24.34
N ILE B 754 -5.35 23.86 24.46
CA ILE B 754 -6.50 23.86 23.58
C ILE B 754 -7.75 24.02 24.43
N PHE B 755 -8.63 24.94 24.04
CA PHE B 755 -9.81 25.29 24.84
C PHE B 755 -11.05 24.51 24.41
N ALA B 756 -11.48 24.68 23.16
CA ALA B 756 -12.72 24.04 22.72
C ALA B 756 -12.53 22.54 22.50
N THR B 757 -11.29 22.12 22.23
CA THR B 757 -10.91 20.72 22.02
C THR B 757 -11.97 19.92 21.25
N THR B 758 -12.32 20.43 20.07
CA THR B 758 -13.18 19.72 19.15
C THR B 758 -12.30 18.91 18.18
N GLY B 759 -12.87 18.41 17.09
CA GLY B 759 -12.09 17.67 16.11
C GLY B 759 -12.52 18.02 14.70
N TYR B 760 -11.69 17.62 13.74
CA TYR B 760 -12.04 17.77 12.34
C TYR B 760 -12.87 16.60 11.86
N GLY B 761 -14.04 16.89 11.28
CA GLY B 761 -14.92 15.86 10.80
C GLY B 761 -15.29 16.12 9.34
N ILE B 762 -15.76 15.06 8.70
CA ILE B 762 -16.20 15.10 7.31
C ILE B 762 -17.71 15.30 7.30
N ALA B 763 -18.15 16.51 6.96
CA ALA B 763 -19.57 16.81 6.99
C ALA B 763 -20.32 15.97 5.96
N LEU B 764 -21.57 15.64 6.29
CA LEU B 764 -22.41 14.82 5.42
C LEU B 764 -23.83 15.31 5.55
N GLN B 765 -24.65 14.99 4.54
CA GLN B 765 -26.06 15.29 4.61
C GLN B 765 -26.71 14.48 5.72
N LYS B 766 -27.73 15.06 6.35
CA LYS B 766 -28.42 14.37 7.43
C LYS B 766 -29.00 13.05 6.95
N GLY B 767 -28.75 11.99 7.69
CA GLY B 767 -29.23 10.67 7.30
C GLY B 767 -28.52 10.08 6.11
N SER B 768 -27.30 10.50 5.83
CA SER B 768 -26.57 9.98 4.69
C SER B 768 -26.20 8.52 4.92
N PRO B 769 -26.41 7.64 3.94
CA PRO B 769 -26.01 6.23 4.13
C PRO B 769 -24.51 6.02 4.24
N TRP B 770 -23.70 7.00 3.81
CA TRP B 770 -22.26 6.85 3.82
C TRP B 770 -21.65 7.07 5.20
N LYS B 771 -22.41 7.62 6.15
CA LYS B 771 -21.83 8.09 7.40
C LYS B 771 -21.23 6.94 8.21
N ARG B 772 -21.96 5.83 8.32
CA ARG B 772 -21.48 4.72 9.13
C ARG B 772 -20.20 4.14 8.55
N GLN B 773 -20.16 3.93 7.24
CA GLN B 773 -18.98 3.37 6.60
C GLN B 773 -17.79 4.31 6.70
N ILE B 774 -18.03 5.62 6.54
CA ILE B 774 -16.94 6.58 6.67
C ILE B 774 -16.40 6.59 8.10
N ASP B 775 -17.29 6.54 9.09
CA ASP B 775 -16.83 6.49 10.48
C ASP B 775 -15.99 5.25 10.73
N LEU B 776 -16.46 4.09 10.24
CA LEU B 776 -15.73 2.85 10.44
C LEU B 776 -14.36 2.91 9.78
N ALA B 777 -14.29 3.45 8.55
CA ALA B 777 -13.01 3.53 7.86
C ALA B 777 -12.06 4.52 8.54
N LEU B 778 -12.58 5.65 9.02
CA LEU B 778 -11.73 6.60 9.73
C LEU B 778 -11.18 5.99 11.02
N LEU B 779 -12.02 5.24 11.73
CA LEU B 779 -11.52 4.55 12.92
C LEU B 779 -10.49 3.49 12.57
N GLN B 780 -10.66 2.81 11.43
CA GLN B 780 -9.66 1.85 10.98
C GLN B 780 -8.33 2.54 10.71
N PHE B 781 -8.38 3.70 10.06
CA PHE B 781 -7.16 4.47 9.81
C PHE B 781 -6.50 4.89 11.12
N VAL B 782 -7.30 5.29 12.10
CA VAL B 782 -6.75 5.67 13.41
C VAL B 782 -6.09 4.48 14.07
N GLY B 783 -6.78 3.33 14.07
CA GLY B 783 -6.27 2.16 14.78
C GLY B 783 -5.02 1.58 14.13
N ASP B 784 -4.98 1.53 12.80
CA ASP B 784 -3.88 0.88 12.11
C ASP B 784 -2.59 1.70 12.10
N GLY B 785 -2.62 2.92 12.63
CA GLY B 785 -1.43 3.75 12.65
C GLY B 785 -1.16 4.53 11.39
N GLU B 786 -1.98 4.36 10.35
CA GLU B 786 -1.81 5.16 9.14
C GLU B 786 -2.05 6.63 9.42
N MET B 787 -2.95 6.93 10.37
CA MET B 787 -3.16 8.31 10.78
C MET B 787 -1.89 8.93 11.33
N GLU B 788 -1.15 8.18 12.15
CA GLU B 788 0.10 8.69 12.69
C GLU B 788 1.10 8.98 11.58
N GLU B 789 1.21 8.06 10.61
CA GLU B 789 2.12 8.27 9.50
C GLU B 789 1.77 9.54 8.72
N LEU B 790 0.47 9.75 8.47
CA LEU B 790 0.04 10.96 7.77
C LEU B 790 0.36 12.20 8.59
N GLU B 791 0.16 12.15 9.91
CA GLU B 791 0.47 13.30 10.75
C GLU B 791 1.95 13.66 10.69
N THR B 792 2.83 12.66 10.80
CA THR B 792 4.26 12.95 10.68
C THR B 792 4.62 13.46 9.28
N LEU B 793 3.94 12.93 8.26
CA LEU B 793 4.28 13.33 6.89
C LEU B 793 3.86 14.77 6.62
N TRP B 794 2.74 15.22 7.16
CA TRP B 794 2.14 16.48 6.75
C TRP B 794 2.21 17.61 7.77
N LEU B 795 2.36 17.30 9.06
CA LEU B 795 2.19 18.31 10.10
C LEU B 795 3.46 18.60 10.89
N THR B 796 4.52 17.81 10.73
CA THR B 796 5.76 18.06 11.46
C THR B 796 6.43 19.34 10.97
N GLY B 797 7.08 20.05 11.91
CA GLY B 797 7.68 21.33 11.59
C GLY B 797 9.10 21.52 12.08
N ILE B 798 9.50 22.78 12.24
CA ILE B 798 10.88 23.11 12.65
C ILE B 798 11.04 23.01 14.16
N CYS B 799 10.20 23.74 14.90
CA CYS B 799 10.40 23.90 16.34
C CYS B 799 9.88 22.72 17.16
N HIS B 800 9.15 21.79 16.55
CA HIS B 800 8.62 20.66 17.29
C HIS B 800 9.73 19.75 17.81
N ASN B 801 10.78 19.53 17.00
CA ASN B 801 11.90 18.72 17.46
C ASN B 801 12.65 19.40 18.60
N GLU B 802 12.82 20.71 18.51
CA GLU B 802 13.56 21.46 19.53
C GLU B 802 12.83 21.45 20.86
N SER B 808 24.26 29.02 24.26
CA SER B 808 25.31 29.99 24.52
C SER B 808 24.85 31.40 24.13
N SER B 809 24.49 32.20 25.11
CA SER B 809 24.05 33.56 24.89
C SER B 809 24.75 34.51 25.86
N GLN B 810 24.96 35.74 25.41
CA GLN B 810 25.60 36.75 26.24
C GLN B 810 24.69 37.10 27.42
N LEU B 811 25.32 37.47 28.53
CA LEU B 811 24.61 37.74 29.77
C LEU B 811 24.39 39.23 29.92
N ASP B 812 23.12 39.63 30.06
CA ASP B 812 22.75 41.02 30.22
C ASP B 812 22.78 41.40 31.70
N ILE B 813 22.40 42.64 31.99
CA ILE B 813 22.25 43.07 33.39
C ILE B 813 21.11 42.30 34.05
N ASP B 814 20.00 42.13 33.32
CA ASP B 814 18.86 41.39 33.87
C ASP B 814 19.19 39.91 34.07
N ASN B 815 20.06 39.36 33.22
CA ASN B 815 20.44 37.95 33.36
C ASN B 815 21.11 37.70 34.70
N MET B 816 21.95 38.62 35.14
CA MET B 816 22.70 38.49 36.39
C MET B 816 22.31 39.58 37.39
N ALA B 817 21.01 39.90 37.45
CA ALA B 817 20.56 40.96 38.34
C ALA B 817 20.58 40.53 39.80
N GLY B 818 20.44 39.23 40.06
CA GLY B 818 20.42 38.77 41.45
C GLY B 818 21.74 38.99 42.16
N VAL B 819 22.86 38.82 41.44
CA VAL B 819 24.17 39.04 42.04
C VAL B 819 24.34 40.50 42.42
N PHE B 820 23.92 41.41 41.54
CA PHE B 820 23.99 42.83 41.85
C PHE B 820 23.03 43.21 42.97
N TYR B 821 21.88 42.54 43.06
CA TYR B 821 21.00 42.72 44.20
C TYR B 821 21.69 42.33 45.49
N MET B 822 22.42 41.21 45.47
CA MET B 822 23.16 40.78 46.65
C MET B 822 24.25 41.78 47.02
N LEU B 823 24.93 42.34 46.02
CA LEU B 823 25.95 43.36 46.29
C LEU B 823 25.31 44.61 46.89
N ALA B 824 24.14 45.01 46.38
CA ALA B 824 23.43 46.15 46.96
C ALA B 824 23.03 45.87 48.40
N ALA B 825 22.56 44.66 48.68
CA ALA B 825 22.25 44.28 50.05
C ALA B 825 23.50 44.35 50.93
N ALA B 826 24.65 43.99 50.36
CA ALA B 826 25.90 44.13 51.08
C ALA B 826 26.20 45.58 51.42
N MET B 827 26.02 46.48 50.46
CA MET B 827 26.24 47.90 50.73
C MET B 827 25.33 48.39 51.84
N ALA B 828 24.05 48.02 51.77
CA ALA B 828 23.09 48.44 52.80
C ALA B 828 23.47 47.88 54.17
N LEU B 829 23.83 46.60 54.23
CA LEU B 829 24.17 45.98 55.50
C LEU B 829 25.46 46.58 56.06
N SER B 830 26.43 46.87 55.19
CA SER B 830 27.66 47.50 55.65
C SER B 830 27.40 48.87 56.24
N LEU B 831 26.55 49.67 55.57
CA LEU B 831 26.21 50.98 56.13
C LEU B 831 25.48 50.83 57.47
N ILE B 832 24.55 49.86 57.54
CA ILE B 832 23.77 49.67 58.76
C ILE B 832 24.68 49.28 59.93
N THR B 833 25.58 48.32 59.68
CA THR B 833 26.47 47.87 60.76
C THR B 833 27.52 48.92 61.10
N PHE B 834 27.90 49.76 60.13
CA PHE B 834 28.79 50.88 60.45
C PHE B 834 28.11 51.87 61.38
N ILE B 835 26.85 52.20 61.09
CA ILE B 835 26.09 53.07 61.98
C ILE B 835 25.91 52.43 63.35
N TRP B 836 25.68 51.11 63.37
CA TRP B 836 25.52 50.41 64.63
C TRP B 836 26.81 50.46 65.46
N GLU B 837 27.96 50.29 64.80
CA GLU B 837 29.23 50.37 65.50
C GLU B 837 29.48 51.78 66.02
N HIS B 838 29.12 52.81 65.23
CA HIS B 838 29.24 54.18 65.73
C HIS B 838 28.36 54.40 66.95
N LEU B 839 27.13 53.88 66.93
CA LEU B 839 26.24 54.03 68.08
C LEU B 839 26.80 53.31 69.30
N PHE B 840 27.34 52.10 69.10
CA PHE B 840 27.94 51.35 70.21
C PHE B 840 29.14 52.09 70.79
N TYR B 841 29.97 52.69 69.92
CA TYR B 841 31.13 53.42 70.41
C TYR B 841 30.71 54.64 71.22
N TRP B 842 29.68 55.35 70.77
CA TRP B 842 29.18 56.52 71.49
C TRP B 842 28.41 56.11 72.75
N LYS C 25 -54.85 -43.22 -22.62
CA LYS C 25 -55.72 -42.08 -22.92
C LYS C 25 -56.42 -41.59 -21.66
N ILE C 26 -56.96 -42.52 -20.88
CA ILE C 26 -57.65 -42.19 -19.65
C ILE C 26 -56.63 -41.85 -18.58
N VAL C 27 -56.83 -40.71 -17.91
CA VAL C 27 -55.93 -40.24 -16.86
C VAL C 27 -56.66 -40.40 -15.53
N ASN C 28 -56.09 -41.23 -14.65
CA ASN C 28 -56.68 -41.44 -13.34
C ASN C 28 -56.19 -40.39 -12.36
N ILE C 29 -57.10 -39.93 -11.49
CA ILE C 29 -56.77 -38.99 -10.44
C ILE C 29 -57.35 -39.52 -9.13
N GLY C 30 -56.52 -39.59 -8.10
CA GLY C 30 -56.94 -40.05 -6.80
C GLY C 30 -57.25 -38.90 -5.85
N ALA C 31 -58.16 -39.16 -4.92
CA ALA C 31 -58.63 -38.13 -3.99
C ALA C 31 -58.75 -38.73 -2.60
N VAL C 32 -57.86 -38.30 -1.71
CA VAL C 32 -57.98 -38.61 -0.29
C VAL C 32 -58.90 -37.58 0.33
N LEU C 33 -60.14 -37.98 0.58
CA LEU C 33 -61.12 -37.02 1.08
C LEU C 33 -61.65 -37.46 2.44
N SER C 34 -62.53 -36.64 3.01
CA SER C 34 -63.00 -36.80 4.37
C SER C 34 -64.32 -37.57 4.46
N THR C 35 -65.27 -37.30 3.56
CA THR C 35 -66.58 -37.91 3.63
C THR C 35 -67.01 -38.38 2.25
N ARG C 36 -67.93 -39.35 2.23
CA ARG C 36 -68.45 -39.89 0.97
C ARG C 36 -69.06 -38.80 0.10
N LYS C 37 -69.77 -37.86 0.73
CA LYS C 37 -70.42 -36.78 -0.01
C LYS C 37 -69.39 -35.89 -0.69
N HIS C 38 -68.27 -35.63 -0.02
CA HIS C 38 -67.21 -34.85 -0.61
C HIS C 38 -66.55 -35.59 -1.78
N GLU C 39 -66.46 -36.92 -1.68
CA GLU C 39 -65.94 -37.68 -2.82
C GLU C 39 -66.90 -37.68 -4.00
N GLN C 40 -68.20 -37.74 -3.73
CA GLN C 40 -69.18 -37.63 -4.80
C GLN C 40 -69.06 -36.29 -5.51
N MET C 41 -68.90 -35.21 -4.75
CA MET C 41 -68.75 -33.90 -5.38
C MET C 41 -67.39 -33.75 -6.05
N PHE C 42 -66.36 -34.46 -5.57
CA PHE C 42 -65.10 -34.52 -6.28
C PHE C 42 -65.27 -35.14 -7.65
N ARG C 43 -66.04 -36.24 -7.71
CA ARG C 43 -66.34 -36.87 -9.00
C ARG C 43 -67.11 -35.91 -9.89
N GLU C 44 -68.06 -35.16 -9.31
CA GLU C 44 -68.80 -34.17 -10.09
C GLU C 44 -67.88 -33.10 -10.65
N ALA C 45 -66.94 -32.61 -9.85
CA ALA C 45 -65.99 -31.61 -10.32
C ALA C 45 -65.07 -32.17 -11.40
N VAL C 46 -64.68 -33.44 -11.27
CA VAL C 46 -63.88 -34.08 -12.30
C VAL C 46 -64.66 -34.15 -13.61
N ASN C 47 -65.93 -34.51 -13.53
CA ASN C 47 -66.76 -34.54 -14.73
C ASN C 47 -66.87 -33.15 -15.36
N GLN C 48 -67.07 -32.13 -14.53
CA GLN C 48 -67.18 -30.76 -15.04
C GLN C 48 -65.89 -30.33 -15.73
N ALA C 49 -64.74 -30.64 -15.13
CA ALA C 49 -63.46 -30.31 -15.76
C ALA C 49 -63.23 -31.12 -17.03
N ASN C 50 -63.76 -32.34 -17.09
CA ASN C 50 -63.65 -33.15 -18.29
C ASN C 50 -64.48 -32.55 -19.42
N LYS C 51 -65.65 -31.98 -19.09
CA LYS C 51 -66.51 -31.41 -20.13
C LYS C 51 -65.85 -30.22 -20.80
N ARG C 52 -65.14 -29.39 -20.04
CA ARG C 52 -64.54 -28.17 -20.56
C ARG C 52 -63.07 -28.41 -20.90
N HIS C 53 -62.71 -28.14 -22.16
CA HIS C 53 -61.33 -28.22 -22.64
C HIS C 53 -60.73 -29.61 -22.39
N GLY C 54 -61.32 -30.60 -23.05
CA GLY C 54 -60.90 -31.98 -22.93
C GLY C 54 -59.76 -32.42 -23.83
N SER C 55 -59.20 -31.50 -24.62
CA SER C 55 -58.10 -31.79 -25.55
C SER C 55 -58.50 -32.82 -26.61
N TRP C 56 -59.80 -33.04 -26.79
CA TRP C 56 -60.41 -33.78 -27.89
C TRP C 56 -60.21 -35.29 -27.78
N LYS C 57 -59.37 -35.76 -26.87
CA LYS C 57 -59.21 -37.19 -26.72
C LYS C 57 -59.25 -37.67 -25.26
N ILE C 58 -58.67 -36.88 -24.34
CA ILE C 58 -58.45 -37.35 -22.98
C ILE C 58 -59.75 -37.26 -22.19
N GLN C 59 -60.12 -38.37 -21.55
CA GLN C 59 -61.27 -38.42 -20.65
C GLN C 59 -60.77 -38.81 -19.27
N LEU C 60 -60.77 -37.85 -18.35
CA LEU C 60 -60.26 -38.08 -17.01
C LEU C 60 -61.19 -38.99 -16.21
N ASN C 61 -60.59 -39.76 -15.30
CA ASN C 61 -61.32 -40.60 -14.36
C ASN C 61 -61.17 -40.01 -12.96
N ALA C 62 -61.69 -40.73 -11.97
CA ALA C 62 -61.65 -40.24 -10.59
C ALA C 62 -61.83 -41.40 -9.64
N THR C 63 -60.85 -41.64 -8.77
CA THR C 63 -60.95 -42.60 -7.68
C THR C 63 -60.75 -41.87 -6.37
N SER C 64 -61.48 -42.28 -5.33
CA SER C 64 -61.46 -41.57 -4.06
C SER C 64 -61.47 -42.53 -2.90
N VAL C 65 -60.79 -42.15 -1.82
CA VAL C 65 -60.71 -42.94 -0.60
C VAL C 65 -60.89 -42.02 0.60
N THR C 66 -61.65 -42.50 1.58
CA THR C 66 -61.84 -41.78 2.83
C THR C 66 -60.62 -41.91 3.72
N HIS C 67 -60.32 -40.85 4.48
CA HIS C 67 -59.20 -40.88 5.42
C HIS C 67 -59.39 -41.98 6.46
N LYS C 68 -58.27 -42.59 6.86
CA LYS C 68 -58.31 -43.65 7.85
C LYS C 68 -57.70 -43.17 9.17
N PRO C 69 -58.16 -43.70 10.30
CA PRO C 69 -57.68 -43.19 11.60
C PRO C 69 -56.19 -43.33 11.81
N ASN C 70 -55.57 -44.39 11.32
CA ASN C 70 -54.14 -44.64 11.51
C ASN C 70 -53.36 -44.29 10.26
N ALA C 71 -52.15 -43.77 10.44
CA ALA C 71 -51.33 -43.37 9.31
C ALA C 71 -50.89 -44.58 8.48
N ILE C 72 -50.57 -45.69 9.14
CA ILE C 72 -50.16 -46.89 8.41
C ILE C 72 -51.32 -47.42 7.57
N GLN C 73 -52.53 -47.41 8.12
CA GLN C 73 -53.70 -47.85 7.37
C GLN C 73 -53.87 -47.00 6.11
N MET C 74 -53.69 -45.68 6.24
CA MET C 74 -53.79 -44.84 5.06
C MET C 74 -52.65 -45.09 4.07
N ALA C 75 -51.43 -45.32 4.57
CA ALA C 75 -50.33 -45.60 3.65
C ALA C 75 -50.63 -46.84 2.81
N LEU C 76 -51.10 -47.90 3.47
CA LEU C 76 -51.47 -49.11 2.72
C LEU C 76 -52.67 -48.87 1.82
N SER C 77 -53.63 -48.04 2.25
CA SER C 77 -54.80 -47.77 1.42
C SER C 77 -54.42 -47.04 0.14
N VAL C 78 -53.57 -46.01 0.25
CA VAL C 78 -53.17 -45.27 -0.93
C VAL C 78 -52.26 -46.12 -1.81
N CYS C 79 -51.45 -46.99 -1.22
CA CYS C 79 -50.67 -47.93 -2.03
C CYS C 79 -51.57 -48.88 -2.81
N GLU C 80 -52.62 -49.39 -2.16
CA GLU C 80 -53.44 -50.43 -2.76
C GLU C 80 -54.54 -49.86 -3.65
N ASP C 81 -55.14 -48.73 -3.26
CA ASP C 81 -56.30 -48.20 -3.96
C ASP C 81 -55.93 -47.10 -4.96
N LEU C 82 -55.09 -46.16 -4.57
CA LEU C 82 -54.73 -45.05 -5.46
C LEU C 82 -53.54 -45.39 -6.34
N ILE C 83 -52.43 -45.82 -5.74
CA ILE C 83 -51.21 -46.06 -6.50
C ILE C 83 -51.43 -47.16 -7.53
N SER C 84 -52.14 -48.23 -7.15
CA SER C 84 -52.43 -49.31 -8.08
C SER C 84 -53.40 -48.89 -9.18
N SER C 85 -54.02 -47.72 -9.07
CA SER C 85 -54.99 -47.25 -10.04
C SER C 85 -54.39 -46.29 -11.05
N GLN C 86 -53.07 -46.17 -11.10
CA GLN C 86 -52.37 -45.34 -12.08
C GLN C 86 -52.76 -43.86 -11.94
N VAL C 87 -52.68 -43.36 -10.72
CA VAL C 87 -53.05 -41.98 -10.43
C VAL C 87 -51.92 -41.05 -10.83
N TYR C 88 -52.26 -39.96 -11.51
CA TYR C 88 -51.28 -38.95 -11.88
C TYR C 88 -51.03 -37.95 -10.76
N ALA C 89 -52.09 -37.48 -10.11
CA ALA C 89 -51.97 -36.62 -8.95
C ALA C 89 -52.98 -37.06 -7.91
N ILE C 90 -52.69 -36.78 -6.65
CA ILE C 90 -53.50 -37.22 -5.53
C ILE C 90 -53.99 -35.99 -4.78
N LEU C 91 -55.31 -35.93 -4.54
CA LEU C 91 -55.92 -34.85 -3.79
C LEU C 91 -56.12 -35.34 -2.35
N VAL C 92 -55.62 -34.56 -1.39
CA VAL C 92 -55.69 -34.93 0.02
C VAL C 92 -56.30 -33.78 0.80
N SER C 93 -57.06 -34.11 1.84
CA SER C 93 -57.73 -33.11 2.66
C SER C 93 -57.81 -33.60 4.09
N HIS C 94 -58.06 -32.67 5.00
CA HIS C 94 -58.13 -33.02 6.41
C HIS C 94 -59.38 -33.83 6.71
N PRO C 95 -59.33 -34.76 7.65
CA PRO C 95 -60.52 -35.54 8.01
C PRO C 95 -61.52 -34.67 8.77
N PRO C 96 -62.79 -35.10 8.84
CA PRO C 96 -63.78 -34.28 9.56
C PRO C 96 -63.48 -34.13 11.04
N THR C 97 -62.71 -35.04 11.62
CA THR C 97 -62.34 -34.92 13.03
C THR C 97 -61.48 -33.68 13.22
N PRO C 98 -61.72 -32.90 14.28
CA PRO C 98 -60.97 -31.63 14.44
C PRO C 98 -59.47 -31.79 14.57
N ASN C 99 -58.97 -32.98 14.90
CA ASN C 99 -57.53 -33.18 15.00
C ASN C 99 -56.87 -32.95 13.64
N ASP C 100 -55.76 -32.21 13.63
CA ASP C 100 -55.10 -31.81 12.41
C ASP C 100 -53.59 -31.97 12.53
N HIS C 101 -53.15 -33.07 13.14
CA HIS C 101 -51.73 -33.30 13.40
C HIS C 101 -51.08 -33.98 12.19
N PHE C 102 -50.94 -33.19 11.12
CA PHE C 102 -50.25 -33.61 9.90
C PHE C 102 -50.86 -34.88 9.31
N THR C 103 -52.18 -34.84 9.09
CA THR C 103 -52.85 -35.96 8.44
C THR C 103 -52.38 -36.24 7.01
N PRO C 104 -52.15 -35.26 6.14
CA PRO C 104 -51.79 -35.59 4.75
C PRO C 104 -50.35 -36.03 4.55
N THR C 105 -49.55 -36.11 5.62
CA THR C 105 -48.14 -36.50 5.46
C THR C 105 -47.97 -37.89 4.84
N PRO C 106 -48.66 -38.94 5.30
CA PRO C 106 -48.49 -40.24 4.63
C PRO C 106 -48.86 -40.21 3.16
N VAL C 107 -49.83 -39.38 2.77
CA VAL C 107 -50.17 -39.28 1.35
C VAL C 107 -49.02 -38.66 0.56
N SER C 108 -48.48 -37.54 1.06
CA SER C 108 -47.40 -36.86 0.36
C SER C 108 -46.13 -37.70 0.32
N TYR C 109 -46.01 -38.66 1.22
CA TYR C 109 -44.79 -39.48 1.29
C TYR C 109 -44.97 -40.89 0.76
N THR C 110 -46.19 -41.29 0.44
CA THR C 110 -46.39 -42.48 -0.39
C THR C 110 -46.38 -42.09 -1.86
N ALA C 111 -47.06 -41.00 -2.21
CA ALA C 111 -47.00 -40.50 -3.58
C ALA C 111 -45.74 -39.71 -3.87
N GLY C 112 -44.97 -39.34 -2.84
CA GLY C 112 -43.70 -38.68 -3.06
C GLY C 112 -42.55 -39.62 -3.38
N PHE C 113 -42.73 -40.92 -3.12
CA PHE C 113 -41.70 -41.90 -3.47
C PHE C 113 -41.48 -41.94 -4.98
N TYR C 114 -42.56 -41.89 -5.75
CA TYR C 114 -42.52 -41.93 -7.20
C TYR C 114 -42.65 -40.55 -7.82
N ARG C 115 -42.47 -39.50 -7.03
CA ARG C 115 -42.61 -38.11 -7.50
C ARG C 115 -43.99 -37.84 -8.06
N ILE C 116 -44.99 -38.60 -7.62
CA ILE C 116 -46.38 -38.34 -8.00
C ILE C 116 -46.84 -37.11 -7.25
N PRO C 117 -47.25 -36.04 -7.94
CA PRO C 117 -47.68 -34.83 -7.24
C PRO C 117 -48.87 -35.09 -6.33
N VAL C 118 -48.88 -34.42 -5.18
CA VAL C 118 -49.96 -34.52 -4.21
C VAL C 118 -50.61 -33.14 -4.10
N LEU C 119 -51.93 -33.12 -4.04
CA LEU C 119 -52.70 -31.89 -3.95
C LEU C 119 -53.32 -31.78 -2.57
N GLY C 120 -52.84 -30.80 -1.79
CA GLY C 120 -53.42 -30.51 -0.49
C GLY C 120 -54.55 -29.51 -0.62
N LEU C 121 -55.59 -29.72 0.17
CA LEU C 121 -56.81 -28.92 0.09
C LEU C 121 -57.06 -28.05 1.31
N THR C 122 -56.79 -28.55 2.51
CA THR C 122 -57.04 -27.79 3.73
C THR C 122 -55.86 -27.91 4.69
N THR C 123 -54.65 -28.02 4.14
CA THR C 123 -53.44 -28.20 4.92
C THR C 123 -52.67 -26.87 4.93
N ARG C 124 -52.64 -26.22 6.09
CA ARG C 124 -52.01 -24.92 6.22
C ARG C 124 -50.72 -24.95 7.04
N MET C 125 -50.18 -26.13 7.31
CA MET C 125 -48.91 -26.21 8.00
C MET C 125 -47.78 -25.77 7.07
N SER C 126 -46.78 -25.10 7.63
CA SER C 126 -45.67 -24.60 6.82
C SER C 126 -44.57 -25.64 6.60
N ILE C 127 -44.62 -26.78 7.30
CA ILE C 127 -43.61 -27.80 7.12
C ILE C 127 -43.60 -28.31 5.68
N TYR C 128 -44.78 -28.41 5.07
CA TYR C 128 -44.86 -28.87 3.69
C TYR C 128 -44.24 -27.88 2.71
N SER C 129 -43.99 -26.64 3.12
CA SER C 129 -43.41 -25.66 2.22
C SER C 129 -41.97 -26.01 1.86
N ASP C 130 -41.26 -26.72 2.73
CA ASP C 130 -39.89 -27.12 2.44
C ASP C 130 -39.89 -28.28 1.45
N LYS C 131 -39.31 -28.06 0.27
CA LYS C 131 -39.32 -29.05 -0.79
C LYS C 131 -38.25 -30.12 -0.62
N SER C 132 -37.25 -29.88 0.23
CA SER C 132 -36.24 -30.90 0.48
C SER C 132 -36.84 -32.11 1.19
N ILE C 133 -37.92 -31.91 1.94
CA ILE C 133 -38.63 -32.98 2.62
C ILE C 133 -39.84 -33.43 1.83
N HIS C 134 -40.70 -32.50 1.43
CA HIS C 134 -41.89 -32.79 0.63
C HIS C 134 -41.54 -32.52 -0.83
N LEU C 135 -41.24 -33.59 -1.56
CA LEU C 135 -40.71 -33.44 -2.91
C LEU C 135 -41.79 -33.06 -3.91
N SER C 136 -42.99 -33.61 -3.78
CA SER C 136 -44.05 -33.46 -4.76
C SER C 136 -45.38 -33.11 -4.09
N PHE C 137 -45.37 -32.13 -3.19
CA PHE C 137 -46.57 -31.68 -2.50
C PHE C 137 -46.87 -30.23 -2.91
N LEU C 138 -48.09 -30.00 -3.39
CA LEU C 138 -48.56 -28.68 -3.74
C LEU C 138 -49.93 -28.48 -3.09
N ARG C 139 -50.12 -27.35 -2.42
CA ARG C 139 -51.40 -27.07 -1.77
C ARG C 139 -52.07 -25.88 -2.43
N THR C 140 -53.40 -25.85 -2.32
CA THR C 140 -54.17 -24.70 -2.75
C THR C 140 -54.28 -23.64 -1.66
N VAL C 141 -54.12 -24.02 -0.40
CA VAL C 141 -54.23 -23.11 0.74
C VAL C 141 -52.82 -22.69 1.16
N PRO C 142 -52.48 -21.42 1.10
CA PRO C 142 -51.18 -20.99 1.61
C PRO C 142 -51.08 -21.28 3.10
N PRO C 143 -49.88 -21.63 3.58
CA PRO C 143 -49.73 -21.99 5.00
C PRO C 143 -49.76 -20.78 5.92
N TYR C 144 -49.69 -21.04 7.23
CA TYR C 144 -49.76 -19.95 8.20
C TYR C 144 -48.55 -19.04 8.12
N SER C 145 -47.39 -19.55 7.72
CA SER C 145 -46.17 -18.76 7.76
C SER C 145 -46.21 -17.56 6.81
N HIS C 146 -47.10 -17.58 5.82
CA HIS C 146 -47.24 -16.42 4.95
C HIS C 146 -47.96 -15.26 5.60
N GLN C 147 -48.69 -15.52 6.69
CA GLN C 147 -49.37 -14.44 7.41
C GLN C 147 -48.40 -13.35 7.83
N SER C 148 -47.14 -13.71 8.06
CA SER C 148 -46.14 -12.72 8.45
C SER C 148 -46.06 -11.59 7.43
N SER C 149 -46.19 -11.92 6.15
CA SER C 149 -46.19 -10.89 5.11
C SER C 149 -47.21 -9.82 5.42
N VAL C 150 -48.42 -10.24 5.78
CA VAL C 150 -49.50 -9.30 6.12
C VAL C 150 -49.02 -8.35 7.21
N TRP C 151 -48.40 -8.91 8.26
CA TRP C 151 -47.94 -8.08 9.36
C TRP C 151 -46.95 -7.03 8.87
N PHE C 152 -46.03 -7.42 7.99
CA PHE C 152 -45.10 -6.45 7.44
C PHE C 152 -45.84 -5.33 6.72
N GLU C 153 -46.86 -5.70 5.94
CA GLU C 153 -47.68 -4.68 5.29
C GLU C 153 -48.30 -3.75 6.32
N MET C 154 -48.81 -4.32 7.43
CA MET C 154 -49.33 -3.48 8.49
C MET C 154 -48.22 -2.62 9.08
N MET C 155 -47.03 -3.18 9.26
CA MET C 155 -45.89 -2.40 9.71
C MET C 155 -45.53 -1.31 8.72
N ARG C 156 -45.93 -1.46 7.46
CA ARG C 156 -45.75 -0.40 6.48
C ARG C 156 -46.89 0.60 6.47
N VAL C 157 -48.07 0.20 6.93
CA VAL C 157 -49.24 1.09 6.86
C VAL C 157 -49.33 1.99 8.09
N TYR C 158 -49.24 1.41 9.29
CA TYR C 158 -49.41 2.16 10.52
C TYR C 158 -48.10 2.70 11.08
N ASN C 159 -46.99 2.50 10.37
CA ASN C 159 -45.68 3.03 10.77
C ASN C 159 -45.28 2.53 12.15
N TRP C 160 -45.12 1.22 12.26
CA TRP C 160 -44.61 0.57 13.47
C TRP C 160 -43.21 0.06 13.18
N ASN C 161 -42.22 0.63 13.87
CA ASN C 161 -40.83 0.28 13.62
C ASN C 161 -40.24 -0.65 14.67
N HIS C 162 -40.86 -0.78 15.84
CA HIS C 162 -40.37 -1.63 16.91
C HIS C 162 -41.44 -2.66 17.25
N ILE C 163 -41.10 -3.94 17.11
CA ILE C 163 -42.03 -5.04 17.31
C ILE C 163 -41.38 -6.09 18.21
N ILE C 164 -42.23 -6.92 18.79
CA ILE C 164 -41.80 -8.05 19.61
C ILE C 164 -42.44 -9.31 19.05
N LEU C 165 -41.63 -10.31 18.73
CA LEU C 165 -42.14 -11.57 18.22
C LEU C 165 -42.31 -12.57 19.37
N LEU C 166 -43.45 -13.24 19.39
CA LEU C 166 -43.73 -14.30 20.37
C LEU C 166 -44.05 -15.56 19.58
N VAL C 167 -43.02 -16.35 19.30
CA VAL C 167 -43.17 -17.49 18.41
C VAL C 167 -42.96 -18.79 19.17
N SER C 168 -43.51 -19.86 18.62
CA SER C 168 -43.33 -21.19 19.17
C SER C 168 -41.96 -21.74 18.80
N ASP C 169 -41.57 -22.82 19.47
CA ASP C 169 -40.28 -23.45 19.22
C ASP C 169 -40.36 -24.54 18.15
N ASP C 170 -41.54 -24.81 17.61
CA ASP C 170 -41.69 -25.84 16.60
C ASP C 170 -41.26 -25.29 15.24
N HIS C 171 -41.56 -26.04 14.17
CA HIS C 171 -41.14 -25.61 12.83
C HIS C 171 -41.95 -24.42 12.35
N GLU C 172 -43.23 -24.36 12.72
CA GLU C 172 -44.09 -23.29 12.22
C GLU C 172 -43.65 -21.93 12.73
N GLY C 173 -43.40 -21.82 14.04
CA GLY C 173 -42.96 -20.55 14.58
C GLY C 173 -41.61 -20.13 14.06
N ARG C 174 -40.68 -21.08 13.92
CA ARG C 174 -39.37 -20.77 13.36
C ARG C 174 -39.49 -20.29 11.92
N ALA C 175 -40.35 -20.93 11.13
CA ALA C 175 -40.54 -20.52 9.75
C ALA C 175 -41.14 -19.12 9.67
N ALA C 176 -42.13 -18.83 10.51
CA ALA C 176 -42.72 -17.49 10.52
C ALA C 176 -41.70 -16.44 10.92
N GLN C 177 -40.89 -16.74 11.95
CA GLN C 177 -39.85 -15.80 12.36
C GLN C 177 -38.83 -15.58 11.25
N LYS C 178 -38.43 -16.65 10.57
CA LYS C 178 -37.45 -16.52 9.49
C LYS C 178 -38.01 -15.68 8.35
N ARG C 179 -39.26 -15.91 7.98
CA ARG C 179 -39.87 -15.13 6.91
C ARG C 179 -39.98 -13.66 7.30
N LEU C 180 -40.40 -13.39 8.53
CA LEU C 180 -40.53 -11.99 8.96
C LEU C 180 -39.17 -11.31 9.03
N GLU C 181 -38.14 -12.02 9.50
CA GLU C 181 -36.80 -11.44 9.53
C GLU C 181 -36.27 -11.18 8.13
N THR C 182 -36.55 -12.09 7.19
CA THR C 182 -36.14 -11.87 5.81
C THR C 182 -36.83 -10.63 5.24
N LEU C 183 -38.12 -10.47 5.52
CA LEU C 183 -38.83 -9.28 5.06
C LEU C 183 -38.27 -8.01 5.69
N LEU C 184 -37.94 -8.07 6.99
CA LEU C 184 -37.45 -6.89 7.69
C LEU C 184 -36.05 -6.51 7.25
N GLU C 185 -35.24 -7.48 6.84
CA GLU C 185 -33.88 -7.17 6.42
C GLU C 185 -33.85 -6.27 5.19
N GLU C 186 -34.89 -6.31 4.37
CA GLU C 186 -34.98 -5.40 3.23
C GLU C 186 -35.09 -3.95 3.67
N ARG C 187 -35.68 -3.71 4.83
CA ARG C 187 -35.86 -2.37 5.37
C ARG C 187 -34.69 -1.92 6.25
N GLU C 188 -33.69 -2.78 6.43
CA GLU C 188 -32.59 -2.53 7.37
C GLU C 188 -33.17 -2.26 8.76
N SER C 189 -33.84 -3.27 9.29
CA SER C 189 -34.45 -3.20 10.61
C SER C 189 -34.65 -4.62 11.12
N LYS C 190 -34.81 -4.74 12.43
CA LYS C 190 -35.00 -6.04 13.06
C LYS C 190 -35.89 -5.90 14.28
N ALA C 191 -36.58 -6.98 14.61
CA ALA C 191 -37.39 -7.00 15.82
C ALA C 191 -36.51 -6.89 17.05
N GLU C 192 -36.99 -6.17 18.06
CA GLU C 192 -36.20 -5.99 19.28
C GLU C 192 -35.94 -7.32 19.97
N LYS C 193 -36.97 -8.15 20.10
CA LYS C 193 -36.83 -9.45 20.75
C LYS C 193 -37.73 -10.46 20.06
N VAL C 194 -37.20 -11.67 19.89
CA VAL C 194 -37.94 -12.79 19.32
C VAL C 194 -37.97 -13.88 20.40
N LEU C 195 -39.01 -13.89 21.21
CA LEU C 195 -39.15 -14.84 22.31
C LEU C 195 -39.74 -16.14 21.78
N GLN C 196 -38.98 -17.22 21.90
CA GLN C 196 -39.43 -18.55 21.50
C GLN C 196 -39.86 -19.33 22.73
N PHE C 197 -41.09 -19.84 22.69
CA PHE C 197 -41.60 -20.66 23.78
C PHE C 197 -42.00 -22.03 23.24
N ASP C 198 -41.70 -23.07 24.00
CA ASP C 198 -42.02 -24.43 23.58
C ASP C 198 -43.53 -24.61 23.50
N PRO C 199 -44.01 -25.41 22.56
CA PRO C 199 -45.45 -25.67 22.48
C PRO C 199 -45.98 -26.34 23.74
N GLY C 200 -47.18 -25.95 24.14
CA GLY C 200 -47.84 -26.58 25.27
C GLY C 200 -47.35 -26.17 26.63
N THR C 201 -46.50 -25.16 26.73
CA THR C 201 -46.04 -24.71 28.04
C THR C 201 -47.18 -24.03 28.79
N LYS C 202 -47.41 -24.49 30.02
CA LYS C 202 -48.51 -23.93 30.82
C LYS C 202 -48.15 -22.57 31.39
N ASN C 203 -46.91 -22.39 31.82
CA ASN C 203 -46.44 -21.14 32.40
C ASN C 203 -45.54 -20.43 31.40
N VAL C 204 -45.95 -19.23 30.99
CA VAL C 204 -45.20 -18.45 30.01
C VAL C 204 -45.02 -17.03 30.57
N THR C 205 -45.32 -16.87 31.86
CA THR C 205 -45.27 -15.56 32.48
C THR C 205 -43.86 -14.98 32.47
N ALA C 206 -42.84 -15.83 32.49
CA ALA C 206 -41.46 -15.33 32.48
C ALA C 206 -41.15 -14.58 31.19
N LEU C 207 -41.53 -15.16 30.05
CA LEU C 207 -41.26 -14.51 28.77
C LEU C 207 -42.03 -13.20 28.63
N LEU C 208 -43.29 -13.17 29.06
CA LEU C 208 -44.05 -11.94 28.97
C LEU C 208 -43.53 -10.87 29.92
N MET C 209 -43.07 -11.28 31.10
CA MET C 209 -42.41 -10.33 32.00
C MET C 209 -41.14 -9.77 31.37
N GLU C 210 -40.37 -10.62 30.68
CA GLU C 210 -39.19 -10.14 29.98
C GLU C 210 -39.58 -9.16 28.87
N ALA C 211 -40.67 -9.45 28.15
CA ALA C 211 -41.12 -8.57 27.09
C ALA C 211 -41.63 -7.23 27.63
N ARG C 212 -42.21 -7.23 28.83
CA ARG C 212 -42.75 -5.99 29.38
C ARG C 212 -41.66 -4.96 29.64
N GLU C 213 -40.46 -5.41 30.02
CA GLU C 213 -39.36 -4.50 30.28
C GLU C 213 -38.83 -3.83 29.01
N LEU C 214 -39.24 -4.30 27.84
CA LEU C 214 -38.78 -3.72 26.59
C LEU C 214 -39.55 -2.43 26.29
N GLU C 215 -39.25 -1.83 25.15
CA GLU C 215 -39.89 -0.59 24.71
C GLU C 215 -41.01 -0.81 23.70
N ALA C 216 -40.83 -1.76 22.78
CA ALA C 216 -41.81 -1.98 21.74
C ALA C 216 -43.14 -2.45 22.34
N ARG C 217 -44.24 -1.89 21.82
CA ARG C 217 -45.57 -2.28 22.22
C ARG C 217 -46.30 -3.08 21.15
N VAL C 218 -45.67 -3.32 20.01
CA VAL C 218 -46.26 -4.10 18.93
C VAL C 218 -45.91 -5.56 19.20
N ILE C 219 -46.85 -6.30 19.78
CA ILE C 219 -46.65 -7.70 20.13
C ILE C 219 -47.25 -8.55 19.04
N ILE C 220 -46.44 -9.40 18.42
CA ILE C 220 -46.86 -10.28 17.34
C ILE C 220 -46.77 -11.71 17.84
N LEU C 221 -47.88 -12.44 17.75
CA LEU C 221 -47.97 -13.79 18.26
C LEU C 221 -48.14 -14.78 17.11
N SER C 222 -47.41 -15.90 17.19
CA SER C 222 -47.50 -16.97 16.21
C SER C 222 -47.47 -18.29 16.97
N ALA C 223 -48.64 -18.83 17.28
CA ALA C 223 -48.73 -20.03 18.10
C ALA C 223 -50.05 -20.73 17.83
N SER C 224 -50.14 -21.98 18.30
CA SER C 224 -51.36 -22.76 18.16
C SER C 224 -52.46 -22.20 19.08
N GLU C 225 -53.65 -22.79 18.96
CA GLU C 225 -54.80 -22.27 19.70
C GLU C 225 -54.58 -22.35 21.20
N ASP C 226 -54.10 -23.48 21.70
CA ASP C 226 -53.86 -23.62 23.14
C ASP C 226 -52.75 -22.68 23.61
N ASP C 227 -51.66 -22.60 22.86
CA ASP C 227 -50.58 -21.70 23.22
C ASP C 227 -51.02 -20.24 23.12
N ALA C 228 -51.83 -19.92 22.11
CA ALA C 228 -52.36 -18.57 22.00
C ALA C 228 -53.24 -18.22 23.19
N ALA C 229 -54.08 -19.17 23.64
CA ALA C 229 -54.91 -18.92 24.80
C ALA C 229 -54.05 -18.73 26.05
N THR C 230 -53.00 -19.53 26.21
CA THR C 230 -52.11 -19.38 27.35
C THR C 230 -51.43 -18.02 27.34
N VAL C 231 -50.94 -17.59 26.17
CA VAL C 231 -50.29 -16.29 26.06
C VAL C 231 -51.28 -15.17 26.35
N TYR C 232 -52.52 -15.30 25.86
CA TYR C 232 -53.53 -14.28 26.11
C TYR C 232 -53.85 -14.17 27.59
N ARG C 233 -54.01 -15.31 28.28
CA ARG C 233 -54.31 -15.25 29.71
C ARG C 233 -53.13 -14.68 30.50
N ALA C 234 -51.89 -15.03 30.11
CA ALA C 234 -50.74 -14.48 30.80
C ALA C 234 -50.61 -12.98 30.58
N ALA C 235 -50.92 -12.51 29.37
CA ALA C 235 -50.90 -11.08 29.10
C ALA C 235 -51.99 -10.36 29.88
N ALA C 236 -53.17 -10.98 30.00
CA ALA C 236 -54.23 -10.38 30.79
C ALA C 236 -53.84 -10.27 32.25
N MET C 237 -53.17 -11.30 32.79
CA MET C 237 -52.69 -11.23 34.17
C MET C 237 -51.68 -10.10 34.36
N LEU C 238 -50.86 -9.85 33.35
CA LEU C 238 -49.80 -8.85 33.42
C LEU C 238 -50.26 -7.46 32.98
N ASN C 239 -51.56 -7.26 32.79
CA ASN C 239 -52.12 -5.98 32.33
C ASN C 239 -51.50 -5.53 31.01
N MET C 240 -51.18 -6.50 30.14
CA MET C 240 -50.57 -6.22 28.85
C MET C 240 -51.58 -5.99 27.75
N THR C 241 -52.87 -6.17 28.02
CA THR C 241 -53.92 -5.99 27.01
C THR C 241 -54.55 -4.62 27.05
N GLY C 242 -54.06 -3.71 27.89
CA GLY C 242 -54.65 -2.40 28.05
C GLY C 242 -54.26 -1.44 26.94
N SER C 243 -54.48 -0.16 27.20
CA SER C 243 -54.18 0.87 26.22
C SER C 243 -52.69 0.97 25.97
N GLY C 244 -52.34 1.42 24.76
CA GLY C 244 -50.96 1.55 24.36
C GLY C 244 -50.34 0.29 23.80
N TYR C 245 -51.07 -0.83 23.78
CA TYR C 245 -50.57 -2.09 23.25
C TYR C 245 -51.36 -2.45 21.99
N VAL C 246 -50.66 -3.00 21.01
CA VAL C 246 -51.28 -3.47 19.78
C VAL C 246 -50.82 -4.90 19.53
N TRP C 247 -51.76 -5.77 19.19
CA TRP C 247 -51.49 -7.19 18.98
C TRP C 247 -51.80 -7.56 17.54
N LEU C 248 -50.86 -8.23 16.88
CA LEU C 248 -51.05 -8.79 15.56
C LEU C 248 -50.87 -10.29 15.65
N VAL C 249 -51.85 -11.05 15.16
CA VAL C 249 -51.85 -12.50 15.29
C VAL C 249 -52.29 -13.11 13.95
N GLY C 250 -52.34 -14.44 13.93
CA GLY C 250 -52.76 -15.18 12.76
C GLY C 250 -54.11 -15.86 12.94
N GLU C 251 -54.38 -16.79 12.02
CA GLU C 251 -55.69 -17.45 12.03
C GLU C 251 -55.84 -18.38 13.22
N ARG C 252 -54.76 -19.08 13.60
CA ARG C 252 -54.85 -20.03 14.70
C ARG C 252 -55.07 -19.36 16.04
N GLU C 253 -54.73 -18.09 16.17
CA GLU C 253 -54.81 -17.39 17.45
C GLU C 253 -56.15 -16.71 17.71
N ILE C 254 -57.05 -16.69 16.71
CA ILE C 254 -58.36 -16.09 16.86
C ILE C 254 -59.48 -17.09 16.60
N SER C 255 -59.16 -18.38 16.56
CA SER C 255 -60.15 -19.41 16.30
C SER C 255 -60.12 -20.44 17.42
N GLY C 256 -61.30 -20.90 17.83
CA GLY C 256 -61.41 -21.88 18.87
C GLY C 256 -61.19 -21.33 20.25
N ASN C 257 -60.51 -22.10 21.11
CA ASN C 257 -60.30 -21.69 22.49
C ASN C 257 -59.53 -20.38 22.58
N ALA C 258 -58.62 -20.12 21.63
CA ALA C 258 -57.86 -18.89 21.65
C ALA C 258 -58.76 -17.66 21.47
N LEU C 259 -59.92 -17.84 20.84
CA LEU C 259 -60.87 -16.74 20.73
C LEU C 259 -61.58 -16.47 22.05
N ARG C 260 -61.71 -17.49 22.89
CA ARG C 260 -62.40 -17.32 24.17
C ARG C 260 -61.66 -16.34 25.08
N TYR C 261 -60.34 -16.44 25.12
CA TYR C 261 -59.51 -15.60 25.98
C TYR C 261 -58.80 -14.49 25.22
N ALA C 262 -59.17 -14.24 23.97
CA ALA C 262 -58.50 -13.22 23.19
C ALA C 262 -58.80 -11.84 23.74
N PRO C 263 -57.79 -10.99 23.93
CA PRO C 263 -58.04 -9.63 24.40
C PRO C 263 -58.79 -8.81 23.34
N ASP C 264 -59.63 -7.90 23.82
CA ASP C 264 -60.36 -7.02 22.92
C ASP C 264 -59.40 -6.08 22.21
N GLY C 265 -59.63 -5.88 20.91
CA GLY C 265 -58.79 -5.03 20.11
C GLY C 265 -57.70 -5.75 19.34
N ILE C 266 -57.65 -7.08 19.42
CA ILE C 266 -56.61 -7.82 18.72
C ILE C 266 -56.88 -7.81 17.22
N ILE C 267 -55.81 -7.85 16.43
CA ILE C 267 -55.92 -7.82 14.98
C ILE C 267 -55.61 -9.19 14.42
N GLY C 268 -56.65 -10.01 14.22
CA GLY C 268 -56.47 -11.35 13.70
C GLY C 268 -56.51 -11.39 12.19
N LEU C 269 -56.36 -12.61 11.66
CA LEU C 269 -56.44 -12.86 10.24
C LEU C 269 -57.27 -14.11 9.99
N GLN C 270 -57.97 -14.13 8.86
CA GLN C 270 -58.79 -15.28 8.48
C GLN C 270 -58.69 -15.48 6.98
N LEU C 271 -58.71 -16.74 6.55
CA LEU C 271 -58.72 -17.07 5.14
C LEU C 271 -60.15 -17.14 4.64
N ILE C 272 -60.38 -16.58 3.44
CA ILE C 272 -61.74 -16.48 2.92
C ILE C 272 -62.32 -17.86 2.64
N ASN C 273 -61.49 -18.79 2.15
CA ASN C 273 -61.96 -20.12 1.79
C ASN C 273 -61.09 -21.20 2.45
N GLY C 274 -60.50 -20.89 3.60
CA GLY C 274 -59.61 -21.84 4.24
C GLY C 274 -60.29 -23.12 4.66
N LYS C 275 -61.53 -23.02 5.15
CA LYS C 275 -62.29 -24.18 5.58
C LYS C 275 -63.31 -24.62 4.54
N ASN C 276 -63.33 -23.98 3.37
CA ASN C 276 -64.25 -24.33 2.30
C ASN C 276 -63.62 -25.43 1.45
N GLU C 277 -63.85 -26.68 1.84
CA GLU C 277 -63.31 -27.80 1.08
C GLU C 277 -63.93 -27.86 -0.32
N SER C 278 -65.13 -27.31 -0.48
CA SER C 278 -65.83 -27.36 -1.76
C SER C 278 -65.08 -26.60 -2.85
N ALA C 279 -64.83 -25.32 -2.60
CA ALA C 279 -64.15 -24.48 -3.58
C ALA C 279 -62.74 -24.99 -3.84
N HIS C 280 -62.07 -25.46 -2.78
CA HIS C 280 -60.72 -25.99 -2.95
C HIS C 280 -60.72 -27.24 -3.82
N ILE C 281 -61.67 -28.15 -3.60
CA ILE C 281 -61.76 -29.35 -4.43
C ILE C 281 -61.99 -28.96 -5.89
N SER C 282 -62.92 -28.03 -6.12
CA SER C 282 -63.24 -27.63 -7.49
C SER C 282 -62.03 -27.01 -8.19
N ASP C 283 -61.37 -26.05 -7.53
CA ASP C 283 -60.26 -25.37 -8.20
C ASP C 283 -59.07 -26.30 -8.36
N ALA C 284 -58.82 -27.18 -7.39
CA ALA C 284 -57.72 -28.13 -7.52
C ALA C 284 -57.96 -29.10 -8.67
N VAL C 285 -59.20 -29.57 -8.82
CA VAL C 285 -59.52 -30.45 -9.94
C VAL C 285 -59.32 -29.72 -11.26
N GLY C 286 -59.77 -28.46 -11.34
CA GLY C 286 -59.56 -27.70 -12.56
C GLY C 286 -58.09 -27.53 -12.90
N VAL C 287 -57.28 -27.16 -11.90
CA VAL C 287 -55.86 -26.94 -12.12
C VAL C 287 -55.17 -28.24 -12.53
N VAL C 288 -55.50 -29.35 -11.87
CA VAL C 288 -54.84 -30.61 -12.20
C VAL C 288 -55.27 -31.10 -13.58
N ALA C 289 -56.53 -30.85 -13.97
CA ALA C 289 -56.97 -31.23 -15.32
C ALA C 289 -56.21 -30.42 -16.37
N GLN C 290 -56.09 -29.11 -16.16
CA GLN C 290 -55.34 -28.29 -17.10
C GLN C 290 -53.89 -28.72 -17.18
N ALA C 291 -53.29 -29.05 -16.03
CA ALA C 291 -51.90 -29.49 -16.01
C ALA C 291 -51.74 -30.84 -16.72
N VAL C 292 -52.69 -31.75 -16.55
CA VAL C 292 -52.62 -33.04 -17.23
C VAL C 292 -52.69 -32.84 -18.74
N HIS C 293 -53.60 -31.98 -19.19
CA HIS C 293 -53.70 -31.71 -20.63
C HIS C 293 -52.42 -31.07 -21.16
N GLU C 294 -51.85 -30.14 -20.39
CA GLU C 294 -50.59 -29.50 -20.81
C GLU C 294 -49.47 -30.51 -20.89
N LEU C 295 -49.39 -31.42 -19.91
CA LEU C 295 -48.37 -32.46 -19.93
C LEU C 295 -48.54 -33.38 -21.13
N LEU C 296 -49.77 -33.82 -21.40
CA LEU C 296 -50.02 -34.69 -22.53
C LEU C 296 -49.82 -33.99 -23.87
N GLU C 297 -49.81 -32.64 -23.87
CA GLU C 297 -49.43 -31.92 -25.08
C GLU C 297 -47.96 -32.19 -25.43
N LYS C 298 -47.11 -32.33 -24.42
CA LYS C 298 -45.68 -32.48 -24.63
C LYS C 298 -45.38 -33.89 -25.13
N GLU C 299 -44.09 -34.24 -25.21
CA GLU C 299 -43.65 -35.54 -25.67
C GLU C 299 -43.09 -36.36 -24.51
N ASN C 300 -42.69 -37.59 -24.84
CA ASN C 300 -42.06 -38.57 -23.94
C ASN C 300 -42.64 -38.54 -22.52
N ILE C 301 -43.95 -38.79 -22.43
CA ILE C 301 -44.62 -39.01 -21.16
C ILE C 301 -44.64 -40.50 -20.87
N THR C 302 -44.30 -40.87 -19.64
CA THR C 302 -44.37 -42.25 -19.19
C THR C 302 -45.67 -42.46 -18.44
N ASP C 303 -46.17 -43.70 -18.45
CA ASP C 303 -47.41 -44.02 -17.76
C ASP C 303 -47.14 -44.23 -16.26
N PRO C 304 -48.13 -43.98 -15.41
CA PRO C 304 -47.92 -44.12 -13.96
C PRO C 304 -47.77 -45.57 -13.56
N PRO C 305 -47.06 -45.85 -12.47
CA PRO C 305 -46.82 -47.24 -12.06
C PRO C 305 -48.06 -47.90 -11.48
N ARG C 306 -48.01 -49.23 -11.44
CA ARG C 306 -49.06 -50.02 -10.80
C ARG C 306 -48.57 -50.55 -9.47
N GLY C 307 -49.20 -50.09 -8.39
CA GLY C 307 -48.95 -50.65 -7.07
C GLY C 307 -47.63 -50.23 -6.45
N CYS C 308 -47.64 -50.08 -5.12
CA CYS C 308 -46.39 -49.80 -4.42
C CYS C 308 -45.42 -50.96 -4.52
N VAL C 309 -45.93 -52.19 -4.41
CA VAL C 309 -45.08 -53.38 -4.44
C VAL C 309 -44.76 -53.73 -5.89
N GLY C 310 -43.49 -54.01 -6.15
CA GLY C 310 -43.05 -54.46 -7.46
C GLY C 310 -42.49 -53.37 -8.36
N ASN C 311 -42.63 -52.10 -7.99
CA ASN C 311 -42.08 -50.99 -8.76
C ASN C 311 -41.33 -50.07 -7.82
N THR C 312 -40.05 -49.83 -8.11
CA THR C 312 -39.19 -49.02 -7.26
C THR C 312 -38.65 -47.77 -7.94
N ASN C 313 -38.55 -47.76 -9.26
CA ASN C 313 -38.04 -46.59 -9.95
C ASN C 313 -39.04 -45.44 -9.86
N ILE C 314 -38.51 -44.22 -9.84
CA ILE C 314 -39.39 -43.05 -9.80
C ILE C 314 -40.08 -42.87 -11.15
N TRP C 315 -41.12 -42.05 -11.14
CA TRP C 315 -41.81 -41.67 -12.36
C TRP C 315 -40.97 -40.62 -13.09
N LYS C 316 -40.57 -40.95 -14.33
CA LYS C 316 -39.60 -40.13 -15.04
C LYS C 316 -40.15 -38.73 -15.29
N THR C 317 -41.43 -38.62 -15.62
CA THR C 317 -42.06 -37.34 -15.88
C THR C 317 -42.69 -36.74 -14.63
N GLY C 318 -42.27 -37.18 -13.45
CA GLY C 318 -42.74 -36.61 -12.20
C GLY C 318 -42.29 -35.18 -12.01
N PRO C 319 -40.96 -34.96 -12.06
CA PRO C 319 -40.45 -33.60 -11.99
C PRO C 319 -41.09 -32.63 -12.97
N LEU C 320 -41.22 -33.01 -14.23
CA LEU C 320 -41.81 -32.11 -15.21
C LEU C 320 -43.30 -31.93 -15.01
N PHE C 321 -43.99 -32.97 -14.53
CA PHE C 321 -45.41 -32.80 -14.19
C PHE C 321 -45.58 -31.79 -13.05
N LYS C 322 -44.74 -31.89 -12.02
CA LYS C 322 -44.81 -30.90 -10.94
C LYS C 322 -44.45 -29.51 -11.44
N ARG C 323 -43.47 -29.43 -12.34
CA ARG C 323 -43.09 -28.12 -12.90
C ARG C 323 -44.22 -27.51 -13.71
N VAL C 324 -44.92 -28.33 -14.51
CA VAL C 324 -46.03 -27.79 -15.30
C VAL C 324 -47.20 -27.45 -14.40
N LEU C 325 -47.37 -28.17 -13.28
CA LEU C 325 -48.36 -27.76 -12.29
C LEU C 325 -48.01 -26.40 -11.70
N MET C 326 -46.73 -26.18 -11.39
CA MET C 326 -46.29 -24.94 -10.78
C MET C 326 -46.28 -23.77 -11.77
N SER C 327 -46.47 -24.03 -13.06
CA SER C 327 -46.48 -22.98 -14.07
C SER C 327 -47.85 -22.79 -14.71
N SER C 328 -48.91 -23.30 -14.10
CA SER C 328 -50.26 -23.19 -14.64
C SER C 328 -51.05 -22.17 -13.84
N LYS C 329 -51.69 -21.24 -14.55
CA LYS C 329 -52.50 -20.19 -13.93
C LYS C 329 -53.96 -20.47 -14.24
N TYR C 330 -54.74 -20.75 -13.19
CA TYR C 330 -56.17 -21.01 -13.33
C TYR C 330 -56.88 -19.65 -13.34
N ALA C 331 -57.33 -19.24 -14.52
CA ALA C 331 -57.85 -17.89 -14.69
C ALA C 331 -59.09 -17.64 -13.84
N ASP C 332 -60.18 -18.36 -14.13
CA ASP C 332 -61.45 -18.18 -13.43
C ASP C 332 -61.53 -19.22 -12.31
N GLY C 333 -61.24 -18.79 -11.09
CA GLY C 333 -61.22 -19.68 -9.94
C GLY C 333 -62.29 -19.31 -8.94
N VAL C 334 -62.89 -20.33 -8.32
CA VAL C 334 -63.88 -20.09 -7.28
C VAL C 334 -63.25 -19.45 -6.05
N THR C 335 -62.01 -19.81 -5.74
CA THR C 335 -61.26 -19.17 -4.66
C THR C 335 -60.44 -17.98 -5.15
N GLY C 336 -60.56 -17.61 -6.41
CA GLY C 336 -59.78 -16.54 -6.99
C GLY C 336 -58.74 -17.08 -7.96
N ARG C 337 -57.88 -16.18 -8.41
CA ARG C 337 -56.82 -16.55 -9.33
C ARG C 337 -55.85 -17.51 -8.65
N VAL C 338 -55.71 -18.70 -9.22
CA VAL C 338 -54.87 -19.75 -8.64
C VAL C 338 -53.50 -19.67 -9.30
N GLU C 339 -52.47 -19.49 -8.48
CA GLU C 339 -51.09 -19.44 -8.94
C GLU C 339 -50.26 -20.37 -8.06
N PHE C 340 -48.97 -20.45 -8.36
CA PHE C 340 -48.06 -21.29 -7.58
C PHE C 340 -46.70 -20.63 -7.51
N ASN C 341 -46.09 -20.64 -6.33
CA ASN C 341 -44.75 -20.12 -6.13
C ASN C 341 -43.75 -21.26 -6.06
N GLU C 342 -42.47 -20.89 -6.02
CA GLU C 342 -41.40 -21.87 -6.00
C GLU C 342 -41.44 -22.75 -4.75
N ASP C 343 -42.07 -22.28 -3.68
CA ASP C 343 -42.21 -23.09 -2.48
C ASP C 343 -43.36 -24.08 -2.57
N GLY C 344 -44.25 -23.93 -3.56
CA GLY C 344 -45.31 -24.88 -3.79
C GLY C 344 -46.70 -24.51 -3.31
N ASP C 345 -46.90 -23.29 -2.83
CA ASP C 345 -48.18 -22.86 -2.29
C ASP C 345 -48.95 -22.05 -3.35
N ARG C 346 -50.09 -21.49 -2.96
CA ARG C 346 -50.88 -20.69 -3.89
C ARG C 346 -50.27 -19.32 -4.13
N LYS C 347 -49.63 -18.74 -3.11
CA LYS C 347 -48.91 -17.47 -3.18
C LYS C 347 -49.85 -16.27 -3.26
N PHE C 348 -51.14 -16.52 -3.49
CA PHE C 348 -52.13 -15.45 -3.67
C PHE C 348 -53.41 -15.85 -2.96
N ALA C 349 -53.60 -15.36 -1.74
CA ALA C 349 -54.77 -15.66 -0.94
C ALA C 349 -55.34 -14.37 -0.35
N ASN C 350 -56.64 -14.39 -0.08
CA ASN C 350 -57.33 -13.26 0.50
C ASN C 350 -57.44 -13.45 2.01
N TYR C 351 -56.72 -12.62 2.76
CA TYR C 351 -56.74 -12.66 4.21
C TYR C 351 -57.65 -11.55 4.72
N SER C 352 -58.65 -11.93 5.51
CA SER C 352 -59.61 -10.97 6.04
C SER C 352 -59.17 -10.53 7.43
N ILE C 353 -58.97 -9.23 7.60
CA ILE C 353 -58.50 -8.69 8.87
C ILE C 353 -59.68 -8.58 9.83
N MET C 354 -59.67 -9.40 10.88
CA MET C 354 -60.72 -9.44 11.87
C MET C 354 -60.22 -8.82 13.17
N ASN C 355 -60.92 -7.79 13.64
CA ASN C 355 -60.64 -7.16 14.93
C ASN C 355 -61.68 -7.62 15.92
N LEU C 356 -61.25 -7.87 17.15
CA LEU C 356 -62.14 -8.36 18.21
C LEU C 356 -62.71 -7.16 18.94
N GLN C 357 -63.92 -6.76 18.55
CA GLN C 357 -64.64 -5.67 19.20
C GLN C 357 -65.81 -6.25 19.96
N ASN C 358 -65.90 -5.92 21.26
CA ASN C 358 -66.98 -6.39 22.13
C ASN C 358 -67.10 -7.91 22.09
N ARG C 359 -65.95 -8.60 22.13
CA ARG C 359 -65.89 -10.05 22.09
C ARG C 359 -66.52 -10.62 20.82
N LYS C 360 -66.44 -9.87 19.72
CA LYS C 360 -66.99 -10.31 18.44
C LYS C 360 -66.01 -9.95 17.34
N LEU C 361 -65.73 -10.89 16.45
CA LEU C 361 -64.81 -10.65 15.34
C LEU C 361 -65.53 -9.90 14.24
N VAL C 362 -65.09 -8.67 13.96
CA VAL C 362 -65.66 -7.85 12.89
C VAL C 362 -64.55 -7.50 11.92
N GLN C 363 -64.86 -7.54 10.63
CA GLN C 363 -63.86 -7.27 9.61
C GLN C 363 -63.58 -5.77 9.55
N VAL C 364 -62.31 -5.41 9.67
CA VAL C 364 -61.88 -4.02 9.57
C VAL C 364 -60.97 -3.81 8.35
N GLY C 365 -61.06 -4.70 7.38
CA GLY C 365 -60.21 -4.65 6.21
C GLY C 365 -59.95 -6.05 5.68
N ILE C 366 -59.39 -6.10 4.48
CA ILE C 366 -59.07 -7.37 3.83
C ILE C 366 -57.74 -7.26 3.12
N TYR C 367 -56.95 -8.32 3.20
CA TYR C 367 -55.64 -8.38 2.55
C TYR C 367 -55.76 -9.25 1.30
N ASN C 368 -55.58 -8.64 0.14
CA ASN C 368 -55.62 -9.38 -1.12
C ASN C 368 -54.28 -10.08 -1.34
N GLY C 369 -54.04 -10.57 -2.56
CA GLY C 369 -52.82 -11.30 -2.83
C GLY C 369 -51.56 -10.50 -2.55
N THR C 370 -51.60 -9.18 -2.70
CA THR C 370 -50.40 -8.37 -2.53
C THR C 370 -50.57 -7.10 -1.72
N HIS C 371 -51.78 -6.74 -1.28
CA HIS C 371 -51.97 -5.49 -0.55
C HIS C 371 -53.12 -5.62 0.43
N VAL C 372 -53.14 -4.71 1.40
CA VAL C 372 -54.17 -4.66 2.43
C VAL C 372 -55.00 -3.40 2.23
N ILE C 373 -56.31 -3.55 2.25
CA ILE C 373 -57.22 -2.43 2.08
C ILE C 373 -58.19 -2.37 3.25
N PRO C 374 -58.30 -1.23 3.92
CA PRO C 374 -59.28 -1.09 5.00
C PRO C 374 -60.66 -0.75 4.47
N ASN C 375 -61.64 -0.77 5.38
CA ASN C 375 -63.02 -0.46 5.01
C ASN C 375 -63.61 0.60 5.94
N ASP C 376 -64.93 0.80 5.84
CA ASP C 376 -65.58 1.84 6.63
C ASP C 376 -65.57 1.55 8.13
N ARG C 377 -65.35 0.29 8.52
CA ARG C 377 -65.32 -0.05 9.93
C ARG C 377 -64.14 0.62 10.62
N LYS C 378 -64.35 0.97 11.90
CA LYS C 378 -63.34 1.65 12.70
C LYS C 378 -62.65 0.64 13.61
N ILE C 379 -61.32 0.66 13.60
CA ILE C 379 -60.54 -0.27 14.42
C ILE C 379 -60.52 0.22 15.86
N ILE C 380 -60.94 -0.64 16.78
CA ILE C 380 -60.89 -0.35 18.21
C ILE C 380 -59.63 -1.05 18.74
N TRP C 381 -58.62 -0.26 19.07
CA TRP C 381 -57.38 -0.82 19.57
C TRP C 381 -57.56 -1.29 21.01
N PRO C 382 -56.68 -2.16 21.50
CA PRO C 382 -56.81 -2.66 22.87
C PRO C 382 -56.84 -1.52 23.88
N GLY C 383 -57.68 -1.68 24.89
CA GLY C 383 -57.95 -0.61 25.84
C GLY C 383 -59.13 0.26 25.49
N GLY C 384 -59.73 0.08 24.31
CA GLY C 384 -60.91 0.80 23.91
C GLY C 384 -60.67 2.10 23.17
N GLU C 385 -59.43 2.58 23.09
CA GLU C 385 -59.16 3.83 22.41
C GLU C 385 -59.28 3.66 20.91
N THR C 386 -59.77 4.71 20.25
CA THR C 386 -59.94 4.70 18.80
C THR C 386 -58.68 5.14 18.07
N GLU C 387 -57.94 6.09 18.62
CA GLU C 387 -56.73 6.58 17.98
C GLU C 387 -55.68 5.47 17.90
N LYS C 388 -54.91 5.48 16.82
CA LYS C 388 -53.89 4.46 16.61
C LYS C 388 -52.76 4.65 17.62
N PRO C 389 -52.45 3.65 18.44
CA PRO C 389 -51.36 3.82 19.42
C PRO C 389 -50.01 3.85 18.73
N ARG C 390 -49.06 4.49 19.40
CA ARG C 390 -47.69 4.56 18.88
C ARG C 390 -47.03 3.18 18.96
N GLY C 391 -45.99 3.00 18.15
CA GLY C 391 -45.32 1.72 18.11
C GLY C 391 -44.68 1.33 19.44
N TYR C 392 -44.08 2.29 20.12
CA TYR C 392 -43.39 2.01 21.38
C TYR C 392 -43.54 3.20 22.30
N GLN C 393 -43.21 2.98 23.58
CA GLN C 393 -43.13 4.03 24.57
C GLN C 393 -41.68 4.17 25.02
N MET C 394 -41.11 5.36 24.86
CA MET C 394 -39.72 5.58 25.22
C MET C 394 -39.53 5.44 26.73
N SER C 395 -38.38 4.89 27.12
CA SER C 395 -38.05 4.69 28.53
C SER C 395 -37.16 5.82 29.01
N THR C 396 -37.62 6.53 30.04
CA THR C 396 -36.85 7.62 30.63
C THR C 396 -35.94 7.16 31.75
N ARG C 397 -35.96 5.88 32.10
CA ARG C 397 -35.06 5.31 33.10
C ARG C 397 -34.01 4.47 32.38
N LEU C 398 -32.74 4.82 32.56
CA LEU C 398 -31.64 4.20 31.84
C LEU C 398 -30.77 3.40 32.79
N LYS C 399 -30.36 2.22 32.35
CA LYS C 399 -29.46 1.37 33.11
C LYS C 399 -28.03 1.78 32.76
N ILE C 400 -27.37 2.44 33.71
CA ILE C 400 -26.04 3.02 33.49
C ILE C 400 -24.99 2.06 34.02
N VAL C 401 -23.96 1.80 33.23
CA VAL C 401 -22.88 0.89 33.59
C VAL C 401 -21.58 1.67 33.62
N THR C 402 -20.80 1.50 34.69
CA THR C 402 -19.54 2.20 34.86
C THR C 402 -18.50 1.23 35.42
N ILE C 403 -17.24 1.65 35.37
CA ILE C 403 -16.12 0.86 35.88
C ILE C 403 -15.29 1.74 36.79
N HIS C 404 -14.50 1.10 37.66
CA HIS C 404 -13.68 1.80 38.62
C HIS C 404 -12.41 2.28 37.95
N GLN C 405 -12.46 3.52 37.44
CA GLN C 405 -11.29 4.21 36.92
C GLN C 405 -11.02 5.40 37.84
N GLU C 406 -9.81 5.47 38.40
CA GLU C 406 -9.57 6.42 39.48
C GLU C 406 -9.78 7.87 39.09
N PRO C 407 -9.19 8.40 38.02
CA PRO C 407 -9.41 9.82 37.72
C PRO C 407 -10.83 10.13 37.27
N PHE C 408 -11.57 9.16 36.75
CA PHE C 408 -12.89 9.38 36.18
C PHE C 408 -14.02 8.93 37.08
N VAL C 409 -14.00 7.69 37.55
CA VAL C 409 -15.08 7.14 38.38
C VAL C 409 -14.44 6.59 39.65
N TYR C 410 -14.35 7.43 40.68
CA TYR C 410 -14.06 6.94 42.02
C TYR C 410 -15.26 6.16 42.54
N VAL C 411 -14.99 5.03 43.18
CA VAL C 411 -16.02 4.23 43.83
C VAL C 411 -15.60 3.98 45.27
N LYS C 412 -16.50 4.26 46.20
CA LYS C 412 -16.18 4.14 47.62
C LYS C 412 -17.29 3.40 48.35
N PRO C 413 -16.96 2.69 49.42
CA PRO C 413 -18.00 2.08 50.25
C PRO C 413 -18.85 3.15 50.93
N THR C 414 -20.14 2.84 51.07
CA THR C 414 -21.05 3.75 51.73
C THR C 414 -21.05 3.51 53.24
N MET C 415 -21.67 4.43 53.97
CA MET C 415 -21.79 4.26 55.41
C MET C 415 -22.88 3.22 55.73
N SER C 416 -23.10 3.03 57.04
CA SER C 416 -24.12 2.08 57.47
C SER C 416 -25.52 2.54 57.07
N ASP C 417 -25.79 3.84 57.16
CA ASP C 417 -27.12 4.35 56.84
C ASP C 417 -27.46 4.24 55.36
N GLY C 418 -26.45 4.07 54.50
CA GLY C 418 -26.68 3.88 53.07
C GLY C 418 -26.22 5.01 52.19
N THR C 419 -25.91 6.18 52.73
CA THR C 419 -25.43 7.31 51.97
C THR C 419 -24.07 7.74 52.49
N CYS C 420 -23.10 7.89 51.58
CA CYS C 420 -21.76 8.26 52.00
C CYS C 420 -21.66 9.76 52.24
N LYS C 421 -20.53 10.17 52.79
CA LYS C 421 -20.37 11.53 53.29
C LYS C 421 -20.40 12.54 52.14
N GLU C 422 -20.90 13.74 52.45
CA GLU C 422 -20.76 14.87 51.54
C GLU C 422 -19.31 15.35 51.58
N GLU C 423 -18.73 15.59 50.41
CA GLU C 423 -17.37 16.05 50.30
C GLU C 423 -17.33 17.37 49.53
N PHE C 424 -16.30 18.15 49.79
CA PHE C 424 -16.13 19.46 49.17
C PHE C 424 -14.74 19.55 48.56
N THR C 425 -14.67 20.18 47.39
CA THR C 425 -13.40 20.35 46.69
C THR C 425 -12.63 21.51 47.32
N VAL C 426 -11.53 21.92 46.67
CA VAL C 426 -10.75 23.04 47.17
C VAL C 426 -11.57 24.32 47.14
N ASN C 427 -12.42 24.47 46.11
CA ASN C 427 -13.34 25.60 46.05
C ASN C 427 -14.34 25.55 47.20
N GLY C 428 -14.83 24.37 47.53
CA GLY C 428 -15.86 24.22 48.55
C GLY C 428 -17.22 23.79 48.03
N ASP C 429 -17.35 23.54 46.73
CA ASP C 429 -18.59 23.04 46.18
C ASP C 429 -18.79 21.58 46.56
N PRO C 430 -20.04 21.16 46.80
CA PRO C 430 -20.28 19.74 47.13
C PRO C 430 -19.93 18.84 45.96
N VAL C 431 -19.44 17.64 46.29
CA VAL C 431 -19.10 16.64 45.29
C VAL C 431 -20.32 15.77 45.06
N LYS C 432 -20.86 15.82 43.83
CA LYS C 432 -22.06 15.06 43.52
C LYS C 432 -21.74 13.58 43.42
N LYS C 433 -22.49 12.76 44.14
CA LYS C 433 -22.29 11.32 44.20
C LYS C 433 -23.59 10.61 43.89
N VAL C 434 -23.47 9.39 43.37
CA VAL C 434 -24.62 8.57 43.03
C VAL C 434 -24.46 7.20 43.69
N ILE C 435 -25.58 6.50 43.85
CA ILE C 435 -25.58 5.19 44.47
C ILE C 435 -25.42 4.14 43.37
N CYS C 436 -24.25 3.54 43.30
CA CYS C 436 -23.93 2.54 42.29
C CYS C 436 -23.84 1.17 42.94
N THR C 437 -24.55 0.20 42.37
CA THR C 437 -24.59 -1.16 42.89
C THR C 437 -23.55 -1.99 42.15
N GLY C 438 -22.47 -2.37 42.84
CA GLY C 438 -21.39 -3.07 42.20
C GLY C 438 -20.92 -4.27 42.98
N PRO C 439 -20.11 -5.13 42.34
CA PRO C 439 -19.57 -6.30 43.04
C PRO C 439 -18.70 -5.88 44.21
N ASN C 440 -18.76 -6.68 45.28
CA ASN C 440 -18.01 -6.35 46.49
C ASN C 440 -16.58 -6.85 46.40
N ASP C 441 -16.38 -8.13 46.15
CA ASP C 441 -15.06 -8.75 46.05
C ASP C 441 -14.69 -8.90 44.59
N THR C 442 -13.63 -8.21 44.17
CA THR C 442 -13.17 -8.29 42.78
C THR C 442 -12.19 -9.44 42.55
N SER C 443 -11.74 -10.11 43.61
CA SER C 443 -10.82 -11.22 43.45
C SER C 443 -11.52 -12.39 42.77
N PRO C 444 -10.86 -13.05 41.82
CA PRO C 444 -11.48 -14.20 41.16
C PRO C 444 -11.70 -15.35 42.14
N GLY C 445 -12.73 -16.14 41.86
CA GLY C 445 -13.09 -17.25 42.73
C GLY C 445 -13.62 -16.82 44.08
N SER C 446 -14.38 -15.73 44.14
CA SER C 446 -14.95 -15.21 45.37
C SER C 446 -16.42 -14.91 45.15
N PRO C 447 -17.24 -15.01 46.21
CA PRO C 447 -18.67 -14.68 46.06
C PRO C 447 -18.88 -13.20 45.79
N ARG C 448 -19.32 -12.88 44.59
CA ARG C 448 -19.53 -11.49 44.15
C ARG C 448 -21.01 -11.16 44.32
N HIS C 449 -21.34 -10.47 45.41
CA HIS C 449 -22.69 -10.00 45.68
C HIS C 449 -22.76 -8.50 45.43
N THR C 450 -23.81 -8.08 44.73
CA THR C 450 -23.96 -6.67 44.34
C THR C 450 -24.29 -5.84 45.57
N VAL C 451 -23.27 -5.16 46.11
CA VAL C 451 -23.44 -4.27 47.25
C VAL C 451 -23.60 -2.84 46.72
N PRO C 452 -24.50 -2.04 47.30
CA PRO C 452 -24.62 -0.62 46.90
C PRO C 452 -23.55 0.23 47.55
N GLN C 453 -22.56 0.65 46.76
CA GLN C 453 -21.56 1.62 47.14
C GLN C 453 -21.89 2.94 46.47
N CYS C 454 -21.02 3.94 46.62
CA CYS C 454 -21.30 5.24 46.00
C CYS C 454 -20.16 5.65 45.08
N CYS C 455 -20.54 6.14 43.90
CA CYS C 455 -19.64 6.51 42.83
C CYS C 455 -19.67 8.02 42.63
N TYR C 456 -18.53 8.58 42.23
CA TYR C 456 -18.40 10.01 42.00
C TYR C 456 -17.13 10.26 41.21
N GLY C 457 -17.18 11.25 40.33
CA GLY C 457 -15.99 11.65 39.60
C GLY C 457 -16.36 12.33 38.30
N PHE C 458 -15.39 12.30 37.36
CA PHE C 458 -15.57 12.96 36.08
C PHE C 458 -16.77 12.43 35.34
N CYS C 459 -16.83 11.11 35.15
CA CYS C 459 -17.91 10.52 34.36
C CYS C 459 -19.25 10.62 35.07
N ILE C 460 -19.26 10.53 36.40
CA ILE C 460 -20.52 10.70 37.12
C ILE C 460 -21.02 12.13 36.99
N ASP C 461 -20.11 13.11 37.07
CA ASP C 461 -20.50 14.50 36.87
C ASP C 461 -21.05 14.72 35.46
N LEU C 462 -20.40 14.13 34.45
CA LEU C 462 -20.88 14.24 33.08
C LEU C 462 -22.26 13.60 32.94
N LEU C 463 -22.47 12.44 33.58
CA LEU C 463 -23.76 11.78 33.52
C LEU C 463 -24.85 12.61 34.18
N ILE C 464 -24.53 13.25 35.31
CA ILE C 464 -25.50 14.12 35.96
C ILE C 464 -25.82 15.32 35.06
N LYS C 465 -24.81 15.87 34.40
CA LYS C 465 -25.07 16.95 33.45
C LYS C 465 -25.98 16.50 32.32
N LEU C 466 -25.74 15.29 31.79
CA LEU C 466 -26.59 14.77 30.73
C LEU C 466 -28.02 14.58 31.20
N ALA C 467 -28.19 14.01 32.39
CA ALA C 467 -29.53 13.83 32.95
C ALA C 467 -30.21 15.15 33.26
N ARG C 468 -29.44 16.21 33.47
CA ARG C 468 -30.03 17.53 33.69
C ARG C 468 -30.48 18.15 32.37
N THR C 469 -29.58 18.21 31.38
CA THR C 469 -29.93 18.82 30.10
C THR C 469 -31.01 18.02 29.38
N MET C 470 -30.85 16.69 29.32
CA MET C 470 -31.85 15.82 28.73
C MET C 470 -32.66 15.18 29.85
N ASN C 471 -33.97 15.36 29.83
CA ASN C 471 -34.82 14.95 30.94
C ASN C 471 -34.97 13.44 30.97
N PHE C 472 -34.07 12.76 31.68
CA PHE C 472 -34.19 11.32 31.87
C PHE C 472 -33.61 10.96 33.24
N THR C 473 -34.05 9.81 33.75
CA THR C 473 -33.62 9.31 35.05
C THR C 473 -32.66 8.15 34.85
N TYR C 474 -31.68 8.03 35.75
CA TYR C 474 -30.61 7.06 35.62
C TYR C 474 -30.43 6.31 36.93
N GLU C 475 -29.84 5.12 36.83
CA GLU C 475 -29.37 4.38 37.99
C GLU C 475 -28.06 3.70 37.61
N VAL C 476 -26.99 4.01 38.33
CA VAL C 476 -25.67 3.54 37.98
C VAL C 476 -25.42 2.18 38.63
N HIS C 477 -24.75 1.29 37.90
CA HIS C 477 -24.34 0.01 38.44
C HIS C 477 -23.04 -0.40 37.77
N LEU C 478 -22.10 -0.91 38.57
CA LEU C 478 -20.80 -1.25 38.03
C LEU C 478 -20.88 -2.49 37.15
N VAL C 479 -19.80 -2.73 36.40
CA VAL C 479 -19.74 -3.89 35.53
C VAL C 479 -19.68 -5.16 36.39
N ALA C 480 -20.16 -6.27 35.82
CA ALA C 480 -20.10 -7.54 36.54
C ALA C 480 -18.66 -7.93 36.85
N ASP C 481 -17.76 -7.74 35.89
CA ASP C 481 -16.33 -7.96 36.07
C ASP C 481 -15.59 -6.64 35.88
N GLY C 482 -14.26 -6.73 35.87
CA GLY C 482 -13.45 -5.53 35.76
C GLY C 482 -12.94 -5.26 34.37
N LYS C 483 -13.58 -5.84 33.36
CA LYS C 483 -13.12 -5.76 31.98
C LYS C 483 -13.87 -4.65 31.24
N PHE C 484 -13.13 -3.94 30.38
CA PHE C 484 -13.75 -2.88 29.58
C PHE C 484 -14.58 -3.46 28.43
N GLY C 485 -14.09 -4.52 27.79
CA GLY C 485 -14.82 -5.13 26.70
C GLY C 485 -13.94 -5.51 25.52
N THR C 486 -14.01 -6.78 25.11
CA THR C 486 -13.19 -7.28 24.02
C THR C 486 -13.86 -8.52 23.44
N GLN C 487 -13.81 -8.65 22.11
CA GLN C 487 -14.36 -9.83 21.46
C GLN C 487 -13.57 -11.06 21.85
N GLU C 488 -14.24 -12.01 22.50
CA GLU C 488 -13.60 -13.24 22.93
C GLU C 488 -14.40 -14.43 22.41
N ARG C 489 -13.69 -15.53 22.16
CA ARG C 489 -14.30 -16.74 21.62
C ARG C 489 -14.65 -17.65 22.79
N VAL C 490 -15.94 -17.79 23.08
CA VAL C 490 -16.38 -18.61 24.19
C VAL C 490 -16.08 -20.08 23.89
N ASN C 491 -15.93 -20.87 24.95
CA ASN C 491 -15.47 -22.26 24.80
C ASN C 491 -16.45 -23.09 23.98
N ASN C 492 -17.75 -22.95 24.24
CA ASN C 492 -18.74 -23.78 23.58
C ASN C 492 -19.13 -23.18 22.24
N SER C 493 -19.11 -24.01 21.19
CA SER C 493 -19.55 -23.66 19.84
C SER C 493 -18.67 -22.60 19.19
N ASN C 494 -17.61 -22.18 19.88
CA ASN C 494 -16.68 -21.16 19.39
C ASN C 494 -17.42 -19.93 18.90
N LYS C 495 -18.15 -19.30 19.82
CA LYS C 495 -19.01 -18.16 19.50
C LYS C 495 -18.33 -16.87 19.95
N LYS C 496 -18.37 -15.86 19.08
CA LYS C 496 -17.90 -14.54 19.43
C LYS C 496 -18.81 -13.94 20.50
N GLU C 497 -18.20 -13.31 21.50
CA GLU C 497 -18.98 -12.71 22.58
C GLU C 497 -18.25 -11.49 23.10
N TRP C 498 -19.03 -10.53 23.59
CA TRP C 498 -18.49 -9.35 24.24
C TRP C 498 -18.52 -9.53 25.76
N ASN C 499 -17.46 -9.10 26.42
CA ASN C 499 -17.35 -9.19 27.85
C ASN C 499 -17.40 -7.80 28.46
N GLY C 500 -17.56 -7.76 29.79
CA GLY C 500 -17.51 -6.49 30.48
C GLY C 500 -18.61 -5.53 30.03
N MET C 501 -18.20 -4.31 29.70
CA MET C 501 -19.16 -3.26 29.39
C MET C 501 -19.94 -3.55 28.11
N MET C 502 -19.26 -4.04 27.07
CA MET C 502 -19.96 -4.37 25.85
C MET C 502 -20.94 -5.52 26.04
N GLY C 503 -20.53 -6.54 26.80
CA GLY C 503 -21.46 -7.61 27.11
C GLY C 503 -22.65 -7.14 27.93
N GLU C 504 -22.42 -6.19 28.82
CA GLU C 504 -23.50 -5.65 29.63
C GLU C 504 -24.45 -4.81 28.79
N LEU C 505 -23.92 -4.07 27.82
CA LEU C 505 -24.75 -3.16 27.05
C LEU C 505 -25.49 -3.86 25.91
N LEU C 506 -24.78 -4.69 25.14
CA LEU C 506 -25.38 -5.33 23.98
C LEU C 506 -26.41 -6.38 24.36
N SER C 507 -26.34 -6.93 25.57
CA SER C 507 -27.32 -7.91 26.03
C SER C 507 -28.56 -7.28 26.64
N GLY C 508 -28.63 -5.94 26.69
CA GLY C 508 -29.77 -5.26 27.23
C GLY C 508 -29.73 -4.99 28.71
N GLN C 509 -28.70 -5.48 29.42
CA GLN C 509 -28.61 -5.23 30.85
C GLN C 509 -28.35 -3.75 31.14
N ALA C 510 -27.65 -3.05 30.24
CA ALA C 510 -27.37 -1.64 30.40
C ALA C 510 -27.77 -0.89 29.14
N ASP C 511 -28.13 0.39 29.31
CA ASP C 511 -28.57 1.21 28.20
C ASP C 511 -27.56 2.26 27.77
N MET C 512 -26.56 2.56 28.60
CA MET C 512 -25.58 3.59 28.29
C MET C 512 -24.31 3.32 29.09
N ILE C 513 -23.18 3.73 28.53
CA ILE C 513 -21.87 3.50 29.14
C ILE C 513 -21.22 4.87 29.30
N VAL C 514 -21.27 5.42 30.51
CA VAL C 514 -20.60 6.69 30.81
C VAL C 514 -19.32 6.33 31.57
N ALA C 515 -18.25 6.13 30.81
CA ALA C 515 -16.98 5.69 31.37
C ALA C 515 -15.87 5.90 30.35
N PRO C 516 -14.60 5.79 30.73
CA PRO C 516 -13.53 5.92 29.73
C PRO C 516 -13.52 4.76 28.74
N LEU C 517 -14.47 4.79 27.79
CA LEU C 517 -14.57 3.76 26.77
C LEU C 517 -13.96 4.30 25.48
N THR C 518 -12.82 3.74 25.09
CA THR C 518 -12.13 4.18 23.89
C THR C 518 -12.93 3.82 22.65
N ILE C 519 -12.82 4.66 21.62
CA ILE C 519 -13.52 4.48 20.36
C ILE C 519 -12.60 3.78 19.38
N ASN C 520 -13.04 2.66 18.83
CA ASN C 520 -12.28 1.91 17.85
C ASN C 520 -13.25 1.05 17.04
N ASN C 521 -12.72 0.39 16.00
CA ASN C 521 -13.56 -0.33 15.05
C ASN C 521 -14.34 -1.45 15.73
N GLU C 522 -13.65 -2.30 16.49
CA GLU C 522 -14.32 -3.48 17.06
C GLU C 522 -15.48 -3.07 17.94
N ARG C 523 -15.32 -1.99 18.71
CA ARG C 523 -16.43 -1.52 19.53
C ARG C 523 -17.46 -0.77 18.70
N ALA C 524 -17.04 -0.02 17.70
CA ALA C 524 -17.98 0.79 16.92
C ALA C 524 -18.80 -0.03 15.94
N GLN C 525 -18.36 -1.24 15.61
CA GLN C 525 -19.12 -2.07 14.69
C GLN C 525 -20.46 -2.50 15.29
N TYR C 526 -20.50 -2.69 16.60
CA TYR C 526 -21.68 -3.19 17.29
C TYR C 526 -22.45 -2.13 18.05
N ILE C 527 -21.76 -1.27 18.80
CA ILE C 527 -22.39 -0.15 19.49
C ILE C 527 -21.95 1.14 18.80
N GLU C 528 -22.59 2.24 19.17
CA GLU C 528 -22.29 3.53 18.56
C GLU C 528 -21.87 4.52 19.65
N PHE C 529 -20.78 5.22 19.40
CA PHE C 529 -20.23 6.17 20.35
C PHE C 529 -20.66 7.59 20.00
N SER C 530 -20.85 8.40 21.04
CA SER C 530 -21.07 9.81 20.86
C SER C 530 -19.75 10.49 20.49
N LYS C 531 -19.81 11.80 20.28
CA LYS C 531 -18.59 12.55 20.08
C LYS C 531 -17.73 12.47 21.34
N PRO C 532 -16.40 12.38 21.20
CA PRO C 532 -15.56 12.18 22.38
C PRO C 532 -15.70 13.33 23.37
N PHE C 533 -15.83 12.98 24.65
CA PHE C 533 -15.83 13.96 25.72
C PHE C 533 -14.45 14.15 26.33
N LYS C 534 -13.45 13.42 25.87
CA LYS C 534 -12.09 13.56 26.37
C LYS C 534 -11.15 12.94 25.36
N TYR C 535 -10.28 13.76 24.76
CA TYR C 535 -9.32 13.27 23.78
C TYR C 535 -8.02 12.92 24.47
N GLN C 536 -7.49 11.73 24.19
CA GLN C 536 -6.34 11.19 24.90
C GLN C 536 -5.64 10.19 23.99
N GLY C 537 -4.66 9.48 24.53
CA GLY C 537 -3.91 8.52 23.76
C GLY C 537 -3.25 7.51 24.67
N LEU C 538 -2.58 6.54 24.06
CA LEU C 538 -1.88 5.52 24.82
C LEU C 538 -0.50 6.03 25.23
N THR C 539 -0.07 5.65 26.43
CA THR C 539 1.22 6.05 26.95
C THR C 539 1.68 5.02 27.97
N ILE C 540 2.91 5.20 28.44
CA ILE C 540 3.58 4.22 29.29
C ILE C 540 3.93 4.87 30.62
N LEU C 541 3.55 4.21 31.71
CA LEU C 541 3.85 4.64 33.06
C LEU C 541 4.94 3.73 33.63
N VAL C 542 5.99 4.33 34.20
CA VAL C 542 7.12 3.61 34.74
C VAL C 542 7.48 4.20 36.10
N LYS C 543 8.45 3.56 36.75
CA LYS C 543 8.92 4.03 38.05
C LYS C 543 9.73 5.31 37.89
N LYS C 544 9.57 6.23 38.85
CA LYS C 544 10.31 7.49 38.81
C LYS C 544 11.81 7.26 38.91
N GLU C 545 12.22 6.30 39.75
CA GLU C 545 13.63 5.95 39.96
C GLU C 545 14.42 7.18 40.45
N ILE C 546 14.09 7.57 41.68
CA ILE C 546 14.84 8.67 42.28
C ILE C 546 16.30 8.28 42.39
N PRO C 547 17.24 9.20 42.13
CA PRO C 547 18.65 8.81 42.13
C PRO C 547 19.12 8.39 43.52
N ARG C 548 20.04 7.44 43.55
CA ARG C 548 20.63 6.93 44.78
C ARG C 548 21.98 7.59 44.99
N SER C 549 22.15 8.21 46.16
CA SER C 549 23.38 8.91 46.51
C SER C 549 24.03 8.22 47.70
N THR C 550 25.32 7.95 47.59
CA THR C 550 26.08 7.27 48.62
C THR C 550 27.01 8.26 49.33
N LEU C 551 27.59 7.80 50.43
CA LEU C 551 28.49 8.66 51.21
C LEU C 551 29.79 8.91 50.47
N ASP C 552 30.30 7.91 49.75
CA ASP C 552 31.55 8.04 49.01
C ASP C 552 31.37 8.70 47.65
N SER C 553 30.21 9.31 47.40
CA SER C 553 29.93 9.88 46.08
C SER C 553 30.96 10.92 45.67
N PHE C 554 31.48 11.68 46.64
CA PHE C 554 32.48 12.70 46.31
C PHE C 554 33.80 12.06 45.89
N MET C 555 34.13 10.91 46.45
CA MET C 555 35.39 10.24 46.11
C MET C 555 35.25 9.31 44.90
N GLN C 556 34.05 9.20 44.34
CA GLN C 556 33.83 8.33 43.19
C GLN C 556 34.68 8.66 41.97
N PRO C 557 34.85 9.92 41.55
CA PRO C 557 35.52 10.17 40.25
C PRO C 557 36.90 9.56 40.14
N PHE C 558 37.64 9.45 41.24
CA PHE C 558 38.93 8.78 41.25
C PHE C 558 38.79 7.41 41.91
N GLN C 559 39.34 6.39 41.28
CA GLN C 559 39.31 5.07 41.89
C GLN C 559 40.24 5.03 43.10
N SER C 560 40.08 3.97 43.91
CA SER C 560 40.85 3.86 45.15
C SER C 560 42.35 3.81 44.86
N THR C 561 42.75 3.12 43.79
CA THR C 561 44.16 3.06 43.43
C THR C 561 44.69 4.44 43.07
N LEU C 562 43.90 5.24 42.35
CA LEU C 562 44.33 6.60 42.02
C LEU C 562 44.43 7.48 43.26
N TRP C 563 43.49 7.33 44.19
CA TRP C 563 43.56 8.07 45.44
C TRP C 563 44.83 7.72 46.21
N LEU C 564 45.13 6.43 46.32
CA LEU C 564 46.35 6.02 47.01
C LEU C 564 47.59 6.54 46.29
N LEU C 565 47.59 6.50 44.96
CA LEU C 565 48.74 6.95 44.19
C LEU C 565 48.99 8.44 44.42
N VAL C 566 47.93 9.26 44.37
CA VAL C 566 48.12 10.69 44.56
C VAL C 566 48.51 11.00 46.01
N GLY C 567 47.94 10.27 46.97
CA GLY C 567 48.32 10.46 48.36
C GLY C 567 49.79 10.14 48.61
N LEU C 568 50.28 9.07 47.99
CA LEU C 568 51.70 8.75 48.09
C LEU C 568 52.56 9.79 47.38
N SER C 569 52.10 10.27 46.22
CA SER C 569 52.87 11.22 45.44
C SER C 569 53.05 12.54 46.20
N VAL C 570 52.02 12.97 46.91
CA VAL C 570 52.12 14.22 47.67
C VAL C 570 53.29 14.14 48.65
N HIS C 571 53.33 13.07 49.43
CA HIS C 571 54.39 12.91 50.42
C HIS C 571 55.75 12.71 49.78
N VAL C 572 55.81 11.95 48.68
CA VAL C 572 57.10 11.74 48.02
C VAL C 572 57.69 13.08 47.57
N VAL C 573 56.85 13.89 46.91
CA VAL C 573 57.31 15.19 46.45
C VAL C 573 57.74 16.06 47.61
N ALA C 574 56.95 16.06 48.70
CA ALA C 574 57.27 16.91 49.83
C ALA C 574 58.59 16.52 50.48
N VAL C 575 58.77 15.23 50.78
CA VAL C 575 59.98 14.82 51.49
C VAL C 575 61.21 15.02 50.61
N MET C 576 61.12 14.78 49.31
CA MET C 576 62.39 14.95 48.60
C MET C 576 62.58 16.40 48.16
N LEU C 577 61.54 17.23 48.19
CA LEU C 577 61.73 18.68 48.18
C LEU C 577 62.55 19.11 49.39
N TYR C 578 62.20 18.57 50.56
CA TYR C 578 63.00 18.82 51.75
C TYR C 578 64.43 18.34 51.57
N LEU C 579 64.60 17.16 50.97
CA LEU C 579 65.94 16.62 50.77
C LEU C 579 66.77 17.52 49.86
N LEU C 580 66.18 17.99 48.76
CA LEU C 580 66.90 18.81 47.80
C LEU C 580 67.11 20.25 48.27
N ASP C 581 66.30 20.71 49.23
CA ASP C 581 66.53 22.04 49.77
C ASP C 581 67.53 22.03 50.92
N ARG C 582 67.43 21.03 51.80
CA ARG C 582 68.39 20.91 52.90
C ARG C 582 69.79 20.63 52.38
N PHE C 583 69.90 19.78 51.35
CA PHE C 583 71.20 19.41 50.78
C PHE C 583 71.63 20.34 49.66
N SER C 584 71.11 21.56 49.64
CA SER C 584 71.48 22.52 48.61
C SER C 584 72.93 22.97 48.79
N PRO C 585 73.61 23.31 47.69
CA PRO C 585 75.00 23.79 47.82
C PRO C 585 75.12 25.04 48.68
N PHE C 586 74.15 25.92 48.64
CA PHE C 586 74.19 27.14 49.45
C PHE C 586 73.54 26.91 50.82
N LEU C 601 63.20 25.58 54.96
CA LEU C 601 62.09 24.71 54.60
C LEU C 601 62.20 23.38 55.34
N THR C 602 61.59 23.31 56.53
CA THR C 602 61.64 22.10 57.33
C THR C 602 60.66 21.06 56.79
N LEU C 603 60.62 19.90 57.44
CA LEU C 603 59.74 18.82 56.98
C LEU C 603 58.28 19.22 57.06
N SER C 604 57.88 19.86 58.16
CA SER C 604 56.51 20.36 58.27
C SER C 604 56.23 21.41 57.21
N SER C 605 57.20 22.30 56.96
CA SER C 605 57.00 23.33 55.95
C SER C 605 56.84 22.73 54.56
N ALA C 606 57.66 21.74 54.22
CA ALA C 606 57.54 21.10 52.90
C ALA C 606 56.24 20.34 52.77
N MET C 607 55.84 19.61 53.82
CA MET C 607 54.56 18.90 53.79
C MET C 607 53.40 19.86 53.61
N TRP C 608 53.43 20.99 54.34
CA TRP C 608 52.36 21.97 54.21
C TRP C 608 52.36 22.62 52.84
N PHE C 609 53.54 22.88 52.27
CA PHE C 609 53.60 23.43 50.92
C PHE C 609 52.95 22.47 49.93
N SER C 610 53.31 21.18 49.99
CA SER C 610 52.75 20.22 49.06
C SER C 610 51.23 20.11 49.25
N TRP C 611 50.77 20.02 50.49
CA TRP C 611 49.34 19.84 50.73
C TRP C 611 48.53 21.07 50.32
N GLY C 612 49.03 22.27 50.60
CA GLY C 612 48.36 23.48 50.20
C GLY C 612 48.43 23.77 48.71
N VAL C 613 49.45 23.22 48.03
CA VAL C 613 49.48 23.31 46.58
C VAL C 613 48.47 22.37 45.96
N LEU C 614 48.38 21.14 46.49
CA LEU C 614 47.40 20.18 45.97
C LEU C 614 45.99 20.73 46.07
N LEU C 615 45.53 20.98 47.28
CA LEU C 615 44.24 21.59 47.54
C LEU C 615 44.47 23.04 47.97
N ASN C 616 43.84 23.97 47.26
CA ASN C 616 44.15 25.39 47.42
C ASN C 616 43.72 25.85 48.81
N SER C 617 44.71 26.01 49.70
CA SER C 617 44.42 26.47 51.06
C SER C 617 45.35 27.56 51.56
N GLY C 618 46.54 27.72 51.00
CA GLY C 618 47.45 28.75 51.47
C GLY C 618 48.13 28.45 52.78
N ILE C 619 48.09 27.20 53.24
CA ILE C 619 48.72 26.84 54.51
C ILE C 619 50.23 26.92 54.43
N GLY C 620 50.79 26.97 53.22
CA GLY C 620 52.23 27.05 53.07
C GLY C 620 52.73 28.46 52.90
N GLU C 621 53.37 29.02 53.94
CA GLU C 621 53.99 30.32 53.85
C GLU C 621 55.41 30.27 53.32
N GLY C 622 55.98 29.07 53.16
CA GLY C 622 57.36 28.93 52.73
C GLY C 622 57.45 28.28 51.37
N ALA C 623 58.27 28.86 50.51
CA ALA C 623 58.52 28.35 49.17
C ALA C 623 59.95 27.82 49.08
N PRO C 624 60.20 26.86 48.19
CA PRO C 624 61.57 26.36 48.03
C PRO C 624 62.52 27.46 47.58
N ARG C 625 63.75 27.41 48.08
CA ARG C 625 64.76 28.40 47.73
C ARG C 625 65.84 27.85 46.79
N SER C 626 66.03 26.53 46.75
CA SER C 626 66.98 25.94 45.82
C SER C 626 66.34 25.76 44.45
N PHE C 627 67.16 25.91 43.40
CA PHE C 627 66.64 25.94 42.03
C PHE C 627 65.94 24.63 41.67
N SER C 628 66.57 23.50 41.99
CA SER C 628 65.95 22.21 41.72
C SER C 628 64.63 22.06 42.46
N ALA C 629 64.60 22.46 43.73
CA ALA C 629 63.37 22.39 44.51
C ALA C 629 62.31 23.32 43.96
N ARG C 630 62.70 24.50 43.46
CA ARG C 630 61.72 25.40 42.87
C ARG C 630 61.10 24.79 41.61
N ILE C 631 61.94 24.19 40.75
CA ILE C 631 61.43 23.58 39.54
C ILE C 631 60.47 22.44 39.88
N LEU C 632 60.87 21.58 40.83
CA LEU C 632 59.99 20.51 41.26
C LEU C 632 58.69 21.05 41.83
N GLY C 633 58.77 22.04 42.72
CA GLY C 633 57.57 22.55 43.34
C GLY C 633 56.61 23.14 42.33
N MET C 634 57.13 23.81 41.31
CA MET C 634 56.23 24.46 40.37
C MET C 634 55.61 23.45 39.40
N VAL C 635 56.39 22.46 38.96
CA VAL C 635 55.78 21.42 38.13
C VAL C 635 54.76 20.63 38.97
N TRP C 636 55.05 20.42 40.25
CA TRP C 636 54.09 19.74 41.12
C TRP C 636 52.83 20.57 41.30
N ALA C 637 52.96 21.90 41.31
CA ALA C 637 51.77 22.74 41.29
C ALA C 637 50.96 22.53 40.02
N GLY C 638 51.64 22.43 38.88
CA GLY C 638 50.92 22.12 37.65
C GLY C 638 50.22 20.76 37.70
N PHE C 639 50.90 19.77 38.26
CA PHE C 639 50.31 18.43 38.40
C PHE C 639 49.10 18.47 39.31
N ALA C 640 49.19 19.20 40.42
CA ALA C 640 48.06 19.31 41.33
C ALA C 640 46.88 20.01 40.66
N MET C 641 47.16 21.06 39.87
CA MET C 641 46.09 21.71 39.13
C MET C 641 45.43 20.76 38.15
N ILE C 642 46.22 19.96 37.43
CA ILE C 642 45.63 19.03 36.46
C ILE C 642 44.78 17.99 37.18
N ILE C 643 45.28 17.48 38.31
CA ILE C 643 44.52 16.49 39.08
C ILE C 643 43.20 17.09 39.58
N VAL C 644 43.27 18.31 40.12
CA VAL C 644 42.07 18.96 40.64
C VAL C 644 41.07 19.22 39.52
N ALA C 645 41.55 19.68 38.37
CA ALA C 645 40.64 19.93 37.25
C ALA C 645 40.00 18.65 36.76
N SER C 646 40.78 17.57 36.66
CA SER C 646 40.22 16.29 36.21
C SER C 646 39.18 15.77 37.20
N TYR C 647 39.45 15.91 38.50
CA TYR C 647 38.49 15.49 39.52
C TYR C 647 37.24 16.35 39.49
N THR C 648 37.40 17.65 39.25
CA THR C 648 36.28 18.58 39.24
C THR C 648 35.39 18.39 38.01
N ALA C 649 35.99 18.00 36.88
CA ALA C 649 35.28 18.01 35.60
C ALA C 649 34.01 17.18 35.66
N ASN C 650 34.06 16.02 36.28
CA ASN C 650 32.91 15.11 36.35
C ASN C 650 32.43 14.87 37.77
N LEU C 651 32.76 15.77 38.71
CA LEU C 651 32.35 15.57 40.09
C LEU C 651 30.83 15.64 40.24
N ALA C 652 30.18 16.57 39.55
CA ALA C 652 28.74 16.76 39.69
C ALA C 652 27.98 15.53 39.21
N ALA C 653 28.44 14.91 38.11
CA ALA C 653 27.78 13.73 37.59
C ALA C 653 27.82 12.58 38.59
N PHE C 654 28.97 12.40 39.25
CA PHE C 654 29.09 11.35 40.26
C PHE C 654 28.39 11.70 41.56
N LEU C 655 28.20 12.99 41.85
CA LEU C 655 27.48 13.37 43.06
C LEU C 655 26.02 12.93 42.99
N VAL C 656 25.38 13.11 41.84
CA VAL C 656 23.99 12.71 41.62
C VAL C 656 24.01 11.69 40.50
N LEU C 657 23.91 10.41 40.85
CA LEU C 657 24.04 9.32 39.87
C LEU C 657 22.71 9.15 39.15
N ASP C 658 22.49 9.99 38.15
CA ASP C 658 21.34 9.84 37.27
C ASP C 658 21.66 8.87 36.15
N ARG C 659 20.70 8.02 35.82
CA ARG C 659 20.91 6.95 34.85
C ARG C 659 19.82 6.99 33.78
N PRO C 660 20.13 6.52 32.58
CA PRO C 660 19.12 6.49 31.51
C PRO C 660 18.21 5.27 31.53
N GLU C 661 18.27 4.43 32.57
CA GLU C 661 17.34 3.32 32.68
C GLU C 661 15.91 3.83 32.78
N GLU C 662 15.69 4.85 33.62
CA GLU C 662 14.41 5.54 33.65
C GLU C 662 14.29 6.45 32.43
N ARG C 663 13.08 6.97 32.22
CA ARG C 663 12.76 7.81 31.07
C ARG C 663 12.97 7.04 29.77
N ILE C 664 12.25 5.92 29.67
CA ILE C 664 12.18 5.20 28.41
C ILE C 664 11.58 6.11 27.36
N THR C 665 12.10 6.03 26.14
CA THR C 665 11.55 6.84 25.06
C THR C 665 10.08 6.51 24.83
N GLY C 666 9.74 5.23 24.79
CA GLY C 666 8.37 4.80 24.57
C GLY C 666 8.32 3.48 23.83
N ILE C 667 7.26 3.27 23.04
CA ILE C 667 7.18 2.05 22.25
C ILE C 667 8.26 2.02 21.18
N ASN C 668 8.69 3.19 20.71
CA ASN C 668 9.76 3.26 19.72
C ASN C 668 11.10 2.80 20.27
N ASP C 669 11.23 2.64 21.57
CA ASP C 669 12.45 2.12 22.15
C ASP C 669 12.67 0.68 21.66
N PRO C 670 13.83 0.36 21.11
CA PRO C 670 14.12 -1.04 20.76
C PRO C 670 14.11 -1.97 21.97
N ARG C 671 14.22 -1.43 23.19
CA ARG C 671 13.92 -2.24 24.37
C ARG C 671 12.46 -2.69 24.36
N LEU C 672 11.56 -1.81 23.96
CA LEU C 672 10.16 -2.19 23.78
C LEU C 672 9.95 -3.04 22.55
N ARG C 673 10.75 -2.82 21.49
CA ARG C 673 10.62 -3.60 20.27
C ARG C 673 10.89 -5.08 20.54
N ASN C 674 11.98 -5.38 21.24
CA ASN C 674 12.39 -6.75 21.52
C ASN C 674 12.18 -7.05 22.99
N PRO C 675 11.16 -7.83 23.34
CA PRO C 675 10.93 -8.14 24.76
C PRO C 675 12.05 -9.01 25.33
N SER C 676 12.27 -8.84 26.63
CA SER C 676 13.29 -9.59 27.36
C SER C 676 12.72 -10.04 28.69
N ASP C 677 13.33 -11.09 29.25
CA ASP C 677 12.84 -11.62 30.52
C ASP C 677 13.01 -10.62 31.66
N LYS C 678 14.15 -9.93 31.70
CA LYS C 678 14.41 -9.00 32.79
C LYS C 678 13.50 -7.77 32.72
N PHE C 679 13.13 -7.35 31.52
CA PHE C 679 12.28 -6.18 31.32
C PHE C 679 10.86 -6.65 31.00
N ILE C 680 9.99 -6.62 32.02
CA ILE C 680 8.62 -7.09 31.89
C ILE C 680 7.69 -5.88 31.93
N TYR C 681 6.83 -5.77 30.93
CA TYR C 681 5.88 -4.68 30.82
C TYR C 681 4.54 -5.22 30.35
N ALA C 682 3.46 -4.56 30.74
CA ALA C 682 2.14 -5.14 30.55
C ALA C 682 1.11 -4.03 30.39
N THR C 683 -0.16 -4.44 30.40
CA THR C 683 -1.31 -3.55 30.27
C THR C 683 -2.50 -4.24 30.92
N VAL C 684 -3.69 -3.70 30.70
CA VAL C 684 -4.91 -4.25 31.27
C VAL C 684 -5.48 -5.29 30.31
N LYS C 685 -5.78 -6.48 30.83
CA LYS C 685 -6.33 -7.55 30.01
C LYS C 685 -7.74 -7.20 29.54
N GLN C 686 -8.02 -7.53 28.28
CA GLN C 686 -9.33 -7.32 27.67
C GLN C 686 -9.74 -5.84 27.75
N SER C 687 -8.97 -5.00 27.06
CA SER C 687 -9.21 -3.58 27.01
C SER C 687 -8.87 -3.07 25.62
N SER C 688 -9.05 -1.76 25.41
CA SER C 688 -8.86 -1.18 24.09
C SER C 688 -7.41 -1.27 23.64
N VAL C 689 -6.46 -1.03 24.56
CA VAL C 689 -5.05 -1.10 24.19
C VAL C 689 -4.66 -2.54 23.84
N ASP C 690 -5.25 -3.52 24.53
CA ASP C 690 -5.00 -4.91 24.17
C ASP C 690 -5.47 -5.20 22.75
N ILE C 691 -6.64 -4.69 22.38
CA ILE C 691 -7.15 -4.88 21.02
C ILE C 691 -6.23 -4.18 20.02
N TYR C 692 -5.77 -2.98 20.36
CA TYR C 692 -4.89 -2.24 19.46
C TYR C 692 -3.59 -2.99 19.22
N PHE C 693 -3.01 -3.56 20.27
CA PHE C 693 -1.79 -4.35 20.08
C PHE C 693 -2.05 -5.66 19.35
N ARG C 694 -3.20 -6.29 19.59
CA ARG C 694 -3.53 -7.52 18.89
C ARG C 694 -3.66 -7.28 17.39
N ARG C 695 -4.37 -6.22 17.01
CA ARG C 695 -4.70 -5.99 15.61
C ARG C 695 -3.58 -5.33 14.83
N GLN C 696 -2.67 -4.62 15.49
CA GLN C 696 -1.57 -3.97 14.79
C GLN C 696 -0.72 -4.99 14.05
N VAL C 697 -0.27 -4.61 12.86
CA VAL C 697 0.36 -5.57 11.95
C VAL C 697 1.73 -6.01 12.47
N GLU C 698 2.50 -5.08 13.06
CA GLU C 698 3.91 -5.34 13.29
C GLU C 698 4.28 -5.56 14.75
N LEU C 699 3.51 -5.02 15.71
CA LEU C 699 3.86 -5.13 17.11
C LEU C 699 3.42 -6.46 17.72
N SER C 700 3.14 -7.48 16.90
CA SER C 700 2.69 -8.75 17.42
C SER C 700 3.77 -9.46 18.23
N THR C 701 5.04 -9.22 17.88
CA THR C 701 6.13 -9.88 18.60
C THR C 701 6.14 -9.51 20.07
N MET C 702 5.81 -8.27 20.40
CA MET C 702 5.69 -7.88 21.80
C MET C 702 4.28 -8.08 22.35
N TYR C 703 3.27 -8.17 21.48
CA TYR C 703 1.94 -8.56 21.97
C TYR C 703 1.98 -9.96 22.56
N ARG C 704 2.76 -10.85 21.96
CA ARG C 704 2.92 -12.19 22.52
C ARG C 704 3.53 -12.13 23.91
N HIS C 705 4.52 -11.25 24.10
CA HIS C 705 5.12 -11.08 25.42
C HIS C 705 4.11 -10.51 26.42
N MET C 706 3.32 -9.52 26.00
CA MET C 706 2.36 -8.90 26.89
C MET C 706 1.20 -9.81 27.25
N GLU C 707 0.87 -10.77 26.38
CA GLU C 707 -0.30 -11.61 26.62
C GLU C 707 -0.17 -12.43 27.90
N LYS C 708 1.05 -12.74 28.31
CA LYS C 708 1.27 -13.58 29.50
C LYS C 708 1.47 -12.77 30.78
N HIS C 709 1.45 -11.43 30.70
CA HIS C 709 1.63 -10.59 31.88
C HIS C 709 0.49 -9.60 32.07
N ASN C 710 -0.59 -9.71 31.31
CA ASN C 710 -1.67 -8.73 31.39
C ASN C 710 -2.33 -8.78 32.76
N TYR C 711 -2.75 -7.63 33.24
CA TYR C 711 -3.35 -7.48 34.56
C TYR C 711 -4.87 -7.37 34.45
N GLU C 712 -5.54 -7.67 35.57
CA GLU C 712 -7.00 -7.70 35.56
C GLU C 712 -7.59 -6.28 35.54
N SER C 713 -6.95 -5.34 36.24
CA SER C 713 -7.47 -3.99 36.33
C SER C 713 -6.31 -3.00 36.28
N ALA C 714 -6.63 -1.75 35.94
CA ALA C 714 -5.62 -0.71 35.84
C ALA C 714 -4.99 -0.41 37.21
N ALA C 715 -5.80 -0.42 38.27
CA ALA C 715 -5.27 -0.14 39.60
C ALA C 715 -4.23 -1.18 40.02
N GLU C 716 -4.49 -2.46 39.72
CA GLU C 716 -3.52 -3.50 40.05
C GLU C 716 -2.22 -3.30 39.31
N ALA C 717 -2.29 -2.96 38.02
CA ALA C 717 -1.08 -2.72 37.25
C ALA C 717 -0.31 -1.52 37.76
N ILE C 718 -1.02 -0.45 38.15
CA ILE C 718 -0.36 0.73 38.69
C ILE C 718 0.33 0.39 40.00
N GLN C 719 -0.34 -0.39 40.86
CA GLN C 719 0.29 -0.81 42.12
C GLN C 719 1.51 -1.68 41.84
N ALA C 720 1.42 -2.58 40.87
CA ALA C 720 2.56 -3.42 40.52
C ALA C 720 3.74 -2.59 40.03
N VAL C 721 3.46 -1.55 39.25
CA VAL C 721 4.53 -0.65 38.83
C VAL C 721 5.11 0.11 40.02
N ARG C 722 4.25 0.44 40.99
CA ARG C 722 4.71 1.26 42.12
C ARG C 722 5.73 0.50 42.97
N ASP C 723 5.53 -0.80 43.18
CA ASP C 723 6.47 -1.60 43.96
C ASP C 723 7.40 -2.42 43.08
N ASN C 724 7.60 -1.99 41.84
CA ASN C 724 8.61 -2.53 40.92
C ASN C 724 8.37 -3.98 40.53
N LYS C 725 7.13 -4.48 40.65
CA LYS C 725 6.84 -5.78 40.05
C LYS C 725 6.68 -5.67 38.55
N LEU C 726 6.19 -4.54 38.07
CA LEU C 726 6.01 -4.27 36.65
C LEU C 726 6.90 -3.10 36.24
N HIS C 727 7.70 -3.30 35.19
CA HIS C 727 8.60 -2.24 34.75
C HIS C 727 7.85 -1.14 34.01
N ALA C 728 6.86 -1.49 33.20
CA ALA C 728 6.12 -0.50 32.42
C ALA C 728 4.68 -0.93 32.25
N PHE C 729 3.78 0.05 32.29
CA PHE C 729 2.34 -0.20 32.17
C PHE C 729 1.80 0.68 31.05
N ILE C 730 1.18 0.07 30.05
CA ILE C 730 0.66 0.79 28.89
C ILE C 730 -0.83 1.03 29.11
N TRP C 731 -1.25 2.29 29.08
CA TRP C 731 -2.63 2.64 29.40
C TRP C 731 -2.95 4.02 28.85
N ASP C 732 -4.17 4.47 29.09
CA ASP C 732 -4.65 5.72 28.53
C ASP C 732 -3.86 6.91 29.08
N SER C 733 -3.76 7.96 28.28
CA SER C 733 -2.98 9.13 28.68
C SER C 733 -3.59 9.81 29.90
N ALA C 734 -4.92 9.92 29.95
CA ALA C 734 -5.56 10.64 31.03
C ALA C 734 -5.28 9.99 32.38
N VAL C 735 -5.55 8.68 32.48
CA VAL C 735 -5.39 7.97 33.75
C VAL C 735 -3.92 7.95 34.17
N LEU C 736 -3.02 7.64 33.23
CA LEU C 736 -1.62 7.55 33.57
C LEU C 736 -1.04 8.91 33.97
N GLU C 737 -1.42 9.97 33.27
CA GLU C 737 -0.96 11.30 33.63
C GLU C 737 -1.50 11.73 34.98
N PHE C 738 -2.77 11.41 35.27
CA PHE C 738 -3.32 11.73 36.58
C PHE C 738 -2.57 10.99 37.68
N GLU C 739 -2.27 9.72 37.47
CA GLU C 739 -1.53 8.95 38.47
C GLU C 739 -0.13 9.49 38.64
N ALA C 740 0.54 9.87 37.55
CA ALA C 740 1.86 10.44 37.63
C ALA C 740 1.86 11.76 38.40
N SER C 741 0.84 12.59 38.18
CA SER C 741 0.72 13.83 38.96
C SER C 741 0.48 13.53 40.43
N GLN C 742 -0.40 12.56 40.72
CA GLN C 742 -0.72 12.26 42.11
C GLN C 742 0.42 11.53 42.81
N LYS C 743 1.01 10.54 42.15
CA LYS C 743 2.05 9.70 42.74
C LYS C 743 3.42 10.24 42.35
N CYS C 744 4.24 10.56 43.35
CA CYS C 744 5.55 11.13 43.08
C CYS C 744 6.51 10.10 42.49
N ASP C 745 6.27 8.82 42.75
CA ASP C 745 7.18 7.75 42.34
C ASP C 745 6.83 7.14 40.99
N LEU C 746 5.83 7.67 40.28
CA LEU C 746 5.45 7.18 38.97
C LEU C 746 5.53 8.30 37.95
N VAL C 747 6.00 7.98 36.74
CA VAL C 747 6.20 8.98 35.71
C VAL C 747 5.83 8.39 34.34
N THR C 748 5.22 9.21 33.49
CA THR C 748 4.90 8.80 32.14
C THR C 748 6.13 8.89 31.24
N THR C 749 5.96 8.47 29.99
CA THR C 749 7.09 8.37 29.06
C THR C 749 7.01 9.30 27.86
N GLY C 750 5.81 9.65 27.40
CA GLY C 750 5.67 10.59 26.29
C GLY C 750 5.38 9.91 24.96
N GLU C 751 5.36 10.76 23.93
CA GLU C 751 4.98 10.42 22.55
C GLU C 751 3.69 9.59 22.53
N LEU C 752 2.61 10.26 22.94
CA LEU C 752 1.28 9.66 22.90
C LEU C 752 1.00 9.04 21.55
N PHE C 753 0.56 7.78 21.57
CA PHE C 753 0.26 7.05 20.34
C PHE C 753 -1.15 6.49 20.44
N PHE C 754 -1.71 6.13 19.28
CA PHE C 754 -3.10 5.71 19.17
C PHE C 754 -4.03 6.76 19.76
N ARG C 755 -3.94 7.97 19.19
CA ARG C 755 -4.75 9.08 19.66
C ARG C 755 -6.22 8.81 19.37
N SER C 756 -7.05 8.86 20.41
CA SER C 756 -8.46 8.57 20.29
C SER C 756 -9.18 9.38 21.35
N GLY C 757 -10.43 9.03 21.63
CA GLY C 757 -11.20 9.74 22.64
C GLY C 757 -12.15 8.80 23.36
N PHE C 758 -12.51 9.20 24.57
CA PHE C 758 -13.50 8.48 25.35
C PHE C 758 -14.90 8.86 24.87
N GLY C 759 -15.72 7.85 24.60
CA GLY C 759 -17.06 8.09 24.11
C GLY C 759 -18.10 7.42 24.98
N ILE C 760 -19.28 8.06 25.03
CA ILE C 760 -20.41 7.53 25.79
C ILE C 760 -21.14 6.58 24.84
N GLY C 761 -20.77 5.31 24.90
CA GLY C 761 -21.32 4.34 23.97
C GLY C 761 -22.75 3.97 24.30
N MET C 762 -23.57 3.83 23.26
CA MET C 762 -24.95 3.37 23.39
C MET C 762 -25.21 2.32 22.32
N ARG C 763 -26.41 1.75 22.35
CA ARG C 763 -26.77 0.74 21.38
C ARG C 763 -26.92 1.36 19.99
N LYS C 764 -26.83 0.51 18.97
CA LYS C 764 -26.85 1.00 17.59
C LYS C 764 -28.16 1.68 17.26
N ASP C 765 -29.28 1.12 17.73
CA ASP C 765 -30.60 1.70 17.52
C ASP C 765 -31.06 2.30 18.85
N SER C 766 -30.70 3.57 19.06
CA SER C 766 -31.01 4.29 20.27
C SER C 766 -31.63 5.63 19.93
N PRO C 767 -32.49 6.18 20.80
CA PRO C 767 -33.04 7.51 20.56
C PRO C 767 -32.20 8.66 21.11
N TRP C 768 -31.22 8.38 21.97
CA TRP C 768 -30.43 9.42 22.60
C TRP C 768 -29.14 9.75 21.86
N LYS C 769 -28.86 9.08 20.74
CA LYS C 769 -27.55 9.24 20.09
C LYS C 769 -27.30 10.69 19.71
N GLN C 770 -28.21 11.30 18.95
CA GLN C 770 -28.02 12.66 18.49
C GLN C 770 -28.02 13.64 19.66
N ASN C 771 -28.94 13.47 20.60
CA ASN C 771 -29.03 14.40 21.73
C ASN C 771 -27.80 14.30 22.63
N VAL C 772 -27.32 13.08 22.91
CA VAL C 772 -26.13 12.93 23.73
C VAL C 772 -24.91 13.51 23.03
N SER C 773 -24.78 13.26 21.73
CA SER C 773 -23.65 13.82 21.00
C SER C 773 -23.69 15.34 20.99
N LEU C 774 -24.87 15.92 20.78
CA LEU C 774 -25.02 17.37 20.78
C LEU C 774 -24.72 17.96 22.16
N SER C 775 -25.16 17.28 23.22
CA SER C 775 -24.88 17.77 24.57
C SER C 775 -23.39 17.71 24.88
N ILE C 776 -22.72 16.64 24.44
CA ILE C 776 -21.27 16.55 24.64
C ILE C 776 -20.57 17.68 23.89
N LEU C 777 -20.98 17.93 22.66
CA LEU C 777 -20.37 19.01 21.89
C LEU C 777 -20.62 20.36 22.54
N LYS C 778 -21.84 20.62 23.00
CA LYS C 778 -22.15 21.89 23.64
C LYS C 778 -21.36 22.07 24.92
N SER C 779 -21.21 21.01 25.72
CA SER C 779 -20.38 21.08 26.91
C SER C 779 -18.93 21.34 26.54
N HIS C 780 -18.47 20.81 25.41
CA HIS C 780 -17.12 21.11 24.95
C HIS C 780 -16.96 22.58 24.59
N GLU C 781 -17.94 23.15 23.90
CA GLU C 781 -17.80 24.52 23.41
C GLU C 781 -17.67 25.52 24.56
N ASN C 782 -18.60 25.47 25.52
CA ASN C 782 -18.51 26.35 26.68
C ASN C 782 -17.51 25.75 27.67
N GLY C 783 -17.42 26.36 28.84
CA GLY C 783 -16.43 25.92 29.82
C GLY C 783 -16.94 24.89 30.79
N PHE C 784 -17.42 23.75 30.30
CA PHE C 784 -17.84 22.67 31.19
C PHE C 784 -16.82 21.53 31.24
N MET C 785 -16.35 21.06 30.09
CA MET C 785 -15.28 20.07 30.10
C MET C 785 -14.02 20.63 30.73
N GLU C 786 -13.74 21.92 30.52
CA GLU C 786 -12.61 22.56 31.19
C GLU C 786 -12.81 22.55 32.70
N ASP C 787 -14.02 22.83 33.17
CA ASP C 787 -14.30 22.79 34.60
C ASP C 787 -14.12 21.39 35.16
N LEU C 788 -14.60 20.38 34.43
CA LEU C 788 -14.44 19.00 34.89
C LEU C 788 -12.96 18.61 34.95
N ASP C 789 -12.20 19.00 33.94
CA ASP C 789 -10.76 18.72 33.96
C ASP C 789 -10.08 19.41 35.13
N LYS C 790 -10.44 20.66 35.40
CA LYS C 790 -9.84 21.39 36.50
C LYS C 790 -10.16 20.73 37.84
N THR C 791 -11.42 20.31 38.02
CA THR C 791 -11.86 19.79 39.31
C THR C 791 -11.56 18.32 39.51
N TRP C 792 -11.19 17.58 38.45
CA TRP C 792 -11.01 16.15 38.62
C TRP C 792 -9.66 15.65 38.12
N VAL C 793 -9.12 16.27 37.08
CA VAL C 793 -7.90 15.80 36.43
C VAL C 793 -6.74 16.78 36.59
N ARG C 794 -7.01 18.08 36.55
CA ARG C 794 -5.97 19.10 36.47
C ARG C 794 -5.60 19.69 37.82
N TYR C 795 -5.63 18.90 38.88
CA TYR C 795 -5.06 19.30 40.16
C TYR C 795 -3.79 18.47 40.40
N GLN C 796 -2.78 19.12 40.96
CA GLN C 796 -1.46 18.52 41.08
C GLN C 796 -0.99 18.54 42.53
N GLU C 797 -0.27 17.49 42.92
CA GLU C 797 0.33 17.38 44.23
C GLU C 797 1.85 17.43 44.18
N CYS C 798 2.47 16.58 43.36
CA CYS C 798 3.91 16.60 43.17
C CYS C 798 4.21 16.33 41.70
N ASP C 799 4.99 17.21 41.09
CA ASP C 799 5.35 17.08 39.67
C ASP C 799 6.83 16.80 39.48
N SER C 800 7.70 17.67 39.96
CA SER C 800 9.16 17.48 39.89
C SER C 800 9.61 17.17 38.46
N ARG C 801 8.98 17.82 37.49
CA ARG C 801 9.26 17.60 36.07
C ARG C 801 9.79 18.89 35.47
N SER C 802 11.10 18.90 35.16
CA SER C 802 11.71 20.07 34.55
C SER C 802 12.99 19.63 33.85
N ASN C 803 13.31 20.31 32.76
CA ASN C 803 14.52 20.03 32.00
C ASN C 803 15.78 20.62 32.65
N ALA C 804 15.62 21.46 33.67
CA ALA C 804 16.76 22.05 34.33
C ALA C 804 17.55 20.99 35.10
N PRO C 805 18.86 21.20 35.29
CA PRO C 805 19.65 20.25 36.07
C PRO C 805 19.15 20.17 37.51
N ALA C 806 19.35 18.99 38.10
CA ALA C 806 18.84 18.75 39.45
C ALA C 806 19.53 19.65 40.47
N THR C 807 18.77 20.11 41.46
CA THR C 807 19.29 20.94 42.52
C THR C 807 19.81 20.06 43.65
N LEU C 808 21.03 20.33 44.11
CA LEU C 808 21.62 19.55 45.18
C LEU C 808 20.81 19.72 46.47
N THR C 809 20.60 18.61 47.18
CA THR C 809 19.78 18.58 48.39
C THR C 809 20.57 17.83 49.46
N PHE C 810 19.92 17.53 50.60
CA PHE C 810 20.60 16.88 51.71
C PHE C 810 21.18 15.53 51.29
N GLU C 811 20.39 14.73 50.59
CA GLU C 811 20.77 13.35 50.31
C GLU C 811 21.87 13.27 49.25
N ASN C 812 21.74 14.07 48.17
CA ASN C 812 22.69 13.96 47.08
C ASN C 812 24.10 14.32 47.53
N MET C 813 24.24 15.35 48.35
CA MET C 813 25.55 15.81 48.81
C MET C 813 25.50 15.83 50.35
N ALA C 814 25.94 14.73 50.94
CA ALA C 814 26.09 14.59 52.38
C ALA C 814 27.37 13.88 52.79
N GLY C 815 28.00 13.13 51.88
CA GLY C 815 29.28 12.53 52.20
C GLY C 815 30.33 13.56 52.51
N VAL C 816 30.27 14.72 51.87
CA VAL C 816 31.20 15.79 52.18
C VAL C 816 30.93 16.36 53.57
N PHE C 817 29.66 16.45 53.97
CA PHE C 817 29.35 16.88 55.32
C PHE C 817 29.89 15.90 56.35
N MET C 818 29.70 14.60 56.10
CA MET C 818 30.27 13.61 57.01
C MET C 818 31.79 13.61 56.96
N LEU C 819 32.38 13.99 55.83
CA LEU C 819 33.83 14.13 55.75
C LEU C 819 34.32 15.28 56.61
N VAL C 820 33.61 16.40 56.60
CA VAL C 820 33.97 17.51 57.48
C VAL C 820 33.81 17.12 58.94
N ALA C 821 32.73 16.40 59.26
CA ALA C 821 32.56 15.92 60.64
C ALA C 821 33.68 14.96 61.03
N GLY C 822 34.09 14.08 60.12
CA GLY C 822 35.22 13.21 60.39
C GLY C 822 36.51 13.96 60.57
N GLY C 823 36.70 15.04 59.81
CA GLY C 823 37.83 15.91 60.06
C GLY C 823 37.80 16.52 61.45
N ILE C 824 36.61 16.94 61.89
CA ILE C 824 36.46 17.45 63.25
C ILE C 824 36.88 16.40 64.26
N VAL C 825 36.35 15.18 64.12
CA VAL C 825 36.60 14.14 65.12
C VAL C 825 38.05 13.67 65.06
N ALA C 826 38.68 13.73 63.88
CA ALA C 826 40.09 13.36 63.77
C ALA C 826 40.99 14.43 64.37
N GLY C 827 40.67 15.70 64.13
CA GLY C 827 41.45 16.77 64.74
C GLY C 827 41.32 16.82 66.25
N ILE C 828 40.16 16.43 66.78
CA ILE C 828 39.99 16.47 68.23
C ILE C 828 40.82 15.38 68.93
N PHE C 829 41.31 14.39 68.18
CA PHE C 829 42.37 13.50 68.69
C PHE C 829 43.76 13.98 68.29
N LEU C 830 43.86 14.64 67.12
CA LEU C 830 45.17 15.11 66.65
C LEU C 830 45.74 16.16 67.57
N ILE C 831 44.87 17.00 68.15
CA ILE C 831 45.36 17.98 69.13
C ILE C 831 46.00 17.29 70.32
N PHE C 832 45.40 16.19 70.79
CA PHE C 832 45.94 15.49 71.94
C PHE C 832 47.24 14.78 71.61
N ILE C 833 47.32 14.14 70.44
CA ILE C 833 48.58 13.46 70.11
C ILE C 833 49.68 14.49 69.86
N GLU C 834 49.34 15.65 69.30
CA GLU C 834 50.33 16.71 69.15
C GLU C 834 50.80 17.24 70.49
N ILE C 835 49.89 17.39 71.45
CA ILE C 835 50.28 17.81 72.79
C ILE C 835 51.22 16.79 73.42
N ALA C 836 50.90 15.50 73.26
CA ALA C 836 51.76 14.45 73.80
C ALA C 836 53.14 14.48 73.14
N TYR C 837 53.18 14.71 71.82
CA TYR C 837 54.45 14.81 71.12
C TYR C 837 55.27 16.00 71.62
N LYS C 838 54.60 17.14 71.86
CA LYS C 838 55.30 18.29 72.43
C LYS C 838 55.77 18.01 73.84
N ARG C 839 55.09 17.14 74.57
CA ARG C 839 55.52 16.77 75.91
C ARG C 839 56.90 16.11 75.88
N HIS C 840 57.13 15.23 74.91
CA HIS C 840 58.41 14.56 74.76
C HIS C 840 59.51 15.55 74.37
N PRO D 32 -33.09 -59.58 30.68
CA PRO D 32 -33.79 -58.97 29.54
C PRO D 32 -33.02 -59.13 28.23
N ALA D 33 -33.74 -59.51 27.18
CA ALA D 33 -33.14 -59.73 25.85
C ALA D 33 -33.55 -58.60 24.92
N LEU D 34 -32.56 -58.06 24.22
CA LEU D 34 -32.78 -56.96 23.28
C LEU D 34 -32.91 -57.52 21.86
N ASN D 35 -34.06 -57.29 21.24
CA ASN D 35 -34.29 -57.66 19.86
C ASN D 35 -34.02 -56.45 18.96
N ILE D 36 -33.05 -56.59 18.07
CA ILE D 36 -32.67 -55.53 17.13
C ILE D 36 -32.76 -56.10 15.73
N ALA D 37 -33.42 -55.39 14.84
CA ALA D 37 -33.61 -55.83 13.46
C ALA D 37 -32.65 -55.10 12.53
N VAL D 38 -32.14 -55.83 11.54
CA VAL D 38 -31.27 -55.28 10.51
C VAL D 38 -31.89 -55.60 9.15
N LEU D 39 -32.02 -54.57 8.31
CA LEU D 39 -32.63 -54.71 6.99
C LEU D 39 -31.71 -54.11 5.95
N LEU D 40 -31.32 -54.90 4.97
CA LEU D 40 -30.46 -54.45 3.88
C LEU D 40 -31.05 -54.89 2.54
N GLY D 41 -30.47 -54.37 1.46
CA GLY D 41 -30.89 -54.74 0.13
C GLY D 41 -30.12 -55.92 -0.43
N HIS D 42 -30.64 -56.48 -1.53
CA HIS D 42 -30.00 -57.62 -2.17
C HIS D 42 -28.78 -57.22 -2.98
N SER D 43 -28.60 -55.93 -3.29
CA SER D 43 -27.41 -55.50 -4.00
C SER D 43 -26.16 -55.71 -3.17
N HIS D 44 -26.30 -55.81 -1.85
CA HIS D 44 -25.19 -56.07 -0.95
C HIS D 44 -25.02 -57.58 -0.76
N ASP D 45 -23.79 -58.05 -0.86
CA ASP D 45 -23.50 -59.48 -0.79
C ASP D 45 -23.55 -60.03 0.64
N VAL D 46 -23.68 -59.17 1.64
CA VAL D 46 -23.68 -59.64 3.03
C VAL D 46 -24.96 -60.42 3.29
N THR D 47 -24.80 -61.65 3.79
CA THR D 47 -25.93 -62.51 4.08
C THR D 47 -26.44 -62.30 5.50
N GLU D 48 -27.62 -62.87 5.76
CA GLU D 48 -28.24 -62.72 7.09
C GLU D 48 -27.38 -63.37 8.17
N ARG D 49 -26.80 -64.54 7.86
CA ARG D 49 -25.97 -65.23 8.84
C ARG D 49 -24.75 -64.40 9.22
N GLU D 50 -24.15 -63.70 8.25
CA GLU D 50 -23.04 -62.81 8.55
C GLU D 50 -23.46 -61.69 9.48
N LEU D 51 -24.66 -61.12 9.24
CA LEU D 51 -25.16 -60.08 10.12
C LEU D 51 -25.38 -60.59 11.53
N ARG D 52 -25.93 -61.80 11.67
CA ARG D 52 -26.11 -62.40 12.99
C ARG D 52 -24.78 -62.64 13.67
N ASN D 53 -23.79 -63.13 12.92
CA ASN D 53 -22.47 -63.38 13.49
C ASN D 53 -21.70 -62.11 13.82
N LEU D 54 -22.09 -60.98 13.21
CA LEU D 54 -21.41 -59.72 13.49
C LEU D 54 -21.48 -59.36 14.97
N TRP D 55 -22.62 -59.64 15.60
CA TRP D 55 -22.77 -59.39 17.04
C TRP D 55 -22.38 -60.63 17.86
N GLY D 56 -21.17 -61.12 17.59
CA GLY D 56 -20.61 -62.18 18.37
C GLY D 56 -19.19 -61.97 18.87
N PRO D 57 -18.84 -60.75 19.31
CA PRO D 57 -17.47 -60.53 19.79
C PRO D 57 -17.21 -61.22 21.13
N GLU D 58 -18.24 -61.36 21.96
CA GLU D 58 -18.16 -62.09 23.22
C GLU D 58 -17.11 -61.50 24.17
N GLN D 59 -17.31 -60.23 24.52
CA GLN D 59 -16.55 -59.58 25.57
C GLN D 59 -17.47 -58.85 26.54
N ALA D 60 -18.67 -59.39 26.76
CA ALA D 60 -19.69 -58.78 27.60
C ALA D 60 -20.04 -57.37 27.09
N THR D 61 -20.51 -57.34 25.84
CA THR D 61 -20.91 -56.06 25.24
C THR D 61 -22.07 -55.43 26.00
N GLY D 62 -23.07 -56.23 26.36
CA GLY D 62 -24.16 -55.74 27.18
C GLY D 62 -24.09 -56.28 28.59
N LEU D 63 -23.72 -55.42 29.54
CA LEU D 63 -23.63 -55.87 30.93
C LEU D 63 -24.97 -56.31 31.50
N PRO D 64 -26.07 -55.56 31.39
CA PRO D 64 -27.36 -56.02 31.93
C PRO D 64 -28.28 -56.68 30.92
N LEU D 65 -27.84 -56.90 29.68
CA LEU D 65 -28.74 -57.40 28.65
C LEU D 65 -27.94 -58.17 27.61
N ASP D 66 -28.66 -58.96 26.81
CA ASP D 66 -28.10 -59.68 25.69
C ASP D 66 -28.91 -59.37 24.44
N VAL D 67 -28.24 -59.27 23.30
CA VAL D 67 -28.86 -58.88 22.04
C VAL D 67 -28.92 -60.11 21.14
N ASN D 68 -30.12 -60.47 20.70
CA ASN D 68 -30.32 -61.51 19.69
C ASN D 68 -30.71 -60.82 18.40
N VAL D 69 -29.72 -60.62 17.52
CA VAL D 69 -29.93 -59.87 16.29
C VAL D 69 -30.77 -60.70 15.33
N VAL D 70 -31.79 -60.07 14.75
CA VAL D 70 -32.63 -60.68 13.72
C VAL D 70 -32.37 -59.92 12.42
N ALA D 71 -32.18 -60.66 11.33
CA ALA D 71 -31.86 -60.08 10.04
C ALA D 71 -32.92 -60.45 9.01
N LEU D 72 -33.04 -59.61 7.99
CA LEU D 72 -34.01 -59.81 6.92
C LEU D 72 -33.65 -58.89 5.77
N LEU D 73 -33.93 -59.32 4.55
CA LEU D 73 -33.66 -58.55 3.35
C LEU D 73 -34.95 -58.35 2.56
N MET D 74 -34.91 -57.38 1.65
CA MET D 74 -36.01 -57.15 0.72
C MET D 74 -35.47 -57.03 -0.69
N ASN D 75 -36.32 -57.33 -1.67
CA ASN D 75 -35.91 -57.19 -3.06
C ASN D 75 -35.64 -55.73 -3.41
N ARG D 76 -36.59 -54.85 -3.13
CA ARG D 76 -36.46 -53.42 -3.42
C ARG D 76 -37.17 -52.63 -2.34
N THR D 77 -36.85 -51.34 -2.28
CA THR D 77 -37.43 -50.44 -1.30
C THR D 77 -38.67 -49.77 -1.88
N ASP D 78 -39.81 -49.90 -1.19
CA ASP D 78 -41.06 -49.29 -1.60
C ASP D 78 -41.96 -49.20 -0.38
N PRO D 79 -42.90 -48.24 -0.35
CA PRO D 79 -43.65 -47.97 0.89
C PRO D 79 -44.36 -49.18 1.48
N LYS D 80 -45.24 -49.81 0.70
CA LYS D 80 -46.07 -50.88 1.24
C LYS D 80 -45.23 -52.05 1.73
N SER D 81 -44.29 -52.51 0.91
CA SER D 81 -43.44 -53.62 1.32
C SER D 81 -42.57 -53.26 2.51
N LEU D 82 -42.05 -52.03 2.55
CA LEU D 82 -41.24 -51.61 3.69
C LEU D 82 -42.04 -51.63 4.98
N ILE D 83 -43.26 -51.10 4.95
CA ILE D 83 -44.11 -51.10 6.14
C ILE D 83 -44.42 -52.52 6.58
N THR D 84 -44.80 -53.37 5.62
CA THR D 84 -45.12 -54.75 5.95
C THR D 84 -43.92 -55.46 6.55
N HIS D 85 -42.74 -55.28 5.97
CA HIS D 85 -41.53 -55.90 6.51
C HIS D 85 -41.26 -55.41 7.93
N VAL D 86 -41.33 -54.10 8.14
CA VAL D 86 -40.94 -53.53 9.44
C VAL D 86 -41.85 -54.03 10.54
N CYS D 87 -43.16 -53.93 10.36
CA CYS D 87 -43.99 -54.37 11.48
C CYS D 87 -44.34 -55.86 11.44
N ASP D 88 -43.99 -56.58 10.37
CA ASP D 88 -43.96 -58.03 10.48
C ASP D 88 -42.79 -58.48 11.34
N LEU D 89 -41.64 -57.82 11.20
CA LEU D 89 -40.53 -58.06 12.12
C LEU D 89 -40.93 -57.68 13.54
N MET D 90 -41.64 -56.56 13.70
CA MET D 90 -42.11 -56.16 15.02
C MET D 90 -43.05 -57.20 15.62
N SER D 91 -43.98 -57.73 14.82
CA SER D 91 -44.91 -58.73 15.32
C SER D 91 -44.20 -60.04 15.66
N GLY D 92 -43.24 -60.45 14.84
CA GLY D 92 -42.58 -61.73 15.04
C GLY D 92 -41.48 -61.74 16.06
N ALA D 93 -40.46 -60.91 15.86
CA ALA D 93 -39.27 -60.91 16.71
C ALA D 93 -39.35 -59.93 17.87
N ARG D 94 -40.44 -59.15 17.98
CA ARG D 94 -40.61 -58.20 19.07
C ARG D 94 -39.44 -57.22 19.14
N ILE D 95 -39.06 -56.68 17.98
CA ILE D 95 -37.85 -55.86 17.89
C ILE D 95 -38.05 -54.56 18.64
N HIS D 96 -36.96 -54.05 19.22
CA HIS D 96 -36.94 -52.76 19.89
C HIS D 96 -36.06 -51.74 19.14
N GLY D 97 -35.61 -52.07 17.95
CA GLY D 97 -34.77 -51.17 17.17
C GLY D 97 -34.70 -51.61 15.73
N LEU D 98 -34.09 -50.76 14.91
CA LEU D 98 -33.93 -51.05 13.49
C LEU D 98 -32.62 -50.44 13.00
N VAL D 99 -31.91 -51.19 12.15
CA VAL D 99 -30.64 -50.74 11.60
C VAL D 99 -30.73 -50.74 10.08
N PHE D 100 -31.91 -50.39 9.58
CA PHE D 100 -32.20 -50.38 8.14
C PHE D 100 -31.06 -49.80 7.32
N GLY D 101 -30.71 -50.48 6.23
CA GLY D 101 -29.73 -50.01 5.29
C GLY D 101 -30.19 -50.15 3.86
N ASP D 102 -30.26 -49.05 3.13
CA ASP D 102 -30.75 -49.04 1.76
C ASP D 102 -29.58 -49.11 0.79
N ASP D 103 -29.87 -49.59 -0.42
CA ASP D 103 -28.86 -49.71 -1.47
C ASP D 103 -28.97 -48.63 -2.54
N THR D 104 -30.18 -48.22 -2.90
CA THR D 104 -30.36 -47.25 -3.97
C THR D 104 -30.16 -45.83 -3.45
N ASP D 105 -30.19 -44.88 -4.38
CA ASP D 105 -30.02 -43.46 -4.10
C ASP D 105 -31.34 -42.70 -4.00
N GLN D 106 -32.41 -43.38 -3.62
CA GLN D 106 -33.72 -42.75 -3.51
C GLN D 106 -33.81 -41.97 -2.20
N GLU D 107 -33.90 -40.65 -2.32
CA GLU D 107 -33.96 -39.77 -1.15
C GLU D 107 -35.31 -39.79 -0.45
N ALA D 108 -36.31 -40.44 -1.01
CA ALA D 108 -37.62 -40.53 -0.39
C ALA D 108 -37.72 -41.67 0.61
N VAL D 109 -36.72 -42.55 0.67
CA VAL D 109 -36.73 -43.65 1.64
C VAL D 109 -36.48 -43.13 3.05
N ALA D 110 -35.64 -42.10 3.18
CA ALA D 110 -35.29 -41.59 4.50
C ALA D 110 -36.53 -41.08 5.24
N GLN D 111 -37.38 -40.31 4.54
CA GLN D 111 -38.61 -39.84 5.16
C GLN D 111 -39.52 -41.00 5.54
N MET D 112 -39.64 -41.98 4.64
CA MET D 112 -40.54 -43.09 4.89
C MET D 112 -40.12 -43.83 6.15
N LEU D 113 -38.81 -44.03 6.32
CA LEU D 113 -38.28 -44.62 7.55
C LEU D 113 -38.57 -43.72 8.75
N ASP D 114 -38.39 -42.42 8.60
CA ASP D 114 -38.60 -41.48 9.71
C ASP D 114 -40.00 -41.64 10.28
N PHE D 115 -40.99 -41.71 9.41
CA PHE D 115 -42.36 -41.79 9.91
C PHE D 115 -42.87 -43.20 10.16
N ILE D 116 -42.21 -44.23 9.66
CA ILE D 116 -42.40 -45.54 10.29
C ILE D 116 -41.97 -45.48 11.74
N SER D 117 -40.83 -44.83 12.01
CA SER D 117 -40.41 -44.62 13.39
C SER D 117 -41.42 -43.76 14.16
N SER D 118 -41.97 -42.75 13.50
CA SER D 118 -42.93 -41.85 14.16
C SER D 118 -44.19 -42.60 14.58
N GLN D 119 -44.75 -43.41 13.68
CA GLN D 119 -46.00 -44.12 13.97
C GLN D 119 -45.77 -45.51 14.56
N THR D 120 -44.53 -45.89 14.85
CA THR D 120 -44.28 -47.15 15.55
C THR D 120 -43.37 -47.02 16.76
N PHE D 121 -42.73 -45.86 16.98
CA PHE D 121 -41.89 -45.60 18.14
C PHE D 121 -40.71 -46.57 18.25
N ILE D 122 -40.26 -47.12 17.13
CA ILE D 122 -39.08 -47.99 17.09
C ILE D 122 -37.90 -47.14 16.65
N PRO D 123 -36.78 -47.15 17.38
CA PRO D 123 -35.63 -46.34 16.95
C PRO D 123 -35.02 -46.86 15.67
N ILE D 124 -35.21 -46.14 14.58
CA ILE D 124 -34.75 -46.54 13.26
C ILE D 124 -33.45 -45.81 12.95
N LEU D 125 -32.48 -46.53 12.38
CA LEU D 125 -31.20 -45.97 11.99
C LEU D 125 -31.04 -46.14 10.49
N GLY D 126 -30.92 -45.02 9.78
CA GLY D 126 -30.60 -45.03 8.37
C GLY D 126 -29.12 -45.26 8.15
N ILE D 127 -28.77 -46.39 7.56
CA ILE D 127 -27.37 -46.82 7.51
C ILE D 127 -26.73 -46.45 6.18
N HIS D 128 -27.35 -46.88 5.08
CA HIS D 128 -26.73 -46.75 3.77
C HIS D 128 -27.78 -46.36 2.74
N GLY D 129 -27.31 -45.84 1.61
CA GLY D 129 -28.19 -45.53 0.51
C GLY D 129 -29.04 -44.29 0.78
N GLY D 130 -30.26 -44.31 0.23
CA GLY D 130 -31.14 -43.17 0.37
C GLY D 130 -31.51 -42.86 1.81
N ALA D 131 -31.61 -43.89 2.65
CA ALA D 131 -31.90 -43.68 4.06
C ALA D 131 -30.78 -42.94 4.77
N SER D 132 -29.58 -42.90 4.19
CA SER D 132 -28.44 -42.24 4.81
C SER D 132 -28.34 -40.76 4.46
N MET D 133 -29.15 -40.28 3.52
CA MET D 133 -29.11 -38.86 3.17
C MET D 133 -29.82 -38.04 4.24
N ILE D 134 -29.17 -36.95 4.66
CA ILE D 134 -29.66 -36.18 5.80
C ILE D 134 -30.91 -35.41 5.41
N MET D 135 -31.96 -35.56 6.21
CA MET D 135 -33.21 -34.84 6.04
C MET D 135 -33.24 -33.64 6.97
N ALA D 136 -33.76 -32.52 6.46
CA ALA D 136 -33.63 -31.24 7.16
C ALA D 136 -34.33 -31.28 8.52
N ASP D 137 -35.65 -31.42 8.52
CA ASP D 137 -36.43 -31.41 9.75
C ASP D 137 -37.17 -32.73 9.90
N LYS D 138 -36.99 -33.38 11.04
CA LYS D 138 -37.69 -34.61 11.37
C LYS D 138 -38.86 -34.32 12.30
N ASP D 139 -39.74 -35.30 12.43
CA ASP D 139 -40.83 -35.18 13.38
C ASP D 139 -40.30 -35.19 14.81
N PRO D 140 -40.78 -34.29 15.67
CA PRO D 140 -40.28 -34.26 17.05
C PRO D 140 -40.56 -35.54 17.83
N THR D 141 -41.65 -36.24 17.50
CA THR D 141 -42.01 -37.46 18.20
C THR D 141 -41.43 -38.72 17.56
N SER D 142 -40.62 -38.57 16.52
CA SER D 142 -40.06 -39.70 15.80
C SER D 142 -38.62 -39.93 16.23
N THR D 143 -38.32 -41.17 16.65
CA THR D 143 -36.97 -41.55 17.05
C THR D 143 -36.28 -42.18 15.84
N PHE D 144 -35.84 -41.32 14.93
CA PHE D 144 -35.18 -41.75 13.71
C PHE D 144 -33.86 -41.00 13.58
N PHE D 145 -32.78 -41.74 13.38
CA PHE D 145 -31.45 -41.16 13.30
C PHE D 145 -30.74 -41.72 12.07
N GLN D 146 -29.87 -40.90 11.48
CA GLN D 146 -29.25 -41.22 10.20
C GLN D 146 -27.74 -41.19 10.32
N PHE D 147 -27.09 -42.09 9.55
CA PHE D 147 -25.64 -42.11 9.44
C PHE D 147 -25.24 -41.20 8.28
N GLY D 148 -25.25 -39.89 8.56
CA GLY D 148 -24.92 -38.92 7.54
C GLY D 148 -24.51 -37.61 8.17
N ALA D 149 -24.13 -36.67 7.32
CA ALA D 149 -23.68 -35.35 7.74
C ALA D 149 -24.60 -34.29 7.15
N SER D 150 -25.10 -33.41 8.00
CA SER D 150 -25.97 -32.33 7.55
C SER D 150 -25.16 -31.30 6.76
N ILE D 151 -25.88 -30.39 6.10
CA ILE D 151 -25.22 -29.36 5.30
C ILE D 151 -24.36 -28.46 6.18
N GLN D 152 -24.72 -28.32 7.46
CA GLN D 152 -23.90 -27.52 8.35
C GLN D 152 -22.53 -28.16 8.56
N GLN D 153 -22.48 -29.48 8.74
CA GLN D 153 -21.21 -30.17 8.92
C GLN D 153 -20.36 -30.12 7.66
N GLN D 154 -21.00 -30.27 6.49
CA GLN D 154 -20.26 -30.18 5.24
C GLN D 154 -19.70 -28.77 5.03
N ALA D 155 -20.48 -27.75 5.37
CA ALA D 155 -19.98 -26.38 5.28
C ALA D 155 -18.82 -26.16 6.24
N THR D 156 -18.91 -26.73 7.45
CA THR D 156 -17.81 -26.62 8.41
C THR D 156 -16.54 -27.26 7.85
N VAL D 157 -16.67 -28.44 7.24
CA VAL D 157 -15.50 -29.11 6.67
C VAL D 157 -14.93 -28.29 5.51
N MET D 158 -15.80 -27.70 4.69
CA MET D 158 -15.33 -26.89 3.58
C MET D 158 -14.57 -25.66 4.08
N LEU D 159 -15.09 -25.00 5.11
CA LEU D 159 -14.37 -23.86 5.68
C LEU D 159 -13.06 -24.28 6.33
N LYS D 160 -13.00 -25.47 6.93
CA LYS D 160 -11.74 -25.95 7.46
C LYS D 160 -10.73 -26.19 6.34
N ILE D 161 -11.20 -26.73 5.20
CA ILE D 161 -10.33 -26.87 4.03
C ILE D 161 -9.77 -25.52 3.62
N MET D 162 -10.65 -24.53 3.49
CA MET D 162 -10.21 -23.21 3.07
C MET D 162 -9.22 -22.60 4.06
N GLN D 163 -9.47 -22.77 5.36
CA GLN D 163 -8.55 -22.27 6.37
C GLN D 163 -7.19 -22.95 6.25
N ASP D 164 -7.18 -24.25 5.97
CA ASP D 164 -5.90 -24.95 5.80
C ASP D 164 -5.17 -24.46 4.54
N TYR D 165 -5.92 -24.12 3.49
CA TYR D 165 -5.31 -23.70 2.23
C TYR D 165 -5.36 -22.20 2.00
N ASP D 166 -5.88 -21.44 2.97
CA ASP D 166 -5.90 -19.97 2.89
C ASP D 166 -6.59 -19.47 1.63
N TRP D 167 -7.70 -20.11 1.27
CA TRP D 167 -8.51 -19.67 0.13
C TRP D 167 -9.66 -18.78 0.62
N HIS D 168 -9.28 -17.68 1.27
CA HIS D 168 -10.26 -16.87 1.99
C HIS D 168 -11.27 -16.23 1.03
N VAL D 169 -10.82 -15.75 -0.11
CA VAL D 169 -11.75 -15.13 -1.07
C VAL D 169 -12.62 -16.20 -1.69
N PHE D 170 -13.93 -15.98 -1.71
CA PHE D 170 -14.83 -16.97 -2.28
C PHE D 170 -16.14 -16.31 -2.70
N SER D 171 -16.69 -16.80 -3.81
CA SER D 171 -18.00 -16.38 -4.31
C SER D 171 -18.94 -17.57 -4.19
N LEU D 172 -20.03 -17.38 -3.47
CA LEU D 172 -20.91 -18.47 -3.05
C LEU D 172 -22.15 -18.51 -3.95
N VAL D 173 -22.13 -19.41 -4.93
CA VAL D 173 -23.21 -19.55 -5.89
C VAL D 173 -24.23 -20.54 -5.35
N THR D 174 -25.51 -20.21 -5.47
CA THR D 174 -26.59 -21.05 -4.97
C THR D 174 -27.66 -21.16 -6.04
N THR D 175 -28.80 -21.73 -5.66
CA THR D 175 -29.96 -21.85 -6.53
C THR D 175 -31.20 -21.95 -5.64
N ILE D 176 -32.34 -22.26 -6.24
CA ILE D 176 -33.57 -22.52 -5.50
C ILE D 176 -33.70 -24.00 -5.20
N PHE D 177 -32.63 -24.76 -5.41
CA PHE D 177 -32.64 -26.16 -4.99
C PHE D 177 -32.75 -26.24 -3.46
N PRO D 178 -33.73 -26.95 -2.93
CA PRO D 178 -34.14 -26.75 -1.53
C PRO D 178 -33.00 -26.94 -0.55
N GLY D 179 -33.05 -26.17 0.53
CA GLY D 179 -31.96 -26.09 1.48
C GLY D 179 -30.98 -24.98 1.22
N TYR D 180 -31.21 -24.16 0.19
CA TYR D 180 -30.27 -23.08 -0.11
C TYR D 180 -30.20 -22.10 1.05
N ARG D 181 -31.37 -21.75 1.59
CA ARG D 181 -31.43 -20.73 2.61
C ARG D 181 -30.68 -21.15 3.87
N ASP D 182 -30.81 -22.42 4.25
CA ASP D 182 -30.09 -22.91 5.42
C ASP D 182 -28.57 -22.85 5.20
N PHE D 183 -28.12 -23.25 4.01
CA PHE D 183 -26.69 -23.20 3.70
C PHE D 183 -26.16 -21.77 3.75
N ILE D 184 -26.90 -20.85 3.13
CA ILE D 184 -26.47 -19.45 3.11
C ILE D 184 -26.48 -18.86 4.52
N SER D 185 -27.53 -19.16 5.30
CA SER D 185 -27.61 -18.65 6.66
C SER D 185 -26.46 -19.16 7.52
N PHE D 186 -26.17 -20.47 7.42
CA PHE D 186 -25.07 -21.02 8.22
C PHE D 186 -23.73 -20.45 7.79
N ILE D 187 -23.51 -20.31 6.48
CA ILE D 187 -22.22 -19.80 6.03
C ILE D 187 -22.05 -18.34 6.44
N LYS D 188 -23.11 -17.55 6.36
CA LYS D 188 -23.03 -16.15 6.78
C LYS D 188 -22.83 -16.04 8.28
N THR D 189 -23.52 -16.89 9.07
CA THR D 189 -23.34 -16.86 10.51
C THR D 189 -21.91 -17.23 10.90
N THR D 190 -21.37 -18.27 10.26
CA THR D 190 -20.00 -18.67 10.55
C THR D 190 -19.02 -17.58 10.14
N VAL D 191 -19.24 -16.95 8.98
CA VAL D 191 -18.36 -15.89 8.53
C VAL D 191 -18.39 -14.71 9.49
N ASP D 192 -19.58 -14.32 9.94
CA ASP D 192 -19.69 -13.24 10.91
C ASP D 192 -19.01 -13.60 12.21
N ASN D 193 -19.15 -14.84 12.66
CA ASN D 193 -18.45 -15.29 13.86
C ASN D 193 -16.99 -15.63 13.58
N SER D 194 -16.59 -15.72 12.31
CA SER D 194 -15.25 -16.13 11.97
C SER D 194 -14.23 -15.05 12.28
N PHE D 195 -13.04 -15.47 12.73
CA PHE D 195 -11.90 -14.60 12.91
C PHE D 195 -11.14 -14.34 11.62
N VAL D 196 -11.49 -15.03 10.53
CA VAL D 196 -10.79 -14.90 9.26
C VAL D 196 -11.49 -13.84 8.42
N GLY D 197 -10.77 -13.30 7.43
CA GLY D 197 -11.29 -12.26 6.57
C GLY D 197 -12.62 -12.57 5.93
N TRP D 198 -12.64 -13.57 5.04
CA TRP D 198 -13.86 -14.08 4.44
C TRP D 198 -14.62 -12.98 3.68
N ASP D 199 -13.96 -12.43 2.67
CA ASP D 199 -14.62 -11.43 1.83
C ASP D 199 -15.60 -12.10 0.89
N MET D 200 -16.79 -12.39 1.40
CA MET D 200 -17.86 -13.00 0.60
C MET D 200 -18.28 -12.02 -0.47
N GLN D 201 -17.86 -12.26 -1.71
CA GLN D 201 -18.07 -11.29 -2.77
C GLN D 201 -19.54 -11.21 -3.19
N ASN D 202 -20.18 -12.36 -3.39
CA ASN D 202 -21.52 -12.35 -3.98
C ASN D 202 -22.20 -13.68 -3.76
N VAL D 203 -23.53 -13.66 -3.90
CA VAL D 203 -24.37 -14.85 -3.80
C VAL D 203 -25.29 -14.84 -5.02
N ILE D 204 -24.93 -15.60 -6.04
CA ILE D 204 -25.78 -15.71 -7.23
C ILE D 204 -26.81 -16.80 -6.99
N THR D 205 -28.08 -16.45 -7.14
CA THR D 205 -29.17 -17.41 -7.06
C THR D 205 -29.78 -17.53 -8.45
N LEU D 206 -29.40 -18.58 -9.16
CA LEU D 206 -29.91 -18.83 -10.51
C LEU D 206 -31.33 -19.36 -10.37
N ASP D 207 -32.30 -18.45 -10.28
CA ASP D 207 -33.68 -18.84 -10.01
C ASP D 207 -34.17 -19.86 -11.02
N THR D 208 -33.98 -19.58 -12.30
CA THR D 208 -34.35 -20.50 -13.38
C THR D 208 -33.66 -20.02 -14.65
N SER D 209 -33.90 -20.75 -15.74
CA SER D 209 -33.37 -20.39 -17.06
C SER D 209 -31.85 -20.29 -17.03
N PHE D 210 -31.22 -21.41 -16.68
CA PHE D 210 -29.77 -21.44 -16.52
C PHE D 210 -29.07 -21.11 -17.84
N GLU D 211 -29.57 -21.66 -18.95
CA GLU D 211 -29.02 -21.42 -20.27
C GLU D 211 -29.72 -20.28 -21.00
N ASP D 212 -30.28 -19.33 -20.25
CA ASP D 212 -31.00 -18.22 -20.86
C ASP D 212 -30.56 -16.88 -20.26
N ALA D 213 -31.30 -15.83 -20.58
CA ALA D 213 -30.87 -14.47 -20.25
C ALA D 213 -31.01 -14.19 -18.75
N LYS D 214 -30.29 -13.14 -18.32
CA LYS D 214 -30.35 -12.56 -16.98
C LYS D 214 -29.67 -13.45 -15.95
N THR D 215 -29.28 -14.66 -16.34
CA THR D 215 -28.40 -15.47 -15.51
C THR D 215 -26.95 -15.35 -15.96
N GLN D 216 -26.73 -15.12 -17.26
CA GLN D 216 -25.38 -14.84 -17.74
C GLN D 216 -24.84 -13.56 -17.12
N VAL D 217 -25.66 -12.51 -17.09
CA VAL D 217 -25.24 -11.25 -16.49
C VAL D 217 -24.96 -11.42 -15.00
N GLN D 218 -25.77 -12.26 -14.34
CA GLN D 218 -25.48 -12.59 -12.94
C GLN D 218 -24.14 -13.27 -12.80
N LEU D 219 -23.82 -14.19 -13.73
CA LEU D 219 -22.56 -14.92 -13.63
C LEU D 219 -21.36 -14.04 -13.96
N LYS D 220 -21.55 -12.97 -14.74
CA LYS D 220 -20.43 -12.12 -15.10
C LYS D 220 -19.85 -11.39 -13.91
N LYS D 221 -20.66 -11.13 -12.88
CA LYS D 221 -20.17 -10.44 -11.70
C LYS D 221 -19.23 -11.31 -10.86
N ILE D 222 -19.10 -12.59 -11.19
CA ILE D 222 -18.15 -13.45 -10.48
C ILE D 222 -16.73 -12.99 -10.75
N HIS D 223 -15.94 -12.89 -9.69
CA HIS D 223 -14.51 -12.63 -9.79
C HIS D 223 -13.74 -13.90 -9.50
N SER D 224 -12.48 -13.92 -9.96
CA SER D 224 -11.63 -15.10 -9.77
C SER D 224 -11.48 -15.43 -8.30
N SER D 225 -12.06 -16.54 -7.87
CA SER D 225 -12.15 -16.87 -6.44
C SER D 225 -12.71 -18.27 -6.30
N VAL D 226 -12.72 -18.76 -5.06
CA VAL D 226 -13.34 -20.05 -4.75
C VAL D 226 -14.84 -19.94 -4.94
N ILE D 227 -15.44 -20.97 -5.54
CA ILE D 227 -16.86 -20.98 -5.83
C ILE D 227 -17.50 -22.10 -5.03
N LEU D 228 -18.43 -21.73 -4.13
CA LEU D 228 -19.13 -22.70 -3.28
C LEU D 228 -20.46 -23.06 -3.93
N LEU D 229 -20.37 -23.74 -5.06
CA LEU D 229 -21.57 -24.14 -5.80
C LEU D 229 -22.45 -25.04 -4.95
N TYR D 230 -23.76 -24.79 -4.97
CA TYR D 230 -24.73 -25.55 -4.19
C TYR D 230 -25.94 -25.83 -5.08
N CYS D 231 -26.06 -27.06 -5.57
CA CYS D 231 -27.18 -27.45 -6.41
C CYS D 231 -27.12 -28.96 -6.65
N SER D 232 -28.10 -29.44 -7.40
CA SER D 232 -28.15 -30.85 -7.78
C SER D 232 -27.06 -31.15 -8.81
N LYS D 233 -26.87 -32.45 -9.07
CA LYS D 233 -25.76 -32.86 -9.93
C LYS D 233 -25.98 -32.43 -11.38
N ASP D 234 -27.15 -32.71 -11.94
CA ASP D 234 -27.40 -32.35 -13.35
C ASP D 234 -27.48 -30.84 -13.53
N GLU D 235 -28.14 -30.15 -12.60
CA GLU D 235 -28.18 -28.70 -12.67
C GLU D 235 -26.78 -28.11 -12.54
N ALA D 236 -25.96 -28.67 -11.65
CA ALA D 236 -24.57 -28.23 -11.56
C ALA D 236 -23.81 -28.53 -12.83
N VAL D 237 -24.17 -29.60 -13.54
CA VAL D 237 -23.58 -29.87 -14.85
C VAL D 237 -23.89 -28.72 -15.80
N LEU D 238 -25.15 -28.28 -15.79
CA LEU D 238 -25.54 -27.15 -16.64
C LEU D 238 -24.78 -25.88 -16.27
N ILE D 239 -24.69 -25.59 -14.97
CA ILE D 239 -23.99 -24.38 -14.53
C ILE D 239 -22.50 -24.46 -14.85
N LEU D 240 -21.92 -25.66 -14.74
CA LEU D 240 -20.50 -25.82 -15.08
C LEU D 240 -20.24 -25.71 -16.58
N SER D 241 -21.16 -26.19 -17.41
CA SER D 241 -21.03 -25.96 -18.85
C SER D 241 -21.09 -24.47 -19.16
N GLU D 242 -22.03 -23.75 -18.53
CA GLU D 242 -22.10 -22.31 -18.71
C GLU D 242 -20.82 -21.64 -18.21
N ALA D 243 -20.31 -22.06 -17.06
CA ALA D 243 -19.11 -21.46 -16.50
C ALA D 243 -17.90 -21.67 -17.39
N ARG D 244 -17.76 -22.87 -17.97
CA ARG D 244 -16.68 -23.11 -18.91
C ARG D 244 -16.86 -22.27 -20.17
N SER D 245 -18.11 -22.09 -20.62
CA SER D 245 -18.36 -21.18 -21.73
C SER D 245 -17.95 -19.75 -21.38
N LEU D 246 -18.03 -19.37 -20.11
CA LEU D 246 -17.63 -18.05 -19.66
C LEU D 246 -16.20 -18.03 -19.13
N GLY D 247 -15.47 -19.13 -19.26
CA GLY D 247 -14.10 -19.18 -18.79
C GLY D 247 -13.97 -19.04 -17.28
N LEU D 248 -14.80 -19.77 -16.54
CA LEU D 248 -14.77 -19.75 -15.08
C LEU D 248 -14.04 -20.94 -14.49
N THR D 249 -13.33 -21.71 -15.31
CA THR D 249 -12.57 -22.86 -14.85
C THR D 249 -11.11 -22.71 -15.27
N GLY D 250 -10.20 -22.92 -14.33
CA GLY D 250 -8.79 -22.80 -14.64
C GLY D 250 -7.93 -23.07 -13.44
N TYR D 251 -6.62 -22.82 -13.61
CA TYR D 251 -5.68 -23.02 -12.52
C TYR D 251 -5.94 -22.06 -11.37
N ASP D 252 -6.42 -20.86 -11.66
CA ASP D 252 -6.71 -19.86 -10.64
C ASP D 252 -8.16 -19.88 -10.18
N PHE D 253 -8.99 -20.78 -10.72
CA PHE D 253 -10.37 -20.93 -10.31
C PHE D 253 -10.49 -22.22 -9.51
N PHE D 254 -10.97 -22.09 -8.27
CA PHE D 254 -11.12 -23.21 -7.35
C PHE D 254 -12.59 -23.41 -7.06
N TRP D 255 -13.03 -24.67 -7.04
CA TRP D 255 -14.43 -25.00 -6.76
C TRP D 255 -14.46 -26.00 -5.61
N ILE D 256 -15.08 -25.61 -4.50
CA ILE D 256 -15.35 -26.49 -3.38
C ILE D 256 -16.85 -26.67 -3.28
N VAL D 257 -17.30 -27.91 -3.15
CA VAL D 257 -18.72 -28.21 -3.23
C VAL D 257 -19.09 -29.25 -2.18
N PRO D 258 -20.34 -29.25 -1.74
CA PRO D 258 -20.79 -30.26 -0.78
C PRO D 258 -21.09 -31.58 -1.46
N SER D 259 -21.57 -32.55 -0.67
CA SER D 259 -21.89 -33.87 -1.18
C SER D 259 -23.13 -33.88 -2.06
N LEU D 260 -23.89 -32.79 -2.09
CA LEU D 260 -25.11 -32.75 -2.89
C LEU D 260 -24.81 -32.92 -4.37
N VAL D 261 -23.75 -32.27 -4.86
CA VAL D 261 -23.42 -32.33 -6.28
C VAL D 261 -22.50 -33.51 -6.63
N SER D 262 -21.58 -33.87 -5.73
CA SER D 262 -20.73 -35.03 -6.00
C SER D 262 -21.56 -36.28 -6.22
N GLY D 263 -22.56 -36.51 -5.36
CA GLY D 263 -23.54 -37.55 -5.60
C GLY D 263 -22.91 -38.91 -5.77
N ASN D 264 -23.31 -39.60 -6.83
CA ASN D 264 -22.74 -40.91 -7.14
C ASN D 264 -21.32 -40.75 -7.65
N THR D 265 -20.35 -41.26 -6.90
CA THR D 265 -18.95 -41.17 -7.30
C THR D 265 -18.68 -41.98 -8.56
N GLU D 266 -19.42 -43.08 -8.77
CA GLU D 266 -19.14 -43.96 -9.89
C GLU D 266 -19.28 -43.25 -11.23
N LEU D 267 -20.32 -42.44 -11.38
CA LEU D 267 -20.56 -41.71 -12.62
C LEU D 267 -20.13 -40.26 -12.42
N ILE D 268 -19.27 -39.77 -13.32
CA ILE D 268 -18.73 -38.43 -13.21
C ILE D 268 -19.00 -37.67 -14.50
N PRO D 269 -19.63 -36.50 -14.44
CA PRO D 269 -19.89 -35.73 -15.65
C PRO D 269 -18.61 -35.23 -16.29
N LYS D 270 -18.66 -35.03 -17.60
CA LYS D 270 -17.52 -34.49 -18.33
C LYS D 270 -17.32 -33.01 -18.09
N GLU D 271 -18.30 -32.31 -17.50
CA GLU D 271 -18.18 -30.90 -17.23
C GLU D 271 -17.46 -30.60 -15.92
N PHE D 272 -17.27 -31.61 -15.08
CA PHE D 272 -16.62 -31.38 -13.79
C PHE D 272 -15.14 -31.12 -14.00
N PRO D 273 -14.61 -29.97 -13.61
CA PRO D 273 -13.17 -29.72 -13.75
C PRO D 273 -12.38 -30.56 -12.76
N SER D 274 -11.18 -30.94 -13.19
CA SER D 274 -10.27 -31.62 -12.27
C SER D 274 -9.86 -30.65 -11.16
N GLY D 275 -9.67 -31.20 -9.97
CA GLY D 275 -9.44 -30.37 -8.80
C GLY D 275 -10.69 -29.87 -8.12
N LEU D 276 -11.86 -30.36 -8.53
CA LEU D 276 -13.13 -29.97 -7.91
C LEU D 276 -13.23 -30.63 -6.54
N ILE D 277 -12.91 -29.88 -5.50
CA ILE D 277 -12.90 -30.41 -4.14
C ILE D 277 -14.33 -30.59 -3.65
N SER D 278 -14.61 -31.74 -3.04
CA SER D 278 -15.91 -32.03 -2.49
C SER D 278 -15.74 -32.74 -1.17
N VAL D 279 -16.79 -32.73 -0.35
CA VAL D 279 -16.82 -33.45 0.91
C VAL D 279 -18.02 -34.39 0.89
N SER D 280 -17.83 -35.60 1.42
CA SER D 280 -18.93 -36.57 1.36
C SER D 280 -18.71 -37.64 2.42
N TYR D 281 -19.79 -38.35 2.73
CA TYR D 281 -19.68 -39.49 3.63
C TYR D 281 -18.87 -40.60 2.98
N ASP D 282 -17.96 -41.20 3.73
CA ASP D 282 -17.03 -42.16 3.14
C ASP D 282 -17.73 -43.48 2.86
N ASP D 283 -17.61 -43.95 1.62
CA ASP D 283 -18.09 -45.26 1.22
C ASP D 283 -16.94 -46.20 0.85
N TRP D 284 -15.70 -45.75 1.02
CA TRP D 284 -14.53 -46.57 0.72
C TRP D 284 -14.05 -47.32 1.96
N ASP D 285 -13.69 -46.59 3.00
CA ASP D 285 -13.15 -47.19 4.22
C ASP D 285 -14.24 -47.61 5.20
N TYR D 286 -15.38 -46.92 5.20
CA TYR D 286 -16.47 -47.23 6.15
C TYR D 286 -17.37 -48.28 5.50
N SER D 287 -16.95 -49.54 5.64
CA SER D 287 -17.68 -50.64 5.03
C SER D 287 -19.03 -50.84 5.71
N LEU D 288 -19.95 -51.46 4.96
CA LEU D 288 -21.30 -51.66 5.48
C LEU D 288 -21.32 -52.58 6.69
N GLU D 289 -20.37 -53.51 6.76
CA GLU D 289 -20.27 -54.35 7.96
C GLU D 289 -19.99 -53.49 9.18
N ALA D 290 -19.07 -52.53 9.05
CA ALA D 290 -18.81 -51.59 10.13
C ALA D 290 -20.02 -50.72 10.40
N ARG D 291 -20.79 -50.36 9.36
CA ARG D 291 -22.00 -49.58 9.57
C ARG D 291 -23.00 -50.33 10.44
N VAL D 292 -23.26 -51.59 10.11
CA VAL D 292 -24.22 -52.37 10.88
C VAL D 292 -23.71 -52.63 12.29
N ARG D 293 -22.41 -52.91 12.43
CA ARG D 293 -21.84 -53.10 13.76
C ARG D 293 -21.98 -51.83 14.60
N ASP D 294 -21.75 -50.67 14.00
CA ASP D 294 -21.88 -49.41 14.73
C ASP D 294 -23.33 -49.15 15.11
N GLY D 295 -24.27 -49.45 14.22
CA GLY D 295 -25.67 -49.28 14.57
C GLY D 295 -26.10 -50.17 15.72
N LEU D 296 -25.71 -51.45 15.67
CA LEU D 296 -26.03 -52.36 16.76
C LEU D 296 -25.38 -51.91 18.06
N GLY D 297 -24.13 -51.44 17.99
CA GLY D 297 -23.47 -50.94 19.18
C GLY D 297 -24.15 -49.73 19.77
N ILE D 298 -24.60 -48.81 18.91
CA ILE D 298 -25.31 -47.63 19.38
C ILE D 298 -26.59 -48.03 20.10
N LEU D 299 -27.37 -48.92 19.48
CA LEU D 299 -28.62 -49.33 20.10
C LEU D 299 -28.38 -50.06 21.41
N THR D 300 -27.39 -50.95 21.44
CA THR D 300 -27.10 -51.70 22.66
C THR D 300 -26.62 -50.78 23.78
N THR D 301 -25.74 -49.83 23.45
CA THR D 301 -25.26 -48.89 24.48
C THR D 301 -26.39 -48.02 25.00
N ALA D 302 -27.28 -47.56 24.11
CA ALA D 302 -28.42 -46.76 24.56
C ALA D 302 -29.33 -47.56 25.47
N ALA D 303 -29.62 -48.82 25.11
CA ALA D 303 -30.48 -49.65 25.96
C ALA D 303 -29.80 -49.95 27.29
N SER D 304 -28.48 -50.15 27.29
CA SER D 304 -27.76 -50.38 28.54
C SER D 304 -27.82 -49.16 29.44
N SER D 305 -27.66 -47.96 28.85
CA SER D 305 -27.81 -46.74 29.64
C SER D 305 -29.22 -46.61 30.18
N MET D 306 -30.22 -47.01 29.38
CA MET D 306 -31.59 -47.00 29.86
C MET D 306 -31.77 -47.93 31.06
N LEU D 307 -31.24 -49.14 30.99
CA LEU D 307 -31.36 -50.09 32.10
C LEU D 307 -30.65 -49.56 33.33
N GLU D 308 -29.49 -48.93 33.15
CA GLU D 308 -28.79 -48.34 34.29
C GLU D 308 -29.59 -47.20 34.90
N LYS D 309 -30.27 -46.40 34.07
CA LYS D 309 -31.03 -45.25 34.55
C LYS D 309 -32.47 -45.62 34.87
N PHE D 310 -33.20 -46.14 33.89
CA PHE D 310 -34.60 -46.47 34.07
C PHE D 310 -34.75 -47.91 34.56
N SER D 311 -35.99 -48.41 34.59
CA SER D 311 -36.25 -49.71 35.20
C SER D 311 -35.97 -50.86 34.24
N TYR D 312 -36.66 -50.88 33.09
CA TYR D 312 -36.62 -52.05 32.22
C TYR D 312 -36.90 -51.62 30.79
N ILE D 313 -36.62 -52.53 29.85
CA ILE D 313 -36.84 -52.31 28.43
C ILE D 313 -38.34 -52.25 28.16
N PRO D 314 -38.85 -51.17 27.58
CA PRO D 314 -40.29 -51.12 27.26
C PRO D 314 -40.63 -52.14 26.17
N GLU D 315 -41.81 -52.74 26.31
CA GLU D 315 -42.27 -53.69 25.30
C GLU D 315 -42.57 -52.96 24.01
N ALA D 316 -42.28 -53.60 22.88
CA ALA D 316 -42.51 -53.01 21.58
C ALA D 316 -44.01 -52.87 21.32
N LYS D 317 -44.35 -52.01 20.36
CA LYS D 317 -45.74 -51.80 20.01
C LYS D 317 -46.34 -53.09 19.46
N ALA D 318 -47.67 -53.24 19.62
CA ALA D 318 -48.34 -54.45 19.20
C ALA D 318 -48.16 -54.71 17.71
N SER D 319 -48.46 -53.71 16.89
CA SER D 319 -48.33 -53.83 15.43
C SER D 319 -48.54 -52.45 14.82
N CYS D 320 -48.45 -52.40 13.49
CA CYS D 320 -48.81 -51.18 12.77
C CYS D 320 -50.26 -50.82 12.96
N TYR D 321 -51.12 -51.80 13.24
CA TYR D 321 -52.54 -51.68 13.01
C TYR D 321 -53.30 -51.74 14.34
N GLY D 322 -54.62 -51.75 14.23
CA GLY D 322 -55.51 -51.90 15.37
C GLY D 322 -56.12 -50.61 15.89
N GLN D 323 -55.52 -49.47 15.59
CA GLN D 323 -56.00 -48.17 16.05
C GLN D 323 -56.20 -48.17 17.57
N ALA D 324 -55.08 -48.33 18.28
CA ALA D 324 -55.12 -48.42 19.73
C ALA D 324 -55.66 -47.14 20.34
N GLU D 325 -56.62 -47.29 21.26
CA GLU D 325 -57.23 -46.15 21.94
C GLU D 325 -56.39 -45.79 23.16
N LYS D 326 -55.28 -45.12 22.89
CA LYS D 326 -54.31 -44.71 23.89
C LYS D 326 -53.46 -43.59 23.30
N PRO D 327 -53.11 -42.55 24.06
CA PRO D 327 -52.34 -41.45 23.45
C PRO D 327 -50.87 -41.77 23.28
N GLU D 328 -50.58 -43.00 22.86
CA GLU D 328 -49.30 -43.43 22.27
C GLU D 328 -48.07 -42.76 22.86
N THR D 329 -47.95 -42.77 24.19
CA THR D 329 -46.83 -42.12 24.87
C THR D 329 -46.09 -43.12 25.74
N PRO D 330 -44.98 -43.69 25.29
CA PRO D 330 -44.18 -44.56 26.16
C PRO D 330 -43.61 -43.78 27.33
N LEU D 331 -43.53 -44.44 28.49
CA LEU D 331 -43.03 -43.79 29.68
C LEU D 331 -41.55 -43.41 29.54
N HIS D 332 -40.74 -44.31 28.99
CA HIS D 332 -39.33 -44.05 28.76
C HIS D 332 -38.95 -44.56 27.38
N THR D 333 -38.11 -43.78 26.68
CA THR D 333 -37.70 -44.09 25.32
C THR D 333 -36.19 -43.91 25.20
N LEU D 334 -35.67 -44.18 24.00
CA LEU D 334 -34.25 -44.07 23.70
C LEU D 334 -33.88 -42.71 23.11
N HIS D 335 -34.83 -41.78 23.03
CA HIS D 335 -34.59 -40.54 22.30
C HIS D 335 -33.53 -39.69 22.98
N GLN D 336 -33.67 -39.44 24.28
CA GLN D 336 -32.77 -38.56 25.00
C GLN D 336 -31.50 -39.26 25.49
N PHE D 337 -31.43 -40.59 25.38
CA PHE D 337 -30.22 -41.32 25.75
C PHE D 337 -29.29 -41.59 24.57
N MET D 338 -29.66 -41.19 23.36
CA MET D 338 -28.78 -41.29 22.21
C MET D 338 -27.85 -40.10 22.07
N VAL D 339 -28.07 -39.04 22.85
CA VAL D 339 -27.17 -37.90 22.83
C VAL D 339 -25.83 -38.25 23.48
N ASN D 340 -25.80 -39.25 24.36
CA ASN D 340 -24.58 -39.70 25.02
C ASN D 340 -24.45 -41.21 24.77
N VAL D 341 -23.86 -41.57 23.64
CA VAL D 341 -23.58 -42.96 23.30
C VAL D 341 -22.12 -43.07 22.91
N THR D 342 -21.39 -43.96 23.59
CA THR D 342 -19.97 -44.14 23.35
C THR D 342 -19.69 -45.61 23.09
N TRP D 343 -18.94 -45.88 22.03
CA TRP D 343 -18.54 -47.23 21.67
C TRP D 343 -17.12 -47.48 22.17
N ASP D 344 -16.54 -48.62 21.76
CA ASP D 344 -15.24 -49.03 22.29
C ASP D 344 -14.14 -48.02 21.97
N GLY D 345 -14.10 -47.54 20.73
CA GLY D 345 -13.01 -46.69 20.32
C GLY D 345 -13.40 -45.34 19.77
N LYS D 346 -14.67 -45.16 19.43
CA LYS D 346 -15.13 -43.93 18.81
C LYS D 346 -16.43 -43.49 19.46
N ASP D 347 -16.70 -42.19 19.36
CA ASP D 347 -17.91 -41.59 19.92
C ASP D 347 -18.96 -41.49 18.82
N LEU D 348 -20.12 -42.12 19.04
CA LEU D 348 -21.19 -42.17 18.05
C LEU D 348 -22.44 -41.47 18.56
N SER D 349 -22.26 -40.38 19.29
CA SER D 349 -23.40 -39.63 19.83
C SER D 349 -24.18 -38.96 18.70
N PHE D 350 -25.42 -38.59 19.00
CA PHE D 350 -26.28 -37.89 18.06
C PHE D 350 -26.71 -36.56 18.66
N THR D 351 -26.96 -35.59 17.77
CA THR D 351 -27.44 -34.29 18.19
C THR D 351 -28.95 -34.34 18.36
N GLU D 352 -29.52 -33.22 18.84
CA GLU D 352 -30.97 -33.17 19.04
C GLU D 352 -31.72 -33.29 17.71
N GLU D 353 -31.19 -32.66 16.65
CA GLU D 353 -31.87 -32.70 15.36
C GLU D 353 -31.77 -34.06 14.70
N GLY D 354 -30.84 -34.91 15.13
CA GLY D 354 -30.68 -36.22 14.56
C GLY D 354 -29.45 -36.43 13.68
N TYR D 355 -28.42 -35.62 13.83
CA TYR D 355 -27.18 -35.77 13.08
C TYR D 355 -26.09 -36.33 13.99
N GLN D 356 -25.16 -37.07 13.39
CA GLN D 356 -24.02 -37.56 14.14
C GLN D 356 -23.15 -36.39 14.61
N VAL D 357 -22.76 -36.41 15.88
CA VAL D 357 -21.87 -35.38 16.40
C VAL D 357 -20.48 -35.54 15.79
N HIS D 358 -20.08 -36.75 15.48
CA HIS D 358 -18.77 -37.05 14.88
C HIS D 358 -18.98 -37.87 13.63
N PRO D 359 -19.45 -37.24 12.54
CA PRO D 359 -19.67 -37.99 11.29
C PRO D 359 -18.35 -38.37 10.63
N ARG D 360 -18.42 -39.40 9.80
CA ARG D 360 -17.25 -39.90 9.07
C ARG D 360 -17.25 -39.26 7.68
N LEU D 361 -16.76 -38.03 7.63
CA LEU D 361 -16.68 -37.27 6.40
C LEU D 361 -15.29 -37.37 5.81
N VAL D 362 -15.22 -37.43 4.48
CA VAL D 362 -13.95 -37.46 3.76
C VAL D 362 -13.99 -36.40 2.68
N VAL D 363 -12.85 -35.72 2.49
CA VAL D 363 -12.68 -34.71 1.46
C VAL D 363 -12.03 -35.39 0.26
N ILE D 364 -12.75 -35.43 -0.85
CA ILE D 364 -12.32 -36.09 -2.07
C ILE D 364 -12.12 -35.03 -3.15
N VAL D 365 -11.27 -35.35 -4.12
CA VAL D 365 -10.99 -34.44 -5.23
C VAL D 365 -11.03 -35.23 -6.52
N LEU D 366 -11.33 -34.53 -7.61
CA LEU D 366 -11.34 -35.12 -8.95
C LEU D 366 -9.95 -34.93 -9.56
N ASN D 367 -9.19 -36.01 -9.62
CA ASN D 367 -7.80 -35.94 -10.06
C ASN D 367 -7.74 -35.85 -11.58
N LYS D 368 -6.53 -35.94 -12.14
CA LYS D 368 -6.33 -35.86 -13.57
C LYS D 368 -6.86 -37.07 -14.33
N ASP D 369 -7.16 -38.17 -13.63
CA ASP D 369 -7.69 -39.37 -14.24
C ASP D 369 -9.21 -39.39 -14.25
N ARG D 370 -9.85 -38.29 -13.85
CA ARG D 370 -11.31 -38.18 -13.83
C ARG D 370 -11.94 -39.24 -12.92
N GLU D 371 -11.37 -39.38 -11.73
CA GLU D 371 -11.93 -40.24 -10.69
C GLU D 371 -11.82 -39.55 -9.35
N TRP D 372 -12.84 -39.70 -8.52
CA TRP D 372 -12.88 -39.05 -7.22
C TRP D 372 -11.88 -39.73 -6.29
N GLU D 373 -10.74 -39.09 -6.09
CA GLU D 373 -9.69 -39.63 -5.23
C GLU D 373 -9.80 -38.99 -3.86
N LYS D 374 -9.95 -39.82 -2.83
CA LYS D 374 -10.06 -39.32 -1.47
C LYS D 374 -8.74 -38.69 -1.04
N VAL D 375 -8.83 -37.51 -0.43
CA VAL D 375 -7.65 -36.74 -0.02
C VAL D 375 -7.55 -36.66 1.49
N GLY D 376 -8.57 -36.11 2.16
CA GLY D 376 -8.54 -35.86 3.58
C GLY D 376 -9.68 -36.54 4.31
N LYS D 377 -9.60 -36.51 5.63
CA LYS D 377 -10.63 -37.10 6.48
C LYS D 377 -10.98 -36.15 7.61
N TRP D 378 -12.15 -36.36 8.20
CA TRP D 378 -12.67 -35.52 9.28
C TRP D 378 -12.86 -36.40 10.51
N GLU D 379 -11.92 -36.31 11.45
CA GLU D 379 -11.94 -37.12 12.66
C GLU D 379 -11.92 -36.20 13.88
N ASN D 380 -12.84 -36.44 14.82
CA ASN D 380 -12.98 -35.71 16.08
C ASN D 380 -12.75 -34.20 15.90
N GLN D 381 -13.56 -33.61 15.02
CA GLN D 381 -13.61 -32.17 14.78
C GLN D 381 -12.30 -31.62 14.25
N THR D 382 -11.43 -32.47 13.71
CA THR D 382 -10.18 -32.07 13.09
C THR D 382 -10.10 -32.66 11.69
N LEU D 383 -9.68 -31.83 10.74
CA LEU D 383 -9.53 -32.24 9.36
C LEU D 383 -8.07 -32.55 9.07
N SER D 384 -7.79 -33.80 8.70
CA SER D 384 -6.44 -34.23 8.34
C SER D 384 -6.36 -34.36 6.84
N LEU D 385 -5.48 -33.58 6.22
CA LEU D 385 -5.32 -33.53 4.77
C LEU D 385 -4.04 -34.23 4.36
N ARG D 386 -4.14 -35.07 3.32
CA ARG D 386 -2.96 -35.76 2.82
C ARG D 386 -1.95 -34.78 2.21
N HIS D 387 -2.43 -33.80 1.45
CA HIS D 387 -1.56 -32.85 0.78
C HIS D 387 -1.38 -31.62 1.68
N ALA D 388 -0.17 -31.44 2.19
CA ALA D 388 0.12 -30.25 2.98
C ALA D 388 -0.03 -28.99 2.14
N VAL D 389 0.47 -29.03 0.91
CA VAL D 389 0.27 -27.96 -0.07
C VAL D 389 -0.61 -28.52 -1.19
N TRP D 390 -1.55 -27.72 -1.64
CA TRP D 390 -2.52 -28.20 -2.63
C TRP D 390 -1.83 -28.39 -3.97
N PRO D 391 -1.80 -29.60 -4.52
CA PRO D 391 -1.21 -29.81 -5.85
C PRO D 391 -2.13 -29.24 -6.92
N ARG D 392 -1.59 -28.34 -7.74
CA ARG D 392 -2.39 -27.72 -8.79
C ARG D 392 -2.87 -28.76 -9.78
N TYR D 393 -4.16 -28.73 -10.10
CA TYR D 393 -4.79 -29.72 -10.96
C TYR D 393 -5.18 -29.06 -12.28
N LYS D 394 -4.80 -29.67 -13.40
CA LYS D 394 -5.18 -29.17 -14.71
C LYS D 394 -6.68 -29.34 -14.89
N SER D 395 -7.39 -28.21 -14.97
CA SER D 395 -8.86 -28.27 -15.01
C SER D 395 -9.36 -29.00 -16.25
N PHE D 396 -8.75 -28.75 -17.40
CA PHE D 396 -9.18 -29.38 -18.63
C PHE D 396 -7.97 -29.59 -19.54
N SER D 397 -8.21 -30.20 -20.70
CA SER D 397 -7.13 -30.44 -21.64
C SER D 397 -6.62 -29.15 -22.28
N ASP D 398 -7.50 -28.20 -22.51
CA ASP D 398 -7.13 -26.95 -23.18
C ASP D 398 -6.68 -25.87 -22.19
N CYS D 399 -6.58 -26.18 -20.90
CA CYS D 399 -6.18 -25.19 -19.92
C CYS D 399 -4.71 -24.80 -20.12
N GLU D 400 -4.40 -23.56 -19.74
CA GLU D 400 -3.05 -23.05 -19.92
C GLU D 400 -2.07 -23.76 -18.99
N PRO D 401 -0.81 -23.88 -19.39
CA PRO D 401 0.18 -24.55 -18.53
C PRO D 401 0.44 -23.76 -17.26
N ASP D 402 0.95 -24.48 -16.26
CA ASP D 402 1.21 -23.92 -14.94
C ASP D 402 2.57 -23.23 -14.96
N ASP D 403 2.56 -21.91 -15.08
CA ASP D 403 3.79 -21.12 -15.09
C ASP D 403 3.88 -20.12 -13.95
N ASN D 404 2.79 -19.39 -13.66
CA ASN D 404 2.82 -18.39 -12.60
C ASN D 404 3.04 -19.02 -11.24
N HIS D 405 2.83 -20.32 -11.11
CA HIS D 405 3.15 -21.02 -9.88
C HIS D 405 4.62 -21.42 -9.88
N LEU D 406 5.35 -21.04 -8.82
CA LEU D 406 6.77 -21.34 -8.70
C LEU D 406 7.08 -21.89 -7.32
N SER D 407 8.02 -22.83 -7.26
CA SER D 407 8.56 -23.32 -5.99
C SER D 407 9.77 -22.48 -5.62
N ILE D 408 9.79 -21.98 -4.40
CA ILE D 408 10.81 -21.03 -3.94
C ILE D 408 11.48 -21.60 -2.71
N VAL D 409 12.79 -21.77 -2.78
CA VAL D 409 13.58 -22.22 -1.63
C VAL D 409 13.91 -21.03 -0.77
N THR D 410 13.83 -21.20 0.55
CA THR D 410 14.11 -20.12 1.48
C THR D 410 14.50 -20.70 2.82
N LEU D 411 15.75 -20.50 3.22
CA LEU D 411 16.27 -21.02 4.48
C LEU D 411 16.36 -19.91 5.51
N GLU D 412 15.98 -20.22 6.76
CA GLU D 412 15.74 -19.17 7.74
C GLU D 412 17.07 -18.61 8.26
N GLU D 413 17.25 -17.30 8.05
CA GLU D 413 18.37 -16.54 8.60
C GLU D 413 17.83 -15.35 9.38
N ALA D 414 18.38 -15.14 10.57
CA ALA D 414 17.82 -14.33 11.65
C ALA D 414 17.14 -13.02 11.19
N PRO D 415 17.84 -12.10 10.50
CA PRO D 415 17.22 -10.79 10.26
C PRO D 415 16.43 -10.69 8.97
N PHE D 416 16.67 -11.60 8.04
CA PHE D 416 16.14 -11.50 6.68
C PHE D 416 14.87 -12.30 6.51
N VAL D 417 14.91 -13.58 6.87
CA VAL D 417 13.75 -14.46 6.80
C VAL D 417 13.59 -15.20 8.13
N ILE D 418 12.39 -15.16 8.69
CA ILE D 418 12.10 -15.71 10.00
C ILE D 418 10.95 -16.70 9.87
N VAL D 419 11.13 -17.88 10.46
CA VAL D 419 10.14 -18.95 10.44
C VAL D 419 9.50 -19.02 11.82
N GLU D 420 8.17 -18.88 11.88
CA GLU D 420 7.44 -18.92 13.13
C GLU D 420 6.33 -19.95 13.02
N ASP D 421 5.72 -20.27 14.16
CA ASP D 421 4.67 -21.27 14.21
C ASP D 421 3.33 -20.65 13.83
N ILE D 422 2.29 -21.48 13.86
CA ILE D 422 0.96 -21.02 13.44
C ILE D 422 0.33 -20.19 14.55
N ASP D 423 -0.49 -19.23 14.15
CA ASP D 423 -1.15 -18.33 15.09
C ASP D 423 -2.13 -19.11 15.96
N PRO D 424 -1.97 -19.12 17.28
CA PRO D 424 -2.98 -19.78 18.13
C PRO D 424 -4.37 -19.16 18.02
N LEU D 425 -4.45 -17.85 17.79
CA LEU D 425 -5.75 -17.19 17.76
C LEU D 425 -6.50 -17.47 16.46
N THR D 426 -5.77 -17.51 15.34
CA THR D 426 -6.40 -17.64 14.02
C THR D 426 -6.18 -18.99 13.37
N GLU D 427 -5.23 -19.79 13.86
CA GLU D 427 -4.89 -21.10 13.30
C GLU D 427 -4.53 -20.99 11.81
N THR D 428 -3.83 -19.91 11.46
CA THR D 428 -3.30 -19.72 10.12
C THR D 428 -2.15 -18.72 10.21
N CYS D 429 -1.61 -18.31 9.08
CA CYS D 429 -0.52 -17.35 9.08
C CYS D 429 -1.03 -15.96 9.43
N VAL D 430 -0.29 -15.29 10.31
CA VAL D 430 -0.65 -13.96 10.79
C VAL D 430 -0.53 -12.96 9.64
N ARG D 431 -1.06 -11.75 9.84
CA ARG D 431 -0.95 -10.70 8.85
C ARG D 431 0.52 -10.40 8.54
N ASN D 432 0.78 -9.98 7.30
CA ASN D 432 2.09 -9.71 6.72
C ASN D 432 3.01 -10.92 6.67
N THR D 433 2.48 -12.11 6.89
CA THR D 433 3.26 -13.34 6.91
C THR D 433 2.66 -14.33 5.92
N VAL D 434 3.51 -15.11 5.26
CA VAL D 434 3.02 -16.01 4.22
C VAL D 434 3.25 -17.47 4.62
N PRO D 435 2.42 -18.39 4.15
CA PRO D 435 2.65 -19.81 4.47
C PRO D 435 3.96 -20.31 3.88
N CYS D 436 4.58 -21.25 4.59
CA CYS D 436 5.85 -21.81 4.13
C CYS D 436 6.08 -23.13 4.84
N ARG D 437 6.43 -24.17 4.09
CA ARG D 437 6.43 -25.54 4.58
C ARG D 437 7.86 -26.04 4.75
N LYS D 438 8.15 -26.60 5.93
CA LYS D 438 9.45 -27.17 6.23
C LYS D 438 9.33 -28.68 6.38
N PHE D 439 10.23 -29.41 5.73
CA PHE D 439 10.26 -30.87 5.81
C PHE D 439 11.09 -31.26 7.02
N VAL D 440 10.43 -31.59 8.12
CA VAL D 440 11.08 -31.91 9.38
C VAL D 440 10.94 -33.41 9.64
N LYS D 441 12.05 -34.06 10.00
CA LYS D 441 12.02 -35.47 10.30
C LYS D 441 11.35 -35.71 11.65
N ILE D 442 10.65 -36.84 11.76
CA ILE D 442 10.05 -37.23 13.03
C ILE D 442 11.13 -37.51 14.06
N ASN D 443 12.17 -38.23 13.66
CA ASN D 443 13.29 -38.54 14.54
C ASN D 443 14.48 -38.96 13.68
N ASN D 444 15.64 -39.05 14.32
CA ASN D 444 16.84 -39.48 13.61
C ASN D 444 16.79 -40.93 13.19
N SER D 445 15.96 -41.75 13.86
CA SER D 445 15.86 -43.16 13.49
C SER D 445 15.27 -43.33 12.10
N THR D 446 14.25 -42.56 11.77
CA THR D 446 13.60 -42.66 10.47
C THR D 446 14.28 -41.76 9.46
N ASN D 447 14.17 -42.13 8.18
CA ASN D 447 14.76 -41.40 7.07
C ASN D 447 13.75 -40.53 6.34
N GLU D 448 12.53 -40.42 6.85
CA GLU D 448 11.48 -39.61 6.23
C GLU D 448 10.87 -38.67 7.27
N GLY D 449 10.16 -37.67 6.78
CA GLY D 449 9.58 -36.67 7.65
C GLY D 449 8.22 -36.16 7.21
N MET D 450 7.82 -35.01 7.74
CA MET D 450 6.53 -34.41 7.45
C MET D 450 6.72 -32.95 7.06
N ASN D 451 5.86 -32.46 6.17
CA ASN D 451 5.90 -31.08 5.71
C ASN D 451 5.04 -30.23 6.63
N VAL D 452 5.65 -29.71 7.69
CA VAL D 452 4.94 -28.85 8.63
C VAL D 452 4.78 -27.48 8.03
N LYS D 453 3.56 -26.97 8.02
CA LYS D 453 3.25 -25.66 7.44
C LYS D 453 3.43 -24.60 8.51
N LYS D 454 4.61 -23.97 8.52
CA LYS D 454 4.89 -22.84 9.39
C LYS D 454 4.61 -21.55 8.62
N CYS D 455 4.90 -20.43 9.26
CA CYS D 455 4.65 -19.12 8.67
C CYS D 455 5.98 -18.38 8.52
N CYS D 456 6.31 -18.01 7.29
CA CYS D 456 7.54 -17.31 6.98
C CYS D 456 7.25 -15.83 6.79
N LYS D 457 7.99 -15.00 7.53
CA LYS D 457 7.92 -13.55 7.38
C LYS D 457 9.28 -12.96 7.68
N GLY D 458 9.59 -11.83 7.05
CA GLY D 458 10.84 -11.17 7.30
C GLY D 458 11.17 -10.21 6.17
N PHE D 459 12.43 -9.78 6.17
CA PHE D 459 12.92 -8.86 5.16
C PHE D 459 12.84 -9.48 3.78
N CYS D 460 13.37 -10.69 3.63
CA CYS D 460 13.30 -11.38 2.35
C CYS D 460 11.86 -11.73 1.98
N ILE D 461 11.03 -12.06 2.97
CA ILE D 461 9.63 -12.32 2.68
C ILE D 461 8.90 -11.06 2.28
N ASP D 462 9.23 -9.93 2.89
CA ASP D 462 8.59 -8.69 2.44
C ASP D 462 8.99 -8.37 1.02
N ILE D 463 10.27 -8.60 0.69
CA ILE D 463 10.73 -8.44 -0.69
C ILE D 463 9.96 -9.37 -1.62
N LEU D 464 9.78 -10.63 -1.20
CA LEU D 464 9.10 -11.61 -2.03
C LEU D 464 7.63 -11.23 -2.24
N LYS D 465 6.97 -10.74 -1.18
CA LYS D 465 5.57 -10.34 -1.29
C LYS D 465 5.41 -9.15 -2.23
N LYS D 466 6.29 -8.15 -2.09
CA LYS D 466 6.24 -7.01 -3.00
C LYS D 466 6.53 -7.44 -4.43
N LEU D 467 7.46 -8.37 -4.60
CA LEU D 467 7.74 -8.94 -5.92
C LEU D 467 6.50 -9.63 -6.48
N SER D 468 5.80 -10.38 -5.65
CA SER D 468 4.60 -11.09 -6.09
C SER D 468 3.52 -10.11 -6.53
N ARG D 469 3.35 -9.02 -5.77
CA ARG D 469 2.35 -8.03 -6.15
C ARG D 469 2.73 -7.32 -7.44
N THR D 470 4.01 -6.97 -7.61
CA THR D 470 4.44 -6.21 -8.78
C THR D 470 4.49 -7.07 -10.05
N VAL D 471 5.00 -8.29 -9.95
CA VAL D 471 5.16 -9.17 -11.10
C VAL D 471 3.94 -10.03 -11.36
N LYS D 472 3.03 -10.14 -10.38
CA LYS D 472 1.78 -10.90 -10.50
C LYS D 472 2.05 -12.38 -10.76
N PHE D 473 2.69 -13.01 -9.78
CA PHE D 473 2.93 -14.45 -9.82
C PHE D 473 2.52 -15.07 -8.48
N THR D 474 2.59 -16.39 -8.40
CA THR D 474 2.21 -17.16 -7.22
C THR D 474 3.43 -17.93 -6.72
N TYR D 475 3.48 -18.13 -5.40
CA TYR D 475 4.68 -18.62 -4.74
C TYR D 475 4.36 -19.77 -3.81
N ASP D 476 5.32 -20.67 -3.64
CA ASP D 476 5.24 -21.78 -2.67
C ASP D 476 6.60 -21.90 -1.99
N LEU D 477 6.77 -21.17 -0.89
CA LEU D 477 8.01 -21.23 -0.14
C LEU D 477 8.16 -22.58 0.55
N TYR D 478 9.41 -23.03 0.67
CA TYR D 478 9.70 -24.23 1.44
C TYR D 478 11.16 -24.22 1.85
N LEU D 479 11.41 -24.46 3.13
CA LEU D 479 12.77 -24.45 3.66
C LEU D 479 13.56 -25.63 3.10
N VAL D 480 14.88 -25.45 3.04
CA VAL D 480 15.79 -26.45 2.50
C VAL D 480 16.55 -27.11 3.65
N THR D 481 16.56 -28.44 3.67
CA THR D 481 17.31 -29.21 4.64
C THR D 481 18.46 -29.99 4.01
N ASN D 482 18.67 -29.86 2.71
CA ASN D 482 19.71 -30.63 2.04
C ASN D 482 21.10 -30.16 2.47
N GLY D 483 21.33 -28.84 2.45
CA GLY D 483 22.63 -28.30 2.77
C GLY D 483 22.51 -27.07 3.65
N LYS D 484 23.65 -26.69 4.23
CA LYS D 484 23.69 -25.57 5.17
C LYS D 484 23.32 -24.26 4.48
N HIS D 485 24.11 -23.82 3.50
CA HIS D 485 23.77 -22.59 2.79
C HIS D 485 23.97 -22.68 1.29
N GLY D 486 24.74 -23.63 0.77
CA GLY D 486 25.04 -23.74 -0.63
C GLY D 486 26.52 -23.98 -0.83
N LYS D 487 26.87 -25.10 -1.47
CA LYS D 487 28.25 -25.52 -1.58
C LYS D 487 28.35 -26.64 -2.59
N LYS D 488 29.48 -26.69 -3.29
CA LYS D 488 29.78 -27.73 -4.27
C LYS D 488 30.74 -28.73 -3.63
N VAL D 489 30.21 -29.85 -3.18
CA VAL D 489 31.00 -30.94 -2.61
C VAL D 489 30.89 -32.14 -3.55
N ASN D 490 32.04 -32.70 -3.91
CA ASN D 490 32.12 -33.80 -4.88
C ASN D 490 31.39 -33.45 -6.18
N ASN D 491 31.58 -32.21 -6.62
CA ASN D 491 30.96 -31.68 -7.85
C ASN D 491 29.44 -31.75 -7.78
N VAL D 492 28.88 -31.70 -6.58
CA VAL D 492 27.44 -31.71 -6.37
C VAL D 492 27.07 -30.49 -5.52
N TRP D 493 26.13 -29.69 -6.01
CA TRP D 493 25.69 -28.51 -5.29
C TRP D 493 24.57 -28.87 -4.33
N ASN D 494 24.67 -28.39 -3.11
CA ASN D 494 23.65 -28.62 -2.09
C ASN D 494 23.04 -27.28 -1.66
N GLY D 495 22.14 -27.36 -0.68
CA GLY D 495 21.57 -26.14 -0.13
C GLY D 495 20.67 -25.42 -1.11
N MET D 496 20.62 -24.10 -0.94
CA MET D 496 19.74 -23.25 -1.74
C MET D 496 20.15 -23.28 -3.21
N ILE D 497 21.45 -23.10 -3.48
CA ILE D 497 21.95 -23.19 -4.84
C ILE D 497 21.73 -24.58 -5.40
N GLY D 498 21.97 -25.62 -4.58
CA GLY D 498 21.77 -26.97 -5.05
C GLY D 498 20.33 -27.24 -5.46
N GLU D 499 19.37 -26.72 -4.70
CA GLU D 499 17.97 -26.88 -5.06
C GLU D 499 17.65 -26.10 -6.33
N VAL D 500 18.24 -24.92 -6.51
CA VAL D 500 17.94 -24.15 -7.72
C VAL D 500 18.50 -24.81 -8.96
N VAL D 501 19.76 -25.26 -8.91
CA VAL D 501 20.42 -25.77 -10.11
C VAL D 501 19.76 -27.04 -10.60
N TYR D 502 19.29 -27.90 -9.68
CA TYR D 502 18.68 -29.17 -10.03
C TYR D 502 17.19 -29.06 -10.32
N GLN D 503 16.72 -27.86 -10.69
CA GLN D 503 15.35 -27.59 -11.12
C GLN D 503 14.32 -27.91 -10.04
N ARG D 504 14.74 -28.11 -8.80
CA ARG D 504 13.79 -28.40 -7.73
C ARG D 504 13.02 -27.15 -7.29
N ALA D 505 13.51 -25.97 -7.65
CA ALA D 505 12.83 -24.72 -7.33
C ALA D 505 13.31 -23.64 -8.27
N VAL D 506 12.40 -22.79 -8.72
CA VAL D 506 12.76 -21.74 -9.67
C VAL D 506 13.57 -20.65 -8.99
N MET D 507 13.20 -20.28 -7.78
CA MET D 507 13.79 -19.14 -7.10
C MET D 507 14.50 -19.59 -5.82
N ALA D 508 15.39 -18.74 -5.34
CA ALA D 508 16.06 -18.93 -4.06
C ALA D 508 16.11 -17.58 -3.36
N VAL D 509 15.07 -17.28 -2.58
CA VAL D 509 14.99 -16.03 -1.85
C VAL D 509 15.54 -16.25 -0.45
N GLY D 510 16.49 -15.41 -0.03
CA GLY D 510 17.05 -15.54 1.30
C GLY D 510 18.33 -14.73 1.41
N SER D 511 19.12 -15.06 2.42
CA SER D 511 20.41 -14.41 2.65
C SER D 511 21.50 -15.04 1.79
N LEU D 512 21.27 -15.06 0.48
CA LEU D 512 22.15 -15.76 -0.45
C LEU D 512 23.12 -14.76 -1.06
N THR D 513 24.42 -14.99 -0.86
CA THR D 513 25.44 -14.07 -1.31
C THR D 513 25.80 -14.32 -2.77
N ILE D 514 25.87 -13.26 -3.56
CA ILE D 514 26.30 -13.38 -4.95
C ILE D 514 27.79 -13.68 -4.98
N ASN D 515 28.15 -14.76 -5.67
CA ASN D 515 29.53 -15.23 -5.72
C ASN D 515 29.95 -15.41 -7.17
N GLU D 516 31.16 -15.93 -7.37
CA GLU D 516 31.64 -16.20 -8.72
C GLU D 516 31.17 -17.56 -9.21
N GLU D 517 31.43 -18.62 -8.43
CA GLU D 517 31.02 -19.96 -8.82
C GLU D 517 29.50 -20.08 -8.85
N ARG D 518 28.82 -19.49 -7.86
CA ARG D 518 27.36 -19.55 -7.84
C ARG D 518 26.76 -18.85 -9.04
N SER D 519 27.31 -17.69 -9.42
CA SER D 519 26.84 -17.00 -10.61
C SER D 519 27.20 -17.76 -11.88
N GLU D 520 28.27 -18.54 -11.84
CA GLU D 520 28.58 -19.42 -12.97
C GLU D 520 27.56 -20.55 -13.08
N VAL D 521 27.05 -21.03 -11.96
CA VAL D 521 26.13 -22.16 -11.96
C VAL D 521 24.68 -21.72 -12.12
N VAL D 522 24.25 -20.72 -11.35
CA VAL D 522 22.89 -20.20 -11.42
C VAL D 522 22.95 -18.73 -11.82
N ASP D 523 21.78 -18.19 -12.16
CA ASP D 523 21.66 -16.78 -12.54
C ASP D 523 21.07 -16.00 -11.37
N PHE D 524 21.78 -14.95 -10.97
CA PHE D 524 21.35 -14.11 -9.87
C PHE D 524 20.62 -12.88 -10.37
N SER D 525 19.90 -12.24 -9.45
CA SER D 525 19.25 -10.97 -9.72
C SER D 525 20.17 -9.84 -9.28
N VAL D 526 19.73 -8.61 -9.50
CA VAL D 526 20.50 -7.47 -9.02
C VAL D 526 20.52 -7.49 -7.49
N PRO D 527 21.66 -7.20 -6.85
CA PRO D 527 21.69 -7.21 -5.39
C PRO D 527 20.75 -6.17 -4.81
N PHE D 528 20.02 -6.55 -3.75
CA PHE D 528 19.16 -5.63 -3.06
C PHE D 528 19.72 -5.15 -1.73
N VAL D 529 20.69 -5.85 -1.14
CA VAL D 529 21.43 -5.34 0.01
C VAL D 529 22.91 -5.66 -0.18
N GLU D 530 23.76 -4.80 0.36
CA GLU D 530 25.21 -4.96 0.24
C GLU D 530 25.75 -5.76 1.41
N THR D 531 26.54 -6.78 1.10
CA THR D 531 27.17 -7.61 2.11
C THR D 531 28.63 -7.84 1.74
N GLY D 532 29.28 -8.71 2.48
CA GLY D 532 30.67 -9.03 2.25
C GLY D 532 31.25 -9.64 3.51
N ILE D 533 32.46 -10.17 3.37
CA ILE D 533 33.12 -10.79 4.50
C ILE D 533 33.70 -9.70 5.39
N SER D 534 33.44 -9.79 6.69
CA SER D 534 33.79 -8.75 7.64
C SER D 534 34.08 -9.39 8.99
N VAL D 535 34.81 -8.66 9.82
CA VAL D 535 35.31 -9.17 11.10
C VAL D 535 34.57 -8.48 12.23
N MET D 536 34.00 -9.27 13.13
CA MET D 536 33.37 -8.78 14.34
C MET D 536 34.19 -9.25 15.55
N VAL D 537 34.55 -8.31 16.42
CA VAL D 537 35.35 -8.61 17.59
C VAL D 537 34.69 -8.00 18.82
N SER D 538 35.01 -8.57 19.98
CA SER D 538 34.57 -8.00 21.24
C SER D 538 35.25 -6.65 21.46
N ARG D 539 34.47 -5.66 21.88
CA ARG D 539 35.03 -4.33 22.11
C ARG D 539 36.11 -4.39 23.19
N SER D 540 37.30 -3.92 22.85
CA SER D 540 38.43 -4.01 23.76
C SER D 540 38.21 -3.09 24.96
N ASN D 541 38.95 -3.38 26.04
CA ASN D 541 38.94 -2.50 27.20
C ASN D 541 39.42 -1.10 26.84
N GLY D 542 40.30 -0.98 25.85
CA GLY D 542 40.72 0.31 25.34
C GLY D 542 41.89 0.89 26.12
N THR D 543 42.29 2.09 25.68
CA THR D 543 43.39 2.80 26.31
C THR D 543 43.22 4.30 26.07
N VAL D 544 43.91 5.09 26.89
CA VAL D 544 43.94 6.55 26.77
C VAL D 544 45.37 6.97 26.52
N SER D 545 45.59 7.76 25.47
CA SER D 545 46.93 8.23 25.16
C SER D 545 47.43 9.16 26.26
N PRO D 546 48.72 9.12 26.59
CA PRO D 546 49.25 10.02 27.62
C PRO D 546 49.14 11.49 27.25
N SER D 547 48.97 11.82 25.98
CA SER D 547 48.86 13.20 25.54
C SER D 547 47.44 13.74 25.64
N ALA D 548 46.50 12.95 26.16
CA ALA D 548 45.10 13.38 26.19
C ALA D 548 44.93 14.66 27.00
N PHE D 549 45.71 14.84 28.06
CA PHE D 549 45.60 16.04 28.87
C PHE D 549 46.26 17.26 28.23
N LEU D 550 47.04 17.07 27.17
CA LEU D 550 47.67 18.17 26.46
C LEU D 550 46.90 18.58 25.22
N GLU D 551 45.75 17.95 24.96
CA GLU D 551 44.90 18.22 23.81
C GLU D 551 44.16 19.56 23.81
N PRO D 552 43.80 20.14 24.97
CA PRO D 552 43.03 21.40 24.92
C PRO D 552 43.71 22.51 24.13
N PHE D 553 45.03 22.54 24.08
CA PHE D 553 45.74 23.53 23.27
C PHE D 553 46.72 22.82 22.34
N SER D 554 46.92 23.39 21.16
CA SER D 554 47.90 22.86 20.24
C SER D 554 49.31 23.16 20.75
N ALA D 555 50.29 22.45 20.18
CA ALA D 555 51.66 22.57 20.64
C ALA D 555 52.18 24.00 20.49
N SER D 556 51.85 24.65 19.37
CA SER D 556 52.28 26.03 19.17
C SER D 556 51.67 26.96 20.22
N VAL D 557 50.39 26.74 20.55
CA VAL D 557 49.74 27.57 21.57
C VAL D 557 50.42 27.38 22.92
N TRP D 558 50.71 26.12 23.30
CA TRP D 558 51.41 25.87 24.54
C TRP D 558 52.77 26.57 24.56
N VAL D 559 53.50 26.48 23.44
CA VAL D 559 54.83 27.07 23.35
C VAL D 559 54.76 28.57 23.54
N MET D 560 53.88 29.24 22.78
CA MET D 560 53.78 30.69 22.93
C MET D 560 53.31 31.09 24.31
N MET D 561 52.37 30.34 24.89
CA MET D 561 51.86 30.67 26.21
C MET D 561 52.96 30.60 27.26
N PHE D 562 53.78 29.55 27.22
CA PHE D 562 54.59 29.25 28.39
C PHE D 562 56.09 29.52 28.22
N VAL D 563 56.60 29.59 27.01
CA VAL D 563 58.01 29.89 26.80
C VAL D 563 58.23 31.20 26.04
N MET D 564 57.23 31.70 25.31
CA MET D 564 57.37 32.95 24.56
C MET D 564 56.72 34.12 25.28
N LEU D 565 55.41 34.01 25.57
CA LEU D 565 54.71 35.12 26.21
C LEU D 565 55.08 35.24 27.68
N LEU D 566 55.24 34.11 28.37
CA LEU D 566 55.54 34.16 29.80
C LEU D 566 56.90 34.79 30.07
N ILE D 567 57.90 34.46 29.24
CA ILE D 567 59.23 35.02 29.43
C ILE D 567 59.21 36.53 29.21
N VAL D 568 58.51 36.98 28.17
CA VAL D 568 58.40 38.42 27.89
C VAL D 568 57.68 39.11 29.05
N SER D 569 56.61 38.50 29.56
CA SER D 569 55.88 39.08 30.67
C SER D 569 56.76 39.17 31.92
N ALA D 570 57.59 38.14 32.16
CA ALA D 570 58.51 38.19 33.30
C ALA D 570 59.54 39.31 33.14
N ILE D 571 60.08 39.45 31.93
CA ILE D 571 61.02 40.54 31.68
C ILE D 571 60.36 41.87 31.95
N ALA D 572 59.13 42.06 31.47
CA ALA D 572 58.42 43.31 31.67
C ALA D 572 58.12 43.57 33.14
N VAL D 573 57.71 42.53 33.87
CA VAL D 573 57.42 42.69 35.29
C VAL D 573 58.67 43.11 36.06
N PHE D 574 59.79 42.44 35.80
CA PHE D 574 61.02 42.78 36.50
C PHE D 574 61.48 44.18 36.14
N VAL D 575 61.39 44.56 34.86
CA VAL D 575 61.79 45.90 34.45
C VAL D 575 60.92 46.95 35.10
N PHE D 576 59.61 46.73 35.14
CA PHE D 576 58.70 47.67 35.77
C PHE D 576 58.98 47.81 37.25
N GLU D 577 59.27 46.68 37.92
CA GLU D 577 59.56 46.73 39.35
C GLU D 577 60.87 47.46 39.62
N TYR D 578 61.88 47.25 38.77
CA TYR D 578 63.18 47.87 39.03
C TYR D 578 63.14 49.36 38.71
N PHE D 579 62.30 49.77 37.77
CA PHE D 579 62.08 51.20 37.50
C PHE D 579 61.28 51.87 38.61
N PHE D 599 63.89 41.03 44.26
CA PHE D 599 62.94 40.62 43.24
C PHE D 599 63.66 40.29 41.93
N THR D 600 64.32 39.14 41.90
CA THR D 600 65.09 38.73 40.75
C THR D 600 64.16 38.22 39.64
N ILE D 601 64.77 37.90 38.49
CA ILE D 601 64.00 37.39 37.36
C ILE D 601 63.42 36.01 37.67
N GLY D 602 64.14 35.20 38.45
CA GLY D 602 63.61 33.90 38.82
C GLY D 602 62.36 34.01 39.66
N LYS D 603 62.33 34.95 40.60
CA LYS D 603 61.15 35.13 41.42
C LYS D 603 59.98 35.68 40.61
N ALA D 604 60.24 36.56 39.64
CA ALA D 604 59.17 37.02 38.77
C ALA D 604 58.59 35.88 37.93
N ILE D 605 59.47 35.03 37.39
CA ILE D 605 59.01 33.87 36.63
C ILE D 605 58.18 32.95 37.53
N TRP D 606 58.66 32.72 38.76
CA TRP D 606 57.93 31.87 39.70
C TRP D 606 56.55 32.43 40.01
N LEU D 607 56.47 33.74 40.26
CA LEU D 607 55.19 34.37 40.55
C LEU D 607 54.24 34.25 39.37
N LEU D 608 54.74 34.50 38.16
CA LEU D 608 53.87 34.47 36.99
C LEU D 608 53.37 33.06 36.74
N TRP D 609 54.26 32.07 36.86
CA TRP D 609 53.87 30.68 36.69
C TRP D 609 52.86 30.26 37.74
N GLY D 610 53.03 30.74 38.98
CA GLY D 610 52.05 30.43 40.02
C GLY D 610 50.70 31.04 39.72
N LEU D 611 50.70 32.24 39.13
CA LEU D 611 49.44 32.84 38.69
C LEU D 611 48.81 32.07 37.56
N VAL D 612 49.60 31.36 36.74
CA VAL D 612 49.03 30.59 35.63
C VAL D 612 47.97 29.62 36.13
N PHE D 613 48.33 28.84 37.14
CA PHE D 613 47.38 27.94 37.80
C PHE D 613 47.43 28.25 39.28
N ASN D 614 46.54 29.14 39.73
CA ASN D 614 46.61 29.66 41.09
C ASN D 614 46.25 28.53 42.06
N ASN D 615 47.29 27.93 42.66
CA ASN D 615 47.14 26.94 43.71
C ASN D 615 47.60 27.48 45.05
N SER D 616 47.58 28.80 45.22
CA SER D 616 48.05 29.47 46.43
C SER D 616 49.51 29.10 46.73
N VAL D 617 50.32 28.98 45.68
CA VAL D 617 51.74 28.73 45.88
C VAL D 617 52.38 29.98 46.48
N PRO D 618 53.36 29.84 47.39
CA PRO D 618 53.99 31.02 47.99
C PRO D 618 54.73 31.83 46.94
N VAL D 619 54.36 33.10 46.82
CA VAL D 619 54.97 34.02 45.86
C VAL D 619 55.25 35.34 46.56
N GLN D 620 56.16 36.11 45.98
CA GLN D 620 56.52 37.44 46.47
C GLN D 620 56.03 38.47 45.47
N ASN D 621 54.98 39.19 45.83
CA ASN D 621 54.38 40.14 44.91
C ASN D 621 55.32 41.33 44.69
N PRO D 622 55.36 41.89 43.48
CA PRO D 622 56.18 43.08 43.25
C PRO D 622 55.61 44.30 43.98
N LYS D 623 56.50 45.23 44.30
CA LYS D 623 56.12 46.43 45.03
C LYS D 623 55.63 47.56 44.13
N GLY D 624 56.16 47.66 42.92
CA GLY D 624 55.79 48.75 42.04
C GLY D 624 54.34 48.66 41.58
N THR D 625 53.75 49.83 41.35
CA THR D 625 52.35 49.88 40.92
C THR D 625 52.18 49.36 39.49
N THR D 626 53.07 49.76 38.58
CA THR D 626 52.98 49.29 37.22
C THR D 626 53.22 47.79 37.13
N SER D 627 54.17 47.28 37.93
CA SER D 627 54.36 45.84 38.00
C SER D 627 53.09 45.14 38.50
N LYS D 628 52.40 45.76 39.45
CA LYS D 628 51.15 45.20 39.94
C LYS D 628 50.08 45.20 38.85
N ILE D 629 50.02 46.26 38.03
CA ILE D 629 49.06 46.30 36.93
C ILE D 629 49.35 45.21 35.92
N MET D 630 50.63 45.02 35.61
CA MET D 630 51.00 43.95 34.68
C MET D 630 50.66 42.58 35.25
N VAL D 631 50.90 42.39 36.55
CA VAL D 631 50.53 41.15 37.21
C VAL D 631 49.02 40.93 37.14
N SER D 632 48.24 42.02 37.29
CA SER D 632 46.78 41.91 37.26
C SER D 632 46.29 41.49 35.88
N VAL D 633 46.79 42.13 34.82
CA VAL D 633 46.35 41.76 33.48
C VAL D 633 46.84 40.35 33.15
N TRP D 634 48.00 39.96 33.68
CA TRP D 634 48.48 38.61 33.45
C TRP D 634 47.60 37.59 34.15
N ALA D 635 47.12 37.92 35.34
CA ALA D 635 46.21 37.04 36.06
C ALA D 635 44.87 36.93 35.34
N PHE D 636 44.43 38.00 34.69
CA PHE D 636 43.26 37.88 33.83
C PHE D 636 43.53 36.91 32.68
N PHE D 637 44.71 37.00 32.07
CA PHE D 637 45.07 36.03 31.03
C PHE D 637 45.09 34.61 31.60
N ALA D 638 45.58 34.45 32.83
CA ALA D 638 45.64 33.13 33.44
C ALA D 638 44.25 32.59 33.74
N VAL D 639 43.32 33.47 34.13
CA VAL D 639 41.94 33.06 34.28
C VAL D 639 41.38 32.57 32.95
N ILE D 640 41.67 33.29 31.87
CA ILE D 640 41.25 32.86 30.54
C ILE D 640 41.82 31.48 30.23
N PHE D 641 43.11 31.29 30.50
CA PHE D 641 43.78 30.03 30.18
C PHE D 641 43.18 28.88 30.97
N LEU D 642 42.97 29.08 32.27
CA LEU D 642 42.39 28.03 33.10
C LEU D 642 40.97 27.68 32.65
N ALA D 643 40.18 28.71 32.33
CA ALA D 643 38.81 28.47 31.87
C ALA D 643 38.82 27.65 30.58
N SER D 644 39.63 28.06 29.60
CA SER D 644 39.65 27.37 28.32
C SER D 644 40.21 25.97 28.45
N TYR D 645 41.18 25.75 29.33
CA TYR D 645 41.77 24.43 29.48
C TYR D 645 40.82 23.48 30.20
N THR D 646 40.20 23.94 31.29
CA THR D 646 39.32 23.09 32.07
C THR D 646 37.96 22.89 31.41
N ALA D 647 37.57 23.77 30.49
CA ALA D 647 36.23 23.68 29.90
C ALA D 647 36.02 22.34 29.20
N ASN D 648 37.02 21.87 28.44
CA ASN D 648 36.89 20.65 27.66
C ASN D 648 37.83 19.55 28.14
N LEU D 649 38.37 19.65 29.35
CA LEU D 649 39.27 18.61 29.84
C LEU D 649 38.54 17.29 30.03
N ALA D 650 37.25 17.33 30.40
CA ALA D 650 36.50 16.10 30.59
C ALA D 650 36.39 15.30 29.31
N ALA D 651 36.12 15.98 28.19
CA ALA D 651 35.98 15.28 26.92
C ALA D 651 37.31 14.73 26.42
N PHE D 652 38.39 15.51 26.57
CA PHE D 652 39.69 15.05 26.09
C PHE D 652 40.22 13.89 26.90
N ILE D 653 40.02 13.91 28.22
CA ILE D 653 40.36 12.77 29.07
C ILE D 653 39.13 11.89 29.08
N GLN D 654 39.03 11.03 28.07
CA GLN D 654 37.91 10.11 27.94
C GLN D 654 38.42 8.82 27.32
N GLU D 655 37.68 7.75 27.55
CA GLU D 655 38.14 6.43 27.12
C GLU D 655 38.04 6.29 25.61
N GLU D 656 39.12 5.83 25.00
CA GLU D 656 39.20 5.65 23.55
C GLU D 656 39.33 4.16 23.23
N PHE D 657 38.45 3.68 22.35
CA PHE D 657 38.41 2.27 21.97
C PHE D 657 39.17 2.09 20.67
N VAL D 658 40.23 1.28 20.70
CA VAL D 658 41.05 1.00 19.53
C VAL D 658 40.78 -0.42 19.07
N ASP D 659 40.55 -0.60 17.77
CA ASP D 659 40.27 -1.92 17.23
C ASP D 659 41.50 -2.82 17.33
N GLN D 660 41.27 -4.09 17.62
CA GLN D 660 42.39 -5.03 17.77
C GLN D 660 43.13 -5.22 16.46
N VAL D 661 42.41 -5.32 15.35
CA VAL D 661 42.99 -5.61 14.04
C VAL D 661 42.53 -4.56 13.05
N THR D 662 43.46 -4.10 12.20
CA THR D 662 43.11 -3.13 11.18
C THR D 662 42.23 -3.72 10.11
N GLY D 663 42.52 -4.95 9.68
CA GLY D 663 41.73 -5.58 8.64
C GLY D 663 42.16 -7.02 8.44
N LEU D 664 41.65 -7.61 7.36
CA LEU D 664 41.99 -8.99 7.04
C LEU D 664 43.46 -9.12 6.64
N SER D 665 44.08 -8.04 6.19
CA SER D 665 45.49 -8.06 5.81
C SER D 665 46.42 -7.82 7.00
N ASP D 666 45.87 -7.68 8.20
CA ASP D 666 46.70 -7.49 9.38
C ASP D 666 47.56 -8.71 9.64
N LYS D 667 48.74 -8.46 10.24
CA LYS D 667 49.66 -9.55 10.53
C LYS D 667 49.09 -10.57 11.49
N LYS D 668 48.12 -10.17 12.33
CA LYS D 668 47.49 -11.12 13.23
C LYS D 668 46.75 -12.21 12.46
N PHE D 669 46.03 -11.83 11.41
CA PHE D 669 45.30 -12.82 10.62
C PHE D 669 46.25 -13.62 9.72
N GLN D 670 47.21 -12.95 9.09
CA GLN D 670 48.07 -13.62 8.12
C GLN D 670 49.00 -14.63 8.79
N ARG D 671 49.68 -14.20 9.86
CA ARG D 671 50.64 -15.04 10.57
C ARG D 671 50.33 -14.99 12.06
N PRO D 672 49.28 -15.69 12.49
CA PRO D 672 48.91 -15.64 13.91
C PRO D 672 49.89 -16.35 14.84
N HIS D 673 50.82 -17.14 14.31
CA HIS D 673 51.70 -17.92 15.16
C HIS D 673 52.69 -17.05 15.93
N ASP D 674 53.04 -15.89 15.39
CA ASP D 674 54.03 -15.04 16.05
C ASP D 674 53.38 -14.17 17.13
N TYR D 675 52.62 -14.79 18.03
CA TYR D 675 51.99 -14.10 19.14
C TYR D 675 51.92 -15.05 20.32
N SER D 676 52.17 -14.52 21.52
CA SER D 676 52.06 -15.36 22.72
C SER D 676 50.64 -15.88 22.89
N PRO D 677 49.58 -15.07 22.85
CA PRO D 677 48.25 -15.62 22.74
C PRO D 677 47.87 -15.82 21.29
N PRO D 678 47.61 -17.06 20.86
CA PRO D 678 47.18 -17.28 19.48
C PRO D 678 45.84 -16.61 19.22
N PHE D 679 45.71 -16.02 18.04
CA PHE D 679 44.48 -15.32 17.69
C PHE D 679 43.39 -16.32 17.34
N ARG D 680 42.23 -16.18 17.97
CA ARG D 680 41.13 -17.14 17.84
C ARG D 680 40.09 -16.54 16.90
N PHE D 681 40.10 -16.97 15.64
CA PHE D 681 39.16 -16.49 14.64
C PHE D 681 38.73 -17.64 13.73
N GLY D 682 37.50 -17.55 13.25
CA GLY D 682 36.97 -18.57 12.35
C GLY D 682 35.57 -18.21 11.93
N THR D 683 35.05 -19.01 10.99
CA THR D 683 33.71 -18.81 10.45
C THR D 683 32.97 -20.14 10.44
N VAL D 684 31.67 -20.07 10.13
CA VAL D 684 30.86 -21.28 10.00
C VAL D 684 31.21 -21.95 8.68
N PRO D 685 31.11 -23.27 8.59
CA PRO D 685 31.47 -23.97 7.35
C PRO D 685 30.37 -23.85 6.31
N ASN D 686 30.64 -24.40 5.13
CA ASN D 686 29.65 -24.51 4.05
C ASN D 686 29.05 -23.15 3.70
N GLY D 687 29.92 -22.15 3.54
CA GLY D 687 29.47 -20.80 3.26
C GLY D 687 30.35 -20.13 2.22
N SER D 688 29.88 -18.97 1.76
CA SER D 688 30.64 -18.20 0.77
C SER D 688 31.91 -17.61 1.39
N THR D 689 31.84 -17.19 2.66
CA THR D 689 33.01 -16.60 3.30
C THR D 689 34.16 -17.60 3.40
N GLU D 690 33.85 -18.85 3.73
CA GLU D 690 34.89 -19.88 3.80
C GLU D 690 35.52 -20.10 2.43
N ARG D 691 34.70 -20.14 1.38
CA ARG D 691 35.22 -20.30 0.02
C ARG D 691 36.14 -19.14 -0.35
N ASN D 692 35.71 -17.91 -0.04
CA ASN D 692 36.52 -16.74 -0.36
C ASN D 692 37.85 -16.76 0.36
N ILE D 693 37.83 -17.08 1.66
CA ILE D 693 39.07 -17.09 2.44
C ILE D 693 39.99 -18.21 1.99
N ARG D 694 39.41 -19.37 1.64
CA ARG D 694 40.22 -20.47 1.12
C ARG D 694 40.88 -20.10 -0.20
N ASN D 695 40.13 -19.42 -1.08
CA ASN D 695 40.70 -19.03 -2.37
C ASN D 695 41.79 -17.99 -2.20
N ASN D 696 41.57 -17.01 -1.31
CA ASN D 696 42.53 -15.91 -1.19
C ASN D 696 43.73 -16.30 -0.32
N TYR D 697 43.49 -16.77 0.90
CA TYR D 697 44.55 -17.07 1.85
C TYR D 697 44.52 -18.55 2.23
N PRO D 698 45.39 -19.38 1.65
CA PRO D 698 45.39 -20.81 1.99
C PRO D 698 45.92 -21.08 3.39
N TYR D 699 47.03 -20.45 3.75
CA TYR D 699 47.63 -20.68 5.07
C TYR D 699 46.70 -20.17 6.17
N MET D 700 46.13 -18.98 5.99
CA MET D 700 45.19 -18.46 6.97
C MET D 700 43.97 -19.36 7.10
N HIS D 701 43.50 -19.90 5.97
CA HIS D 701 42.38 -20.85 6.03
C HIS D 701 42.75 -22.11 6.78
N GLN D 702 43.95 -22.64 6.56
CA GLN D 702 44.35 -23.86 7.23
C GLN D 702 44.50 -23.65 8.73
N TYR D 703 44.94 -22.45 9.14
CA TYR D 703 44.98 -22.16 10.57
C TYR D 703 43.58 -21.95 11.12
N MET D 704 42.71 -21.31 10.35
CA MET D 704 41.41 -20.88 10.84
C MET D 704 40.38 -22.01 10.89
N THR D 705 40.53 -23.04 10.07
CA THR D 705 39.60 -24.15 10.11
C THR D 705 39.69 -24.93 11.41
N ARG D 706 40.78 -24.78 12.16
CA ARG D 706 40.88 -25.39 13.49
C ARG D 706 39.87 -24.78 14.44
N PHE D 707 39.67 -23.47 14.38
CA PHE D 707 38.73 -22.77 15.23
C PHE D 707 37.35 -22.64 14.57
N ASN D 708 37.02 -23.55 13.66
CA ASN D 708 35.76 -23.49 12.93
C ASN D 708 34.58 -23.54 13.88
N GLN D 709 33.62 -22.64 13.68
CA GLN D 709 32.46 -22.54 14.54
C GLN D 709 31.35 -23.45 14.02
N ARG D 710 30.21 -23.44 14.72
CA ARG D 710 29.04 -24.22 14.34
C ARG D 710 27.93 -23.36 13.74
N GLY D 711 27.74 -22.16 14.27
CA GLY D 711 26.71 -21.27 13.77
C GLY D 711 26.97 -19.85 14.20
N VAL D 712 26.02 -18.98 13.87
CA VAL D 712 26.12 -17.57 14.25
C VAL D 712 26.07 -17.44 15.77
N GLU D 713 25.11 -18.12 16.41
CA GLU D 713 24.95 -18.00 17.86
C GLU D 713 26.14 -18.61 18.60
N ASP D 714 26.66 -19.73 18.11
CA ASP D 714 27.85 -20.33 18.73
C ASP D 714 29.03 -19.38 18.66
N ALA D 715 29.23 -18.74 17.51
CA ALA D 715 30.32 -17.78 17.38
C ALA D 715 30.12 -16.59 18.30
N LEU D 716 28.88 -16.09 18.41
CA LEU D 716 28.63 -14.94 19.27
C LEU D 716 28.88 -15.27 20.73
N VAL D 717 28.42 -16.45 21.19
CA VAL D 717 28.65 -16.80 22.58
C VAL D 717 30.11 -17.09 22.85
N SER D 718 30.83 -17.64 21.87
CA SER D 718 32.27 -17.82 22.02
C SER D 718 32.98 -16.47 22.13
N LEU D 719 32.53 -15.49 21.34
CA LEU D 719 33.10 -14.14 21.45
C LEU D 719 32.82 -13.54 22.83
N LYS D 720 31.59 -13.69 23.32
CA LYS D 720 31.23 -13.11 24.61
C LYS D 720 32.01 -13.74 25.75
N THR D 721 32.13 -15.07 25.73
CA THR D 721 32.84 -15.76 26.81
C THR D 721 34.35 -15.51 26.72
N GLY D 722 34.89 -15.44 25.51
CA GLY D 722 36.31 -15.26 25.31
C GLY D 722 37.00 -16.42 24.60
N LYS D 723 36.28 -17.49 24.27
CA LYS D 723 36.89 -18.59 23.53
C LYS D 723 37.22 -18.19 22.09
N LEU D 724 36.65 -17.11 21.59
CA LEU D 724 36.91 -16.61 20.25
C LEU D 724 37.09 -15.10 20.31
N ASP D 725 38.10 -14.59 19.60
CA ASP D 725 38.34 -13.15 19.56
C ASP D 725 37.76 -12.47 18.33
N ALA D 726 37.81 -13.11 17.17
CA ALA D 726 37.30 -12.53 15.94
C ALA D 726 36.37 -13.53 15.26
N PHE D 727 35.33 -13.00 14.62
CA PHE D 727 34.38 -13.80 13.86
C PHE D 727 34.25 -13.19 12.47
N ILE D 728 34.64 -13.94 11.46
CA ILE D 728 34.59 -13.47 10.07
C ILE D 728 33.33 -14.03 9.43
N TYR D 729 32.42 -13.15 9.05
CA TYR D 729 31.13 -13.59 8.53
C TYR D 729 30.57 -12.52 7.61
N ASP D 730 29.35 -12.76 7.12
CA ASP D 730 28.71 -11.84 6.21
C ASP D 730 28.52 -10.48 6.88
N ALA D 731 28.71 -9.42 6.10
CA ALA D 731 28.66 -8.06 6.64
C ALA D 731 27.26 -7.71 7.14
N ALA D 732 26.22 -8.07 6.39
CA ALA D 732 24.86 -7.71 6.80
C ALA D 732 24.46 -8.42 8.07
N VAL D 733 24.74 -9.71 8.17
CA VAL D 733 24.38 -10.47 9.37
C VAL D 733 25.16 -9.96 10.57
N LEU D 734 26.46 -9.70 10.40
CA LEU D 734 27.25 -9.19 11.51
C LEU D 734 26.78 -7.81 11.94
N ASN D 735 26.41 -6.96 10.99
CA ASN D 735 25.88 -5.65 11.34
C ASN D 735 24.58 -5.78 12.12
N TYR D 736 23.71 -6.70 11.70
CA TYR D 736 22.46 -6.92 12.43
C TYR D 736 22.74 -7.43 13.84
N LYS D 737 23.69 -8.35 13.98
CA LYS D 737 24.03 -8.87 15.31
C LYS D 737 24.61 -7.78 16.20
N ALA D 738 25.47 -6.93 15.65
CA ALA D 738 26.02 -5.82 16.42
C ALA D 738 24.93 -4.86 16.85
N GLY D 739 23.96 -4.60 15.96
CA GLY D 739 22.84 -3.76 16.34
C GLY D 739 21.98 -4.38 17.42
N ARG D 740 21.71 -5.68 17.32
CA ARG D 740 20.86 -6.34 18.29
C ARG D 740 21.57 -6.54 19.62
N ASP D 741 22.91 -6.58 19.61
CA ASP D 741 23.66 -6.89 20.81
C ASP D 741 23.46 -5.84 21.89
N GLU D 742 23.25 -6.29 23.13
CA GLU D 742 23.11 -5.40 24.27
C GLU D 742 24.48 -5.15 24.90
N GLY D 743 24.69 -3.92 25.36
CA GLY D 743 25.95 -3.53 25.91
C GLY D 743 26.99 -3.12 24.90
N CYS D 744 26.70 -3.29 23.60
CA CYS D 744 27.60 -2.87 22.54
C CYS D 744 28.98 -3.50 22.70
N LYS D 745 29.01 -4.72 23.21
CA LYS D 745 30.29 -5.39 23.47
C LYS D 745 30.92 -5.93 22.19
N LEU D 746 30.11 -6.32 21.21
CA LEU D 746 30.61 -6.86 19.96
C LEU D 746 30.43 -5.81 18.86
N VAL D 747 31.53 -5.44 18.20
CA VAL D 747 31.50 -4.45 17.13
C VAL D 747 32.30 -4.97 15.95
N THR D 748 31.94 -4.51 14.75
CA THR D 748 32.68 -4.85 13.56
C THR D 748 33.89 -3.94 13.43
N ILE D 749 35.02 -4.52 13.04
CA ILE D 749 36.25 -3.74 12.94
C ILE D 749 36.17 -2.77 11.77
N GLY D 750 36.95 -1.69 11.86
CA GLY D 750 36.97 -0.70 10.81
C GLY D 750 35.75 0.18 10.72
N SER D 751 34.87 0.14 11.74
CA SER D 751 33.62 0.91 11.75
C SER D 751 32.79 0.62 10.50
N GLY D 752 32.54 -0.66 10.24
CA GLY D 752 31.80 -1.08 9.07
C GLY D 752 32.68 -1.25 7.85
N TYR D 753 33.69 -2.10 7.98
CA TYR D 753 34.63 -2.37 6.89
C TYR D 753 34.24 -3.69 6.22
N ILE D 754 34.07 -3.63 4.91
CA ILE D 754 33.60 -4.77 4.12
C ILE D 754 34.64 -5.07 3.05
N PHE D 755 35.03 -6.35 2.94
CA PHE D 755 36.11 -6.75 2.04
C PHE D 755 35.59 -7.22 0.68
N ALA D 756 34.78 -8.27 0.65
CA ALA D 756 34.32 -8.80 -0.63
C ALA D 756 33.28 -7.91 -1.28
N THR D 757 32.55 -7.12 -0.48
CA THR D 757 31.53 -6.17 -0.93
C THR D 757 30.70 -6.71 -2.08
N THR D 758 30.11 -7.88 -1.87
CA THR D 758 29.15 -8.45 -2.82
C THR D 758 27.74 -8.02 -2.39
N GLY D 759 26.70 -8.64 -2.94
CA GLY D 759 25.34 -8.33 -2.56
C GLY D 759 24.50 -9.58 -2.45
N TYR D 760 23.33 -9.41 -1.85
CA TYR D 760 22.36 -10.49 -1.79
C TYR D 760 21.50 -10.50 -3.04
N GLY D 761 21.46 -11.66 -3.72
CA GLY D 761 20.67 -11.81 -4.92
C GLY D 761 19.72 -12.98 -4.82
N ILE D 762 18.72 -12.96 -5.68
CA ILE D 762 17.73 -14.04 -5.77
C ILE D 762 18.17 -14.99 -6.87
N ALA D 763 18.65 -16.17 -6.47
CA ALA D 763 19.14 -17.13 -7.45
C ALA D 763 18.00 -17.61 -8.34
N LEU D 764 18.36 -17.91 -9.59
CA LEU D 764 17.38 -18.37 -10.56
C LEU D 764 18.06 -19.38 -11.48
N GLN D 765 17.24 -20.21 -12.12
CA GLN D 765 17.76 -21.14 -13.11
C GLN D 765 18.34 -20.37 -14.28
N LYS D 766 19.38 -20.94 -14.89
CA LYS D 766 20.03 -20.29 -16.02
C LYS D 766 19.03 -20.10 -17.15
N GLY D 767 18.99 -18.87 -17.69
CA GLY D 767 18.05 -18.57 -18.75
C GLY D 767 16.61 -18.48 -18.30
N SER D 768 16.36 -18.23 -17.03
CA SER D 768 14.98 -18.16 -16.53
C SER D 768 14.29 -16.93 -17.12
N PRO D 769 13.06 -17.06 -17.60
CA PRO D 769 12.34 -15.88 -18.11
C PRO D 769 12.00 -14.86 -17.04
N TRP D 770 12.01 -15.25 -15.76
CA TRP D 770 11.63 -14.34 -14.70
C TRP D 770 12.73 -13.35 -14.32
N LYS D 771 13.95 -13.58 -14.78
CA LYS D 771 15.11 -12.84 -14.27
C LYS D 771 14.99 -11.35 -14.59
N ARG D 772 14.63 -11.02 -15.83
CA ARG D 772 14.56 -9.61 -16.21
C ARG D 772 13.49 -8.88 -15.40
N GLN D 773 12.31 -9.47 -15.26
CA GLN D 773 11.24 -8.83 -14.52
C GLN D 773 11.58 -8.70 -13.04
N ILE D 774 12.24 -9.71 -12.47
CA ILE D 774 12.64 -9.62 -11.07
C ILE D 774 13.68 -8.52 -10.88
N ASP D 775 14.64 -8.41 -11.80
CA ASP D 775 15.63 -7.35 -11.71
C ASP D 775 14.97 -5.98 -11.79
N LEU D 776 14.03 -5.81 -12.73
CA LEU D 776 13.35 -4.53 -12.88
C LEU D 776 12.55 -4.19 -11.62
N ALA D 777 11.86 -5.18 -11.05
CA ALA D 777 11.08 -4.91 -9.84
C ALA D 777 11.97 -4.60 -8.65
N LEU D 778 13.10 -5.30 -8.51
CA LEU D 778 14.01 -5.00 -7.41
C LEU D 778 14.58 -3.59 -7.55
N LEU D 779 14.92 -3.19 -8.78
CA LEU D 779 15.39 -1.83 -8.98
C LEU D 779 14.28 -0.81 -8.69
N GLN D 780 13.03 -1.15 -9.00
CA GLN D 780 11.92 -0.25 -8.66
C GLN D 780 11.80 -0.09 -7.15
N PHE D 781 11.93 -1.19 -6.41
CA PHE D 781 11.90 -1.12 -4.95
C PHE D 781 13.05 -0.27 -4.42
N VAL D 782 14.24 -0.41 -5.01
CA VAL D 782 15.38 0.40 -4.60
C VAL D 782 15.11 1.88 -4.85
N GLY D 783 14.62 2.20 -6.04
CA GLY D 783 14.43 3.60 -6.42
C GLY D 783 13.33 4.28 -5.64
N ASP D 784 12.22 3.58 -5.38
CA ASP D 784 11.07 4.19 -4.75
C ASP D 784 11.25 4.39 -3.24
N GLY D 785 12.36 3.93 -2.67
CA GLY D 785 12.60 4.10 -1.26
C GLY D 785 11.97 3.05 -0.37
N GLU D 786 11.23 2.11 -0.94
CA GLU D 786 10.66 1.02 -0.14
C GLU D 786 11.76 0.15 0.45
N MET D 787 12.88 0.02 -0.25
CA MET D 787 14.02 -0.72 0.28
C MET D 787 14.54 -0.07 1.56
N GLU D 788 14.61 1.26 1.58
CA GLU D 788 15.04 1.96 2.78
C GLU D 788 14.08 1.71 3.94
N GLU D 789 12.77 1.77 3.67
CA GLU D 789 11.78 1.53 4.72
C GLU D 789 11.93 0.12 5.30
N LEU D 790 12.09 -0.87 4.42
CA LEU D 790 12.29 -2.24 4.89
C LEU D 790 13.57 -2.36 5.70
N GLU D 791 14.63 -1.66 5.27
CA GLU D 791 15.90 -1.71 5.99
C GLU D 791 15.76 -1.17 7.40
N THR D 792 15.12 -0.01 7.56
CA THR D 792 14.89 0.52 8.91
C THR D 792 13.97 -0.38 9.71
N LEU D 793 13.00 -1.01 9.06
CA LEU D 793 12.05 -1.85 9.79
C LEU D 793 12.71 -3.11 10.32
N TRP D 794 13.63 -3.70 9.55
CA TRP D 794 14.12 -5.03 9.87
C TRP D 794 15.56 -5.10 10.38
N LEU D 795 16.40 -4.11 10.10
CA LEU D 795 17.82 -4.23 10.38
C LEU D 795 18.35 -3.25 11.43
N THR D 796 17.57 -2.27 11.84
CA THR D 796 18.03 -1.32 12.85
C THR D 796 18.20 -2.01 14.20
N GLY D 797 19.19 -1.55 14.97
CA GLY D 797 19.51 -2.17 16.24
C GLY D 797 19.72 -1.22 17.41
N ILE D 798 20.47 -1.68 18.41
CA ILE D 798 20.70 -0.92 19.62
C ILE D 798 21.80 0.11 19.42
N CYS D 799 23.00 -0.36 19.03
CA CYS D 799 24.19 0.50 19.04
C CYS D 799 24.30 1.38 17.81
N HIS D 800 23.46 1.18 16.81
CA HIS D 800 23.54 2.00 15.59
C HIS D 800 23.22 3.46 15.88
N ASN D 801 22.24 3.72 16.73
CA ASN D 801 21.92 5.09 17.10
C ASN D 801 23.05 5.73 17.88
N GLU D 802 23.67 4.98 18.78
CA GLU D 802 24.74 5.51 19.63
C GLU D 802 25.97 5.88 18.80
N SER D 808 30.49 9.51 31.66
CA SER D 808 31.00 9.65 33.02
C SER D 808 31.56 8.33 33.54
N SER D 809 32.88 8.20 33.53
CA SER D 809 33.56 7.00 33.99
C SER D 809 34.70 7.39 34.92
N GLN D 810 34.98 6.52 35.88
CA GLN D 810 36.08 6.74 36.81
C GLN D 810 37.41 6.65 36.08
N LEU D 811 38.39 7.41 36.56
CA LEU D 811 39.69 7.52 35.92
C LEU D 811 40.67 6.54 36.57
N ASP D 812 41.27 5.70 35.74
CA ASP D 812 42.27 4.74 36.19
C ASP D 812 43.65 5.38 36.19
N ILE D 813 44.67 4.60 36.56
CA ILE D 813 46.05 5.06 36.44
C ILE D 813 46.40 5.25 34.96
N ASP D 814 45.94 4.34 34.11
CA ASP D 814 46.16 4.48 32.67
C ASP D 814 45.46 5.70 32.10
N ASN D 815 44.30 6.06 32.66
CA ASN D 815 43.54 7.20 32.14
C ASN D 815 44.33 8.50 32.30
N MET D 816 45.02 8.67 33.43
CA MET D 816 45.82 9.86 33.70
C MET D 816 47.30 9.51 33.77
N ALA D 817 47.75 8.61 32.89
CA ALA D 817 49.15 8.20 32.91
C ALA D 817 50.07 9.31 32.43
N GLY D 818 49.58 10.19 31.56
CA GLY D 818 50.43 11.26 31.05
C GLY D 818 50.86 12.25 32.11
N VAL D 819 49.94 12.59 33.02
CA VAL D 819 50.28 13.54 34.07
C VAL D 819 51.34 12.95 34.99
N PHE D 820 51.22 11.67 35.33
CA PHE D 820 52.21 11.01 36.15
C PHE D 820 53.54 10.87 35.40
N TYR D 821 53.49 10.67 34.08
CA TYR D 821 54.71 10.69 33.29
C TYR D 821 55.40 12.04 33.37
N MET D 822 54.63 13.13 33.30
CA MET D 822 55.21 14.46 33.42
C MET D 822 55.81 14.68 34.80
N LEU D 823 55.14 14.15 35.84
CA LEU D 823 55.71 14.24 37.19
C LEU D 823 57.01 13.47 37.30
N ALA D 824 57.08 12.29 36.68
CA ALA D 824 58.33 11.53 36.68
C ALA D 824 59.43 12.26 35.92
N ALA D 825 59.07 12.89 34.80
CA ALA D 825 60.04 13.70 34.05
C ALA D 825 60.55 14.86 34.91
N ALA D 826 59.66 15.47 35.68
CA ALA D 826 60.09 16.49 36.62
C ALA D 826 61.04 15.93 37.66
N MET D 827 60.77 14.71 38.14
CA MET D 827 61.66 14.07 39.10
C MET D 827 63.05 13.93 38.53
N ALA D 828 63.13 13.39 37.31
CA ALA D 828 64.43 13.21 36.65
C ALA D 828 65.12 14.54 36.41
N LEU D 829 64.37 15.55 35.96
CA LEU D 829 64.97 16.85 35.68
C LEU D 829 65.46 17.52 36.95
N SER D 830 64.72 17.38 38.05
CA SER D 830 65.17 17.94 39.32
C SER D 830 66.45 17.28 39.78
N LEU D 831 66.53 15.94 39.68
CA LEU D 831 67.78 15.27 40.04
C LEU D 831 68.93 15.73 39.15
N ILE D 832 68.67 15.85 37.84
CA ILE D 832 69.73 16.22 36.89
C ILE D 832 70.24 17.63 37.20
N THR D 833 69.33 18.58 37.42
CA THR D 833 69.76 19.94 37.68
C THR D 833 70.38 20.08 39.06
N PHE D 834 69.99 19.24 40.03
CA PHE D 834 70.67 19.23 41.31
C PHE D 834 72.11 18.76 41.16
N ILE D 835 72.33 17.71 40.38
CA ILE D 835 73.69 17.24 40.12
C ILE D 835 74.48 18.31 39.36
N TRP D 836 73.83 18.99 38.43
CA TRP D 836 74.49 20.04 37.66
C TRP D 836 74.91 21.20 38.58
N GLU D 837 74.04 21.57 39.52
CA GLU D 837 74.39 22.63 40.47
C GLU D 837 75.53 22.20 41.38
N HIS D 838 75.54 20.93 41.81
CA HIS D 838 76.67 20.44 42.58
C HIS D 838 77.97 20.51 41.78
N LEU D 839 77.92 20.13 40.52
CA LEU D 839 79.12 20.19 39.68
C LEU D 839 79.58 21.63 39.49
N PHE D 840 78.65 22.56 39.29
CA PHE D 840 78.99 23.96 39.12
C PHE D 840 79.62 24.51 40.41
N TYR D 841 79.07 24.14 41.55
CA TYR D 841 79.63 24.61 42.82
C TYR D 841 81.05 24.10 43.04
N TRP D 842 81.30 22.84 42.69
CA TRP D 842 82.63 22.26 42.82
C TRP D 842 83.57 22.80 41.74
#